data_3OOQ
#
_entry.id   3OOQ
#
_cell.length_a   152.450
_cell.length_b   148.300
_cell.length_c   195.020
_cell.angle_alpha   90.000
_cell.angle_beta   105.310
_cell.angle_gamma   90.000
#
_symmetry.space_group_name_H-M   'C 1 2 1'
#
loop_
_entity.id
_entity.type
_entity.pdbx_description
1 polymer amidohydrolase
2 non-polymer GLYCEROL
3 water water
#
_entity_poly.entity_id   1
_entity_poly.type   'polypeptide(L)'
_entity_poly.pdbx_seq_one_letter_code
;(MSE)SLSVKILFKNATVFPITSRPFKGDVLVSNGKVEKVGENIEDPDAEIVDLTGKFLFPGFVDAHSHIGLFEEGVGYY
YSDGNEATDPVTPHVKALDGFNPQDPAIERALAGGVTSV(MSE)IVPGSANPVGGQGSVIKFRSIIVEECIVKDPAGLK
(MSE)AFGENPKRVYGERKQTPSTR(MSE)GTAGVIRDYFTKVKNY(MSE)KKKELAQKEGKEFTETDLK(MSE)EVGE
(MSE)VLRKKIPAR(MSE)HAHRADDILTAIRIAEEFGFNLVIEHGTEAYKISKVLAEKKIPVVVGPLLTFRTKLELKDL
T(MSE)ETIAKLLKDGVLIAL(MSE)CDHPVIPLEFATVQAATA(MSE)RYGAKEEDLLKILTVNPAKILGLEDRIGSIE
PGKDADLVVWSGHPFD(MSE)KSVVERVYIDGVEVFRREGHHHHHH
;
_entity_poly.pdbx_strand_id   A,B,C,D,E,F,G,H,I,J
#
# COMPACT_ATOMS: atom_id res chain seq x y z
N LYS A 6 -9.39 29.01 58.57
CA LYS A 6 -10.20 28.00 59.34
C LYS A 6 -11.69 28.08 58.98
N ILE A 7 -12.28 26.94 58.62
CA ILE A 7 -13.66 26.91 58.13
C ILE A 7 -14.54 26.00 59.00
N LEU A 8 -15.66 26.54 59.45
CA LEU A 8 -16.62 25.78 60.25
C LEU A 8 -17.91 25.62 59.45
N PHE A 9 -18.16 24.39 59.00
CA PHE A 9 -19.39 24.07 58.32
C PHE A 9 -20.47 23.71 59.31
N LYS A 10 -21.60 24.39 59.21
CA LYS A 10 -22.63 24.27 60.25
C LYS A 10 -23.93 23.65 59.77
N ASN A 11 -24.43 22.69 60.55
CA ASN A 11 -25.82 22.26 60.47
C ASN A 11 -26.15 21.48 59.18
N ALA A 12 -25.13 20.87 58.57
CA ALA A 12 -25.36 20.00 57.42
C ALA A 12 -25.87 18.62 57.87
N THR A 13 -26.50 17.89 56.96
CA THR A 13 -26.56 16.44 57.11
C THR A 13 -25.23 15.93 56.58
N VAL A 14 -24.40 15.46 57.51
CA VAL A 14 -23.03 15.06 57.25
C VAL A 14 -22.96 13.56 56.97
N PHE A 15 -22.29 13.18 55.90
CA PHE A 15 -22.06 11.77 55.57
C PHE A 15 -20.57 11.40 55.68
N PRO A 16 -20.11 11.02 56.88
CA PRO A 16 -18.66 10.75 56.98
C PRO A 16 -18.22 9.45 56.32
N ILE A 17 -19.18 8.58 56.00
CA ILE A 17 -18.96 7.25 55.38
C ILE A 17 -18.36 6.19 56.31
N THR A 18 -17.30 6.52 57.03
CA THR A 18 -16.74 5.58 58.01
C THR A 18 -17.54 5.58 59.31
N SER A 19 -18.51 6.50 59.38
CA SER A 19 -19.52 6.54 60.43
C SER A 19 -20.87 6.84 59.79
N ARG A 20 -21.94 6.57 60.55
CA ARG A 20 -23.30 6.81 60.11
C ARG A 20 -23.56 8.31 59.91
N PRO A 21 -24.45 8.66 58.99
CA PRO A 21 -24.75 10.07 58.78
C PRO A 21 -25.42 10.70 59.98
N PHE A 22 -25.22 12.00 60.15
CA PHE A 22 -25.78 12.73 61.28
C PHE A 22 -25.92 14.20 60.93
N LYS A 23 -26.80 14.89 61.65
CA LYS A 23 -26.95 16.34 61.53
C LYS A 23 -25.92 17.00 62.44
N GLY A 24 -25.03 17.79 61.86
CA GLY A 24 -23.99 18.43 62.66
C GLY A 24 -23.02 19.28 61.86
N ASP A 25 -21.80 19.36 62.39
CA ASP A 25 -20.84 20.38 62.02
C ASP A 25 -19.48 19.75 61.69
N VAL A 26 -18.70 20.42 60.85
CA VAL A 26 -17.34 19.95 60.53
C VAL A 26 -16.36 21.11 60.54
N LEU A 27 -15.31 21.01 61.35
CA LEU A 27 -14.31 22.07 61.44
C LEU A 27 -13.10 21.64 60.63
N VAL A 28 -12.63 22.56 59.79
CA VAL A 28 -11.48 22.36 58.93
C VAL A 28 -10.37 23.36 59.28
N SER A 29 -9.16 22.85 59.46
CA SER A 29 -7.98 23.74 59.49
C SER A 29 -6.74 23.05 58.96
N ASN A 30 -5.82 23.89 58.45
CA ASN A 30 -4.54 23.44 57.86
C ASN A 30 -4.74 22.38 56.78
N GLY A 31 -5.81 22.53 56.00
CA GLY A 31 -6.12 21.60 54.91
C GLY A 31 -6.73 20.29 55.33
N LYS A 32 -7.07 20.17 56.61
CA LYS A 32 -7.53 18.89 57.15
C LYS A 32 -8.84 19.02 57.90
N VAL A 33 -9.51 17.89 58.08
CA VAL A 33 -10.67 17.82 58.92
C VAL A 33 -10.15 17.85 60.37
N GLU A 34 -10.54 18.87 61.13
CA GLU A 34 -10.05 19.01 62.49
C GLU A 34 -10.99 18.31 63.45
N LYS A 35 -12.28 18.61 63.34
CA LYS A 35 -13.31 18.08 64.24
C LYS A 35 -14.59 17.84 63.48
N VAL A 36 -15.25 16.74 63.83
CA VAL A 36 -16.56 16.36 63.30
C VAL A 36 -17.43 16.09 64.53
N GLY A 37 -18.67 16.57 64.51
CA GLY A 37 -19.54 16.33 65.66
C GLY A 37 -20.79 17.17 65.66
N GLU A 38 -21.71 16.80 66.54
CA GLU A 38 -23.06 17.32 66.56
C GLU A 38 -23.09 18.83 66.78
N ASN A 39 -22.15 19.32 67.57
CA ASN A 39 -22.02 20.76 67.79
C ASN A 39 -20.56 21.17 67.97
N ILE A 40 -20.15 22.20 67.21
CA ILE A 40 -18.80 22.71 67.26
C ILE A 40 -18.82 24.24 67.27
N GLU A 41 -18.08 24.84 68.20
CA GLU A 41 -17.88 26.31 68.22
C GLU A 41 -16.44 26.69 67.96
N ASP A 42 -16.26 27.83 67.30
CA ASP A 42 -14.94 28.40 67.04
C ASP A 42 -15.19 29.86 66.65
N PRO A 43 -14.86 30.80 67.56
CA PRO A 43 -15.19 32.21 67.32
C PRO A 43 -14.40 32.85 66.16
N ASP A 44 -13.31 32.20 65.77
CA ASP A 44 -12.39 32.74 64.75
C ASP A 44 -12.49 32.05 63.38
N ALA A 45 -13.24 30.96 63.31
CA ALA A 45 -13.49 30.26 62.05
C ALA A 45 -14.50 31.01 61.19
N GLU A 46 -14.26 31.05 59.88
CA GLU A 46 -15.27 31.48 58.94
C GLU A 46 -16.37 30.43 58.94
N ILE A 47 -17.60 30.86 59.09
CA ILE A 47 -18.70 29.91 59.22
C ILE A 47 -19.51 29.83 57.94
N VAL A 48 -19.73 28.61 57.48
CA VAL A 48 -20.47 28.36 56.26
C VAL A 48 -21.71 27.65 56.73
N ASP A 49 -22.86 28.26 56.49
CA ASP A 49 -24.12 27.75 56.99
C ASP A 49 -24.65 26.74 55.98
N LEU A 50 -24.72 25.48 56.41
CA LEU A 50 -25.14 24.42 55.51
C LEU A 50 -26.51 23.87 55.86
N THR A 51 -27.32 24.69 56.53
CA THR A 51 -28.71 24.32 56.82
C THR A 51 -29.44 23.80 55.58
N GLY A 52 -29.92 22.57 55.66
CA GLY A 52 -30.67 21.95 54.56
C GLY A 52 -29.82 21.33 53.46
N LYS A 53 -28.51 21.30 53.65
CA LYS A 53 -27.58 20.75 52.68
C LYS A 53 -26.95 19.48 53.24
N PHE A 54 -26.19 18.81 52.36
CA PHE A 54 -25.53 17.56 52.65
C PHE A 54 -24.02 17.74 52.46
N LEU A 55 -23.24 17.13 53.33
CA LEU A 55 -21.79 17.26 53.26
C LEU A 55 -21.17 15.86 53.12
N PHE A 56 -20.49 15.64 52.00
CA PHE A 56 -19.87 14.35 51.67
C PHE A 56 -18.38 14.54 51.48
N PRO A 57 -17.61 13.46 51.68
CA PRO A 57 -16.24 13.47 51.13
C PRO A 57 -16.29 13.53 49.60
N GLY A 58 -15.21 14.04 48.99
CA GLY A 58 -15.08 13.99 47.55
C GLY A 58 -15.07 12.53 47.12
N PHE A 59 -15.69 12.24 45.99
CA PHE A 59 -15.60 10.90 45.43
C PHE A 59 -14.23 10.68 44.82
N VAL A 60 -13.80 9.42 44.85
CA VAL A 60 -12.48 9.02 44.38
C VAL A 60 -12.64 7.98 43.26
N ASP A 61 -12.17 8.30 42.06
CA ASP A 61 -12.21 7.29 40.98
C ASP A 61 -10.85 6.59 40.83
N ALA A 62 -10.82 5.29 41.12
CA ALA A 62 -9.53 4.57 41.14
C ALA A 62 -8.95 4.22 39.76
N HIS A 63 -9.61 4.63 38.68
CA HIS A 63 -9.13 4.34 37.33
C HIS A 63 -9.76 5.26 36.30
N SER A 64 -8.97 6.18 35.73
CA SER A 64 -9.51 7.21 34.87
C SER A 64 -8.54 7.66 33.79
N HIS A 65 -9.08 8.17 32.69
CA HIS A 65 -8.27 8.72 31.60
C HIS A 65 -8.61 10.19 31.39
N ILE A 66 -9.34 10.79 32.34
CA ILE A 66 -9.61 12.24 32.32
C ILE A 66 -8.30 13.03 32.22
N GLY A 67 -8.28 14.11 31.44
CA GLY A 67 -7.05 14.88 31.22
C GLY A 67 -6.17 14.30 30.11
N LEU A 68 -6.23 12.98 29.92
CA LEU A 68 -5.45 12.29 28.88
C LEU A 68 -6.20 12.28 27.55
N PHE A 69 -7.52 12.24 27.65
CA PHE A 69 -8.37 12.20 26.47
C PHE A 69 -9.23 13.43 26.59
N GLU A 70 -8.70 14.56 26.10
CA GLU A 70 -9.34 15.86 26.24
C GLU A 70 -10.75 15.85 25.68
N GLU A 71 -11.68 16.40 26.44
CA GLU A 71 -13.07 16.45 26.02
C GLU A 71 -13.33 17.56 24.99
N GLY A 72 -14.22 17.29 24.04
CA GLY A 72 -14.73 18.33 23.13
C GLY A 72 -13.84 18.65 21.94
N VAL A 73 -13.01 17.69 21.57
CA VAL A 73 -11.88 17.97 20.71
C VAL A 73 -11.64 16.92 19.60
N GLY A 74 -12.00 15.65 19.88
CA GLY A 74 -11.84 14.56 18.92
C GLY A 74 -10.83 13.50 19.33
N TYR A 75 -11.15 12.23 19.00
CA TYR A 75 -10.33 11.06 19.33
C TYR A 75 -8.87 11.18 18.90
N TYR A 76 -8.62 11.91 17.82
CA TYR A 76 -7.28 12.06 17.26
C TYR A 76 -6.28 12.67 18.25
N TYR A 77 -6.79 13.43 19.20
CA TYR A 77 -5.92 14.14 20.11
C TYR A 77 -5.61 13.40 21.40
N SER A 78 -6.17 12.19 21.57
CA SER A 78 -5.98 11.46 22.81
C SER A 78 -4.52 11.14 23.08
N ASP A 79 -4.13 11.30 24.34
CA ASP A 79 -2.79 10.98 24.82
C ASP A 79 -2.75 9.74 25.69
N GLY A 80 -3.80 8.90 25.64
CA GLY A 80 -3.92 7.80 26.61
C GLY A 80 -3.35 6.42 26.29
N ASN A 81 -2.93 6.21 25.04
CA ASN A 81 -2.39 4.91 24.62
C ASN A 81 -1.24 5.13 23.68
N GLU A 82 -0.03 4.81 24.13
CA GLU A 82 1.15 4.81 23.25
C GLU A 82 1.22 3.53 22.44
N ALA A 83 0.32 3.38 21.48
CA ALA A 83 0.09 2.08 20.84
C ALA A 83 1.03 1.82 19.67
N THR A 84 2.33 1.96 19.93
CA THR A 84 3.39 1.83 18.92
C THR A 84 4.45 0.85 19.38
N ASP A 85 4.14 0.16 20.48
CA ASP A 85 5.08 -0.72 21.18
C ASP A 85 4.31 -1.39 22.31
N PRO A 86 4.28 -2.76 22.34
CA PRO A 86 3.44 -3.43 23.34
C PRO A 86 3.95 -3.28 24.78
N VAL A 87 5.20 -2.80 24.93
CA VAL A 87 5.86 -2.72 26.25
C VAL A 87 6.33 -1.26 26.48
N THR A 88 5.47 -0.43 27.05
CA THR A 88 5.83 0.95 27.31
C THR A 88 5.74 1.34 28.80
N PRO A 89 6.37 0.56 29.73
CA PRO A 89 6.23 0.88 31.17
C PRO A 89 6.82 2.23 31.56
N HIS A 90 7.78 2.70 30.77
CA HIS A 90 8.50 3.93 31.07
C HIS A 90 7.68 5.19 30.81
N VAL A 91 6.59 5.11 30.05
CA VAL A 91 5.77 6.32 29.84
C VAL A 91 4.85 6.57 31.03
N LYS A 92 4.46 7.83 31.24
CA LYS A 92 3.68 8.19 32.40
C LYS A 92 2.42 8.92 31.99
N ALA A 93 1.26 8.48 32.49
CA ALA A 93 0.01 9.22 32.29
C ALA A 93 0.18 10.69 32.70
N LEU A 94 0.98 10.91 33.73
CA LEU A 94 1.26 12.25 34.23
C LEU A 94 1.75 13.21 33.14
N ASP A 95 2.54 12.68 32.20
CA ASP A 95 3.14 13.46 31.13
C ASP A 95 2.20 13.69 29.97
N GLY A 96 0.99 13.15 30.07
CA GLY A 96 -0.01 13.43 29.06
C GLY A 96 -1.22 14.11 29.63
N PHE A 97 -1.20 14.40 30.94
CA PHE A 97 -2.38 14.91 31.63
C PHE A 97 -2.53 16.43 31.45
N ASN A 98 -3.70 16.83 30.99
CA ASN A 98 -4.00 18.23 30.76
C ASN A 98 -4.96 18.71 31.84
N PRO A 99 -4.46 19.49 32.81
CA PRO A 99 -5.36 20.00 33.85
C PRO A 99 -6.40 21.03 33.39
N GLN A 100 -6.34 21.52 32.14
CA GLN A 100 -7.38 22.44 31.63
C GLN A 100 -8.46 21.74 30.80
N ASP A 101 -8.37 20.41 30.69
CA ASP A 101 -9.41 19.62 30.06
C ASP A 101 -10.77 20.03 30.66
N PRO A 102 -11.74 20.43 29.81
CA PRO A 102 -13.03 20.88 30.34
C PRO A 102 -13.78 19.81 31.13
N ALA A 103 -13.45 18.53 30.91
CA ALA A 103 -14.01 17.42 31.70
C ALA A 103 -13.77 17.59 33.23
N ILE A 104 -12.72 18.32 33.59
CA ILE A 104 -12.30 18.36 34.98
C ILE A 104 -13.25 19.21 35.83
N GLU A 105 -13.64 20.36 35.31
CA GLU A 105 -14.62 21.18 36.03
C GLU A 105 -15.97 20.45 36.12
N ARG A 106 -16.34 19.74 35.06
CA ARG A 106 -17.53 18.89 35.04
C ARG A 106 -17.49 17.76 36.08
N ALA A 107 -16.32 17.15 36.25
CA ALA A 107 -16.10 16.13 37.29
C ALA A 107 -16.27 16.72 38.70
N LEU A 108 -15.67 17.88 38.95
CA LEU A 108 -15.89 18.58 40.22
C LEU A 108 -17.39 18.85 40.41
N ALA A 109 -18.08 19.28 39.36
CA ALA A 109 -19.55 19.46 39.41
C ALA A 109 -20.31 18.13 39.63
N GLY A 110 -19.63 16.99 39.47
CA GLY A 110 -20.19 15.69 39.81
C GLY A 110 -19.71 15.16 41.15
N GLY A 111 -18.96 15.97 41.90
CA GLY A 111 -18.53 15.63 43.24
C GLY A 111 -17.24 14.84 43.35
N VAL A 112 -16.50 14.73 42.26
CA VAL A 112 -15.28 13.90 42.25
C VAL A 112 -14.06 14.78 42.46
N THR A 113 -13.20 14.40 43.42
CA THR A 113 -12.03 15.21 43.79
C THR A 113 -10.66 14.59 43.53
N SER A 114 -10.59 13.26 43.56
CA SER A 114 -9.33 12.53 43.42
C SER A 114 -9.51 11.42 42.40
N VAL A 115 -8.51 11.21 41.55
CA VAL A 115 -8.54 10.08 40.58
C VAL A 115 -7.12 9.53 40.40
N ILE A 117 -5.05 8.60 37.40
CA ILE A 117 -4.93 8.72 35.93
C ILE A 117 -3.96 7.66 35.43
N VAL A 118 -4.28 7.05 34.30
CA VAL A 118 -3.62 5.81 33.92
C VAL A 118 -3.67 5.67 32.40
N PRO A 119 -2.62 5.09 31.80
CA PRO A 119 -2.77 4.76 30.37
C PRO A 119 -3.95 3.79 30.12
N GLY A 120 -4.35 3.64 28.87
CA GLY A 120 -5.48 2.80 28.50
C GLY A 120 -5.05 1.35 28.38
N SER A 121 -5.74 0.60 27.54
CA SER A 121 -5.56 -0.85 27.46
C SER A 121 -5.03 -1.40 26.12
N ALA A 122 -4.49 -0.51 25.30
CA ALA A 122 -3.88 -0.92 24.05
C ALA A 122 -2.67 -1.81 24.26
N ASN A 123 -1.86 -1.54 25.28
CA ASN A 123 -0.58 -2.26 25.43
C ASN A 123 -0.60 -3.32 26.53
N PRO A 124 0.02 -4.49 26.27
CA PRO A 124 0.25 -5.45 27.33
C PRO A 124 0.91 -4.80 28.55
N VAL A 125 1.92 -3.94 28.33
CA VAL A 125 2.49 -3.12 29.41
C VAL A 125 2.36 -1.66 28.96
N GLY A 126 1.48 -0.91 29.60
CA GLY A 126 1.06 0.39 29.08
C GLY A 126 1.71 1.63 29.64
N GLY A 127 2.20 1.56 30.88
CA GLY A 127 2.74 2.77 31.49
C GLY A 127 2.27 3.00 32.92
N GLN A 128 2.74 4.10 33.50
CA GLN A 128 2.56 4.38 34.91
C GLN A 128 1.35 5.27 35.14
N GLY A 129 0.58 4.94 36.17
CA GLY A 129 -0.51 5.77 36.61
C GLY A 129 -0.05 6.63 37.79
N SER A 130 -0.87 7.63 38.14
CA SER A 130 -0.60 8.54 39.27
C SER A 130 -1.92 8.93 39.87
N VAL A 131 -1.94 9.10 41.18
CA VAL A 131 -3.11 9.66 41.85
C VAL A 131 -2.95 11.18 41.94
N ILE A 132 -3.98 11.87 41.50
CA ILE A 132 -4.00 13.32 41.52
C ILE A 132 -5.33 13.80 42.13
N LYS A 133 -5.36 15.08 42.55
CA LYS A 133 -6.60 15.80 42.91
C LYS A 133 -6.76 16.95 41.92
N PHE A 134 -7.99 17.38 41.69
CA PHE A 134 -8.25 18.49 40.78
C PHE A 134 -8.08 19.85 41.47
N ARG A 135 -6.86 20.15 41.92
CA ARG A 135 -6.64 21.38 42.70
C ARG A 135 -5.89 22.54 42.03
N SER A 136 -5.36 22.33 40.83
CA SER A 136 -4.47 23.29 40.21
C SER A 136 -4.35 23.03 38.70
N ILE A 137 -4.02 24.07 37.94
CA ILE A 137 -3.65 23.90 36.52
C ILE A 137 -2.19 23.45 36.37
N ILE A 138 -1.46 23.41 37.47
CA ILE A 138 -0.12 22.86 37.46
C ILE A 138 -0.11 21.40 37.93
N VAL A 139 0.17 20.46 37.02
CA VAL A 139 0.00 19.04 37.35
C VAL A 139 0.83 18.61 38.57
N GLU A 140 2.02 19.20 38.73
CA GLU A 140 2.89 18.83 39.84
C GLU A 140 2.26 19.16 41.20
N GLU A 141 1.46 20.22 41.25
CA GLU A 141 0.70 20.56 42.45
C GLU A 141 -0.49 19.62 42.65
N CYS A 142 -0.94 18.96 41.58
CA CYS A 142 -2.05 18.01 41.69
C CYS A 142 -1.61 16.66 42.26
N ILE A 143 -0.31 16.36 42.23
CA ILE A 143 0.18 15.02 42.58
C ILE A 143 -0.10 14.60 44.02
N VAL A 144 -0.77 13.47 44.21
CA VAL A 144 -0.84 12.83 45.52
C VAL A 144 0.18 11.68 45.59
N LYS A 145 0.18 10.83 44.57
CA LYS A 145 1.07 9.69 44.56
C LYS A 145 1.53 9.40 43.16
N ASP A 146 2.84 9.36 42.98
CA ASP A 146 3.43 9.23 41.67
C ASP A 146 4.79 8.56 41.80
N PRO A 147 5.03 7.45 41.07
CA PRO A 147 4.04 6.66 40.35
C PRO A 147 3.12 5.93 41.34
N ALA A 148 1.91 5.57 40.90
CA ALA A 148 0.95 4.86 41.76
C ALA A 148 0.73 3.42 41.33
N GLY A 149 1.13 3.08 40.12
CA GLY A 149 0.92 1.72 39.60
C GLY A 149 1.43 1.59 38.17
N LEU A 150 1.58 0.34 37.72
CA LEU A 150 2.02 0.04 36.36
C LEU A 150 0.88 -0.65 35.66
N LYS A 151 0.32 0.02 34.67
CA LYS A 151 -0.84 -0.47 33.92
C LYS A 151 -0.43 -1.60 32.96
N ALA A 153 -2.47 -4.89 30.38
CA ALA A 153 -3.74 -5.25 29.76
C ALA A 153 -3.75 -6.64 29.16
N PHE A 154 -4.89 -7.29 29.31
CA PHE A 154 -5.11 -8.63 28.80
C PHE A 154 -6.36 -8.60 27.92
N GLY A 155 -6.62 -9.71 27.24
CA GLY A 155 -7.89 -9.88 26.54
C GLY A 155 -7.86 -9.29 25.16
N GLU A 156 -9.02 -8.87 24.67
CA GLU A 156 -9.17 -8.47 23.27
C GLU A 156 -8.33 -7.27 22.85
N ASN A 157 -8.23 -6.26 23.72
CA ASN A 157 -7.62 -4.97 23.30
C ASN A 157 -6.16 -5.07 22.83
N PRO A 158 -5.25 -5.61 23.67
CA PRO A 158 -3.86 -5.68 23.24
C PRO A 158 -3.64 -6.55 22.01
N LYS A 159 -4.36 -7.67 21.90
CA LYS A 159 -4.20 -8.52 20.71
C LYS A 159 -4.84 -7.90 19.46
N ARG A 160 -5.89 -7.10 19.63
CA ARG A 160 -6.45 -6.38 18.49
C ARG A 160 -5.44 -5.35 17.96
N VAL A 161 -4.94 -4.50 18.85
CA VAL A 161 -4.03 -3.41 18.49
C VAL A 161 -2.77 -3.96 17.81
N TYR A 162 -2.10 -4.92 18.43
CA TYR A 162 -0.87 -5.43 17.80
C TYR A 162 -1.15 -6.40 16.63
N GLY A 163 -2.25 -7.15 16.71
CA GLY A 163 -2.67 -7.96 15.55
C GLY A 163 -2.85 -7.10 14.30
N GLU A 164 -3.47 -5.93 14.46
CA GLU A 164 -3.67 -4.97 13.36
CA GLU A 164 -3.67 -5.00 13.34
C GLU A 164 -2.31 -4.51 12.83
N ARG A 165 -1.33 -4.37 13.71
CA ARG A 165 0.02 -3.99 13.29
C ARG A 165 0.82 -5.21 12.77
N LYS A 166 0.20 -6.38 12.72
CA LYS A 166 0.89 -7.59 12.24
C LYS A 166 2.07 -7.96 13.14
N GLN A 167 1.93 -7.65 14.43
CA GLN A 167 3.05 -7.67 15.33
C GLN A 167 2.67 -8.45 16.59
N THR A 168 3.66 -9.02 17.26
CA THR A 168 3.41 -9.72 18.52
C THR A 168 2.95 -8.71 19.60
N PRO A 169 1.86 -8.99 20.34
CA PRO A 169 0.98 -10.18 20.36
C PRO A 169 -0.25 -10.05 19.48
N SER A 170 -0.62 -11.15 18.82
CA SER A 170 -1.88 -11.20 18.11
C SER A 170 -2.86 -12.17 18.78
N THR A 171 -2.42 -12.86 19.85
CA THR A 171 -3.24 -13.86 20.55
C THR A 171 -3.07 -13.64 22.04
N ARG A 172 -3.97 -14.20 22.83
CA ARG A 172 -3.82 -14.16 24.28
C ARG A 172 -2.54 -14.83 24.76
N GLY A 174 0.27 -14.76 23.20
CA GLY A 174 1.33 -13.79 22.92
C GLY A 174 1.35 -12.67 23.95
N THR A 175 0.17 -12.22 24.37
CA THR A 175 0.05 -11.15 25.36
C THR A 175 0.73 -11.58 26.67
N ALA A 176 0.38 -12.77 27.13
CA ALA A 176 1.00 -13.34 28.32
C ALA A 176 2.51 -13.53 28.17
N GLY A 177 2.96 -13.91 26.97
CA GLY A 177 4.38 -14.10 26.70
C GLY A 177 5.18 -12.82 26.72
N VAL A 178 4.60 -11.77 26.18
CA VAL A 178 5.23 -10.47 26.14
C VAL A 178 5.52 -9.97 27.58
N ILE A 179 4.53 -10.10 28.46
CA ILE A 179 4.61 -9.70 29.86
C ILE A 179 5.59 -10.57 30.67
N ARG A 180 5.51 -11.87 30.47
CA ARG A 180 6.41 -12.81 31.12
C ARG A 180 7.86 -12.56 30.67
N ASP A 181 8.03 -12.26 29.40
CA ASP A 181 9.34 -11.96 28.81
C ASP A 181 9.88 -10.65 29.40
N TYR A 182 9.00 -9.66 29.55
CA TYR A 182 9.41 -8.39 30.13
C TYR A 182 9.95 -8.57 31.57
N PHE A 183 9.21 -9.30 32.41
CA PHE A 183 9.64 -9.47 33.81
C PHE A 183 10.85 -10.38 33.96
N THR A 184 11.03 -11.29 33.02
CA THR A 184 12.20 -12.14 33.02
C THR A 184 13.42 -11.24 32.88
N LYS A 185 13.33 -10.27 31.97
CA LYS A 185 14.39 -9.30 31.73
C LYS A 185 14.62 -8.35 32.89
N VAL A 186 13.54 -7.92 33.53
CA VAL A 186 13.64 -7.14 34.77
C VAL A 186 14.50 -7.86 35.82
N LYS A 187 14.24 -9.17 36.03
CA LYS A 187 14.98 -9.96 36.99
C LYS A 187 16.47 -10.03 36.64
N ASN A 188 16.78 -10.27 35.35
CA ASN A 188 18.17 -10.21 34.88
C ASN A 188 18.80 -8.85 35.23
N TYR A 189 18.06 -7.78 34.93
CA TYR A 189 18.54 -6.42 35.18
C TYR A 189 18.88 -6.20 36.65
N LYS A 191 19.72 -8.53 38.85
CA LYS A 191 20.89 -9.32 39.19
C LYS A 191 22.17 -8.57 38.77
N LYS A 192 22.10 -7.89 37.62
CA LYS A 192 23.24 -7.13 37.14
C LYS A 192 23.53 -5.93 38.05
N LYS A 193 22.47 -5.30 38.54
CA LYS A 193 22.62 -4.22 39.47
C LYS A 193 23.25 -4.68 40.78
N GLU A 194 22.81 -5.84 41.26
CA GLU A 194 23.29 -6.31 42.55
C GLU A 194 24.75 -6.79 42.41
N LEU A 195 25.09 -7.35 41.26
CA LEU A 195 26.48 -7.71 40.96
C LEU A 195 27.41 -6.51 40.92
N ALA A 196 26.99 -5.44 40.24
CA ALA A 196 27.78 -4.21 40.16
C ALA A 196 27.99 -3.62 41.55
N GLN A 197 26.89 -3.50 42.30
CA GLN A 197 26.91 -2.93 43.64
C GLN A 197 27.88 -3.68 44.56
N LYS A 198 27.91 -5.01 44.45
CA LYS A 198 28.78 -5.78 45.33
C LYS A 198 30.25 -5.82 44.85
N GLU A 199 30.47 -5.57 43.56
CA GLU A 199 31.83 -5.36 43.04
C GLU A 199 32.28 -3.92 43.26
N GLY A 200 31.46 -3.13 43.95
CA GLY A 200 31.70 -1.70 44.16
C GLY A 200 31.88 -0.89 42.88
N LYS A 201 31.25 -1.33 41.79
CA LYS A 201 31.34 -0.66 40.48
C LYS A 201 30.05 0.11 40.18
N GLU A 202 30.19 1.24 39.49
CA GLU A 202 29.03 2.03 39.11
C GLU A 202 28.29 1.30 37.98
N PHE A 203 26.97 1.13 38.17
CA PHE A 203 26.13 0.48 37.16
C PHE A 203 26.04 1.40 35.95
N THR A 204 26.32 0.88 34.76
CA THR A 204 26.35 1.73 33.58
C THR A 204 25.28 1.38 32.56
N GLU A 205 24.26 0.65 33.00
CA GLU A 205 23.26 0.13 32.07
C GLU A 205 21.84 0.48 32.48
N THR A 206 21.68 1.60 33.20
CA THR A 206 20.37 2.02 33.64
C THR A 206 19.40 2.02 32.47
N ASP A 207 18.21 1.48 32.70
CA ASP A 207 17.22 1.38 31.63
C ASP A 207 15.86 1.73 32.21
N LEU A 208 15.23 2.74 31.62
CA LEU A 208 13.99 3.30 32.12
C LEU A 208 12.88 2.25 32.23
N LYS A 209 12.76 1.39 31.21
CA LYS A 209 11.73 0.34 31.22
C LYS A 209 11.98 -0.68 32.32
N GLU A 211 13.80 -0.23 35.19
CA GLU A 211 13.60 0.44 36.48
C GLU A 211 12.16 0.36 36.99
N VAL A 212 11.19 0.68 36.14
CA VAL A 212 9.77 0.64 36.54
C VAL A 212 9.39 -0.82 36.86
N GLY A 213 9.89 -1.76 36.05
CA GLY A 213 9.63 -3.20 36.30
C GLY A 213 10.13 -3.58 37.68
N GLU A 214 11.28 -3.06 38.02
CA GLU A 214 11.93 -3.38 39.31
C GLU A 214 11.10 -2.88 40.49
N VAL A 216 7.87 -2.67 40.60
CA VAL A 216 6.78 -3.64 40.74
C VAL A 216 7.26 -4.90 41.44
N LEU A 217 8.39 -5.44 40.98
CA LEU A 217 8.96 -6.64 41.59
C LEU A 217 9.33 -6.44 43.04
N ARG A 218 9.76 -5.23 43.39
CA ARG A 218 10.09 -4.93 44.79
C ARG A 218 8.86 -4.50 45.57
N LYS A 219 7.68 -4.58 44.94
CA LYS A 219 6.40 -4.21 45.56
C LYS A 219 6.28 -2.75 45.99
N LYS A 220 7.04 -1.86 45.37
CA LYS A 220 6.90 -0.43 45.64
C LYS A 220 5.56 0.10 45.14
N ILE A 221 5.10 -0.42 43.99
CA ILE A 221 3.79 -0.11 43.41
C ILE A 221 3.16 -1.40 42.86
N PRO A 222 1.82 -1.47 42.81
CA PRO A 222 1.12 -2.62 42.25
C PRO A 222 1.04 -2.59 40.72
N ALA A 223 0.83 -3.77 40.15
CA ALA A 223 0.39 -3.87 38.79
C ALA A 223 -1.09 -3.55 38.77
N ARG A 224 -1.51 -2.80 37.76
CA ARG A 224 -2.90 -2.49 37.57
C ARG A 224 -3.36 -3.20 36.30
N HIS A 226 -5.75 -4.77 33.57
CA HIS A 226 -7.02 -4.74 32.80
C HIS A 226 -7.36 -6.16 32.34
N ALA A 227 -8.51 -6.66 32.77
CA ALA A 227 -9.00 -7.98 32.36
C ALA A 227 -10.52 -8.08 32.48
N HIS A 228 -11.17 -8.64 31.47
CA HIS A 228 -12.62 -8.78 31.50
C HIS A 228 -13.04 -10.23 31.71
N ARG A 229 -12.67 -11.08 30.75
CA ARG A 229 -13.11 -12.47 30.72
C ARG A 229 -12.43 -13.20 31.87
N ALA A 230 -13.15 -14.14 32.49
CA ALA A 230 -12.60 -14.84 33.67
C ALA A 230 -11.18 -15.43 33.48
N ASP A 231 -10.93 -16.07 32.33
CA ASP A 231 -9.59 -16.65 32.11
C ASP A 231 -8.46 -15.61 32.03
N ASP A 232 -8.78 -14.42 31.52
CA ASP A 232 -7.82 -13.30 31.50
C ASP A 232 -7.50 -12.78 32.89
N ILE A 233 -8.53 -12.75 33.75
CA ILE A 233 -8.33 -12.37 35.15
C ILE A 233 -7.37 -13.35 35.82
N LEU A 234 -7.63 -14.64 35.64
CA LEU A 234 -6.78 -15.70 36.21
C LEU A 234 -5.34 -15.70 35.67
N THR A 235 -5.18 -15.40 34.38
CA THR A 235 -3.86 -15.31 33.76
C THR A 235 -3.06 -14.17 34.40
N ALA A 236 -3.71 -13.00 34.54
CA ALA A 236 -3.11 -11.87 35.27
C ALA A 236 -2.64 -12.27 36.66
N ILE A 237 -3.49 -12.99 37.40
CA ILE A 237 -3.13 -13.45 38.73
C ILE A 237 -1.96 -14.44 38.70
N ARG A 238 -1.99 -15.39 37.75
CA ARG A 238 -0.88 -16.36 37.60
C ARG A 238 0.45 -15.67 37.39
N ILE A 239 0.48 -14.68 36.50
CA ILE A 239 1.72 -13.94 36.23
C ILE A 239 2.16 -13.17 37.48
N ALA A 240 1.22 -12.52 38.18
CA ALA A 240 1.57 -11.78 39.40
C ALA A 240 2.24 -12.71 40.41
N GLU A 241 1.66 -13.89 40.58
CA GLU A 241 2.19 -14.90 41.50
C GLU A 241 3.52 -15.50 41.08
N GLU A 242 3.70 -15.73 39.77
CA GLU A 242 4.95 -16.29 39.24
C GLU A 242 6.11 -15.33 39.58
N PHE A 243 5.86 -14.02 39.44
CA PHE A 243 6.89 -13.01 39.67
C PHE A 243 6.89 -12.36 41.06
N GLY A 244 5.84 -12.61 41.84
CA GLY A 244 5.73 -12.17 43.22
C GLY A 244 5.41 -10.69 43.37
N PHE A 245 4.53 -10.16 42.53
CA PHE A 245 4.12 -8.76 42.68
C PHE A 245 2.65 -8.56 43.05
N ASN A 246 2.35 -7.36 43.55
CA ASN A 246 1.01 -7.00 43.97
C ASN A 246 0.18 -6.59 42.77
N LEU A 247 -1.11 -6.90 42.80
CA LEU A 247 -1.98 -6.51 41.70
C LEU A 247 -3.35 -6.02 42.10
N VAL A 248 -3.95 -5.26 41.20
CA VAL A 248 -5.35 -4.90 41.25
C VAL A 248 -5.93 -5.31 39.90
N ILE A 249 -7.15 -5.84 39.87
CA ILE A 249 -7.83 -6.12 38.62
C ILE A 249 -8.63 -4.91 38.20
N GLU A 250 -8.41 -4.43 36.98
CA GLU A 250 -9.25 -3.35 36.41
C GLU A 250 -10.39 -3.96 35.59
N HIS A 251 -11.61 -3.45 35.83
CA HIS A 251 -12.85 -3.85 35.18
C HIS A 251 -13.35 -5.15 35.80
N GLY A 252 -12.62 -6.23 35.59
CA GLY A 252 -12.95 -7.52 36.19
C GLY A 252 -14.37 -7.89 35.85
N THR A 253 -14.75 -7.70 34.59
CA THR A 253 -16.13 -7.92 34.14
C THR A 253 -16.70 -9.27 34.59
N GLU A 254 -15.90 -10.33 34.48
CA GLU A 254 -16.40 -11.66 34.88
C GLU A 254 -15.83 -12.12 36.23
N ALA A 255 -15.41 -11.17 37.05
CA ALA A 255 -14.87 -11.45 38.39
C ALA A 255 -15.88 -12.24 39.21
N TYR A 256 -17.17 -11.98 38.99
CA TYR A 256 -18.23 -12.68 39.77
C TYR A 256 -18.21 -14.21 39.61
N LYS A 257 -17.71 -14.69 38.48
CA LYS A 257 -17.64 -16.12 38.19
C LYS A 257 -16.58 -16.81 39.03
N ILE A 258 -15.61 -16.03 39.54
CA ILE A 258 -14.47 -16.58 40.26
C ILE A 258 -14.25 -15.80 41.55
N SER A 259 -15.34 -15.30 42.13
CA SER A 259 -15.26 -14.37 43.25
C SER A 259 -14.65 -14.99 44.52
N LYS A 260 -14.90 -16.27 44.72
CA LYS A 260 -14.32 -17.03 45.83
C LYS A 260 -12.78 -16.97 45.83
N VAL A 261 -12.18 -17.22 44.68
CA VAL A 261 -10.72 -17.16 44.54
C VAL A 261 -10.19 -15.75 44.82
N LEU A 262 -10.84 -14.74 44.23
CA LEU A 262 -10.44 -13.34 44.44
C LEU A 262 -10.57 -12.92 45.92
N ALA A 263 -11.64 -13.36 46.57
CA ALA A 263 -11.84 -13.09 47.99
C ALA A 263 -10.74 -13.73 48.83
N GLU A 264 -10.47 -15.01 48.57
CA GLU A 264 -9.49 -15.79 49.33
C GLU A 264 -8.08 -15.19 49.16
N LYS A 265 -7.77 -14.74 47.96
CA LYS A 265 -6.46 -14.18 47.69
C LYS A 265 -6.35 -12.69 48.05
N LYS A 266 -7.46 -12.07 48.44
CA LYS A 266 -7.49 -10.62 48.70
C LYS A 266 -7.03 -9.75 47.54
N ILE A 267 -7.46 -10.13 46.34
CA ILE A 267 -7.20 -9.32 45.16
C ILE A 267 -8.36 -8.32 45.07
N PRO A 268 -8.06 -7.02 45.11
CA PRO A 268 -9.09 -6.00 44.91
C PRO A 268 -9.50 -5.86 43.44
N VAL A 269 -10.72 -5.39 43.20
CA VAL A 269 -11.22 -5.21 41.84
C VAL A 269 -11.84 -3.86 41.68
N VAL A 270 -11.40 -3.13 40.64
CA VAL A 270 -12.03 -1.88 40.35
C VAL A 270 -13.03 -2.21 39.25
N VAL A 271 -14.31 -2.32 39.62
CA VAL A 271 -15.35 -2.65 38.67
C VAL A 271 -15.80 -1.44 37.87
N GLY A 272 -16.45 -1.69 36.75
CA GLY A 272 -16.86 -0.63 35.86
C GLY A 272 -15.93 -0.62 34.68
N PRO A 273 -16.31 0.07 33.60
CA PRO A 273 -17.56 0.82 33.53
C PRO A 273 -18.76 -0.15 33.44
N LEU A 274 -19.85 0.17 34.13
CA LEU A 274 -21.02 -0.69 34.16
C LEU A 274 -22.25 -0.12 33.46
N LEU A 275 -22.49 1.19 33.61
CA LEU A 275 -23.59 1.86 32.93
C LEU A 275 -23.18 2.13 31.49
N THR A 276 -23.14 1.08 30.65
CA THR A 276 -22.51 1.18 29.34
C THR A 276 -22.86 -0.03 28.47
N PHE A 277 -22.72 0.15 27.16
CA PHE A 277 -23.03 -0.91 26.19
C PHE A 277 -21.94 -1.98 26.16
N ARG A 278 -22.33 -3.24 26.01
CA ARG A 278 -21.34 -4.33 25.87
C ARG A 278 -20.86 -4.37 24.42
N THR A 279 -19.81 -3.62 24.14
CA THR A 279 -19.32 -3.41 22.78
C THR A 279 -18.50 -4.58 22.26
N LYS A 280 -18.07 -5.46 23.16
CA LYS A 280 -17.18 -6.53 22.78
C LYS A 280 -17.70 -7.85 23.29
N LEU A 281 -17.24 -8.91 22.64
CA LEU A 281 -17.49 -10.27 23.05
C LEU A 281 -17.13 -10.51 24.52
N GLU A 282 -15.96 -10.02 24.94
CA GLU A 282 -15.50 -10.22 26.33
C GLU A 282 -16.35 -9.43 27.32
N LEU A 283 -17.24 -8.57 26.81
CA LEU A 283 -18.16 -7.84 27.69
C LEU A 283 -19.56 -8.45 27.74
N LYS A 284 -19.80 -9.55 27.00
CA LYS A 284 -21.15 -10.09 26.86
C LYS A 284 -21.85 -10.37 28.19
N ASP A 285 -21.08 -10.77 29.19
CA ASP A 285 -21.67 -11.11 30.48
C ASP A 285 -21.51 -10.00 31.52
N LEU A 286 -21.18 -8.79 31.07
CA LEU A 286 -21.19 -7.62 31.95
C LEU A 286 -22.55 -7.45 32.64
N THR A 287 -22.54 -7.19 33.95
CA THR A 287 -23.78 -6.94 34.69
C THR A 287 -23.57 -6.04 35.90
N GLU A 289 -25.22 -6.33 38.48
CA GLU A 289 -25.34 -7.22 39.64
C GLU A 289 -23.98 -7.59 40.22
N THR A 290 -22.92 -7.39 39.45
CA THR A 290 -21.55 -7.68 39.90
C THR A 290 -21.20 -6.97 41.22
N ILE A 291 -21.72 -5.77 41.43
CA ILE A 291 -21.48 -5.03 42.68
C ILE A 291 -22.01 -5.83 43.90
N ALA A 292 -23.31 -6.14 43.90
CA ALA A 292 -23.90 -6.94 44.98
C ALA A 292 -23.18 -8.29 45.13
N LYS A 293 -22.89 -8.94 44.01
CA LYS A 293 -22.28 -10.27 43.99
C LYS A 293 -20.89 -10.27 44.61
N LEU A 294 -20.06 -9.29 44.22
CA LEU A 294 -18.69 -9.26 44.73
C LEU A 294 -18.65 -8.83 46.20
N LEU A 295 -19.55 -7.93 46.60
CA LEU A 295 -19.65 -7.54 48.00
C LEU A 295 -20.08 -8.70 48.88
N LYS A 296 -21.08 -9.43 48.43
CA LYS A 296 -21.55 -10.64 49.13
C LYS A 296 -20.42 -11.64 49.37
N ASP A 297 -19.49 -11.74 48.42
CA ASP A 297 -18.42 -12.72 48.54
C ASP A 297 -17.13 -12.18 49.17
N GLY A 298 -17.18 -10.96 49.68
CA GLY A 298 -16.07 -10.40 50.46
C GLY A 298 -14.88 -9.92 49.65
N VAL A 299 -15.11 -9.54 48.40
CA VAL A 299 -14.07 -8.92 47.56
C VAL A 299 -14.09 -7.42 47.79
N LEU A 300 -12.90 -6.83 47.88
CA LEU A 300 -12.77 -5.37 48.02
C LEU A 300 -12.90 -4.74 46.66
N ILE A 301 -13.94 -3.93 46.47
CA ILE A 301 -14.16 -3.31 45.17
C ILE A 301 -14.29 -1.78 45.25
N ALA A 302 -13.97 -1.13 44.14
CA ALA A 302 -14.27 0.28 43.91
C ALA A 302 -15.00 0.32 42.57
N LEU A 303 -15.70 1.42 42.32
CA LEU A 303 -16.43 1.58 41.08
C LEU A 303 -15.81 2.71 40.24
N CYS A 305 -15.77 5.00 36.47
CA CYS A 305 -16.45 5.42 35.25
C CYS A 305 -15.62 5.04 34.03
N ASP A 306 -14.34 4.75 34.23
CA ASP A 306 -13.39 4.57 33.12
C ASP A 306 -13.49 5.75 32.16
N HIS A 307 -13.60 6.94 32.73
CA HIS A 307 -13.71 8.14 31.93
C HIS A 307 -12.64 8.15 30.84
N PRO A 308 -13.02 8.41 29.57
CA PRO A 308 -14.27 8.93 28.97
C PRO A 308 -15.42 7.96 28.66
N VAL A 309 -15.27 6.67 28.92
CA VAL A 309 -16.34 5.72 28.59
C VAL A 309 -17.66 6.14 29.24
N ILE A 310 -17.61 6.48 30.52
CA ILE A 310 -18.69 7.23 31.19
C ILE A 310 -18.10 8.52 31.68
N PRO A 311 -18.77 9.66 31.42
CA PRO A 311 -18.16 10.88 31.94
C PRO A 311 -18.07 10.89 33.47
N LEU A 312 -16.91 11.28 34.00
CA LEU A 312 -16.70 11.36 35.43
C LEU A 312 -17.76 12.18 36.14
N GLU A 313 -18.31 13.19 35.45
CA GLU A 313 -19.40 13.97 36.03
C GLU A 313 -20.63 13.12 36.44
N PHE A 314 -20.77 11.95 35.82
CA PHE A 314 -21.92 11.07 36.07
C PHE A 314 -21.61 9.87 36.96
N ALA A 315 -20.53 9.97 37.72
CA ALA A 315 -20.16 8.93 38.67
C ALA A 315 -21.31 8.57 39.61
N THR A 316 -22.01 9.58 40.12
CA THR A 316 -23.13 9.33 41.03
C THR A 316 -24.31 8.74 40.27
N VAL A 317 -24.44 9.07 38.99
CA VAL A 317 -25.52 8.52 38.17
C VAL A 317 -25.33 7.00 37.99
N GLN A 318 -24.11 6.59 37.65
CA GLN A 318 -23.78 5.18 37.54
C GLN A 318 -23.99 4.42 38.86
N ALA A 319 -23.51 5.01 39.95
CA ALA A 319 -23.60 4.38 41.25
C ALA A 319 -25.06 4.18 41.66
N ALA A 320 -25.85 5.25 41.58
CA ALA A 320 -27.28 5.23 41.94
C ALA A 320 -28.08 4.17 41.17
N THR A 321 -27.79 4.06 39.88
CA THR A 321 -28.46 3.11 39.00
C THR A 321 -28.28 1.66 39.47
N ALA A 322 -27.14 1.34 40.07
CA ALA A 322 -26.90 -0.01 40.62
C ALA A 322 -27.94 -0.43 41.68
N ARG A 324 -30.97 -0.47 41.11
CA ARG A 324 -31.91 -1.31 40.34
C ARG A 324 -31.47 -2.74 40.23
N TYR A 325 -30.24 -3.05 40.65
CA TYR A 325 -29.65 -4.37 40.44
C TYR A 325 -29.10 -4.91 41.75
N GLY A 326 -29.79 -4.58 42.85
CA GLY A 326 -29.54 -5.20 44.14
C GLY A 326 -28.49 -4.59 45.04
N ALA A 327 -27.91 -3.45 44.65
CA ALA A 327 -26.90 -2.81 45.48
C ALA A 327 -27.56 -1.82 46.45
N LYS A 328 -26.98 -1.70 47.64
CA LYS A 328 -27.52 -0.84 48.66
C LYS A 328 -26.73 0.44 48.72
N GLU A 329 -27.42 1.52 49.10
CA GLU A 329 -26.86 2.87 49.14
C GLU A 329 -25.56 2.96 49.94
N GLU A 330 -25.55 2.44 51.16
CA GLU A 330 -24.36 2.42 52.02
C GLU A 330 -23.13 1.94 51.26
N ASP A 331 -23.27 0.80 50.60
CA ASP A 331 -22.16 0.16 49.90
C ASP A 331 -21.75 0.98 48.69
N LEU A 332 -22.75 1.52 48.02
CA LEU A 332 -22.55 2.34 46.83
C LEU A 332 -21.71 3.58 47.14
N LEU A 333 -21.97 4.20 48.29
CA LEU A 333 -21.14 5.29 48.75
C LEU A 333 -19.70 4.79 49.07
N LYS A 334 -19.59 3.61 49.69
CA LYS A 334 -18.25 3.10 50.03
C LYS A 334 -17.34 2.85 48.81
N ILE A 335 -17.92 2.32 47.73
CA ILE A 335 -17.16 1.99 46.52
C ILE A 335 -16.78 3.25 45.71
N LEU A 336 -17.28 4.41 46.13
CA LEU A 336 -16.91 5.69 45.55
C LEU A 336 -15.96 6.49 46.44
N THR A 337 -15.70 5.97 47.64
CA THR A 337 -14.98 6.77 48.65
C THR A 337 -13.89 5.98 49.36
N VAL A 338 -14.28 5.27 50.43
CA VAL A 338 -13.32 4.60 51.31
C VAL A 338 -12.67 3.39 50.62
N ASN A 339 -13.45 2.67 49.79
CA ASN A 339 -12.90 1.51 49.07
C ASN A 339 -11.83 1.92 48.02
N PRO A 340 -12.14 2.90 47.12
CA PRO A 340 -11.07 3.30 46.21
C PRO A 340 -9.84 3.85 46.95
N ALA A 341 -10.04 4.63 48.01
CA ALA A 341 -8.92 5.13 48.80
C ALA A 341 -8.03 4.00 49.32
N LYS A 342 -8.65 2.99 49.92
CA LYS A 342 -7.93 1.81 50.38
C LYS A 342 -7.17 1.12 49.21
N ILE A 343 -7.87 0.90 48.09
CA ILE A 343 -7.22 0.30 46.92
C ILE A 343 -5.99 1.08 46.43
N LEU A 344 -6.02 2.41 46.55
CA LEU A 344 -4.92 3.26 46.13
C LEU A 344 -3.89 3.49 47.23
N GLY A 345 -4.06 2.89 48.41
CA GLY A 345 -3.13 3.06 49.54
C GLY A 345 -3.20 4.43 50.19
N LEU A 346 -4.39 5.01 50.24
CA LEU A 346 -4.57 6.39 50.63
C LEU A 346 -5.73 6.55 51.62
N GLU A 347 -6.09 5.46 52.31
CA GLU A 347 -7.25 5.50 53.20
C GLU A 347 -7.03 6.34 54.44
N ASP A 348 -5.76 6.61 54.77
CA ASP A 348 -5.44 7.52 55.88
C ASP A 348 -5.56 9.00 55.48
N ARG A 349 -5.81 9.25 54.20
CA ARG A 349 -5.84 10.61 53.67
C ARG A 349 -7.18 11.04 53.08
N ILE A 350 -7.78 10.21 52.24
CA ILE A 350 -9.02 10.62 51.55
C ILE A 350 -10.14 9.61 51.69
N GLY A 351 -11.30 10.00 51.20
CA GLY A 351 -12.42 9.08 51.13
C GLY A 351 -13.35 9.06 52.33
N SER A 352 -13.09 9.87 53.35
CA SER A 352 -14.05 9.97 54.47
C SER A 352 -13.82 11.22 55.31
N ILE A 353 -14.86 11.55 56.08
CA ILE A 353 -14.83 12.73 56.93
C ILE A 353 -14.48 12.34 58.37
N GLU A 354 -13.19 12.41 58.69
CA GLU A 354 -12.66 11.99 59.99
C GLU A 354 -11.55 12.96 60.37
N PRO A 355 -11.35 13.24 61.68
CA PRO A 355 -10.22 14.06 62.09
C PRO A 355 -8.92 13.55 61.50
N GLY A 356 -8.09 14.46 61.00
CA GLY A 356 -6.78 14.09 60.49
C GLY A 356 -6.73 13.85 58.99
N LYS A 357 -7.87 13.55 58.37
CA LYS A 357 -7.89 13.29 56.93
C LYS A 357 -7.99 14.58 56.11
N ASP A 358 -7.62 14.51 54.83
CA ASP A 358 -7.67 15.68 53.95
C ASP A 358 -9.09 16.25 53.88
N ALA A 359 -9.18 17.58 53.89
CA ALA A 359 -10.48 18.26 53.82
C ALA A 359 -10.96 18.39 52.38
N ASP A 360 -11.23 17.24 51.77
CA ASP A 360 -11.83 17.17 50.46
C ASP A 360 -13.33 16.93 50.66
N LEU A 361 -14.12 17.98 50.47
CA LEU A 361 -15.50 17.99 50.92
C LEU A 361 -16.42 18.56 49.86
N VAL A 362 -17.58 17.96 49.70
CA VAL A 362 -18.51 18.41 48.69
C VAL A 362 -19.82 18.78 49.34
N VAL A 363 -20.33 19.98 49.02
CA VAL A 363 -21.63 20.41 49.53
C VAL A 363 -22.65 20.11 48.45
N TRP A 364 -23.56 19.18 48.74
CA TRP A 364 -24.63 18.80 47.82
C TRP A 364 -25.94 19.41 48.29
N SER A 365 -26.82 19.74 47.34
CA SER A 365 -28.15 20.25 47.70
C SER A 365 -29.07 19.16 48.25
N GLY A 366 -28.73 17.90 47.97
CA GLY A 366 -29.55 16.78 48.40
C GLY A 366 -28.70 15.52 48.39
N HIS A 367 -29.31 14.38 48.67
CA HIS A 367 -28.56 13.14 48.59
C HIS A 367 -28.01 13.00 47.16
N PRO A 368 -26.74 12.61 47.03
CA PRO A 368 -26.08 12.53 45.70
C PRO A 368 -26.70 11.50 44.75
N PHE A 369 -27.42 10.52 45.31
CA PHE A 369 -28.11 9.51 44.51
C PHE A 369 -29.53 9.94 44.13
N ASP A 370 -29.90 11.17 44.49
CA ASP A 370 -31.17 11.73 44.07
C ASP A 370 -30.84 12.68 42.91
N LYS A 372 -32.30 15.02 41.55
CA LYS A 372 -32.58 16.44 41.78
C LYS A 372 -31.41 17.18 42.45
N SER A 373 -30.55 16.43 43.14
CA SER A 373 -29.41 17.03 43.86
C SER A 373 -28.36 17.62 42.93
N VAL A 374 -27.78 18.76 43.33
CA VAL A 374 -26.69 19.40 42.58
C VAL A 374 -25.51 19.71 43.51
N VAL A 375 -24.30 19.77 42.95
CA VAL A 375 -23.11 20.17 43.71
C VAL A 375 -23.07 21.70 43.83
N GLU A 376 -23.03 22.20 45.07
CA GLU A 376 -23.00 23.64 45.31
C GLU A 376 -21.59 24.15 45.50
N ARG A 377 -20.75 23.33 46.15
CA ARG A 377 -19.40 23.73 46.49
C ARG A 377 -18.51 22.51 46.62
N VAL A 378 -17.27 22.66 46.16
CA VAL A 378 -16.26 21.65 46.37
C VAL A 378 -15.02 22.28 47.00
N TYR A 379 -14.51 21.60 48.03
CA TYR A 379 -13.27 21.95 48.68
C TYR A 379 -12.29 20.78 48.50
N ILE A 380 -11.03 21.10 48.20
CA ILE A 380 -9.94 20.11 48.17
C ILE A 380 -8.84 20.68 49.04
N ASP A 381 -8.37 19.86 49.98
CA ASP A 381 -7.46 20.35 51.03
C ASP A 381 -7.95 21.65 51.70
N GLY A 382 -9.26 21.79 51.85
CA GLY A 382 -9.82 22.94 52.56
C GLY A 382 -9.87 24.23 51.76
N VAL A 383 -9.52 24.16 50.47
CA VAL A 383 -9.54 25.33 49.57
C VAL A 383 -10.73 25.16 48.62
N GLU A 384 -11.65 26.13 48.57
CA GLU A 384 -12.78 26.02 47.65
C GLU A 384 -12.24 25.97 46.22
N VAL A 385 -12.62 24.95 45.46
CA VAL A 385 -12.15 24.84 44.06
C VAL A 385 -13.29 24.90 43.07
N PHE A 386 -14.52 24.88 43.58
CA PHE A 386 -15.72 24.92 42.73
C PHE A 386 -16.91 25.52 43.49
N ARG A 387 -17.62 26.43 42.83
CA ARG A 387 -18.88 26.99 43.35
C ARG A 387 -19.90 27.08 42.23
N ARG A 388 -21.07 26.49 42.44
CA ARG A 388 -22.13 26.47 41.44
C ARG A 388 -22.55 27.87 40.98
N GLU A 389 -22.65 28.04 39.66
CA GLU A 389 -23.25 29.20 38.96
C GLU A 389 -22.39 29.70 37.79
N LYS B 6 -59.53 -9.81 27.71
CA LYS B 6 -59.85 -8.59 28.52
C LYS B 6 -59.05 -8.58 29.82
N ILE B 7 -58.27 -7.52 30.05
CA ILE B 7 -57.44 -7.39 31.25
C ILE B 7 -57.78 -6.11 32.03
N LEU B 8 -57.98 -6.24 33.33
CA LEU B 8 -58.25 -5.08 34.17
C LEU B 8 -57.15 -4.88 35.20
N PHE B 9 -56.38 -3.80 35.01
CA PHE B 9 -55.35 -3.42 35.96
C PHE B 9 -55.98 -2.58 37.03
N LYS B 10 -55.79 -2.99 38.28
CA LYS B 10 -56.48 -2.33 39.39
C LYS B 10 -55.57 -1.63 40.40
N ASN B 11 -55.87 -0.35 40.63
CA ASN B 11 -55.36 0.37 41.79
C ASN B 11 -53.85 0.70 41.76
N ALA B 12 -53.34 0.97 40.55
CA ALA B 12 -52.00 1.52 40.40
C ALA B 12 -52.06 3.04 40.55
N THR B 13 -50.90 3.67 40.74
CA THR B 13 -50.74 5.08 40.40
C THR B 13 -50.53 5.10 38.89
N VAL B 14 -51.56 5.54 38.18
CA VAL B 14 -51.56 5.58 36.73
C VAL B 14 -51.01 6.91 36.23
N PHE B 15 -50.13 6.85 35.24
CA PHE B 15 -49.52 8.04 34.66
C PHE B 15 -49.93 8.13 33.19
N PRO B 16 -51.04 8.81 32.92
CA PRO B 16 -51.58 8.83 31.56
C PRO B 16 -50.76 9.70 30.62
N ILE B 17 -49.91 10.55 31.19
CA ILE B 17 -49.12 11.57 30.47
C ILE B 17 -49.97 12.73 29.94
N THR B 18 -51.07 12.44 29.27
CA THR B 18 -51.92 13.46 28.69
C THR B 18 -52.83 14.14 29.74
N SER B 19 -52.81 13.62 30.96
CA SER B 19 -53.40 14.27 32.13
C SER B 19 -52.63 13.85 33.40
N ARG B 20 -52.97 14.45 34.55
CA ARG B 20 -52.26 14.20 35.81
C ARG B 20 -52.29 12.72 36.25
N PRO B 21 -51.26 12.29 37.01
CA PRO B 21 -51.32 10.92 37.53
C PRO B 21 -52.38 10.79 38.62
N PHE B 22 -53.03 9.63 38.66
CA PHE B 22 -54.08 9.37 39.64
C PHE B 22 -54.04 7.90 40.06
N LYS B 23 -54.61 7.64 41.24
CA LYS B 23 -54.81 6.29 41.73
C LYS B 23 -56.08 5.76 41.10
N GLY B 24 -55.98 4.63 40.41
CA GLY B 24 -57.15 4.06 39.74
C GLY B 24 -56.85 2.91 38.81
N ASP B 25 -57.74 2.70 37.83
CA ASP B 25 -57.78 1.49 37.02
C ASP B 25 -57.57 1.75 35.54
N VAL B 26 -57.16 0.70 34.84
CA VAL B 26 -57.07 0.72 33.37
C VAL B 26 -57.60 -0.59 32.79
N LEU B 27 -58.50 -0.47 31.82
CA LEU B 27 -59.13 -1.63 31.21
C LEU B 27 -58.66 -1.83 29.77
N VAL B 28 -58.17 -3.03 29.47
CA VAL B 28 -57.61 -3.36 28.16
C VAL B 28 -58.42 -4.43 27.44
N SER B 29 -58.82 -4.14 26.20
CA SER B 29 -59.43 -5.15 25.32
C SER B 29 -59.04 -4.90 23.87
N ASN B 30 -58.92 -5.99 23.11
CA ASN B 30 -58.57 -5.97 21.68
C ASN B 30 -57.26 -5.24 21.37
N GLY B 31 -56.30 -5.41 22.28
CA GLY B 31 -54.97 -4.79 22.15
C GLY B 31 -54.92 -3.31 22.45
N LYS B 32 -56.02 -2.77 22.96
CA LYS B 32 -56.15 -1.32 23.12
C LYS B 32 -56.59 -0.97 24.51
N VAL B 33 -56.37 0.28 24.90
CA VAL B 33 -56.91 0.82 26.14
C VAL B 33 -58.40 1.08 25.89
N GLU B 34 -59.25 0.35 26.59
CA GLU B 34 -60.69 0.56 26.49
C GLU B 34 -61.13 1.66 27.46
N LYS B 35 -60.77 1.52 28.74
CA LYS B 35 -61.20 2.48 29.75
C LYS B 35 -60.10 2.87 30.74
N VAL B 36 -60.11 4.13 31.15
CA VAL B 36 -59.20 4.68 32.16
C VAL B 36 -60.00 5.49 33.14
N GLY B 37 -59.97 5.12 34.41
CA GLY B 37 -60.70 5.90 35.39
C GLY B 37 -60.58 5.44 36.83
N GLU B 38 -61.43 6.04 37.65
CA GLU B 38 -61.43 5.93 39.11
C GLU B 38 -61.80 4.54 39.61
N ASN B 39 -62.92 4.01 39.12
CA ASN B 39 -63.41 2.71 39.55
C ASN B 39 -64.00 1.98 38.36
N ILE B 40 -63.34 0.91 37.93
CA ILE B 40 -63.79 0.17 36.77
C ILE B 40 -64.10 -1.27 37.14
N GLU B 41 -65.29 -1.74 36.73
CA GLU B 41 -65.69 -3.13 36.87
C GLU B 41 -65.90 -3.78 35.50
N ASP B 42 -65.59 -5.07 35.41
CA ASP B 42 -65.84 -5.88 34.22
C ASP B 42 -65.78 -7.34 34.63
N PRO B 43 -66.87 -8.10 34.37
CA PRO B 43 -67.00 -9.50 34.81
C PRO B 43 -66.13 -10.48 34.02
N ASP B 44 -65.79 -10.08 32.79
CA ASP B 44 -65.03 -10.94 31.88
C ASP B 44 -63.53 -10.65 31.91
N ALA B 45 -63.15 -9.57 32.58
CA ALA B 45 -61.76 -9.16 32.65
C ALA B 45 -60.98 -9.97 33.67
N GLU B 46 -59.77 -10.37 33.29
CA GLU B 46 -58.82 -10.93 34.24
C GLU B 46 -58.30 -9.78 35.07
N ILE B 47 -58.25 -9.97 36.38
CA ILE B 47 -57.83 -8.92 37.30
C ILE B 47 -56.34 -9.01 37.57
N VAL B 48 -55.66 -7.87 37.45
CA VAL B 48 -54.26 -7.74 37.80
C VAL B 48 -54.19 -6.65 38.85
N ASP B 49 -53.87 -7.02 40.09
CA ASP B 49 -53.84 -6.09 41.21
C ASP B 49 -52.51 -5.34 41.25
N LEU B 50 -52.57 -4.04 40.97
CA LEU B 50 -51.38 -3.22 40.91
C LEU B 50 -51.21 -2.29 42.12
N THR B 51 -51.79 -2.68 43.25
CA THR B 51 -51.64 -1.92 44.50
C THR B 51 -50.16 -1.72 44.81
N GLY B 52 -49.77 -0.48 45.08
CA GLY B 52 -48.38 -0.15 45.39
C GLY B 52 -47.50 0.03 44.15
N LYS B 53 -48.09 -0.17 42.96
CA LYS B 53 -47.34 -0.18 41.71
C LYS B 53 -47.62 1.06 40.86
N PHE B 54 -46.81 1.24 39.82
CA PHE B 54 -46.93 2.41 38.94
C PHE B 54 -47.16 1.96 37.51
N LEU B 55 -48.19 2.50 36.88
CA LEU B 55 -48.57 2.12 35.52
C LEU B 55 -48.31 3.26 34.54
N PHE B 56 -47.42 3.00 33.59
CA PHE B 56 -46.96 4.00 32.64
C PHE B 56 -47.18 3.51 31.24
N PRO B 57 -47.32 4.43 30.27
CA PRO B 57 -47.20 3.96 28.90
C PRO B 57 -45.77 3.45 28.63
N GLY B 58 -45.61 2.61 27.61
CA GLY B 58 -44.26 2.26 27.16
C GLY B 58 -43.51 3.50 26.66
N PHE B 59 -42.25 3.62 27.02
CA PHE B 59 -41.43 4.71 26.47
C PHE B 59 -41.12 4.47 25.00
N VAL B 60 -40.90 5.57 24.29
CA VAL B 60 -40.75 5.53 22.84
C VAL B 60 -39.47 6.26 22.50
N ASP B 61 -38.52 5.55 21.88
CA ASP B 61 -37.27 6.18 21.45
C ASP B 61 -37.30 6.45 19.96
N ALA B 62 -37.32 7.74 19.60
CA ALA B 62 -37.52 8.14 18.21
C ALA B 62 -36.29 7.97 17.30
N HIS B 63 -35.17 7.49 17.85
CA HIS B 63 -33.97 7.33 17.04
C HIS B 63 -33.03 6.31 17.66
N SER B 64 -32.97 5.12 17.06
CA SER B 64 -32.21 4.03 17.66
C SER B 64 -31.50 3.17 16.64
N HIS B 65 -30.42 2.53 17.09
CA HIS B 65 -29.76 1.48 16.30
C HIS B 65 -29.75 0.14 16.99
N ILE B 66 -30.66 -0.04 17.95
CA ILE B 66 -30.83 -1.36 18.55
C ILE B 66 -31.20 -2.38 17.46
N GLY B 67 -30.70 -3.61 17.63
CA GLY B 67 -30.90 -4.66 16.65
C GLY B 67 -29.95 -4.59 15.46
N LEU B 68 -29.46 -3.39 15.14
CA LEU B 68 -28.52 -3.19 14.02
C LEU B 68 -27.07 -3.39 14.44
N PHE B 69 -26.79 -2.97 15.68
CA PHE B 69 -25.49 -3.11 16.30
C PHE B 69 -25.68 -4.11 17.45
N GLU B 70 -25.56 -5.40 17.14
CA GLU B 70 -25.78 -6.49 18.11
C GLU B 70 -24.92 -6.33 19.37
N GLU B 71 -25.52 -6.55 20.54
CA GLU B 71 -24.76 -6.40 21.80
C GLU B 71 -23.97 -7.65 22.12
N GLY B 72 -22.78 -7.44 22.68
CA GLY B 72 -21.99 -8.53 23.25
C GLY B 72 -21.19 -9.28 22.21
N VAL B 73 -20.84 -8.60 21.13
CA VAL B 73 -20.37 -9.26 19.94
C VAL B 73 -19.13 -8.67 19.24
N GLY B 74 -19.03 -7.33 19.21
CA GLY B 74 -17.89 -6.63 18.59
C GLY B 74 -18.36 -5.69 17.50
N TYR B 75 -17.79 -4.49 17.44
CA TYR B 75 -18.09 -3.47 16.42
C TYR B 75 -18.10 -4.03 14.99
N TYR B 76 -17.20 -4.97 14.72
CA TYR B 76 -17.05 -5.52 13.40
C TYR B 76 -18.37 -6.08 12.80
N TYR B 77 -19.27 -6.55 13.65
CA TYR B 77 -20.53 -7.13 13.21
C TYR B 77 -21.70 -6.12 13.06
N SER B 78 -21.42 -4.84 13.29
CA SER B 78 -22.46 -3.81 13.14
C SER B 78 -23.01 -3.73 11.71
N ASP B 79 -24.33 -3.70 11.63
CA ASP B 79 -25.05 -3.51 10.38
C ASP B 79 -25.66 -2.11 10.22
N GLY B 80 -25.21 -1.15 11.01
CA GLY B 80 -25.86 0.16 11.06
C GLY B 80 -25.42 1.22 10.06
N ASN B 81 -24.33 0.98 9.32
CA ASN B 81 -23.82 1.99 8.37
C ASN B 81 -23.26 1.36 7.12
N GLU B 82 -23.94 1.57 6.00
CA GLU B 82 -23.44 1.08 4.71
C GLU B 82 -22.41 2.09 4.15
N ALA B 83 -21.26 2.17 4.83
CA ALA B 83 -20.26 3.23 4.61
C ALA B 83 -19.36 2.96 3.41
N THR B 84 -19.99 2.57 2.31
CA THR B 84 -19.24 2.25 1.11
C THR B 84 -19.68 3.12 -0.08
N ASP B 85 -20.53 4.11 0.18
CA ASP B 85 -21.22 4.86 -0.85
C ASP B 85 -22.00 5.94 -0.11
N PRO B 86 -21.72 7.23 -0.39
CA PRO B 86 -22.32 8.30 0.41
C PRO B 86 -23.83 8.48 0.20
N VAL B 87 -24.39 7.82 -0.82
CA VAL B 87 -25.81 7.95 -1.12
C VAL B 87 -26.45 6.55 -1.16
N THR B 88 -26.96 6.07 -0.03
CA THR B 88 -27.65 4.78 0.02
C THR B 88 -29.09 4.86 0.56
N PRO B 89 -29.96 5.68 -0.07
CA PRO B 89 -31.33 5.80 0.41
C PRO B 89 -32.12 4.51 0.33
N HIS B 90 -31.73 3.61 -0.58
CA HIS B 90 -32.47 2.38 -0.85
C HIS B 90 -32.33 1.31 0.24
N VAL B 91 -31.31 1.41 1.09
CA VAL B 91 -31.16 0.44 2.15
C VAL B 91 -32.11 0.69 3.32
N LYS B 92 -32.47 -0.39 4.01
CA LYS B 92 -33.47 -0.33 5.06
C LYS B 92 -32.89 -0.85 6.37
N ALA B 93 -32.96 -0.05 7.43
CA ALA B 93 -32.60 -0.52 8.77
C ALA B 93 -33.35 -1.83 9.07
N LEU B 94 -34.52 -1.98 8.46
CA LEU B 94 -35.36 -3.16 8.66
C LEU B 94 -34.63 -4.44 8.28
N ASP B 95 -33.79 -4.34 7.25
CA ASP B 95 -33.06 -5.48 6.70
C ASP B 95 -31.74 -5.81 7.40
N GLY B 96 -31.40 -5.06 8.45
CA GLY B 96 -30.24 -5.40 9.28
C GLY B 96 -30.62 -5.62 10.74
N PHE B 97 -31.93 -5.55 11.03
CA PHE B 97 -32.44 -5.59 12.40
C PHE B 97 -32.51 -7.03 12.90
N ASN B 98 -31.82 -7.31 14.00
CA ASN B 98 -31.88 -8.61 14.66
C ASN B 98 -32.82 -8.60 15.90
N PRO B 99 -34.02 -9.19 15.77
CA PRO B 99 -34.98 -9.17 16.88
C PRO B 99 -34.51 -10.00 18.07
N GLN B 100 -33.47 -10.78 17.88
CA GLN B 100 -32.88 -11.54 18.96
C GLN B 100 -31.66 -10.89 19.63
N ASP B 101 -31.28 -9.69 19.21
CA ASP B 101 -30.26 -8.89 19.91
C ASP B 101 -30.56 -8.91 21.40
N PRO B 102 -29.59 -9.36 22.23
CA PRO B 102 -29.88 -9.36 23.68
C PRO B 102 -30.17 -7.98 24.29
N ALA B 103 -29.76 -6.89 23.63
CA ALA B 103 -30.16 -5.53 24.04
C ALA B 103 -31.67 -5.33 24.16
N ILE B 104 -32.43 -6.11 23.39
CA ILE B 104 -33.87 -5.86 23.28
C ILE B 104 -34.60 -6.22 24.57
N GLU B 105 -34.27 -7.38 25.12
CA GLU B 105 -34.87 -7.80 26.38
C GLU B 105 -34.43 -6.84 27.46
N ARG B 106 -33.22 -6.30 27.32
CA ARG B 106 -32.75 -5.27 28.26
C ARG B 106 -33.53 -3.97 28.11
N ALA B 107 -33.90 -3.61 26.89
CA ALA B 107 -34.67 -2.39 26.64
C ALA B 107 -36.06 -2.51 27.27
N LEU B 108 -36.68 -3.69 27.15
CA LEU B 108 -37.97 -3.97 27.82
C LEU B 108 -37.85 -3.78 29.34
N ALA B 109 -36.80 -4.37 29.91
CA ALA B 109 -36.51 -4.21 31.34
C ALA B 109 -36.25 -2.74 31.73
N GLY B 110 -36.01 -1.89 30.74
CA GLY B 110 -35.90 -0.45 30.96
C GLY B 110 -37.19 0.29 30.64
N GLY B 111 -38.24 -0.45 30.29
CA GLY B 111 -39.56 0.14 30.04
C GLY B 111 -39.79 0.72 28.65
N VAL B 112 -38.90 0.40 27.71
CA VAL B 112 -39.03 0.92 26.35
C VAL B 112 -39.68 -0.15 25.48
N THR B 113 -40.75 0.25 24.78
CA THR B 113 -41.56 -0.67 23.96
C THR B 113 -41.53 -0.40 22.44
N SER B 114 -41.34 0.87 22.06
CA SER B 114 -41.37 1.26 20.64
C SER B 114 -40.15 2.06 20.30
N VAL B 115 -39.56 1.80 19.14
CA VAL B 115 -38.45 2.62 18.67
C VAL B 115 -38.49 2.88 17.16
N ILE B 117 -35.97 2.40 14.37
CA ILE B 117 -34.66 1.91 13.91
C ILE B 117 -34.26 2.63 12.63
N VAL B 118 -33.00 3.00 12.55
CA VAL B 118 -32.51 3.90 11.52
C VAL B 118 -31.00 3.63 11.29
N PRO B 119 -30.52 3.86 10.05
CA PRO B 119 -29.05 3.78 9.82
C PRO B 119 -28.33 4.87 10.64
N GLY B 120 -27.02 4.76 10.78
CA GLY B 120 -26.27 5.74 11.53
C GLY B 120 -25.98 6.99 10.71
N SER B 121 -24.85 7.61 10.99
CA SER B 121 -24.55 8.91 10.39
C SER B 121 -23.27 8.90 9.55
N ALA B 122 -22.86 7.73 9.07
CA ALA B 122 -21.70 7.68 8.17
C ALA B 122 -21.97 8.38 6.83
N ASN B 123 -23.22 8.28 6.33
CA ASN B 123 -23.55 8.73 4.96
C ASN B 123 -24.38 9.99 4.91
N PRO B 124 -24.05 10.91 3.98
CA PRO B 124 -24.89 12.08 3.70
C PRO B 124 -26.32 11.62 3.50
N VAL B 125 -26.52 10.53 2.74
CA VAL B 125 -27.84 9.90 2.59
C VAL B 125 -27.74 8.43 3.00
N GLY B 126 -28.33 8.07 4.13
CA GLY B 126 -28.01 6.78 4.76
C GLY B 126 -28.96 5.60 4.60
N GLY B 127 -30.23 5.87 4.35
CA GLY B 127 -31.20 4.80 4.24
C GLY B 127 -32.46 5.05 5.05
N GLN B 128 -33.33 4.05 5.10
CA GLN B 128 -34.68 4.28 5.60
C GLN B 128 -34.83 3.76 7.01
N GLY B 129 -35.57 4.51 7.83
CA GLY B 129 -35.91 4.12 9.17
C GLY B 129 -37.26 3.43 9.17
N SER B 130 -37.55 2.70 10.26
CA SER B 130 -38.87 2.08 10.46
C SER B 130 -39.18 2.17 11.92
N VAL B 131 -40.45 2.39 12.26
CA VAL B 131 -40.90 2.26 13.64
C VAL B 131 -41.32 0.81 13.91
N ILE B 132 -40.77 0.25 14.98
CA ILE B 132 -41.14 -1.10 15.41
C ILE B 132 -41.49 -1.17 16.90
N LYS B 133 -42.14 -2.26 17.29
CA LYS B 133 -42.35 -2.60 18.71
C LYS B 133 -41.64 -3.91 19.00
N PHE B 134 -41.21 -4.09 20.24
CA PHE B 134 -40.49 -5.27 20.63
C PHE B 134 -41.47 -6.40 20.94
N ARG B 135 -42.26 -6.81 19.95
CA ARG B 135 -43.33 -7.78 20.20
C ARG B 135 -43.11 -9.20 19.69
N SER B 136 -42.04 -9.43 18.93
CA SER B 136 -41.89 -10.69 18.20
C SER B 136 -40.45 -10.89 17.74
N ILE B 137 -40.05 -12.15 17.55
CA ILE B 137 -38.74 -12.44 16.98
C ILE B 137 -38.79 -12.36 15.44
N ILE B 138 -39.97 -12.08 14.89
CA ILE B 138 -40.15 -11.92 13.45
C ILE B 138 -40.29 -10.43 13.16
N VAL B 139 -39.34 -9.84 12.42
CA VAL B 139 -39.34 -8.38 12.30
C VAL B 139 -40.63 -7.83 11.66
N GLU B 140 -41.18 -8.57 10.69
CA GLU B 140 -42.40 -8.19 9.99
C GLU B 140 -43.59 -7.99 10.94
N GLU B 141 -43.67 -8.80 11.99
CA GLU B 141 -44.71 -8.63 13.04
C GLU B 141 -44.44 -7.47 14.02
N CYS B 142 -43.22 -6.95 14.02
CA CYS B 142 -42.84 -5.85 14.90
C CYS B 142 -43.10 -4.51 14.24
N ILE B 143 -43.29 -4.51 12.93
CA ILE B 143 -43.42 -3.28 12.15
C ILE B 143 -44.68 -2.51 12.53
N VAL B 144 -44.48 -1.24 12.88
CA VAL B 144 -45.59 -0.32 13.09
C VAL B 144 -45.72 0.59 11.87
N LYS B 145 -44.61 1.15 11.42
CA LYS B 145 -44.63 2.03 10.26
C LYS B 145 -43.34 1.85 9.46
N ASP B 146 -43.49 1.49 8.20
CA ASP B 146 -42.35 1.20 7.34
C ASP B 146 -42.68 1.61 5.89
N PRO B 147 -41.86 2.49 5.29
CA PRO B 147 -40.77 3.23 5.92
C PRO B 147 -41.30 4.39 6.75
N ALA B 148 -40.50 4.89 7.68
CA ALA B 148 -40.93 5.99 8.55
C ALA B 148 -40.15 7.28 8.31
N GLY B 149 -39.03 7.18 7.58
CA GLY B 149 -38.15 8.33 7.38
C GLY B 149 -36.92 8.01 6.55
N LEU B 150 -36.30 9.04 5.98
CA LEU B 150 -35.06 8.86 5.23
C LEU B 150 -33.95 9.55 5.98
N LYS B 151 -32.99 8.76 6.45
CA LYS B 151 -31.88 9.26 7.25
C LYS B 151 -30.83 9.94 6.39
N ALA B 153 -27.24 12.83 6.97
CA ALA B 153 -26.26 13.27 7.96
C ALA B 153 -25.41 14.44 7.49
N PHE B 154 -25.15 15.36 8.42
CA PHE B 154 -24.28 16.49 8.20
C PHE B 154 -23.19 16.49 9.26
N GLY B 155 -22.26 17.44 9.15
CA GLY B 155 -21.22 17.62 10.16
C GLY B 155 -20.03 16.70 9.99
N GLU B 156 -19.34 16.45 11.10
CA GLU B 156 -18.08 15.75 11.05
C GLU B 156 -18.11 14.34 10.47
N ASN B 157 -19.15 13.57 10.81
CA ASN B 157 -19.15 12.14 10.50
C ASN B 157 -19.05 11.79 9.00
N PRO B 158 -19.95 12.33 8.15
CA PRO B 158 -19.89 12.01 6.73
C PRO B 158 -18.59 12.46 6.05
N LYS B 159 -18.14 13.68 6.34
CA LYS B 159 -16.89 14.14 5.76
C LYS B 159 -15.68 13.35 6.28
N ARG B 160 -15.75 12.87 7.53
CA ARG B 160 -14.66 12.00 8.01
C ARG B 160 -14.66 10.68 7.25
N VAL B 161 -15.82 10.04 7.19
CA VAL B 161 -15.91 8.73 6.54
C VAL B 161 -15.45 8.79 5.08
N TYR B 162 -15.96 9.74 4.31
CA TYR B 162 -15.63 9.76 2.89
C TYR B 162 -14.26 10.41 2.62
N GLY B 163 -13.93 11.40 3.44
CA GLY B 163 -12.56 11.94 3.51
C GLY B 163 -11.50 10.84 3.65
N GLU B 164 -11.71 9.91 4.58
CA GLU B 164 -10.76 8.81 4.78
C GLU B 164 -10.67 7.94 3.51
N ARG B 165 -11.78 7.79 2.81
CA ARG B 165 -11.84 7.05 1.55
C ARG B 165 -11.34 7.85 0.34
N LYS B 166 -10.86 9.09 0.55
CA LYS B 166 -10.42 9.99 -0.53
C LYS B 166 -11.52 10.24 -1.59
N GLN B 167 -12.74 10.38 -1.10
CA GLN B 167 -13.95 10.40 -1.90
C GLN B 167 -14.83 11.59 -1.47
N THR B 168 -15.57 12.19 -2.42
CA THR B 168 -16.62 13.16 -2.08
C THR B 168 -17.68 12.51 -1.17
N PRO B 169 -18.02 13.14 -0.02
CA PRO B 169 -17.53 14.42 0.50
C PRO B 169 -16.39 14.32 1.51
N SER B 170 -15.47 15.27 1.43
CA SER B 170 -14.45 15.42 2.45
C SER B 170 -14.63 16.76 3.20
N THR B 171 -15.64 17.53 2.82
CA THR B 171 -15.93 18.80 3.48
C THR B 171 -17.44 18.97 3.68
N ARG B 172 -17.82 19.90 4.55
CA ARG B 172 -19.23 20.30 4.69
C ARG B 172 -19.82 20.81 3.39
N GLY B 174 -19.11 19.76 0.45
CA GLY B 174 -19.37 18.57 -0.33
C GLY B 174 -20.55 17.75 0.15
N THR B 175 -20.76 17.73 1.47
CA THR B 175 -21.85 16.93 2.02
C THR B 175 -23.16 17.50 1.54
N ALA B 176 -23.32 18.81 1.70
CA ALA B 176 -24.49 19.52 1.21
C ALA B 176 -24.65 19.37 -0.32
N GLY B 177 -23.53 19.37 -1.05
CA GLY B 177 -23.54 19.17 -2.48
C GLY B 177 -24.03 17.80 -2.91
N VAL B 178 -23.64 16.77 -2.16
CA VAL B 178 -24.07 15.41 -2.42
C VAL B 178 -25.61 15.24 -2.30
N ILE B 179 -26.16 15.74 -1.21
CA ILE B 179 -27.59 15.72 -0.93
C ILE B 179 -28.41 16.53 -1.95
N ARG B 180 -27.96 17.75 -2.25
CA ARG B 180 -28.58 18.63 -3.27
C ARG B 180 -28.62 17.98 -4.63
N ASP B 181 -27.52 17.31 -4.96
CA ASP B 181 -27.37 16.62 -6.23
C ASP B 181 -28.33 15.41 -6.28
N TYR B 182 -28.41 14.68 -5.17
CA TYR B 182 -29.34 13.55 -5.07
C TYR B 182 -30.79 13.99 -5.36
N PHE B 183 -31.26 15.01 -4.64
CA PHE B 183 -32.62 15.51 -4.84
C PHE B 183 -32.85 16.18 -6.19
N THR B 184 -31.82 16.79 -6.78
CA THR B 184 -31.94 17.28 -8.16
C THR B 184 -32.25 16.10 -9.10
N LYS B 185 -31.54 14.99 -8.89
CA LYS B 185 -31.81 13.77 -9.66
C LYS B 185 -33.20 13.18 -9.44
N VAL B 186 -33.65 13.18 -8.19
CA VAL B 186 -35.02 12.77 -7.86
C VAL B 186 -36.08 13.56 -8.65
N LYS B 187 -35.94 14.88 -8.67
CA LYS B 187 -36.85 15.75 -9.43
C LYS B 187 -36.88 15.38 -10.91
N ASN B 188 -35.70 15.15 -11.49
CA ASN B 188 -35.62 14.68 -12.89
C ASN B 188 -36.41 13.39 -13.10
N TYR B 189 -36.15 12.41 -12.24
CA TYR B 189 -36.84 11.11 -12.22
C TYR B 189 -38.36 11.29 -12.24
N LYS B 191 -39.99 13.89 -13.22
CA LYS B 191 -40.38 14.48 -14.50
C LYS B 191 -40.47 13.41 -15.59
N LYS B 192 -39.51 12.47 -15.59
CA LYS B 192 -39.50 11.36 -16.57
C LYS B 192 -40.71 10.46 -16.38
N LYS B 193 -41.11 10.27 -15.12
CA LYS B 193 -42.29 9.48 -14.81
C LYS B 193 -43.55 10.15 -15.31
N GLU B 194 -43.63 11.47 -15.17
CA GLU B 194 -44.82 12.19 -15.62
C GLU B 194 -44.87 12.33 -17.14
N LEU B 195 -43.70 12.35 -17.78
CA LEU B 195 -43.62 12.28 -19.24
C LEU B 195 -44.14 10.93 -19.74
N ALA B 196 -43.72 9.84 -19.11
CA ALA B 196 -44.24 8.51 -19.42
C ALA B 196 -45.73 8.40 -19.06
N GLN B 197 -46.12 9.00 -17.94
CA GLN B 197 -47.51 9.00 -17.45
C GLN B 197 -48.48 9.51 -18.51
N LYS B 198 -48.10 10.61 -19.18
CA LYS B 198 -48.99 11.24 -20.16
C LYS B 198 -48.66 10.93 -21.63
N GLU B 199 -47.66 10.08 -21.88
CA GLU B 199 -47.54 9.42 -23.18
C GLU B 199 -48.28 8.10 -23.07
N GLY B 200 -48.09 7.22 -24.06
CA GLY B 200 -48.64 5.87 -23.97
C GLY B 200 -47.86 5.01 -22.97
N LYS B 201 -46.56 5.26 -22.89
CA LYS B 201 -45.58 4.29 -22.39
C LYS B 201 -45.56 3.98 -20.90
N GLU B 202 -45.37 2.69 -20.60
CA GLU B 202 -45.10 2.25 -19.24
C GLU B 202 -43.67 2.66 -18.87
N PHE B 203 -43.47 3.10 -17.63
CA PHE B 203 -42.15 3.56 -17.17
C PHE B 203 -41.18 2.40 -17.05
N THR B 204 -40.01 2.53 -17.66
CA THR B 204 -39.02 1.45 -17.68
C THR B 204 -37.70 1.76 -16.95
N GLU B 205 -37.66 2.84 -16.18
CA GLU B 205 -36.41 3.27 -15.56
C GLU B 205 -36.54 3.37 -14.04
N THR B 206 -37.37 2.48 -13.47
CA THR B 206 -37.56 2.44 -12.03
C THR B 206 -36.21 2.23 -11.36
N ASP B 207 -36.00 3.00 -10.31
CA ASP B 207 -34.76 3.07 -9.60
C ASP B 207 -35.09 3.21 -8.12
N LEU B 208 -34.75 2.17 -7.37
CA LEU B 208 -34.99 2.10 -5.94
C LEU B 208 -34.53 3.36 -5.20
N LYS B 209 -33.32 3.84 -5.51
CA LYS B 209 -32.78 5.01 -4.80
C LYS B 209 -33.66 6.24 -5.05
N GLU B 211 -36.93 6.22 -6.04
CA GLU B 211 -38.28 5.98 -5.50
C GLU B 211 -38.40 6.50 -4.07
N VAL B 212 -37.38 6.25 -3.25
CA VAL B 212 -37.35 6.70 -1.85
C VAL B 212 -37.28 8.21 -1.78
N GLY B 213 -36.45 8.78 -2.63
CA GLY B 213 -36.31 10.24 -2.72
C GLY B 213 -37.64 10.88 -3.08
N GLU B 214 -38.36 10.24 -4.00
CA GLU B 214 -39.69 10.71 -4.39
C GLU B 214 -40.71 10.74 -3.21
N VAL B 216 -40.00 11.27 -0.16
CA VAL B 216 -39.63 12.41 0.66
C VAL B 216 -40.15 13.73 0.06
N LEU B 217 -39.93 13.94 -1.24
CA LEU B 217 -40.37 15.18 -1.90
C LEU B 217 -41.89 15.31 -1.95
N ARG B 218 -42.58 14.18 -1.96
CA ARG B 218 -44.05 14.17 -1.92
C ARG B 218 -44.56 14.25 -0.49
N LYS B 219 -43.63 14.33 0.48
CA LYS B 219 -43.94 14.44 1.90
C LYS B 219 -44.68 13.23 2.44
N LYS B 220 -44.40 12.06 1.88
CA LYS B 220 -44.93 10.82 2.42
C LYS B 220 -44.20 10.40 3.71
N ILE B 221 -42.93 10.76 3.81
CA ILE B 221 -42.12 10.49 5.00
C ILE B 221 -41.19 11.67 5.20
N PRO B 222 -40.82 11.99 6.47
CA PRO B 222 -39.88 13.09 6.66
C PRO B 222 -38.41 12.70 6.38
N ALA B 223 -37.59 13.71 6.13
CA ALA B 223 -36.15 13.55 6.22
C ALA B 223 -35.80 13.52 7.70
N ARG B 224 -34.88 12.63 8.08
CA ARG B 224 -34.41 12.56 9.45
C ARG B 224 -32.94 12.97 9.41
N HIS B 226 -29.39 14.20 10.79
CA HIS B 226 -28.38 14.21 11.84
C HIS B 226 -27.57 15.49 11.71
N ALA B 227 -27.57 16.31 12.76
CA ALA B 227 -26.82 17.55 12.75
C ALA B 227 -26.53 17.99 14.16
N HIS B 228 -25.30 18.42 14.40
CA HIS B 228 -24.85 18.87 15.73
C HIS B 228 -24.55 20.36 15.78
N ARG B 229 -23.60 20.82 14.98
CA ARG B 229 -23.21 22.23 15.00
C ARG B 229 -24.36 23.07 14.46
N ALA B 230 -24.53 24.27 15.01
CA ALA B 230 -25.62 25.15 14.60
C ALA B 230 -25.72 25.35 13.09
N ASP B 231 -24.58 25.60 12.43
CA ASP B 231 -24.62 25.85 11.00
C ASP B 231 -25.08 24.60 10.22
N ASP B 232 -24.75 23.41 10.72
CA ASP B 232 -25.18 22.14 10.10
C ASP B 232 -26.71 22.00 10.20
N ILE B 233 -27.27 22.37 11.35
CA ILE B 233 -28.74 22.33 11.53
C ILE B 233 -29.40 23.31 10.54
N LEU B 234 -28.84 24.50 10.41
CA LEU B 234 -29.38 25.49 9.46
C LEU B 234 -29.24 25.04 8.01
N THR B 235 -28.09 24.46 7.67
CA THR B 235 -27.89 23.90 6.33
C THR B 235 -28.96 22.84 6.04
N ALA B 236 -29.24 21.99 7.01
CA ALA B 236 -30.24 20.93 6.81
C ALA B 236 -31.60 21.54 6.53
N ILE B 237 -31.91 22.64 7.22
CA ILE B 237 -33.20 23.32 7.01
C ILE B 237 -33.24 24.00 5.65
N ARG B 238 -32.13 24.62 5.26
CA ARG B 238 -32.05 25.27 3.94
C ARG B 238 -32.35 24.32 2.79
N ILE B 239 -31.82 23.10 2.89
CA ILE B 239 -32.02 22.08 1.85
C ILE B 239 -33.47 21.58 1.83
N ALA B 240 -34.01 21.31 3.01
CA ALA B 240 -35.41 20.90 3.15
C ALA B 240 -36.35 21.93 2.53
N GLU B 241 -36.05 23.21 2.76
CA GLU B 241 -36.86 24.29 2.22
C GLU B 241 -36.66 24.43 0.71
N GLU B 242 -35.43 24.29 0.25
CA GLU B 242 -35.15 24.32 -1.18
C GLU B 242 -35.98 23.29 -1.95
N PHE B 243 -36.04 22.05 -1.47
CA PHE B 243 -36.73 20.98 -2.19
C PHE B 243 -38.15 20.71 -1.70
N GLY B 244 -38.58 21.47 -0.70
CA GLY B 244 -39.93 21.36 -0.16
C GLY B 244 -40.26 20.07 0.57
N PHE B 245 -39.34 19.53 1.36
CA PHE B 245 -39.69 18.35 2.14
C PHE B 245 -39.75 18.56 3.66
N ASN B 246 -40.41 17.64 4.36
CA ASN B 246 -40.52 17.70 5.82
C ASN B 246 -39.26 17.14 6.44
N LEU B 247 -38.92 17.62 7.63
CA LEU B 247 -37.72 17.17 8.29
C LEU B 247 -37.84 17.12 9.80
N VAL B 248 -36.99 16.30 10.40
CA VAL B 248 -36.78 16.27 11.84
C VAL B 248 -35.27 16.42 11.99
N ILE B 249 -34.83 17.15 13.02
CA ILE B 249 -33.40 17.25 13.34
C ILE B 249 -33.05 16.15 14.33
N GLU B 250 -32.03 15.36 14.02
CA GLU B 250 -31.52 14.34 14.97
C GLU B 250 -30.35 14.91 15.75
N HIS B 251 -30.36 14.67 17.06
CA HIS B 251 -29.35 15.19 18.02
C HIS B 251 -29.52 16.68 18.28
N GLY B 252 -29.27 17.50 17.26
CA GLY B 252 -29.43 18.94 17.37
C GLY B 252 -28.69 19.49 18.57
N THR B 253 -27.43 19.09 18.70
CA THR B 253 -26.62 19.48 19.85
C THR B 253 -26.65 20.98 20.14
N GLU B 254 -26.53 21.81 19.11
CA GLU B 254 -26.51 23.25 19.31
C GLU B 254 -27.83 23.90 18.95
N ALA B 255 -28.90 23.12 18.90
CA ALA B 255 -30.24 23.66 18.61
C ALA B 255 -30.61 24.83 19.55
N TYR B 256 -30.10 24.79 20.78
CA TYR B 256 -30.48 25.80 21.78
C TYR B 256 -29.99 27.19 21.37
N LYS B 257 -28.93 27.22 20.57
CA LYS B 257 -28.34 28.46 20.06
C LYS B 257 -29.23 29.14 19.04
N ILE B 258 -30.18 28.40 18.46
CA ILE B 258 -31.00 28.93 17.37
C ILE B 258 -32.45 28.50 17.59
N SER B 259 -32.82 28.36 18.86
CA SER B 259 -34.10 27.78 19.21
C SER B 259 -35.31 28.58 18.71
N LYS B 260 -35.16 29.89 18.62
CA LYS B 260 -36.28 30.75 18.19
C LYS B 260 -36.75 30.43 16.76
N VAL B 261 -35.79 30.21 15.88
CA VAL B 261 -36.02 29.78 14.49
C VAL B 261 -36.72 28.41 14.37
N LEU B 262 -36.21 27.41 15.07
CA LEU B 262 -36.79 26.07 15.05
C LEU B 262 -38.22 26.09 15.58
N ALA B 263 -38.43 26.85 16.66
CA ALA B 263 -39.77 27.07 17.22
C ALA B 263 -40.71 27.69 16.20
N GLU B 264 -40.26 28.80 15.60
CA GLU B 264 -41.03 29.57 14.62
C GLU B 264 -41.40 28.73 13.40
N LYS B 265 -40.46 27.89 12.95
CA LYS B 265 -40.66 27.07 11.74
C LYS B 265 -41.28 25.72 12.09
N LYS B 266 -41.46 25.48 13.39
CA LYS B 266 -42.02 24.22 13.90
C LYS B 266 -41.21 22.99 13.49
N ILE B 267 -39.89 23.09 13.58
CA ILE B 267 -39.02 21.97 13.30
C ILE B 267 -38.84 21.20 14.61
N PRO B 268 -39.19 19.91 14.60
CA PRO B 268 -38.95 19.15 15.81
C PRO B 268 -37.50 18.68 15.92
N VAL B 269 -37.08 18.38 17.14
CA VAL B 269 -35.70 17.95 17.41
C VAL B 269 -35.72 16.73 18.34
N VAL B 270 -35.13 15.63 17.89
CA VAL B 270 -34.89 14.51 18.78
C VAL B 270 -33.55 14.76 19.45
N VAL B 271 -33.57 15.28 20.68
CA VAL B 271 -32.31 15.55 21.37
C VAL B 271 -31.69 14.29 21.97
N GLY B 272 -30.41 14.36 22.28
CA GLY B 272 -29.67 13.21 22.76
C GLY B 272 -28.76 12.71 21.65
N PRO B 273 -27.81 11.82 21.99
CA PRO B 273 -27.52 11.40 23.37
C PRO B 273 -26.98 12.55 24.21
N LEU B 274 -27.42 12.63 25.47
CA LEU B 274 -26.98 13.70 26.38
C LEU B 274 -26.11 13.17 27.53
N LEU B 275 -26.39 11.97 27.99
CA LEU B 275 -25.64 11.40 29.10
C LEU B 275 -24.41 10.67 28.56
N THR B 276 -23.46 11.46 28.04
CA THR B 276 -22.39 10.92 27.21
C THR B 276 -21.20 11.89 27.08
N PHE B 277 -20.04 11.34 26.75
CA PHE B 277 -18.81 12.11 26.65
C PHE B 277 -18.79 12.91 25.37
N ARG B 278 -18.26 14.11 25.42
CA ARG B 278 -18.19 14.92 24.18
C ARG B 278 -16.97 14.51 23.34
N THR B 279 -17.17 13.47 22.52
CA THR B 279 -16.11 12.81 21.76
C THR B 279 -15.56 13.66 20.61
N LYS B 280 -16.28 14.70 20.21
CA LYS B 280 -15.98 15.44 19.01
C LYS B 280 -16.01 16.94 19.23
N LEU B 281 -15.29 17.64 18.37
CA LEU B 281 -15.33 19.09 18.32
C LEU B 281 -16.76 19.63 18.21
N GLU B 282 -17.56 19.02 17.34
CA GLU B 282 -18.93 19.46 17.13
C GLU B 282 -19.83 19.15 18.33
N LEU B 283 -19.30 18.41 19.31
CA LEU B 283 -20.05 18.15 20.56
C LEU B 283 -19.58 19.01 21.74
N LYS B 284 -18.64 19.93 21.50
CA LYS B 284 -18.06 20.72 22.60
C LYS B 284 -19.08 21.46 23.47
N ASP B 285 -20.16 21.95 22.87
CA ASP B 285 -21.15 22.71 23.64
C ASP B 285 -22.44 21.94 23.95
N LEU B 286 -22.37 20.62 23.83
CA LEU B 286 -23.43 19.72 24.33
C LEU B 286 -23.73 20.03 25.79
N THR B 287 -25.00 20.08 26.13
CA THR B 287 -25.39 20.30 27.51
C THR B 287 -26.78 19.73 27.77
N GLU B 289 -28.72 20.92 29.67
CA GLU B 289 -29.55 22.12 29.80
C GLU B 289 -30.38 22.37 28.54
N THR B 290 -30.00 21.73 27.43
CA THR B 290 -30.73 21.80 26.16
C THR B 290 -32.22 21.47 26.32
N ILE B 291 -32.54 20.50 27.17
CA ILE B 291 -33.95 20.13 27.34
C ILE B 291 -34.77 21.31 27.85
N ALA B 292 -34.33 21.92 28.94
CA ALA B 292 -35.04 23.03 29.55
C ALA B 292 -35.11 24.23 28.60
N LYS B 293 -34.00 24.49 27.90
CA LYS B 293 -33.91 25.62 26.99
C LYS B 293 -34.89 25.49 25.83
N LEU B 294 -34.87 24.33 25.16
CA LEU B 294 -35.72 24.08 24.01
C LEU B 294 -37.22 24.07 24.36
N LEU B 295 -37.56 23.55 25.54
CA LEU B 295 -38.95 23.60 26.03
C LEU B 295 -39.39 25.03 26.31
N LYS B 296 -38.54 25.79 26.98
CA LYS B 296 -38.83 27.20 27.26
C LYS B 296 -39.18 27.92 25.97
N ASP B 297 -38.41 27.65 24.91
CA ASP B 297 -38.56 28.36 23.66
C ASP B 297 -39.60 27.74 22.73
N GLY B 298 -40.31 26.73 23.21
CA GLY B 298 -41.45 26.17 22.48
C GLY B 298 -41.10 25.23 21.33
N VAL B 299 -39.93 24.60 21.38
CA VAL B 299 -39.55 23.61 20.37
C VAL B 299 -40.13 22.26 20.75
N LEU B 300 -40.71 21.54 19.79
CA LEU B 300 -41.17 20.19 20.03
C LEU B 300 -39.97 19.25 20.01
N ILE B 301 -39.70 18.58 21.13
CA ILE B 301 -38.53 17.68 21.27
C ILE B 301 -38.88 16.29 21.81
N ALA B 302 -38.11 15.30 21.38
CA ALA B 302 -38.08 13.98 22.04
C ALA B 302 -36.65 13.71 22.54
N LEU B 303 -36.51 12.80 23.49
CA LEU B 303 -35.19 12.40 23.97
C LEU B 303 -34.80 11.00 23.48
N CYS B 305 -31.66 7.83 23.35
CA CYS B 305 -30.39 7.29 23.86
C CYS B 305 -29.35 7.15 22.75
N ASP B 306 -29.84 7.19 21.51
CA ASP B 306 -29.01 6.88 20.34
C ASP B 306 -28.32 5.53 20.52
N HIS B 307 -29.05 4.57 21.07
CA HIS B 307 -28.50 3.24 21.38
C HIS B 307 -27.73 2.74 20.16
N PRO B 308 -26.49 2.24 20.35
CA PRO B 308 -25.80 1.86 21.59
C PRO B 308 -24.96 2.94 22.31
N VAL B 309 -24.97 4.19 21.84
CA VAL B 309 -24.18 5.24 22.51
C VAL B 309 -24.55 5.27 24.00
N ILE B 310 -25.84 5.20 24.27
CA ILE B 310 -26.31 4.93 25.62
C ILE B 310 -27.25 3.73 25.53
N PRO B 311 -27.07 2.71 26.40
CA PRO B 311 -27.99 1.59 26.25
C PRO B 311 -29.42 2.02 26.52
N LEU B 312 -30.32 1.52 25.68
CA LEU B 312 -31.74 1.84 25.74
C LEU B 312 -32.31 1.46 27.10
N GLU B 313 -31.76 0.42 27.72
CA GLU B 313 -32.21 0.01 29.05
C GLU B 313 -32.11 1.18 30.05
N PHE B 314 -31.21 2.11 29.76
CA PHE B 314 -30.94 3.23 30.67
C PHE B 314 -31.62 4.52 30.24
N ALA B 315 -32.63 4.40 29.37
CA ALA B 315 -33.37 5.54 28.90
C ALA B 315 -33.92 6.41 30.03
N THR B 316 -34.44 5.79 31.09
CA THR B 316 -34.97 6.51 32.26
C THR B 316 -33.86 7.16 33.12
N VAL B 317 -32.68 6.56 33.11
CA VAL B 317 -31.53 7.06 33.84
C VAL B 317 -31.06 8.38 33.24
N GLN B 318 -30.97 8.41 31.91
CA GLN B 318 -30.59 9.63 31.21
C GLN B 318 -31.63 10.72 31.45
N ALA B 319 -32.91 10.38 31.30
CA ALA B 319 -33.99 11.36 31.51
C ALA B 319 -34.01 11.90 32.94
N ALA B 320 -33.91 11.01 33.92
CA ALA B 320 -33.92 11.43 35.35
C ALA B 320 -32.76 12.37 35.65
N THR B 321 -31.62 12.11 35.02
CA THR B 321 -30.42 12.92 35.23
C THR B 321 -30.59 14.38 34.82
N ALA B 322 -31.44 14.64 33.83
CA ALA B 322 -31.68 16.03 33.37
C ALA B 322 -32.35 16.93 34.42
N ARG B 324 -31.16 17.38 37.12
CA ARG B 324 -29.99 17.99 37.70
C ARG B 324 -29.58 19.22 36.87
N TYR B 325 -30.23 19.41 35.73
CA TYR B 325 -29.88 20.47 34.78
C TYR B 325 -31.10 21.30 34.37
N GLY B 326 -32.08 21.39 35.26
CA GLY B 326 -33.20 22.34 35.11
C GLY B 326 -34.48 21.77 34.55
N ALA B 327 -34.48 20.49 34.18
CA ALA B 327 -35.68 19.90 33.55
C ALA B 327 -36.62 19.32 34.59
N LYS B 328 -37.92 19.39 34.32
CA LYS B 328 -38.93 18.94 35.28
C LYS B 328 -39.51 17.59 34.88
N GLU B 329 -39.84 16.81 35.89
CA GLU B 329 -40.33 15.44 35.70
C GLU B 329 -41.45 15.34 34.67
N GLU B 330 -42.44 16.24 34.74
CA GLU B 330 -43.60 16.18 33.80
C GLU B 330 -43.13 16.25 32.36
N ASP B 331 -42.21 17.17 32.09
CA ASP B 331 -41.64 17.34 30.74
C ASP B 331 -40.78 16.17 30.34
N LEU B 332 -40.01 15.66 31.29
CA LEU B 332 -39.11 14.56 30.99
C LEU B 332 -39.90 13.31 30.57
N LEU B 333 -41.03 13.04 31.22
CA LEU B 333 -41.89 11.94 30.78
C LEU B 333 -42.48 12.17 29.38
N LYS B 334 -42.91 13.41 29.09
CA LYS B 334 -43.46 13.75 27.77
C LYS B 334 -42.49 13.49 26.61
N ILE B 335 -41.23 13.86 26.81
CA ILE B 335 -40.24 13.67 25.76
C ILE B 335 -39.80 12.20 25.58
N LEU B 336 -40.34 11.31 26.42
CA LEU B 336 -40.13 9.87 26.28
C LEU B 336 -41.40 9.13 25.82
N THR B 337 -42.51 9.86 25.71
CA THR B 337 -43.77 9.19 25.39
C THR B 337 -44.56 9.91 24.31
N VAL B 338 -45.29 10.95 24.69
CA VAL B 338 -46.20 11.63 23.79
C VAL B 338 -45.46 12.42 22.69
N ASN B 339 -44.34 13.06 23.04
CA ASN B 339 -43.60 13.84 22.05
C ASN B 339 -42.95 12.97 20.95
N PRO B 340 -42.22 11.92 21.32
CA PRO B 340 -41.73 11.05 20.23
C PRO B 340 -42.85 10.42 19.37
N ALA B 341 -43.96 9.99 19.98
CA ALA B 341 -45.11 9.50 19.22
C ALA B 341 -45.56 10.52 18.18
N LYS B 342 -45.67 11.79 18.61
CA LYS B 342 -46.07 12.88 17.72
C LYS B 342 -45.07 13.04 16.57
N ILE B 343 -43.78 13.08 16.90
CA ILE B 343 -42.69 13.27 15.93
C ILE B 343 -42.70 12.14 14.90
N LEU B 344 -43.06 10.94 15.34
CA LEU B 344 -43.13 9.77 14.47
C LEU B 344 -44.44 9.65 13.70
N GLY B 345 -45.40 10.54 13.99
CA GLY B 345 -46.72 10.50 13.34
C GLY B 345 -47.60 9.39 13.88
N LEU B 346 -47.41 9.05 15.15
CA LEU B 346 -48.11 7.93 15.76
C LEU B 346 -48.80 8.29 17.08
N GLU B 347 -49.12 9.58 17.27
CA GLU B 347 -49.76 10.01 18.53
C GLU B 347 -51.21 9.51 18.71
N ASP B 348 -51.85 9.08 17.63
CA ASP B 348 -53.13 8.36 17.73
C ASP B 348 -52.98 6.94 18.28
N ARG B 349 -51.75 6.46 18.39
CA ARG B 349 -51.55 5.05 18.72
C ARG B 349 -50.74 4.73 19.98
N ILE B 350 -49.68 5.48 20.20
CA ILE B 350 -48.80 5.17 21.32
C ILE B 350 -48.46 6.43 22.09
N GLY B 351 -47.85 6.26 23.26
CA GLY B 351 -47.37 7.40 24.01
C GLY B 351 -48.18 7.86 25.20
N SER B 352 -49.38 7.33 25.39
CA SER B 352 -50.22 7.76 26.52
C SER B 352 -51.27 6.73 26.89
N ILE B 353 -51.81 6.83 28.08
CA ILE B 353 -52.87 5.93 28.49
C ILE B 353 -54.22 6.61 28.26
N GLU B 354 -54.80 6.41 27.08
CA GLU B 354 -56.09 7.01 26.70
C GLU B 354 -56.96 6.00 25.97
N PRO B 355 -58.30 6.13 26.04
CA PRO B 355 -59.16 5.22 25.28
C PRO B 355 -58.83 5.21 23.79
N GLY B 356 -58.71 4.02 23.22
CA GLY B 356 -58.48 3.85 21.78
C GLY B 356 -57.03 3.70 21.37
N LYS B 357 -56.12 4.06 22.27
CA LYS B 357 -54.70 3.97 22.01
C LYS B 357 -54.24 2.53 22.24
N ASP B 358 -53.05 2.19 21.73
CA ASP B 358 -52.48 0.86 21.87
C ASP B 358 -52.15 0.55 23.33
N ALA B 359 -52.40 -0.69 23.73
CA ALA B 359 -52.16 -1.12 25.11
C ALA B 359 -50.69 -1.47 25.34
N ASP B 360 -49.82 -0.48 25.13
CA ASP B 360 -48.41 -0.60 25.46
C ASP B 360 -48.22 -0.01 26.85
N LEU B 361 -48.03 -0.88 27.84
CA LEU B 361 -48.07 -0.45 29.24
C LEU B 361 -46.98 -1.11 30.03
N VAL B 362 -46.42 -0.37 30.99
CA VAL B 362 -45.37 -0.92 31.82
C VAL B 362 -45.68 -0.79 33.33
N VAL B 363 -45.58 -1.91 34.04
CA VAL B 363 -45.75 -1.93 35.51
C VAL B 363 -44.39 -1.68 36.16
N TRP B 364 -44.27 -0.54 36.85
CA TRP B 364 -43.05 -0.18 37.55
C TRP B 364 -43.26 -0.36 39.06
N SER B 365 -42.22 -0.73 39.79
CA SER B 365 -42.33 -0.93 41.25
C SER B 365 -42.44 0.41 42.02
N GLY B 366 -41.93 1.48 41.41
CA GLY B 366 -41.97 2.84 41.95
C GLY B 366 -41.80 3.77 40.78
N HIS B 367 -41.66 5.07 41.05
CA HIS B 367 -41.47 6.04 39.95
C HIS B 367 -40.20 5.77 39.11
N PRO B 368 -40.33 5.78 37.76
CA PRO B 368 -39.22 5.46 36.85
C PRO B 368 -37.99 6.35 36.98
N PHE B 369 -38.15 7.56 37.54
CA PHE B 369 -37.01 8.43 37.76
C PHE B 369 -36.36 8.22 39.14
N ASP B 370 -36.87 7.25 39.89
CA ASP B 370 -36.24 6.83 41.14
C ASP B 370 -35.42 5.61 40.79
N LYS B 372 -34.27 3.21 42.44
CA LYS B 372 -34.65 1.96 43.09
C LYS B 372 -35.78 1.22 42.38
N SER B 373 -36.55 1.96 41.58
CA SER B 373 -37.71 1.37 40.88
C SER B 373 -37.27 0.37 39.81
N VAL B 374 -38.03 -0.70 39.67
CA VAL B 374 -37.75 -1.75 38.66
C VAL B 374 -38.98 -1.99 37.78
N VAL B 375 -38.74 -2.46 36.56
CA VAL B 375 -39.83 -2.91 35.68
C VAL B 375 -40.28 -4.31 36.07
N GLU B 376 -41.56 -4.45 36.39
CA GLU B 376 -42.08 -5.74 36.82
C GLU B 376 -42.74 -6.48 35.67
N ARG B 377 -43.47 -5.75 34.82
CA ARG B 377 -44.17 -6.32 33.67
C ARG B 377 -44.21 -5.35 32.52
N VAL B 378 -44.24 -5.90 31.31
CA VAL B 378 -44.46 -5.10 30.12
C VAL B 378 -45.50 -5.74 29.22
N TYR B 379 -46.50 -4.94 28.86
CA TYR B 379 -47.46 -5.29 27.84
C TYR B 379 -47.26 -4.46 26.59
N ILE B 380 -47.33 -5.13 25.45
CA ILE B 380 -47.34 -4.49 24.14
C ILE B 380 -48.58 -5.00 23.42
N ASP B 381 -49.38 -4.07 22.89
CA ASP B 381 -50.68 -4.39 22.32
C ASP B 381 -51.48 -5.37 23.23
N GLY B 382 -51.42 -5.11 24.54
CA GLY B 382 -52.18 -5.92 25.50
C GLY B 382 -51.65 -7.31 25.80
N VAL B 383 -50.55 -7.70 25.17
CA VAL B 383 -49.92 -8.99 25.39
C VAL B 383 -48.69 -8.81 26.28
N GLU B 384 -48.59 -9.60 27.35
CA GLU B 384 -47.40 -9.57 28.20
C GLU B 384 -46.19 -10.08 27.43
N VAL B 385 -45.15 -9.25 27.35
CA VAL B 385 -43.93 -9.59 26.62
C VAL B 385 -42.70 -9.66 27.52
N PHE B 386 -42.87 -9.27 28.78
CA PHE B 386 -41.77 -9.29 29.75
C PHE B 386 -42.33 -9.42 31.16
N ARG B 387 -41.67 -10.26 31.97
CA ARG B 387 -41.96 -10.35 33.39
C ARG B 387 -40.66 -10.50 34.16
N ARG B 388 -40.49 -9.68 35.19
CA ARG B 388 -39.29 -9.72 36.02
C ARG B 388 -39.11 -11.08 36.70
N LYS C 6 -18.00 -42.10 47.96
CA LYS C 6 -17.73 -43.41 47.32
C LYS C 6 -18.84 -43.84 46.35
N ILE C 7 -18.48 -44.18 45.12
CA ILE C 7 -19.47 -44.50 44.07
C ILE C 7 -19.31 -45.91 43.50
N LEU C 8 -20.40 -46.65 43.53
CA LEU C 8 -20.41 -48.01 43.01
C LEU C 8 -21.30 -48.11 41.77
N PHE C 9 -20.67 -48.29 40.61
CA PHE C 9 -21.37 -48.51 39.34
C PHE C 9 -21.66 -50.00 39.19
N LYS C 10 -22.93 -50.33 39.00
CA LYS C 10 -23.38 -51.71 39.01
C LYS C 10 -23.92 -52.20 37.67
N ASN C 11 -23.50 -53.40 37.26
CA ASN C 11 -24.13 -54.15 36.16
CA ASN C 11 -24.16 -54.12 36.16
C ASN C 11 -24.02 -53.47 34.78
N ALA C 12 -22.92 -52.78 34.54
CA ALA C 12 -22.64 -52.23 33.23
C ALA C 12 -21.98 -53.30 32.38
N THR C 13 -22.00 -53.13 31.05
CA THR C 13 -20.97 -53.72 30.22
C THR C 13 -19.74 -52.80 30.33
N VAL C 14 -18.75 -53.25 31.11
CA VAL C 14 -17.55 -52.47 31.40
C VAL C 14 -16.50 -52.70 30.32
N PHE C 15 -15.90 -51.62 29.84
CA PHE C 15 -14.82 -51.68 28.85
C PHE C 15 -13.53 -51.14 29.46
N PRO C 16 -12.71 -52.02 30.06
CA PRO C 16 -11.53 -51.49 30.73
C PRO C 16 -10.44 -51.11 29.75
N ILE C 17 -10.58 -51.54 28.50
CA ILE C 17 -9.58 -51.37 27.41
C ILE C 17 -8.32 -52.25 27.60
N THR C 18 -7.79 -52.28 28.81
CA THR C 18 -6.60 -53.07 29.05
C THR C 18 -6.94 -54.56 29.17
N SER C 19 -8.23 -54.87 29.33
CA SER C 19 -8.75 -56.23 29.19
C SER C 19 -10.11 -56.21 28.48
N ARG C 20 -10.63 -57.40 28.17
CA ARG C 20 -11.81 -57.54 27.34
C ARG C 20 -13.07 -57.06 28.08
N PRO C 21 -14.06 -56.54 27.34
CA PRO C 21 -15.27 -56.07 28.05
C PRO C 21 -15.96 -57.17 28.85
N PHE C 22 -16.75 -56.80 29.85
CA PHE C 22 -17.43 -57.80 30.67
C PHE C 22 -18.57 -57.15 31.43
N LYS C 23 -19.52 -57.98 31.85
CA LYS C 23 -20.61 -57.51 32.67
C LYS C 23 -20.19 -57.48 34.11
N GLY C 24 -20.22 -56.29 34.69
CA GLY C 24 -19.74 -56.15 36.05
C GLY C 24 -19.79 -54.74 36.59
N ASP C 25 -18.96 -54.52 37.59
CA ASP C 25 -19.05 -53.37 38.47
C ASP C 25 -17.73 -52.63 38.57
N VAL C 26 -17.85 -51.35 38.90
CA VAL C 26 -16.70 -50.49 39.19
C VAL C 26 -16.94 -49.69 40.45
N LEU C 27 -16.00 -49.79 41.38
CA LEU C 27 -16.05 -49.00 42.60
C LEU C 27 -15.06 -47.85 42.51
N VAL C 28 -15.53 -46.64 42.85
CA VAL C 28 -14.71 -45.42 42.80
C VAL C 28 -14.62 -44.81 44.19
N SER C 29 -13.41 -44.39 44.59
CA SER C 29 -13.21 -43.60 45.82
C SER C 29 -11.94 -42.76 45.76
N ASN C 30 -11.97 -41.62 46.45
CA ASN C 30 -10.88 -40.63 46.42
C ASN C 30 -10.40 -40.29 45.01
N GLY C 31 -11.36 -40.11 44.10
CA GLY C 31 -11.07 -39.73 42.71
C GLY C 31 -10.50 -40.84 41.83
N LYS C 32 -10.45 -42.05 42.37
CA LYS C 32 -9.78 -43.14 41.70
C LYS C 32 -10.64 -44.36 41.51
N VAL C 33 -10.29 -45.18 40.53
CA VAL C 33 -10.89 -46.50 40.38
C VAL C 33 -10.30 -47.37 41.47
N GLU C 34 -11.16 -47.82 42.39
CA GLU C 34 -10.68 -48.59 43.52
C GLU C 34 -10.74 -50.09 43.21
N LYS C 35 -11.88 -50.53 42.71
CA LYS C 35 -12.09 -51.92 42.29
C LYS C 35 -12.86 -51.99 41.00
N VAL C 36 -12.55 -53.01 40.22
CA VAL C 36 -13.31 -53.33 39.01
C VAL C 36 -13.37 -54.84 38.93
N GLY C 37 -14.57 -55.37 38.74
CA GLY C 37 -14.75 -56.82 38.60
C GLY C 37 -16.21 -57.21 38.54
N GLU C 38 -16.46 -58.51 38.63
CA GLU C 38 -17.76 -59.12 38.41
C GLU C 38 -18.82 -58.77 39.44
N ASN C 39 -18.44 -58.80 40.72
CA ASN C 39 -19.42 -58.58 41.79
C ASN C 39 -18.92 -57.79 42.99
N ILE C 40 -18.99 -56.47 42.91
CA ILE C 40 -18.52 -55.63 44.00
C ILE C 40 -19.67 -55.23 44.92
N GLU C 41 -19.42 -55.34 46.22
CA GLU C 41 -20.40 -54.91 47.22
C GLU C 41 -19.79 -53.94 48.23
N ASP C 42 -20.57 -52.91 48.55
CA ASP C 42 -20.17 -51.86 49.49
C ASP C 42 -21.45 -51.18 49.94
N PRO C 43 -21.90 -51.50 51.18
CA PRO C 43 -23.18 -50.96 51.65
C PRO C 43 -23.14 -49.46 51.93
N ASP C 44 -21.94 -48.88 52.04
CA ASP C 44 -21.78 -47.42 52.23
C ASP C 44 -21.74 -46.59 50.94
N ALA C 45 -21.28 -47.19 49.84
CA ALA C 45 -21.15 -46.46 48.58
C ALA C 45 -22.53 -46.09 48.02
N GLU C 46 -22.59 -44.97 47.29
CA GLU C 46 -23.80 -44.60 46.56
C GLU C 46 -23.88 -45.51 45.34
N ILE C 47 -25.00 -46.21 45.16
CA ILE C 47 -25.09 -47.13 44.03
C ILE C 47 -25.72 -46.47 42.80
N VAL C 48 -25.02 -46.60 41.68
CA VAL C 48 -25.50 -46.14 40.38
C VAL C 48 -25.71 -47.39 39.52
N ASP C 49 -26.97 -47.63 39.17
CA ASP C 49 -27.37 -48.83 38.45
C ASP C 49 -27.14 -48.60 36.97
N LEU C 50 -26.24 -49.36 36.38
CA LEU C 50 -25.93 -49.20 34.95
C LEU C 50 -26.49 -50.32 34.07
N THR C 51 -27.55 -50.97 34.54
CA THR C 51 -28.19 -52.03 33.75
C THR C 51 -28.50 -51.50 32.36
N GLY C 52 -28.07 -52.24 31.36
CA GLY C 52 -28.32 -51.88 29.98
C GLY C 52 -27.44 -50.76 29.45
N LYS C 53 -26.53 -50.25 30.28
CA LYS C 53 -25.57 -49.21 29.87
C LYS C 53 -24.13 -49.74 29.68
N PHE C 54 -23.28 -48.94 29.03
CA PHE C 54 -21.87 -49.28 28.77
C PHE C 54 -20.99 -48.30 29.52
N LEU C 55 -19.95 -48.81 30.18
CA LEU C 55 -19.02 -47.97 30.94
C LEU C 55 -17.61 -48.00 30.35
N PHE C 56 -17.15 -46.82 29.93
CA PHE C 56 -15.84 -46.62 29.29
C PHE C 56 -14.95 -45.67 30.08
N PRO C 57 -13.62 -45.75 29.88
CA PRO C 57 -12.80 -44.64 30.32
C PRO C 57 -13.11 -43.41 29.48
N GLY C 58 -12.75 -42.22 29.99
CA GLY C 58 -12.83 -41.01 29.18
C GLY C 58 -11.90 -41.11 27.98
N PHE C 59 -12.31 -40.57 26.84
CA PHE C 59 -11.41 -40.51 25.68
C PHE C 59 -10.42 -39.41 25.86
N VAL C 60 -9.28 -39.58 25.20
CA VAL C 60 -8.13 -38.72 25.40
C VAL C 60 -7.69 -38.27 24.01
N ASP C 61 -7.74 -36.96 23.77
CA ASP C 61 -7.29 -36.46 22.47
C ASP C 61 -5.92 -35.83 22.62
N ALA C 62 -4.91 -36.48 22.06
CA ALA C 62 -3.52 -36.05 22.24
C ALA C 62 -3.09 -34.79 21.49
N HIS C 63 -4.01 -34.10 20.79
CA HIS C 63 -3.65 -32.86 20.10
C HIS C 63 -4.91 -32.06 19.77
N SER C 64 -5.12 -30.96 20.47
CA SER C 64 -6.37 -30.21 20.32
C SER C 64 -6.17 -28.71 20.41
N HIS C 65 -7.04 -27.93 19.77
CA HIS C 65 -7.06 -26.47 20.00
C HIS C 65 -8.35 -26.01 20.63
N ILE C 66 -9.08 -26.95 21.25
CA ILE C 66 -10.31 -26.61 21.96
C ILE C 66 -10.00 -25.56 23.05
N GLY C 67 -10.92 -24.62 23.28
CA GLY C 67 -10.66 -23.52 24.22
C GLY C 67 -9.75 -22.40 23.71
N LEU C 68 -8.93 -22.69 22.70
CA LEU C 68 -8.09 -21.65 22.06
C LEU C 68 -8.84 -20.96 20.94
N PHE C 69 -9.61 -21.74 20.19
CA PHE C 69 -10.40 -21.23 19.09
C PHE C 69 -11.85 -21.32 19.56
N GLU C 70 -12.35 -20.25 20.16
CA GLU C 70 -13.67 -20.30 20.81
C GLU C 70 -14.77 -20.62 19.79
N GLU C 71 -15.71 -21.48 20.18
CA GLU C 71 -16.78 -21.85 19.27
C GLU C 71 -17.91 -20.81 19.23
N GLY C 72 -18.46 -20.61 18.04
CA GLY C 72 -19.66 -19.79 17.84
C GLY C 72 -19.39 -18.30 17.90
N VAL C 73 -18.21 -17.90 17.42
CA VAL C 73 -17.72 -16.57 17.67
C VAL C 73 -17.03 -15.88 16.46
N GLY C 74 -16.35 -16.66 15.62
CA GLY C 74 -15.60 -16.14 14.47
C GLY C 74 -14.08 -16.36 14.51
N TYR C 75 -13.50 -16.71 13.36
CA TYR C 75 -12.04 -16.99 13.20
C TYR C 75 -11.13 -15.91 13.83
N TYR C 76 -11.55 -14.66 13.72
CA TYR C 76 -10.74 -13.52 14.14
C TYR C 76 -10.37 -13.54 15.64
N TYR C 77 -11.21 -14.19 16.43
CA TYR C 77 -11.01 -14.27 17.87
C TYR C 77 -10.15 -15.44 18.33
N SER C 78 -9.61 -16.21 17.38
CA SER C 78 -8.81 -17.39 17.71
C SER C 78 -7.50 -17.03 18.39
N ASP C 79 -7.13 -17.81 19.40
CA ASP C 79 -5.89 -17.61 20.16
C ASP C 79 -4.85 -18.67 19.89
N GLY C 80 -5.06 -19.47 18.86
CA GLY C 80 -4.23 -20.66 18.63
C GLY C 80 -2.90 -20.51 17.92
N ASN C 81 -2.67 -19.38 17.25
CA ASN C 81 -1.44 -19.19 16.47
C ASN C 81 -0.87 -17.80 16.64
N GLU C 82 0.25 -17.66 17.34
CA GLU C 82 0.92 -16.37 17.41
C GLU C 82 1.75 -16.15 16.13
N ALA C 83 1.06 -15.90 15.03
CA ALA C 83 1.67 -15.91 13.70
C ALA C 83 2.35 -14.57 13.32
N THR C 84 3.21 -14.05 14.21
CA THR C 84 3.81 -12.72 14.06
C THR C 84 5.33 -12.82 14.23
N ASP C 85 5.81 -14.06 14.30
CA ASP C 85 7.20 -14.38 14.63
C ASP C 85 7.29 -15.91 14.48
N PRO C 86 8.20 -16.41 13.61
CA PRO C 86 8.29 -17.86 13.37
C PRO C 86 8.83 -18.67 14.53
N VAL C 87 9.36 -18.00 15.56
CA VAL C 87 9.94 -18.67 16.72
C VAL C 87 9.28 -18.14 17.99
N THR C 88 8.21 -18.81 18.43
CA THR C 88 7.54 -18.43 19.68
C THR C 88 7.43 -19.55 20.72
N PRO C 89 8.56 -20.18 21.09
CA PRO C 89 8.55 -21.28 22.07
C PRO C 89 8.03 -20.89 23.46
N HIS C 90 8.11 -19.59 23.78
CA HIS C 90 7.79 -19.12 25.11
C HIS C 90 6.30 -18.96 25.35
N VAL C 91 5.50 -18.84 24.29
CA VAL C 91 4.04 -18.65 24.50
C VAL C 91 3.39 -19.97 24.90
N LYS C 92 2.30 -19.92 25.68
CA LYS C 92 1.68 -21.16 26.17
C LYS C 92 0.22 -21.26 25.75
N ALA C 93 -0.17 -22.42 25.24
CA ALA C 93 -1.58 -22.70 24.93
C ALA C 93 -2.43 -22.41 26.15
N LEU C 94 -1.88 -22.70 27.33
CA LEU C 94 -2.56 -22.50 28.61
C LEU C 94 -3.06 -21.07 28.82
N ASP C 95 -2.27 -20.12 28.33
CA ASP C 95 -2.54 -18.70 28.44
C ASP C 95 -3.53 -18.21 27.39
N GLY C 96 -4.05 -19.10 26.55
CA GLY C 96 -5.08 -18.69 25.59
C GLY C 96 -6.31 -19.56 25.70
N PHE C 97 -6.33 -20.42 26.71
CA PHE C 97 -7.35 -21.45 26.87
C PHE C 97 -8.55 -20.94 27.68
N ASN C 98 -9.72 -20.93 27.04
CA ASN C 98 -10.97 -20.47 27.64
C ASN C 98 -11.84 -21.65 28.13
N PRO C 99 -11.84 -21.91 29.45
CA PRO C 99 -12.59 -23.05 29.99
C PRO C 99 -14.11 -22.95 29.85
N GLN C 100 -14.62 -21.78 29.45
CA GLN C 100 -16.06 -21.60 29.17
C GLN C 100 -16.41 -21.73 27.67
N ASP C 101 -15.42 -21.99 26.82
CA ASP C 101 -15.68 -22.32 25.41
C ASP C 101 -16.85 -23.32 25.35
N PRO C 102 -17.95 -22.97 24.64
CA PRO C 102 -19.07 -23.92 24.61
C PRO C 102 -18.75 -25.25 23.89
N ALA C 103 -17.63 -25.33 23.16
CA ALA C 103 -17.16 -26.63 22.61
C ALA C 103 -16.87 -27.68 23.69
N ILE C 104 -16.60 -27.22 24.91
CA ILE C 104 -16.12 -28.11 25.97
C ILE C 104 -17.27 -28.98 26.49
N GLU C 105 -18.42 -28.36 26.77
CA GLU C 105 -19.60 -29.11 27.16
C GLU C 105 -19.98 -30.12 26.08
N ARG C 106 -19.74 -29.75 24.81
CA ARG C 106 -19.99 -30.65 23.67
C ARG C 106 -18.97 -31.81 23.58
N ALA C 107 -17.71 -31.52 23.88
CA ALA C 107 -16.68 -32.54 23.99
C ALA C 107 -17.03 -33.57 25.09
N LEU C 108 -17.55 -33.09 26.23
CA LEU C 108 -18.01 -34.00 27.28
C LEU C 108 -19.15 -34.89 26.80
N ALA C 109 -20.09 -34.29 26.07
CA ALA C 109 -21.23 -35.04 25.50
C ALA C 109 -20.76 -36.04 24.44
N GLY C 110 -19.55 -35.87 23.94
CA GLY C 110 -18.91 -36.86 23.07
C GLY C 110 -17.96 -37.83 23.79
N GLY C 111 -17.90 -37.75 25.13
CA GLY C 111 -17.12 -38.70 25.95
C GLY C 111 -15.64 -38.41 26.11
N VAL C 112 -15.21 -37.20 25.76
CA VAL C 112 -13.81 -36.82 25.81
C VAL C 112 -13.58 -36.02 27.10
N THR C 113 -12.61 -36.44 27.90
CA THR C 113 -12.40 -35.87 29.22
C THR C 113 -11.03 -35.24 29.40
N SER C 114 -10.06 -35.64 28.59
CA SER C 114 -8.69 -35.12 28.69
C SER C 114 -8.16 -34.80 27.31
N VAL C 115 -7.43 -33.68 27.18
CA VAL C 115 -6.81 -33.33 25.90
C VAL C 115 -5.46 -32.66 26.10
N ILE C 117 -3.86 -29.47 24.88
CA ILE C 117 -4.10 -28.19 24.20
C ILE C 117 -2.74 -27.70 23.74
N VAL C 118 -2.69 -27.15 22.54
CA VAL C 118 -1.41 -26.87 21.90
C VAL C 118 -1.63 -25.76 20.87
N PRO C 119 -0.60 -24.92 20.61
CA PRO C 119 -0.66 -23.98 19.48
C PRO C 119 -0.81 -24.68 18.11
N GLY C 120 -1.20 -23.93 17.09
CA GLY C 120 -1.35 -24.49 15.74
C GLY C 120 -0.04 -24.72 15.00
N SER C 121 -0.11 -24.62 13.68
CA SER C 121 1.01 -24.98 12.84
C SER C 121 1.49 -23.82 11.98
N ALA C 122 1.11 -22.59 12.36
CA ALA C 122 1.60 -21.41 11.65
C ALA C 122 3.13 -21.29 11.75
N ASN C 123 3.68 -21.60 12.91
CA ASN C 123 5.06 -21.25 13.26
C ASN C 123 5.98 -22.45 13.29
N PRO C 124 7.17 -22.34 12.68
CA PRO C 124 8.20 -23.36 12.80
C PRO C 124 8.36 -23.82 14.27
N VAL C 125 8.44 -22.87 15.19
CA VAL C 125 8.41 -23.15 16.62
C VAL C 125 7.24 -22.39 17.20
N GLY C 126 6.22 -23.14 17.61
CA GLY C 126 4.91 -22.56 17.94
C GLY C 126 4.61 -22.16 19.37
N GLY C 127 5.19 -22.85 20.33
CA GLY C 127 4.87 -22.63 21.76
C GLY C 127 4.52 -23.92 22.49
N GLN C 128 4.13 -23.82 23.77
CA GLN C 128 3.93 -25.02 24.59
C GLN C 128 2.52 -25.55 24.71
N GLY C 129 2.43 -26.89 24.67
CA GLY C 129 1.22 -27.59 25.04
C GLY C 129 1.11 -27.92 26.52
N SER C 130 -0.11 -28.28 26.92
CA SER C 130 -0.42 -28.72 28.28
C SER C 130 -1.50 -29.77 28.19
N VAL C 131 -1.44 -30.78 29.05
CA VAL C 131 -2.54 -31.72 29.17
C VAL C 131 -3.47 -31.24 30.26
N ILE C 132 -4.76 -31.20 29.95
CA ILE C 132 -5.78 -30.73 30.86
C ILE C 132 -6.96 -31.69 30.86
N LYS C 133 -7.79 -31.61 31.89
CA LYS C 133 -9.09 -32.28 31.89
C LYS C 133 -10.15 -31.20 31.98
N PHE C 134 -11.34 -31.51 31.49
CA PHE C 134 -12.47 -30.57 31.52
C PHE C 134 -13.22 -30.62 32.86
N ARG C 135 -12.56 -30.19 33.93
CA ARG C 135 -13.08 -30.41 35.29
C ARG C 135 -13.49 -29.14 36.03
N SER C 136 -13.21 -27.97 35.47
CA SER C 136 -13.39 -26.70 36.17
C SER C 136 -13.36 -25.52 35.18
N ILE C 137 -13.85 -24.36 35.62
CA ILE C 137 -13.76 -23.14 34.82
C ILE C 137 -12.44 -22.41 35.10
N ILE C 138 -11.69 -22.86 36.09
CA ILE C 138 -10.37 -22.32 36.40
C ILE C 138 -9.31 -23.20 35.76
N VAL C 139 -8.57 -22.65 34.80
CA VAL C 139 -7.65 -23.48 34.02
C VAL C 139 -6.60 -24.14 34.89
N GLU C 140 -6.19 -23.45 35.97
CA GLU C 140 -5.18 -24.01 36.87
C GLU C 140 -5.68 -25.31 37.51
N GLU C 141 -6.97 -25.40 37.77
CA GLU C 141 -7.56 -26.64 38.29
C GLU C 141 -7.67 -27.75 37.24
N CYS C 142 -7.64 -27.37 35.96
CA CYS C 142 -7.72 -28.31 34.85
C CYS C 142 -6.38 -28.97 34.51
N ILE C 143 -5.28 -28.36 34.96
CA ILE C 143 -3.94 -28.82 34.58
C ILE C 143 -3.61 -30.24 35.07
N VAL C 144 -3.14 -31.07 34.15
CA VAL C 144 -2.64 -32.40 34.45
C VAL C 144 -1.13 -32.38 34.29
N LYS C 145 -0.68 -31.83 33.19
CA LYS C 145 0.75 -31.80 32.89
C LYS C 145 1.07 -30.55 32.10
N ASP C 146 1.93 -29.72 32.67
CA ASP C 146 2.29 -28.44 32.08
C ASP C 146 3.74 -28.04 32.42
N PRO C 147 4.55 -27.70 31.41
CA PRO C 147 4.27 -27.90 29.98
C PRO C 147 4.30 -29.38 29.64
N ALA C 148 3.70 -29.77 28.52
CA ALA C 148 3.67 -31.17 28.09
C ALA C 148 4.47 -31.40 26.80
N GLY C 149 4.79 -30.33 26.08
CA GLY C 149 5.47 -30.45 24.81
C GLY C 149 5.75 -29.11 24.15
N LEU C 150 6.70 -29.10 23.23
CA LEU C 150 6.98 -27.92 22.42
C LEU C 150 6.53 -28.21 20.99
N LYS C 151 5.53 -27.45 20.57
CA LYS C 151 4.94 -27.59 19.26
C LYS C 151 5.84 -26.98 18.19
N ALA C 153 6.43 -26.98 13.60
CA ALA C 153 5.70 -27.23 12.37
C ALA C 153 6.56 -27.21 11.10
N PHE C 154 6.24 -28.16 10.21
CA PHE C 154 6.91 -28.36 8.94
C PHE C 154 5.88 -28.31 7.81
N GLY C 155 6.37 -28.23 6.57
CA GLY C 155 5.50 -28.31 5.40
C GLY C 155 4.92 -26.97 4.93
N GLU C 156 3.76 -27.04 4.28
CA GLU C 156 3.17 -25.87 3.64
C GLU C 156 2.82 -24.72 4.58
N ASN C 157 2.33 -25.06 5.77
CA ASN C 157 1.74 -24.06 6.68
C ASN C 157 2.72 -22.98 7.12
N PRO C 158 3.87 -23.36 7.73
CA PRO C 158 4.76 -22.25 8.14
C PRO C 158 5.32 -21.45 6.97
N LYS C 159 5.68 -22.11 5.87
CA LYS C 159 6.24 -21.37 4.76
C LYS C 159 5.16 -20.45 4.10
N ARG C 160 3.89 -20.88 4.11
CA ARG C 160 2.81 -20.01 3.62
C ARG C 160 2.69 -18.77 4.50
N VAL C 161 2.60 -18.97 5.81
CA VAL C 161 2.39 -17.87 6.75
C VAL C 161 3.49 -16.83 6.64
N TYR C 162 4.74 -17.27 6.65
CA TYR C 162 5.86 -16.32 6.63
C TYR C 162 6.17 -15.84 5.21
N GLY C 163 5.98 -16.75 4.25
CA GLY C 163 5.99 -16.38 2.83
C GLY C 163 5.09 -15.19 2.52
N GLU C 164 3.84 -15.21 3.04
CA GLU C 164 2.90 -14.08 2.89
CA GLU C 164 2.92 -14.08 2.85
C GLU C 164 3.46 -12.79 3.50
N ARG C 165 4.20 -12.96 4.60
CA ARG C 165 4.80 -11.84 5.31
C ARG C 165 6.14 -11.40 4.68
N LYS C 166 6.56 -12.11 3.61
CA LYS C 166 7.81 -11.82 2.90
C LYS C 166 9.01 -11.96 3.84
N GLN C 167 8.92 -12.97 4.70
CA GLN C 167 9.82 -13.14 5.82
C GLN C 167 10.27 -14.60 5.87
N THR C 168 11.49 -14.85 6.35
CA THR C 168 11.96 -16.22 6.56
C THR C 168 11.06 -16.91 7.62
N PRO C 169 10.58 -18.16 7.35
CA PRO C 169 10.82 -19.00 6.16
C PRO C 169 9.73 -18.94 5.08
N SER C 170 10.17 -18.97 3.83
CA SER C 170 9.24 -19.06 2.72
C SER C 170 9.42 -20.38 1.94
N THR C 171 10.36 -21.22 2.39
CA THR C 171 10.56 -22.53 1.75
C THR C 171 10.75 -23.59 2.83
N ARG C 172 10.59 -24.86 2.46
CA ARG C 172 10.94 -25.97 3.36
C ARG C 172 12.40 -25.93 3.85
N GLY C 174 14.12 -23.20 4.40
CA GLY C 174 14.14 -22.12 5.38
C GLY C 174 13.52 -22.55 6.69
N THR C 175 12.45 -23.33 6.61
CA THR C 175 11.77 -23.83 7.81
C THR C 175 12.71 -24.69 8.65
N ALA C 176 13.35 -25.67 8.03
CA ALA C 176 14.33 -26.48 8.75
C ALA C 176 15.46 -25.59 9.32
N GLY C 177 15.90 -24.60 8.54
CA GLY C 177 16.91 -23.64 8.98
C GLY C 177 16.55 -22.87 10.23
N VAL C 178 15.29 -22.46 10.33
CA VAL C 178 14.80 -21.66 11.44
C VAL C 178 14.87 -22.49 12.71
N ILE C 179 14.45 -23.75 12.61
CA ILE C 179 14.42 -24.66 13.74
C ILE C 179 15.84 -25.05 14.18
N ARG C 180 16.69 -25.34 13.19
CA ARG C 180 18.06 -25.73 13.46
C ARG C 180 18.81 -24.56 14.10
N ASP C 181 18.51 -23.35 13.65
CA ASP C 181 19.12 -22.14 14.17
C ASP C 181 18.73 -21.98 15.62
N TYR C 182 17.44 -22.18 15.88
CA TYR C 182 16.87 -22.05 17.20
C TYR C 182 17.56 -23.02 18.15
N PHE C 183 17.70 -24.27 17.75
CA PHE C 183 18.35 -25.23 18.66
C PHE C 183 19.85 -25.03 18.82
N THR C 184 20.50 -24.52 17.77
CA THR C 184 21.90 -24.10 17.88
C THR C 184 22.04 -23.05 18.99
N LYS C 185 21.11 -22.09 19.01
CA LYS C 185 21.07 -21.07 20.04
C LYS C 185 20.84 -21.61 21.44
N VAL C 186 19.99 -22.63 21.52
CA VAL C 186 19.73 -23.27 22.81
C VAL C 186 20.98 -23.96 23.36
N LYS C 187 21.73 -24.64 22.49
CA LYS C 187 22.98 -25.27 22.90
C LYS C 187 23.98 -24.23 23.40
N ASN C 188 24.07 -23.11 22.67
CA ASN C 188 24.93 -21.97 23.07
C ASN C 188 24.55 -21.44 24.44
N TYR C 189 23.25 -21.27 24.66
CA TYR C 189 22.69 -20.84 25.94
C TYR C 189 23.12 -21.80 27.03
N LYS C 191 25.67 -23.86 26.92
CA LYS C 191 27.14 -23.74 27.05
C LYS C 191 27.55 -22.56 27.93
N LYS C 192 26.84 -21.44 27.79
CA LYS C 192 27.10 -20.25 28.59
C LYS C 192 26.80 -20.51 30.06
N LYS C 193 25.74 -21.26 30.33
CA LYS C 193 25.40 -21.59 31.73
C LYS C 193 26.48 -22.43 32.35
N GLU C 194 26.94 -23.44 31.61
CA GLU C 194 27.97 -24.33 32.10
C GLU C 194 29.31 -23.60 32.28
N LEU C 195 29.60 -22.67 31.38
CA LEU C 195 30.81 -21.86 31.48
C LEU C 195 30.74 -20.91 32.69
N ALA C 196 29.58 -20.28 32.91
CA ALA C 196 29.36 -19.46 34.11
C ALA C 196 29.61 -20.27 35.40
N GLN C 197 29.00 -21.44 35.49
CA GLN C 197 29.20 -22.33 36.66
C GLN C 197 30.67 -22.69 36.84
N LYS C 198 31.33 -23.12 35.77
CA LYS C 198 32.74 -23.48 35.82
C LYS C 198 33.59 -22.33 36.38
N GLU C 199 33.26 -21.11 35.96
CA GLU C 199 34.00 -19.91 36.32
C GLU C 199 33.59 -19.33 37.67
N GLY C 200 32.61 -19.98 38.32
CA GLY C 200 32.10 -19.53 39.62
C GLY C 200 31.33 -18.23 39.54
N LYS C 201 30.78 -17.92 38.35
CA LYS C 201 30.04 -16.66 38.11
C LYS C 201 28.52 -16.88 38.09
N GLU C 202 27.77 -15.88 38.53
CA GLU C 202 26.31 -15.96 38.47
C GLU C 202 25.81 -15.75 37.03
N PHE C 203 24.81 -16.53 36.62
CA PHE C 203 24.27 -16.43 35.27
C PHE C 203 23.16 -15.38 35.21
N THR C 204 23.32 -14.39 34.32
CA THR C 204 22.42 -13.25 34.26
C THR C 204 21.81 -13.02 32.86
N GLU C 205 21.71 -14.07 32.06
CA GLU C 205 21.18 -13.94 30.70
C GLU C 205 20.01 -14.86 30.50
N THR C 206 19.26 -15.12 31.56
CA THR C 206 18.08 -15.97 31.46
C THR C 206 17.18 -15.45 30.35
N ASP C 207 16.67 -16.38 29.55
CA ASP C 207 15.84 -16.04 28.40
C ASP C 207 14.77 -17.09 28.34
N LEU C 208 13.53 -16.61 28.39
CA LEU C 208 12.35 -17.45 28.40
C LEU C 208 12.32 -18.41 27.22
N LYS C 209 12.65 -17.88 26.03
CA LYS C 209 12.60 -18.68 24.79
C LYS C 209 13.62 -19.81 24.84
N GLU C 211 14.96 -21.15 27.66
CA GLU C 211 14.64 -22.09 28.74
C GLU C 211 13.79 -23.26 28.26
N VAL C 212 12.76 -22.99 27.47
CA VAL C 212 11.88 -24.05 26.94
C VAL C 212 12.70 -24.95 26.02
N GLY C 213 13.55 -24.35 25.19
CA GLY C 213 14.44 -25.15 24.33
C GLY C 213 15.29 -26.12 25.14
N GLU C 214 15.82 -25.63 26.25
CA GLU C 214 16.64 -26.47 27.12
C GLU C 214 15.87 -27.67 27.69
N VAL C 216 13.51 -29.24 26.25
CA VAL C 216 13.52 -30.16 25.13
C VAL C 216 14.86 -30.90 24.97
N LEU C 217 15.96 -30.16 24.93
CA LEU C 217 17.27 -30.77 24.80
C LEU C 217 17.63 -31.70 25.95
N ARG C 218 17.07 -31.43 27.14
CA ARG C 218 17.26 -32.29 28.30
C ARG C 218 16.23 -33.43 28.39
N LYS C 219 15.38 -33.54 27.37
CA LYS C 219 14.35 -34.59 27.33
C LYS C 219 13.35 -34.53 28.49
N LYS C 220 13.13 -33.33 29.02
CA LYS C 220 12.08 -33.14 30.00
C LYS C 220 10.70 -33.20 29.36
N ILE C 221 10.60 -32.68 28.14
CA ILE C 221 9.35 -32.69 27.35
C ILE C 221 9.69 -33.02 25.90
N PRO C 222 8.75 -33.66 25.17
CA PRO C 222 9.01 -33.95 23.77
C PRO C 222 8.75 -32.77 22.82
N ALA C 223 9.37 -32.83 21.64
CA ALA C 223 8.91 -32.01 20.52
C ALA C 223 7.63 -32.64 19.94
N ARG C 224 6.63 -31.80 19.72
CA ARG C 224 5.38 -32.22 19.10
C ARG C 224 5.39 -31.60 17.71
N HIS C 226 4.48 -31.08 13.79
CA HIS C 226 3.46 -31.14 12.73
C HIS C 226 4.12 -31.41 11.38
N ALA C 227 3.75 -32.52 10.74
CA ALA C 227 4.32 -32.86 9.44
C ALA C 227 3.38 -33.79 8.66
N HIS C 228 3.18 -33.48 7.38
CA HIS C 228 2.24 -34.22 6.59
C HIS C 228 2.94 -35.11 5.56
N ARG C 229 3.67 -34.47 4.66
CA ARG C 229 4.37 -35.15 3.57
C ARG C 229 5.54 -35.96 4.10
N ALA C 230 5.79 -37.13 3.50
CA ALA C 230 6.78 -38.05 4.05
C ALA C 230 8.18 -37.41 4.27
N ASP C 231 8.63 -36.56 3.33
CA ASP C 231 9.93 -35.89 3.47
C ASP C 231 9.97 -34.92 4.67
N ASP C 232 8.83 -34.26 4.92
CA ASP C 232 8.68 -33.43 6.09
C ASP C 232 8.77 -34.24 7.38
N ILE C 233 8.20 -35.44 7.37
CA ILE C 233 8.26 -36.29 8.55
C ILE C 233 9.72 -36.67 8.83
N LEU C 234 10.47 -37.00 7.78
CA LEU C 234 11.86 -37.42 7.91
C LEU C 234 12.80 -36.26 8.29
N THR C 235 12.57 -35.06 7.75
CA THR C 235 13.28 -33.86 8.21
C THR C 235 13.10 -33.63 9.73
N ALA C 236 11.86 -33.73 10.20
CA ALA C 236 11.56 -33.62 11.63
C ALA C 236 12.43 -34.59 12.44
N ILE C 237 12.49 -35.83 11.98
CA ILE C 237 13.27 -36.87 12.66
C ILE C 237 14.76 -36.60 12.59
N ARG C 238 15.25 -36.11 11.44
CA ARG C 238 16.68 -35.78 11.30
C ARG C 238 17.10 -34.67 12.27
N ILE C 239 16.27 -33.64 12.40
CA ILE C 239 16.55 -32.57 13.35
C ILE C 239 16.54 -33.09 14.79
N ALA C 240 15.54 -33.90 15.13
CA ALA C 240 15.44 -34.44 16.50
C ALA C 240 16.68 -35.24 16.85
N GLU C 241 17.12 -36.07 15.91
CA GLU C 241 18.32 -36.86 16.06
C GLU C 241 19.59 -36.00 16.09
N GLU C 242 19.64 -34.96 15.27
CA GLU C 242 20.78 -34.06 15.25
C GLU C 242 21.02 -33.44 16.62
N PHE C 243 19.94 -33.04 17.30
CA PHE C 243 20.06 -32.36 18.59
C PHE C 243 19.76 -33.24 19.79
N GLY C 244 19.36 -34.48 19.55
CA GLY C 244 19.12 -35.46 20.62
C GLY C 244 17.92 -35.09 21.47
N PHE C 245 16.79 -34.80 20.85
CA PHE C 245 15.56 -34.68 21.60
C PHE C 245 14.48 -35.71 21.27
N ASN C 246 13.52 -35.90 22.19
CA ASN C 246 12.38 -36.76 21.96
C ASN C 246 11.36 -36.10 21.04
N LEU C 247 10.69 -36.88 20.20
CA LEU C 247 9.66 -36.31 19.35
C LEU C 247 8.42 -37.18 19.22
N VAL C 248 7.32 -36.51 18.89
CA VAL C 248 6.07 -37.16 18.46
C VAL C 248 5.78 -36.50 17.11
N ILE C 249 5.25 -37.27 16.16
CA ILE C 249 4.80 -36.67 14.89
C ILE C 249 3.31 -36.35 14.94
N GLU C 250 2.95 -35.09 14.69
CA GLU C 250 1.56 -34.70 14.56
C GLU C 250 1.09 -34.85 13.12
N HIS C 251 -0.06 -35.52 12.99
CA HIS C 251 -0.77 -35.83 11.73
C HIS C 251 -0.13 -37.00 10.99
N GLY C 252 1.13 -36.83 10.60
CA GLY C 252 1.87 -37.87 9.88
C GLY C 252 1.01 -38.45 8.77
N THR C 253 0.44 -37.58 7.94
CA THR C 253 -0.45 -37.97 6.83
C THR C 253 0.20 -39.02 5.95
N GLU C 254 1.47 -38.83 5.61
CA GLU C 254 2.16 -39.83 4.79
C GLU C 254 3.07 -40.77 5.59
N ALA C 255 2.75 -40.96 6.87
CA ALA C 255 3.52 -41.88 7.72
C ALA C 255 3.52 -43.33 7.21
N TYR C 256 2.42 -43.73 6.56
CA TYR C 256 2.28 -45.12 6.08
C TYR C 256 3.31 -45.46 5.01
N LYS C 257 3.73 -44.44 4.25
CA LYS C 257 4.78 -44.61 3.23
C LYS C 257 6.13 -44.94 3.85
N ILE C 258 6.30 -44.70 5.15
CA ILE C 258 7.61 -44.83 5.80
C ILE C 258 7.50 -45.49 7.16
N SER C 259 6.45 -46.29 7.31
CA SER C 259 6.04 -46.87 8.59
C SER C 259 7.07 -47.78 9.23
N LYS C 260 7.91 -48.41 8.40
CA LYS C 260 8.94 -49.31 8.92
C LYS C 260 10.03 -48.54 9.67
N VAL C 261 10.43 -47.41 9.13
CA VAL C 261 11.35 -46.50 9.82
C VAL C 261 10.78 -45.98 11.17
N LEU C 262 9.52 -45.54 11.16
CA LEU C 262 8.89 -45.00 12.37
C LEU C 262 8.77 -46.10 13.45
N ALA C 263 8.41 -47.32 13.05
CA ALA C 263 8.27 -48.43 13.99
C ALA C 263 9.63 -48.82 14.59
N GLU C 264 10.66 -48.86 13.76
CA GLU C 264 12.01 -49.21 14.23
C GLU C 264 12.56 -48.22 15.24
N LYS C 265 12.37 -46.94 14.96
CA LYS C 265 12.87 -45.88 15.83
C LYS C 265 11.90 -45.59 16.98
N LYS C 266 10.80 -46.34 17.01
CA LYS C 266 9.70 -46.14 17.96
C LYS C 266 9.24 -44.70 18.01
N ILE C 267 8.98 -44.12 16.85
CA ILE C 267 8.40 -42.78 16.80
C ILE C 267 6.88 -42.92 16.84
N PRO C 268 6.22 -42.32 17.86
CA PRO C 268 4.77 -42.31 17.88
C PRO C 268 4.18 -41.25 16.95
N VAL C 269 2.98 -41.53 16.46
CA VAL C 269 2.28 -40.67 15.54
C VAL C 269 0.87 -40.44 16.05
N VAL C 270 0.50 -39.17 16.17
CA VAL C 270 -0.88 -38.83 16.43
C VAL C 270 -1.56 -38.53 15.10
N VAL C 271 -2.26 -39.54 14.57
CA VAL C 271 -2.90 -39.41 13.27
C VAL C 271 -4.20 -38.60 13.37
N GLY C 272 -4.65 -38.10 12.23
CA GLY C 272 -5.85 -37.28 12.22
C GLY C 272 -5.40 -35.85 11.98
N PRO C 273 -6.34 -34.97 11.59
CA PRO C 273 -7.73 -35.28 11.30
C PRO C 273 -7.83 -36.14 10.02
N LEU C 274 -8.74 -37.11 10.04
CA LEU C 274 -8.95 -38.00 8.89
C LEU C 274 -10.34 -37.86 8.27
N LEU C 275 -11.36 -37.67 9.10
CA LEU C 275 -12.73 -37.45 8.62
C LEU C 275 -12.85 -36.00 8.15
N THR C 276 -12.16 -35.69 7.05
CA THR C 276 -11.92 -34.31 6.65
C THR C 276 -11.49 -34.20 5.19
N PHE C 277 -11.72 -33.04 4.59
CA PHE C 277 -11.39 -32.76 3.21
C PHE C 277 -9.89 -32.54 3.05
N ARG C 278 -9.32 -33.01 1.95
CA ARG C 278 -7.90 -32.80 1.69
C ARG C 278 -7.72 -31.41 1.07
N THR C 279 -7.64 -30.42 1.94
CA THR C 279 -7.60 -28.99 1.58
C THR C 279 -6.32 -28.57 0.91
N LYS C 280 -5.26 -29.35 1.10
CA LYS C 280 -3.95 -28.97 0.62
C LYS C 280 -3.30 -30.07 -0.20
N LEU C 281 -2.34 -29.63 -1.02
CA LEU C 281 -1.49 -30.52 -1.78
C LEU C 281 -0.79 -31.57 -0.90
N GLU C 282 -0.28 -31.12 0.26
CA GLU C 282 0.40 -32.05 1.17
C GLU C 282 -0.55 -33.10 1.81
N LEU C 283 -1.86 -32.92 1.61
CA LEU C 283 -2.87 -33.84 2.12
C LEU C 283 -3.47 -34.74 1.05
N LYS C 284 -2.97 -34.62 -0.19
CA LYS C 284 -3.55 -35.39 -1.30
C LYS C 284 -3.67 -36.90 -1.02
N ASP C 285 -2.68 -37.48 -0.35
CA ASP C 285 -2.65 -38.92 -0.08
C ASP C 285 -3.21 -39.34 1.27
N LEU C 286 -3.83 -38.39 1.98
CA LEU C 286 -4.52 -38.70 3.23
C LEU C 286 -5.45 -39.89 3.02
N THR C 287 -5.45 -40.82 3.97
CA THR C 287 -6.38 -41.94 3.88
C THR C 287 -6.65 -42.52 5.24
N GLU C 289 -7.25 -45.47 5.80
CA GLU C 289 -6.49 -46.72 5.84
C GLU C 289 -5.18 -46.59 6.61
N THR C 290 -4.75 -45.35 6.90
CA THR C 290 -3.49 -45.14 7.60
C THR C 290 -3.51 -45.78 9.01
N ILE C 291 -4.69 -45.85 9.61
CA ILE C 291 -4.83 -46.51 10.90
C ILE C 291 -4.43 -47.98 10.82
N ALA C 292 -5.12 -48.77 9.99
CA ALA C 292 -4.80 -50.18 9.83
C ALA C 292 -3.34 -50.37 9.42
N LYS C 293 -2.83 -49.51 8.54
CA LYS C 293 -1.46 -49.64 8.01
C LYS C 293 -0.39 -49.46 9.09
N LEU C 294 -0.52 -48.38 9.86
CA LEU C 294 0.45 -48.08 10.90
C LEU C 294 0.44 -49.15 11.99
N LEU C 295 -0.75 -49.56 12.42
CA LEU C 295 -0.91 -50.60 13.46
C LEU C 295 -0.34 -51.92 12.98
N LYS C 296 -0.50 -52.22 11.68
CA LYS C 296 0.08 -53.44 11.13
C LYS C 296 1.60 -53.42 11.22
N ASP C 297 2.21 -52.26 10.98
CA ASP C 297 3.67 -52.19 11.03
C ASP C 297 4.21 -51.88 12.44
N GLY C 298 3.31 -51.88 13.42
CA GLY C 298 3.70 -51.74 14.82
C GLY C 298 4.17 -50.34 15.19
N VAL C 299 3.54 -49.31 14.63
CA VAL C 299 3.76 -47.93 15.05
C VAL C 299 2.76 -47.65 16.18
N LEU C 300 3.21 -47.00 17.25
CA LEU C 300 2.34 -46.46 18.28
C LEU C 300 1.62 -45.19 17.79
N ILE C 301 0.30 -45.27 17.68
CA ILE C 301 -0.51 -44.17 17.16
C ILE C 301 -1.63 -43.80 18.13
N ALA C 302 -2.03 -42.53 18.08
CA ALA C 302 -3.27 -42.08 18.69
C ALA C 302 -4.04 -41.32 17.63
N LEU C 303 -5.34 -41.12 17.85
CA LEU C 303 -6.20 -40.43 16.89
C LEU C 303 -6.68 -39.08 17.42
N CYS C 305 -8.91 -35.36 16.64
CA CYS C 305 -9.84 -34.57 15.82
C CYS C 305 -9.19 -33.32 15.25
N ASP C 306 -8.04 -32.93 15.78
CA ASP C 306 -7.45 -31.61 15.52
C ASP C 306 -8.50 -30.51 15.71
N HIS C 307 -9.36 -30.67 16.71
CA HIS C 307 -10.42 -29.69 16.99
C HIS C 307 -9.82 -28.27 16.93
N PRO C 308 -10.44 -27.35 16.18
CA PRO C 308 -11.79 -27.49 15.60
C PRO C 308 -11.93 -28.05 14.16
N VAL C 309 -10.87 -28.54 13.54
CA VAL C 309 -11.02 -29.10 12.16
C VAL C 309 -12.19 -30.09 12.15
N ILE C 310 -12.19 -31.01 13.12
CA ILE C 310 -13.34 -31.85 13.43
C ILE C 310 -13.71 -31.55 14.89
N PRO C 311 -15.00 -31.30 15.17
CA PRO C 311 -15.37 -31.08 16.56
C PRO C 311 -15.10 -32.29 17.46
N LEU C 312 -14.52 -32.00 18.62
CA LEU C 312 -14.20 -33.01 19.62
C LEU C 312 -15.42 -33.83 19.99
N GLU C 313 -16.61 -33.20 19.94
CA GLU C 313 -17.84 -33.92 20.25
CA GLU C 313 -17.87 -33.92 20.23
C GLU C 313 -18.01 -35.17 19.36
N PHE C 314 -17.39 -35.13 18.18
CA PHE C 314 -17.55 -36.21 17.19
C PHE C 314 -16.31 -37.10 17.10
N ALA C 315 -15.54 -37.16 18.18
CA ALA C 315 -14.37 -38.08 18.19
C ALA C 315 -14.75 -39.53 17.90
N THR C 316 -15.85 -40.00 18.47
CA THR C 316 -16.31 -41.38 18.24
C THR C 316 -16.81 -41.59 16.83
N VAL C 317 -17.29 -40.51 16.20
CA VAL C 317 -17.79 -40.58 14.83
C VAL C 317 -16.64 -40.83 13.87
N GLN C 318 -15.58 -40.03 14.03
CA GLN C 318 -14.40 -40.18 13.19
C GLN C 318 -13.84 -41.58 13.36
N ALA C 319 -13.74 -42.04 14.61
CA ALA C 319 -13.15 -43.35 14.90
C ALA C 319 -13.98 -44.48 14.32
N ALA C 320 -15.29 -44.45 14.54
CA ALA C 320 -16.20 -45.49 14.05
C ALA C 320 -16.10 -45.64 12.53
N THR C 321 -15.99 -44.49 11.86
CA THR C 321 -15.94 -44.41 10.42
C THR C 321 -14.73 -45.13 9.82
N ALA C 322 -13.63 -45.19 10.57
CA ALA C 322 -12.44 -45.94 10.13
C ALA C 322 -12.71 -47.44 9.98
N ARG C 324 -14.86 -48.52 8.10
CA ARG C 324 -15.08 -48.64 6.65
C ARG C 324 -13.78 -48.82 5.89
N TYR C 325 -12.64 -48.66 6.56
CA TYR C 325 -11.35 -48.65 5.88
C TYR C 325 -10.36 -49.58 6.57
N GLY C 326 -10.89 -50.67 7.09
CA GLY C 326 -10.08 -51.78 7.58
C GLY C 326 -9.64 -51.75 9.03
N ALA C 327 -10.03 -50.74 9.80
CA ALA C 327 -9.63 -50.68 11.20
C ALA C 327 -10.62 -51.45 12.07
N LYS C 328 -10.12 -52.17 13.07
CA LYS C 328 -10.96 -52.97 13.98
C LYS C 328 -11.36 -52.16 15.21
N GLU C 329 -12.55 -52.43 15.73
CA GLU C 329 -13.11 -51.76 16.91
C GLU C 329 -12.16 -51.72 18.12
N GLU C 330 -11.55 -52.86 18.45
CA GLU C 330 -10.65 -52.96 19.61
C GLU C 330 -9.54 -51.93 19.53
N ASP C 331 -8.91 -51.88 18.37
CA ASP C 331 -7.80 -50.97 18.11
C ASP C 331 -8.23 -49.51 18.11
N LEU C 332 -9.41 -49.25 17.54
CA LEU C 332 -9.98 -47.90 17.50
C LEU C 332 -10.19 -47.33 18.90
N LEU C 333 -10.68 -48.17 19.81
CA LEU C 333 -10.79 -47.79 21.22
C LEU C 333 -9.41 -47.49 21.86
N LYS C 334 -8.40 -48.31 21.58
CA LYS C 334 -7.06 -48.09 22.15
C LYS C 334 -6.47 -46.75 21.71
N ILE C 335 -6.65 -46.39 20.44
CA ILE C 335 -6.07 -45.14 19.90
C ILE C 335 -6.78 -43.85 20.40
N LEU C 336 -7.83 -44.03 21.21
CA LEU C 336 -8.56 -42.93 21.86
C LEU C 336 -8.39 -42.96 23.36
N THR C 337 -7.65 -43.94 23.87
CA THR C 337 -7.57 -44.15 25.31
C THR C 337 -6.13 -44.40 25.75
N VAL C 338 -5.70 -45.67 25.74
CA VAL C 338 -4.41 -46.08 26.32
C VAL C 338 -3.21 -45.56 25.51
N ASN C 339 -3.33 -45.54 24.18
CA ASN C 339 -2.26 -45.04 23.30
C ASN C 339 -1.98 -43.53 23.48
N PRO C 340 -3.02 -42.68 23.34
CA PRO C 340 -2.76 -41.26 23.66
C PRO C 340 -2.27 -41.05 25.10
N ALA C 341 -2.81 -41.80 26.07
CA ALA C 341 -2.33 -41.69 27.45
C ALA C 341 -0.83 -41.95 27.51
N LYS C 342 -0.39 -43.05 26.86
CA LYS C 342 1.02 -43.39 26.77
C LYS C 342 1.86 -42.32 26.09
N ILE C 343 1.39 -41.83 24.94
CA ILE C 343 2.14 -40.82 24.19
C ILE C 343 2.29 -39.54 25.02
N LEU C 344 1.30 -39.26 25.86
CA LEU C 344 1.36 -38.07 26.69
C LEU C 344 2.12 -38.27 28.00
N GLY C 345 2.66 -39.48 28.21
CA GLY C 345 3.35 -39.84 29.46
C GLY C 345 2.42 -40.00 30.67
N LEU C 346 1.15 -40.36 30.42
CA LEU C 346 0.14 -40.39 31.46
C LEU C 346 -0.55 -41.75 31.56
N GLU C 347 0.10 -42.79 31.07
CA GLU C 347 -0.51 -44.13 31.02
C GLU C 347 -0.85 -44.69 32.39
N ASP C 348 -0.18 -44.24 33.44
CA ASP C 348 -0.62 -44.71 34.76
C ASP C 348 -1.72 -43.90 35.42
N ARG C 349 -2.21 -42.87 34.75
CA ARG C 349 -3.31 -42.09 35.32
C ARG C 349 -4.61 -42.22 34.56
N ILE C 350 -4.54 -42.30 33.24
CA ILE C 350 -5.74 -42.20 32.40
C ILE C 350 -5.74 -43.24 31.31
N GLY C 351 -6.87 -43.37 30.61
CA GLY C 351 -6.96 -44.21 29.43
C GLY C 351 -7.50 -45.62 29.61
N SER C 352 -7.70 -46.04 30.86
CA SER C 352 -8.19 -47.38 31.16
C SER C 352 -8.88 -47.48 32.52
N ILE C 353 -9.66 -48.54 32.71
CA ILE C 353 -10.38 -48.78 33.96
C ILE C 353 -9.64 -49.85 34.77
N GLU C 354 -8.70 -49.39 35.59
CA GLU C 354 -7.82 -50.25 36.39
C GLU C 354 -7.67 -49.63 37.77
N PRO C 355 -7.53 -50.47 38.82
CA PRO C 355 -7.39 -49.97 40.18
C PRO C 355 -6.22 -49.00 40.27
N GLY C 356 -6.42 -47.88 40.95
CA GLY C 356 -5.35 -46.89 41.07
C GLY C 356 -5.39 -45.78 40.04
N LYS C 357 -6.02 -46.01 38.89
CA LYS C 357 -6.09 -44.99 37.84
C LYS C 357 -7.16 -43.93 38.17
N ASP C 358 -7.04 -42.75 37.58
CA ASP C 358 -8.05 -41.70 37.76
C ASP C 358 -9.44 -42.19 37.32
N ALA C 359 -10.44 -41.85 38.12
CA ALA C 359 -11.82 -42.24 37.84
C ALA C 359 -12.48 -41.31 36.80
N ASP C 360 -11.97 -41.38 35.57
CA ASP C 360 -12.50 -40.64 34.46
C ASP C 360 -13.35 -41.65 33.69
N LEU C 361 -14.68 -41.52 33.80
CA LEU C 361 -15.59 -42.56 33.38
C LEU C 361 -16.77 -41.95 32.69
N VAL C 362 -17.20 -42.63 31.62
CA VAL C 362 -18.28 -42.16 30.77
C VAL C 362 -19.34 -43.26 30.67
N VAL C 363 -20.57 -42.91 31.05
CA VAL C 363 -21.72 -43.80 30.89
C VAL C 363 -22.33 -43.59 29.52
N TRP C 364 -22.24 -44.59 28.65
CA TRP C 364 -22.84 -44.56 27.31
C TRP C 364 -24.08 -45.45 27.24
N SER C 365 -25.04 -45.09 26.38
CA SER C 365 -26.28 -45.86 26.27
C SER C 365 -26.11 -47.17 25.51
N GLY C 366 -25.03 -47.27 24.74
CA GLY C 366 -24.63 -48.47 24.04
C GLY C 366 -23.23 -48.21 23.55
N HIS C 367 -22.75 -48.99 22.59
CA HIS C 367 -21.37 -48.87 22.12
C HIS C 367 -21.11 -47.51 21.47
N PRO C 368 -20.00 -46.86 21.84
CA PRO C 368 -19.66 -45.52 21.30
C PRO C 368 -19.51 -45.47 19.77
N PHE C 369 -19.26 -46.62 19.15
CA PHE C 369 -19.15 -46.64 17.70
C PHE C 369 -20.46 -46.94 16.97
N ASP C 370 -21.54 -47.12 17.73
CA ASP C 370 -22.90 -47.28 17.22
C ASP C 370 -23.52 -45.89 17.22
N LYS C 372 -26.28 -44.72 17.11
CA LYS C 372 -27.43 -44.55 17.99
C LYS C 372 -27.07 -44.28 19.46
N SER C 373 -25.83 -44.59 19.87
CA SER C 373 -25.41 -44.46 21.27
C SER C 373 -25.20 -43.02 21.73
N VAL C 374 -25.56 -42.74 22.98
CA VAL C 374 -25.33 -41.41 23.56
C VAL C 374 -24.64 -41.48 24.92
N VAL C 375 -23.97 -40.38 25.28
CA VAL C 375 -23.35 -40.22 26.60
C VAL C 375 -24.42 -39.79 27.58
N GLU C 376 -24.55 -40.53 28.67
CA GLU C 376 -25.55 -40.23 29.68
C GLU C 376 -24.95 -39.49 30.85
N ARG C 377 -23.70 -39.83 31.20
CA ARG C 377 -22.98 -39.19 32.30
C ARG C 377 -21.48 -39.21 32.04
N VAL C 378 -20.78 -38.22 32.57
CA VAL C 378 -19.33 -38.23 32.59
C VAL C 378 -18.82 -37.86 33.99
N TYR C 379 -17.83 -38.61 34.45
CA TYR C 379 -17.15 -38.36 35.70
C TYR C 379 -15.70 -38.09 35.35
N ILE C 380 -15.15 -37.06 35.96
CA ILE C 380 -13.71 -36.83 35.90
C ILE C 380 -13.21 -36.84 37.35
N ASP C 381 -12.18 -37.63 37.62
CA ASP C 381 -11.64 -37.79 38.97
C ASP C 381 -12.75 -38.16 39.96
N GLY C 382 -13.70 -38.97 39.52
CA GLY C 382 -14.79 -39.39 40.39
C GLY C 382 -15.91 -38.37 40.63
N VAL C 383 -15.85 -37.21 39.98
CA VAL C 383 -16.88 -36.17 40.17
C VAL C 383 -17.73 -36.08 38.91
N GLU C 384 -19.05 -36.08 39.05
CA GLU C 384 -19.93 -35.95 37.88
C GLU C 384 -19.76 -34.56 37.27
N VAL C 385 -19.39 -34.50 35.99
CA VAL C 385 -19.22 -33.22 35.29
C VAL C 385 -20.22 -33.02 34.16
N PHE C 386 -20.98 -34.06 33.85
CA PHE C 386 -21.95 -33.99 32.76
C PHE C 386 -23.03 -35.05 32.99
N ARG C 387 -24.28 -34.66 32.73
CA ARG C 387 -25.42 -35.55 32.72
C ARG C 387 -26.35 -35.18 31.56
N ARG C 388 -26.76 -36.17 30.79
CA ARG C 388 -27.69 -35.92 29.68
C ARG C 388 -29.03 -35.42 30.24
N GLU C 389 -29.54 -34.38 29.59
CA GLU C 389 -30.75 -33.63 29.99
C GLU C 389 -32.04 -34.46 30.11
N LYS D 6 -29.87 -55.21 -19.94
CA LYS D 6 -30.91 -55.67 -18.95
C LYS D 6 -30.28 -56.34 -17.73
N ILE D 7 -30.57 -55.81 -16.53
CA ILE D 7 -29.98 -56.33 -15.28
C ILE D 7 -31.04 -56.67 -14.22
N LEU D 8 -30.96 -57.89 -13.69
CA LEU D 8 -31.81 -58.35 -12.61
C LEU D 8 -30.98 -58.59 -11.35
N PHE D 9 -31.16 -57.71 -10.36
CA PHE D 9 -30.51 -57.84 -9.06
C PHE D 9 -31.34 -58.74 -8.17
N LYS D 10 -30.74 -59.80 -7.65
CA LYS D 10 -31.54 -60.80 -6.92
C LYS D 10 -31.21 -60.89 -5.43
N ASN D 11 -32.28 -60.92 -4.63
CA ASN D 11 -32.23 -61.32 -3.22
C ASN D 11 -31.43 -60.37 -2.30
N ALA D 12 -31.53 -59.08 -2.59
CA ALA D 12 -30.98 -58.06 -1.72
C ALA D 12 -32.01 -57.68 -0.68
N THR D 13 -31.56 -57.02 0.39
CA THR D 13 -32.47 -56.24 1.19
C THR D 13 -32.60 -54.90 0.45
N VAL D 14 -33.74 -54.72 -0.21
CA VAL D 14 -34.00 -53.54 -1.02
C VAL D 14 -34.65 -52.45 -0.15
N PHE D 15 -34.13 -51.23 -0.26
CA PHE D 15 -34.69 -50.05 0.41
C PHE D 15 -35.24 -49.09 -0.65
N PRO D 16 -36.52 -49.24 -0.99
CA PRO D 16 -37.11 -48.39 -2.03
C PRO D 16 -37.31 -46.95 -1.57
N ILE D 17 -37.29 -46.75 -0.25
CA ILE D 17 -37.54 -45.45 0.38
C ILE D 17 -39.00 -45.06 0.40
N THR D 18 -39.69 -45.22 -0.73
CA THR D 18 -41.10 -44.85 -0.82
C THR D 18 -42.02 -45.93 -0.23
N SER D 19 -41.43 -47.10 0.08
CA SER D 19 -42.12 -48.12 0.87
C SER D 19 -41.09 -48.79 1.76
N ARG D 20 -41.54 -49.65 2.68
CA ARG D 20 -40.65 -50.20 3.67
C ARG D 20 -39.66 -51.17 2.99
N PRO D 21 -38.50 -51.39 3.62
CA PRO D 21 -37.56 -52.34 3.01
C PRO D 21 -38.11 -53.78 3.01
N PHE D 22 -37.58 -54.59 2.10
CA PHE D 22 -38.00 -55.98 1.96
C PHE D 22 -36.87 -56.76 1.28
N LYS D 23 -36.88 -58.08 1.45
CA LYS D 23 -35.93 -58.89 0.75
C LYS D 23 -36.53 -59.25 -0.61
N GLY D 24 -35.84 -58.91 -1.70
CA GLY D 24 -36.41 -59.07 -3.02
C GLY D 24 -35.53 -58.65 -4.17
N ASP D 25 -36.16 -58.41 -5.31
CA ASP D 25 -35.48 -58.24 -6.59
C ASP D 25 -35.78 -56.89 -7.23
N VAL D 26 -34.84 -56.42 -8.06
CA VAL D 26 -35.05 -55.23 -8.87
C VAL D 26 -34.60 -55.50 -10.30
N LEU D 27 -35.49 -55.24 -11.24
CA LEU D 27 -35.17 -55.40 -12.66
C LEU D 27 -34.92 -54.04 -13.29
N VAL D 28 -33.75 -53.90 -13.94
CA VAL D 28 -33.32 -52.69 -14.64
C VAL D 28 -33.30 -52.91 -16.17
N SER D 29 -33.80 -51.94 -16.93
CA SER D 29 -33.70 -51.95 -18.40
C SER D 29 -33.84 -50.56 -18.94
N ASN D 30 -33.11 -50.28 -20.04
CA ASN D 30 -33.10 -48.97 -20.69
C ASN D 30 -32.87 -47.85 -19.68
N GLY D 31 -31.93 -48.08 -18.77
CA GLY D 31 -31.49 -47.08 -17.78
C GLY D 31 -32.44 -46.82 -16.63
N LYS D 32 -33.48 -47.65 -16.51
CA LYS D 32 -34.57 -47.38 -15.58
C LYS D 32 -34.92 -48.58 -14.74
N VAL D 33 -35.52 -48.33 -13.58
CA VAL D 33 -36.12 -49.39 -12.80
C VAL D 33 -37.33 -49.88 -13.57
N GLU D 34 -37.28 -51.11 -14.08
CA GLU D 34 -38.46 -51.69 -14.73
C GLU D 34 -39.46 -52.30 -13.72
N LYS D 35 -38.97 -53.21 -12.88
CA LYS D 35 -39.80 -53.80 -11.83
C LYS D 35 -39.08 -53.88 -10.50
N VAL D 36 -39.88 -53.82 -9.43
CA VAL D 36 -39.40 -54.01 -8.07
C VAL D 36 -40.40 -54.94 -7.41
N GLY D 37 -39.93 -56.00 -6.80
CA GLY D 37 -40.84 -56.92 -6.13
C GLY D 37 -40.15 -58.11 -5.51
N GLU D 38 -40.94 -58.90 -4.79
CA GLU D 38 -40.42 -60.00 -3.98
C GLU D 38 -39.85 -61.13 -4.82
N ASN D 39 -40.42 -61.34 -6.01
CA ASN D 39 -39.92 -62.40 -6.87
C ASN D 39 -40.05 -62.06 -8.35
N ILE D 40 -38.93 -61.77 -8.98
CA ILE D 40 -38.89 -61.38 -10.37
C ILE D 40 -38.07 -62.38 -11.18
N GLU D 41 -38.62 -62.79 -12.33
CA GLU D 41 -37.93 -63.62 -13.30
C GLU D 41 -37.87 -62.94 -14.66
N ASP D 42 -36.75 -63.14 -15.35
CA ASP D 42 -36.54 -62.58 -16.68
C ASP D 42 -35.55 -63.47 -17.43
N PRO D 43 -35.95 -63.97 -18.61
CA PRO D 43 -35.13 -64.94 -19.33
C PRO D 43 -33.80 -64.37 -19.82
N ASP D 44 -33.76 -63.07 -20.13
CA ASP D 44 -32.59 -62.48 -20.79
C ASP D 44 -31.73 -61.57 -19.92
N ALA D 45 -32.24 -61.17 -18.77
CA ALA D 45 -31.50 -60.28 -17.86
C ALA D 45 -30.26 -60.95 -17.29
N GLU D 46 -29.15 -60.19 -17.30
CA GLU D 46 -27.94 -60.56 -16.58
C GLU D 46 -28.29 -60.52 -15.08
N ILE D 47 -28.16 -61.65 -14.42
CA ILE D 47 -28.52 -61.72 -13.00
C ILE D 47 -27.30 -61.35 -12.17
N VAL D 48 -27.53 -60.48 -11.18
CA VAL D 48 -26.50 -60.11 -10.21
C VAL D 48 -27.01 -60.55 -8.85
N ASP D 49 -26.26 -61.43 -8.20
CA ASP D 49 -26.70 -62.01 -6.95
C ASP D 49 -26.33 -61.13 -5.78
N LEU D 50 -27.35 -60.58 -5.13
CA LEU D 50 -27.12 -59.62 -4.06
C LEU D 50 -27.50 -60.19 -2.69
N THR D 51 -27.44 -61.53 -2.57
CA THR D 51 -27.62 -62.22 -1.29
C THR D 51 -26.67 -61.66 -0.24
N GLY D 52 -27.23 -61.28 0.90
CA GLY D 52 -26.46 -60.70 2.02
C GLY D 52 -26.19 -59.21 1.84
N LYS D 53 -26.68 -58.64 0.73
CA LYS D 53 -26.38 -57.25 0.38
C LYS D 53 -27.60 -56.32 0.51
N PHE D 54 -27.34 -55.02 0.46
CA PHE D 54 -28.36 -53.99 0.59
C PHE D 54 -28.39 -53.12 -0.66
N LEU D 55 -29.59 -52.88 -1.17
CA LEU D 55 -29.73 -52.10 -2.39
C LEU D 55 -30.50 -50.82 -2.10
N PHE D 56 -29.84 -49.69 -2.34
CA PHE D 56 -30.40 -48.36 -2.05
C PHE D 56 -30.46 -47.52 -3.32
N PRO D 57 -31.36 -46.52 -3.35
CA PRO D 57 -31.18 -45.52 -4.40
C PRO D 57 -29.86 -44.80 -4.16
N GLY D 58 -29.30 -44.21 -5.21
CA GLY D 58 -28.15 -43.32 -5.03
C GLY D 58 -28.58 -42.15 -4.16
N PHE D 59 -27.70 -41.72 -3.26
CA PHE D 59 -28.00 -40.54 -2.44
C PHE D 59 -27.84 -39.27 -3.25
N VAL D 60 -28.65 -38.27 -2.89
CA VAL D 60 -28.70 -37.01 -3.65
C VAL D 60 -28.36 -35.85 -2.71
N ASP D 61 -27.33 -35.08 -3.05
CA ASP D 61 -27.00 -33.87 -2.26
C ASP D 61 -27.44 -32.59 -2.97
N ALA D 62 -28.40 -31.91 -2.37
CA ALA D 62 -29.07 -30.80 -2.98
C ALA D 62 -28.24 -29.49 -3.03
N HIS D 63 -27.01 -29.52 -2.54
CA HIS D 63 -26.14 -28.32 -2.50
C HIS D 63 -24.68 -28.69 -2.25
N SER D 64 -23.85 -28.52 -3.26
CA SER D 64 -22.50 -29.03 -3.23
C SER D 64 -21.53 -28.19 -4.06
N HIS D 65 -20.25 -28.19 -3.68
CA HIS D 65 -19.23 -27.48 -4.46
C HIS D 65 -18.16 -28.43 -4.93
N ILE D 66 -18.45 -29.72 -4.85
CA ILE D 66 -17.57 -30.74 -5.41
C ILE D 66 -17.32 -30.44 -6.91
N GLY D 67 -16.08 -30.67 -7.37
CA GLY D 67 -15.70 -30.37 -8.73
C GLY D 67 -15.26 -28.93 -8.97
N LEU D 68 -15.79 -28.02 -8.14
CA LEU D 68 -15.44 -26.59 -8.21
C LEU D 68 -14.23 -26.26 -7.31
N PHE D 69 -14.17 -26.94 -6.18
CA PHE D 69 -13.05 -26.83 -5.25
C PHE D 69 -12.33 -28.16 -5.28
N GLU D 70 -11.40 -28.31 -6.23
CA GLU D 70 -10.71 -29.57 -6.45
C GLU D 70 -10.01 -30.02 -5.18
N GLU D 71 -10.10 -31.33 -4.88
CA GLU D 71 -9.51 -31.88 -3.68
C GLU D 71 -8.00 -32.16 -3.87
N GLY D 72 -7.23 -31.90 -2.82
CA GLY D 72 -5.81 -32.27 -2.78
C GLY D 72 -4.86 -31.39 -3.55
N VAL D 73 -5.21 -30.11 -3.69
CA VAL D 73 -4.40 -29.20 -4.51
C VAL D 73 -4.22 -27.80 -3.88
N GLY D 74 -5.12 -27.40 -2.99
CA GLY D 74 -4.99 -26.10 -2.33
C GLY D 74 -6.13 -25.12 -2.59
N TYR D 75 -6.50 -24.38 -1.54
CA TYR D 75 -7.52 -23.32 -1.61
C TYR D 75 -7.38 -22.37 -2.79
N TYR D 76 -6.15 -22.01 -3.15
CA TYR D 76 -5.89 -21.06 -4.23
C TYR D 76 -6.54 -21.42 -5.58
N TYR D 77 -6.74 -22.70 -5.81
CA TYR D 77 -7.25 -23.21 -7.08
C TYR D 77 -8.78 -23.34 -7.16
N SER D 78 -9.47 -22.95 -6.09
CA SER D 78 -10.92 -23.04 -6.03
C SER D 78 -11.62 -22.19 -7.06
N ASP D 79 -12.60 -22.78 -7.74
CA ASP D 79 -13.40 -22.07 -8.73
C ASP D 79 -14.81 -21.74 -8.24
N GLY D 80 -15.06 -21.91 -6.94
CA GLY D 80 -16.44 -21.83 -6.38
C GLY D 80 -17.02 -20.44 -6.09
N ASN D 81 -16.20 -19.41 -6.08
CA ASN D 81 -16.70 -18.07 -5.74
C ASN D 81 -16.06 -16.99 -6.60
N GLU D 82 -16.86 -16.33 -7.44
CA GLU D 82 -16.38 -15.19 -8.22
C GLU D 82 -16.47 -13.90 -7.36
N ALA D 83 -15.59 -13.78 -6.36
CA ALA D 83 -15.74 -12.75 -5.32
C ALA D 83 -15.11 -11.41 -5.75
N THR D 84 -15.43 -10.98 -6.97
CA THR D 84 -14.86 -9.75 -7.53
C THR D 84 -15.96 -8.77 -7.92
N ASP D 85 -17.19 -9.13 -7.58
CA ASP D 85 -18.38 -8.42 -8.02
C ASP D 85 -19.52 -9.07 -7.26
N PRO D 86 -20.32 -8.28 -6.52
CA PRO D 86 -21.31 -8.90 -5.64
C PRO D 86 -22.52 -9.44 -6.41
N VAL D 87 -22.60 -9.11 -7.70
CA VAL D 87 -23.73 -9.52 -8.50
C VAL D 87 -23.21 -10.26 -9.73
N THR D 88 -23.09 -11.59 -9.62
CA THR D 88 -22.60 -12.40 -10.74
C THR D 88 -23.58 -13.52 -11.12
N PRO D 89 -24.85 -13.16 -11.40
CA PRO D 89 -25.82 -14.18 -11.76
C PRO D 89 -25.52 -14.89 -13.06
N HIS D 90 -24.69 -14.27 -13.92
CA HIS D 90 -24.39 -14.82 -15.23
C HIS D 90 -23.39 -15.98 -15.22
N VAL D 91 -22.62 -16.11 -14.15
CA VAL D 91 -21.64 -17.18 -14.12
C VAL D 91 -22.30 -18.52 -13.75
N LYS D 92 -21.71 -19.59 -14.26
CA LYS D 92 -22.28 -20.94 -14.07
C LYS D 92 -21.34 -21.88 -13.32
N ALA D 93 -21.86 -22.57 -12.30
CA ALA D 93 -21.09 -23.62 -11.64
C ALA D 93 -20.59 -24.65 -12.65
N LEU D 94 -21.40 -24.96 -13.65
CA LEU D 94 -21.04 -25.89 -14.73
C LEU D 94 -19.68 -25.55 -15.39
N ASP D 95 -19.41 -24.24 -15.48
CA ASP D 95 -18.21 -23.75 -16.15
C ASP D 95 -16.97 -23.79 -15.24
N GLY D 96 -17.14 -24.23 -13.99
CA GLY D 96 -16.03 -24.37 -13.05
C GLY D 96 -15.84 -25.82 -12.61
N PHE D 97 -16.74 -26.69 -13.08
CA PHE D 97 -16.80 -28.10 -12.64
C PHE D 97 -15.77 -29.00 -13.33
N ASN D 98 -14.87 -29.57 -12.53
CA ASN D 98 -13.91 -30.55 -13.03
C ASN D 98 -14.38 -31.97 -12.71
N PRO D 99 -14.84 -32.74 -13.73
CA PRO D 99 -15.28 -34.12 -13.51
C PRO D 99 -14.18 -35.09 -13.06
N GLN D 100 -12.91 -34.71 -13.17
CA GLN D 100 -11.82 -35.56 -12.68
C GLN D 100 -11.38 -35.22 -11.25
N ASP D 101 -12.09 -34.32 -10.58
CA ASP D 101 -11.86 -34.04 -9.18
C ASP D 101 -11.82 -35.39 -8.47
N PRO D 102 -10.67 -35.73 -7.83
CA PRO D 102 -10.55 -37.01 -7.15
C PRO D 102 -11.62 -37.22 -6.07
N ALA D 103 -12.26 -36.12 -5.63
CA ALA D 103 -13.34 -36.21 -4.64
C ALA D 103 -14.57 -36.97 -5.13
N ILE D 104 -14.72 -37.02 -6.46
CA ILE D 104 -15.90 -37.57 -7.10
C ILE D 104 -15.94 -39.10 -6.94
N GLU D 105 -14.84 -39.77 -7.26
CA GLU D 105 -14.73 -41.22 -7.02
C GLU D 105 -14.98 -41.54 -5.55
N ARG D 106 -14.53 -40.64 -4.66
CA ARG D 106 -14.75 -40.80 -3.22
C ARG D 106 -16.23 -40.65 -2.84
N ALA D 107 -16.91 -39.69 -3.47
CA ALA D 107 -18.36 -39.52 -3.30
C ALA D 107 -19.14 -40.78 -3.76
N LEU D 108 -18.75 -41.33 -4.91
CA LEU D 108 -19.32 -42.61 -5.37
C LEU D 108 -19.13 -43.70 -4.33
N ALA D 109 -17.91 -43.85 -3.81
CA ALA D 109 -17.61 -44.77 -2.69
C ALA D 109 -18.41 -44.49 -1.42
N GLY D 110 -19.09 -43.36 -1.38
CA GLY D 110 -19.94 -43.00 -0.27
C GLY D 110 -21.41 -43.11 -0.64
N GLY D 111 -21.68 -43.54 -1.87
CA GLY D 111 -23.06 -43.84 -2.26
C GLY D 111 -23.86 -42.66 -2.80
N VAL D 112 -23.16 -41.58 -3.14
CA VAL D 112 -23.80 -40.37 -3.69
C VAL D 112 -23.67 -40.40 -5.22
N THR D 113 -24.79 -40.27 -5.91
CA THR D 113 -24.81 -40.33 -7.36
C THR D 113 -25.20 -39.02 -8.05
N SER D 114 -26.01 -38.19 -7.40
CA SER D 114 -26.49 -36.93 -7.99
C SER D 114 -26.29 -35.78 -7.02
N VAL D 115 -25.89 -34.62 -7.54
CA VAL D 115 -25.77 -33.40 -6.73
C VAL D 115 -26.21 -32.15 -7.49
N ILE D 117 -24.56 -28.80 -8.11
CA ILE D 117 -23.38 -27.95 -8.04
C ILE D 117 -23.80 -26.48 -8.11
N VAL D 118 -23.17 -25.66 -7.29
CA VAL D 118 -23.61 -24.29 -7.12
C VAL D 118 -22.42 -23.43 -6.66
N PRO D 119 -22.45 -22.11 -6.96
CA PRO D 119 -21.49 -21.19 -6.36
C PRO D 119 -21.58 -21.14 -4.83
N GLY D 120 -20.48 -20.75 -4.19
CA GLY D 120 -20.47 -20.57 -2.73
C GLY D 120 -21.25 -19.34 -2.32
N SER D 121 -20.89 -18.74 -1.20
CA SER D 121 -21.73 -17.71 -0.63
C SER D 121 -21.02 -16.36 -0.48
N ALA D 122 -20.01 -16.12 -1.29
CA ALA D 122 -19.26 -14.88 -1.19
C ALA D 122 -20.11 -13.74 -1.73
N ASN D 123 -20.92 -14.03 -2.74
CA ASN D 123 -21.68 -12.96 -3.41
C ASN D 123 -23.15 -12.90 -3.01
N PRO D 124 -23.70 -11.68 -2.85
CA PRO D 124 -25.13 -11.55 -2.66
C PRO D 124 -25.91 -12.26 -3.77
N VAL D 125 -25.41 -12.15 -5.01
CA VAL D 125 -25.94 -12.96 -6.13
C VAL D 125 -24.76 -13.66 -6.75
N GLY D 126 -24.69 -14.97 -6.55
CA GLY D 126 -23.48 -15.73 -6.85
C GLY D 126 -23.39 -16.37 -8.21
N GLY D 127 -24.54 -16.71 -8.78
CA GLY D 127 -24.53 -17.43 -10.06
C GLY D 127 -25.38 -18.69 -10.05
N GLN D 128 -25.27 -19.48 -11.11
CA GLN D 128 -26.25 -20.54 -11.32
C GLN D 128 -25.76 -21.94 -10.99
N GLY D 129 -26.67 -22.71 -10.41
CA GLY D 129 -26.43 -24.10 -10.07
C GLY D 129 -26.95 -25.02 -11.15
N SER D 130 -26.44 -26.25 -11.15
CA SER D 130 -26.87 -27.29 -12.09
C SER D 130 -26.94 -28.60 -11.34
N VAL D 131 -27.94 -29.42 -11.66
CA VAL D 131 -27.97 -30.81 -11.19
C VAL D 131 -27.24 -31.71 -12.18
N ILE D 132 -26.34 -32.54 -11.64
CA ILE D 132 -25.53 -33.43 -12.44
C ILE D 132 -25.53 -34.80 -11.77
N LYS D 133 -25.16 -35.84 -12.51
CA LYS D 133 -24.88 -37.15 -11.94
C LYS D 133 -23.42 -37.43 -12.24
N PHE D 134 -22.78 -38.26 -11.41
CA PHE D 134 -21.37 -38.60 -11.62
C PHE D 134 -21.18 -39.73 -12.64
N ARG D 135 -21.60 -39.47 -13.88
CA ARG D 135 -21.61 -40.51 -14.90
C ARG D 135 -20.53 -40.46 -15.98
N SER D 136 -19.73 -39.40 -16.03
CA SER D 136 -18.83 -39.23 -17.17
C SER D 136 -17.79 -38.16 -16.88
N ILE D 137 -16.71 -38.15 -17.65
CA ILE D 137 -15.71 -37.10 -17.50
C ILE D 137 -16.03 -35.86 -18.35
N ILE D 138 -17.06 -35.96 -19.19
CA ILE D 138 -17.57 -34.82 -19.94
C ILE D 138 -18.77 -34.22 -19.21
N VAL D 139 -18.66 -32.96 -18.79
CA VAL D 139 -19.67 -32.39 -17.92
C VAL D 139 -21.04 -32.34 -18.59
N GLU D 140 -21.05 -32.11 -19.89
CA GLU D 140 -22.30 -32.03 -20.63
C GLU D 140 -23.08 -33.34 -20.53
N GLU D 141 -22.38 -34.47 -20.53
CA GLU D 141 -22.99 -35.80 -20.33
C GLU D 141 -23.46 -36.00 -18.88
N CYS D 142 -22.98 -35.17 -17.96
CA CYS D 142 -23.36 -35.28 -16.56
C CYS D 142 -24.64 -34.54 -16.25
N ILE D 143 -25.00 -33.56 -17.08
CA ILE D 143 -26.10 -32.63 -16.79
C ILE D 143 -27.42 -33.35 -16.67
N VAL D 144 -28.11 -33.15 -15.56
CA VAL D 144 -29.51 -33.52 -15.45
C VAL D 144 -30.37 -32.27 -15.72
N LYS D 145 -30.08 -31.18 -15.03
CA LYS D 145 -30.93 -30.01 -15.10
C LYS D 145 -30.07 -28.77 -15.04
N ASP D 146 -30.07 -28.03 -16.13
CA ASP D 146 -29.22 -26.86 -16.25
C ASP D 146 -29.93 -25.74 -17.03
N PRO D 147 -30.06 -24.54 -16.43
CA PRO D 147 -29.69 -24.23 -15.05
C PRO D 147 -30.74 -24.74 -14.07
N ALA D 148 -30.34 -25.01 -12.83
CA ALA D 148 -31.29 -25.54 -11.82
C ALA D 148 -31.69 -24.54 -10.74
N GLY D 149 -30.94 -23.45 -10.59
CA GLY D 149 -31.25 -22.43 -9.58
C GLY D 149 -30.33 -21.21 -9.65
N LEU D 150 -30.72 -20.12 -9.00
CA LEU D 150 -29.87 -18.93 -8.90
C LEU D 150 -29.45 -18.76 -7.45
N LYS D 151 -28.16 -18.94 -7.20
CA LYS D 151 -27.60 -18.84 -5.86
C LYS D 151 -27.51 -17.38 -5.41
N ALA D 153 -27.00 -15.04 -1.44
CA ALA D 153 -26.43 -15.22 -0.11
C ALA D 153 -26.71 -14.02 0.78
N PHE D 154 -27.01 -14.33 2.04
CA PHE D 154 -27.27 -13.36 3.09
C PHE D 154 -26.32 -13.58 4.26
N GLY D 155 -26.31 -12.63 5.19
CA GLY D 155 -25.63 -12.80 6.46
C GLY D 155 -24.16 -12.44 6.39
N GLU D 156 -23.37 -13.11 7.23
CA GLU D 156 -21.97 -12.70 7.43
C GLU D 156 -21.10 -12.74 6.18
N ASN D 157 -21.27 -13.77 5.34
CA ASN D 157 -20.33 -13.99 4.24
C ASN D 157 -20.28 -12.84 3.19
N PRO D 158 -21.42 -12.48 2.56
CA PRO D 158 -21.31 -11.43 1.56
C PRO D 158 -20.78 -10.10 2.14
N LYS D 159 -21.25 -9.73 3.35
CA LYS D 159 -20.78 -8.46 3.95
C LYS D 159 -19.30 -8.52 4.36
N ARG D 160 -18.79 -9.71 4.71
CA ARG D 160 -17.35 -9.80 5.01
C ARG D 160 -16.54 -9.60 3.73
N VAL D 161 -16.89 -10.35 2.68
CA VAL D 161 -16.18 -10.31 1.42
C VAL D 161 -16.11 -8.89 0.86
N TYR D 162 -17.25 -8.22 0.76
CA TYR D 162 -17.26 -6.90 0.14
C TYR D 162 -16.86 -5.78 1.10
N GLY D 163 -17.16 -5.97 2.37
CA GLY D 163 -16.59 -5.08 3.42
C GLY D 163 -15.07 -5.03 3.35
N GLU D 164 -14.45 -6.19 3.17
CA GLU D 164 -13.00 -6.26 3.06
C GLU D 164 -12.52 -5.53 1.79
N ARG D 165 -13.32 -5.59 0.72
CA ARG D 165 -13.00 -4.85 -0.50
C ARG D 165 -13.41 -3.38 -0.37
N LYS D 166 -13.94 -2.98 0.80
CA LYS D 166 -14.44 -1.61 1.05
C LYS D 166 -15.51 -1.23 0.01
N GLN D 167 -16.35 -2.22 -0.30
CA GLN D 167 -17.30 -2.13 -1.38
C GLN D 167 -18.68 -2.53 -0.87
N THR D 168 -19.74 -1.89 -1.39
CA THR D 168 -21.11 -2.37 -1.14
C THR D 168 -21.24 -3.86 -1.58
N PRO D 169 -21.74 -4.74 -0.69
CA PRO D 169 -22.24 -4.48 0.66
C PRO D 169 -21.24 -4.75 1.80
N SER D 170 -21.29 -3.90 2.82
CA SER D 170 -20.54 -4.11 4.06
C SER D 170 -21.48 -4.39 5.25
N THR D 171 -22.80 -4.33 5.03
CA THR D 171 -23.78 -4.59 6.07
C THR D 171 -24.91 -5.49 5.52
N ARG D 172 -25.72 -6.03 6.42
CA ARG D 172 -26.94 -6.77 6.05
C ARG D 172 -27.96 -5.88 5.28
N GLY D 174 -27.16 -3.48 3.26
CA GLY D 174 -26.58 -3.34 1.94
C GLY D 174 -26.76 -4.58 1.11
N THR D 175 -26.60 -5.74 1.75
CA THR D 175 -26.81 -7.02 1.05
C THR D 175 -28.24 -7.12 0.45
N ALA D 176 -29.25 -6.82 1.27
CA ALA D 176 -30.62 -6.85 0.77
C ALA D 176 -30.81 -5.77 -0.29
N GLY D 177 -30.20 -4.61 -0.07
CA GLY D 177 -30.23 -3.51 -1.00
C GLY D 177 -29.73 -3.91 -2.38
N VAL D 178 -28.60 -4.62 -2.41
CA VAL D 178 -27.98 -5.10 -3.64
C VAL D 178 -28.92 -6.08 -4.41
N ILE D 179 -29.51 -7.04 -3.69
CA ILE D 179 -30.44 -8.00 -4.27
C ILE D 179 -31.72 -7.31 -4.78
N ARG D 180 -32.29 -6.43 -3.97
CA ARG D 180 -33.45 -5.66 -4.36
C ARG D 180 -33.21 -4.82 -5.61
N ASP D 181 -32.04 -4.18 -5.66
CA ASP D 181 -31.62 -3.39 -6.80
C ASP D 181 -31.52 -4.26 -8.06
N TYR D 182 -30.91 -5.43 -7.94
CA TYR D 182 -30.80 -6.36 -9.07
C TYR D 182 -32.17 -6.72 -9.68
N PHE D 183 -33.14 -7.11 -8.83
CA PHE D 183 -34.44 -7.53 -9.33
C PHE D 183 -35.30 -6.37 -9.81
N THR D 184 -35.07 -5.18 -9.25
CA THR D 184 -35.70 -3.98 -9.78
C THR D 184 -35.25 -3.77 -11.24
N LYS D 185 -33.95 -3.92 -11.48
CA LYS D 185 -33.42 -3.82 -12.85
C LYS D 185 -33.92 -4.94 -13.77
N VAL D 186 -34.12 -6.14 -13.22
CA VAL D 186 -34.63 -7.25 -14.01
C VAL D 186 -36.05 -6.95 -14.52
N LYS D 187 -36.88 -6.37 -13.66
CA LYS D 187 -38.23 -5.95 -14.04
C LYS D 187 -38.21 -4.89 -15.13
N ASN D 188 -37.32 -3.90 -15.01
CA ASN D 188 -37.11 -2.90 -16.06
C ASN D 188 -36.78 -3.55 -17.39
N TYR D 189 -35.88 -4.51 -17.35
CA TYR D 189 -35.42 -5.24 -18.52
C TYR D 189 -36.58 -5.97 -19.21
N LYS D 191 -39.84 -5.20 -18.95
CA LYS D 191 -40.73 -4.18 -19.49
C LYS D 191 -40.20 -3.66 -20.82
N LYS D 192 -38.88 -3.44 -20.89
CA LYS D 192 -38.24 -2.99 -22.12
C LYS D 192 -38.47 -3.99 -23.25
N LYS D 193 -38.23 -5.27 -22.98
CA LYS D 193 -38.48 -6.34 -23.95
C LYS D 193 -39.92 -6.31 -24.44
N GLU D 194 -40.85 -6.12 -23.51
CA GLU D 194 -42.29 -6.05 -23.79
C GLU D 194 -42.59 -4.83 -24.65
N LEU D 195 -41.94 -3.71 -24.36
CA LEU D 195 -42.07 -2.51 -25.19
C LEU D 195 -41.62 -2.76 -26.62
N ALA D 196 -40.50 -3.47 -26.79
CA ALA D 196 -39.99 -3.83 -28.12
C ALA D 196 -40.88 -4.86 -28.81
N GLN D 197 -41.46 -5.75 -28.02
CA GLN D 197 -42.40 -6.76 -28.48
C GLN D 197 -43.62 -6.15 -29.17
N LYS D 198 -44.06 -4.96 -28.71
CA LYS D 198 -45.27 -4.33 -29.26
C LYS D 198 -45.00 -3.14 -30.19
N GLU D 199 -43.74 -2.74 -30.33
CA GLU D 199 -43.33 -1.93 -31.49
C GLU D 199 -42.99 -2.96 -32.56
N GLY D 200 -42.36 -2.51 -33.64
CA GLY D 200 -41.88 -3.46 -34.65
C GLY D 200 -40.53 -4.06 -34.27
N LYS D 201 -39.96 -3.54 -33.18
CA LYS D 201 -38.51 -3.55 -32.95
C LYS D 201 -37.93 -4.86 -32.42
N GLU D 202 -36.81 -5.29 -33.01
CA GLU D 202 -36.05 -6.38 -32.42
C GLU D 202 -35.30 -5.84 -31.20
N PHE D 203 -35.25 -6.63 -30.14
CA PHE D 203 -34.63 -6.22 -28.88
C PHE D 203 -33.09 -6.21 -28.99
N THR D 204 -32.47 -5.07 -28.70
CA THR D 204 -31.01 -4.94 -28.93
C THR D 204 -30.20 -4.84 -27.64
N GLU D 205 -30.83 -5.13 -26.51
CA GLU D 205 -30.21 -4.88 -25.21
C GLU D 205 -30.13 -6.13 -24.34
N THR D 206 -29.99 -7.28 -25.00
CA THR D 206 -29.87 -8.56 -24.29
C THR D 206 -28.72 -8.48 -23.29
N ASP D 207 -28.97 -8.97 -22.09
CA ASP D 207 -27.98 -8.90 -21.03
C ASP D 207 -28.03 -10.20 -20.24
N LEU D 208 -26.90 -10.91 -20.23
CA LEU D 208 -26.75 -12.21 -19.58
C LEU D 208 -27.23 -12.19 -18.12
N LYS D 209 -26.82 -11.17 -17.36
CA LYS D 209 -27.16 -11.04 -15.94
C LYS D 209 -28.68 -10.91 -15.77
N GLU D 211 -31.05 -11.79 -18.10
CA GLU D 211 -31.74 -12.99 -18.59
C GLU D 211 -31.96 -14.01 -17.48
N VAL D 212 -30.94 -14.26 -16.67
CA VAL D 212 -31.04 -15.24 -15.57
C VAL D 212 -32.04 -14.77 -14.52
N GLY D 213 -31.99 -13.50 -14.19
CA GLY D 213 -32.96 -12.90 -13.29
C GLY D 213 -34.37 -13.05 -13.80
N GLU D 214 -34.57 -12.92 -15.11
CA GLU D 214 -35.89 -13.05 -15.72
C GLU D 214 -36.43 -14.46 -15.50
N VAL D 216 -35.84 -16.40 -13.06
CA VAL D 216 -36.24 -16.48 -11.65
C VAL D 216 -37.63 -15.86 -11.44
N LEU D 217 -37.83 -14.65 -11.99
CA LEU D 217 -39.09 -13.94 -11.80
C LEU D 217 -40.23 -14.62 -12.54
N ARG D 218 -39.89 -15.30 -13.64
CA ARG D 218 -40.88 -16.08 -14.40
C ARG D 218 -41.06 -17.47 -13.78
N LYS D 219 -40.35 -17.74 -12.68
CA LYS D 219 -40.47 -18.99 -11.94
C LYS D 219 -40.03 -20.21 -12.73
N LYS D 220 -39.11 -20.01 -13.66
CA LYS D 220 -38.56 -21.13 -14.42
C LYS D 220 -37.58 -21.93 -13.53
N ILE D 221 -36.84 -21.20 -12.69
CA ILE D 221 -35.94 -21.77 -11.68
C ILE D 221 -36.10 -21.03 -10.34
N PRO D 222 -35.84 -21.72 -9.21
CA PRO D 222 -35.89 -21.10 -7.88
C PRO D 222 -34.64 -20.28 -7.52
N ALA D 223 -34.83 -19.31 -6.63
CA ALA D 223 -33.69 -18.72 -5.93
C ALA D 223 -33.23 -19.72 -4.87
N ARG D 224 -31.91 -19.91 -4.80
CA ARG D 224 -31.30 -20.77 -3.79
C ARG D 224 -30.56 -19.83 -2.81
N HIS D 226 -28.80 -18.77 0.60
CA HIS D 226 -27.93 -19.05 1.74
C HIS D 226 -28.28 -18.10 2.89
N ALA D 227 -28.72 -18.66 4.00
CA ALA D 227 -29.06 -17.86 5.18
C ALA D 227 -28.93 -18.70 6.43
N HIS D 228 -28.34 -18.13 7.47
CA HIS D 228 -28.16 -18.86 8.72
C HIS D 228 -29.04 -18.35 9.84
N ARG D 229 -28.86 -17.08 10.21
CA ARG D 229 -29.57 -16.48 11.34
C ARG D 229 -31.02 -16.28 10.93
N ALA D 230 -31.94 -16.32 11.91
CA ALA D 230 -33.37 -16.31 11.59
C ALA D 230 -33.83 -15.05 10.81
N ASP D 231 -33.25 -13.89 11.11
CA ASP D 231 -33.64 -12.65 10.45
C ASP D 231 -33.18 -12.64 8.98
N ASP D 232 -32.03 -13.24 8.70
CA ASP D 232 -31.58 -13.38 7.32
C ASP D 232 -32.49 -14.32 6.53
N ILE D 233 -32.97 -15.39 7.16
CA ILE D 233 -33.90 -16.31 6.49
C ILE D 233 -35.17 -15.54 6.15
N LEU D 234 -35.66 -14.76 7.10
CA LEU D 234 -36.88 -13.99 6.89
C LEU D 234 -36.72 -12.93 5.81
N THR D 235 -35.54 -12.29 5.76
CA THR D 235 -35.27 -11.27 4.74
C THR D 235 -35.28 -11.89 3.35
N ALA D 236 -34.69 -13.08 3.23
CA ALA D 236 -34.67 -13.76 1.96
C ALA D 236 -36.12 -14.04 1.51
N ILE D 237 -36.97 -14.46 2.42
CA ILE D 237 -38.38 -14.73 2.11
C ILE D 237 -39.11 -13.44 1.75
N ARG D 238 -38.87 -12.37 2.51
CA ARG D 238 -39.47 -11.08 2.19
C ARG D 238 -39.14 -10.61 0.77
N ILE D 239 -37.89 -10.74 0.35
CA ILE D 239 -37.47 -10.34 -0.99
C ILE D 239 -38.15 -11.23 -2.04
N ALA D 240 -38.19 -12.53 -1.77
CA ALA D 240 -38.83 -13.49 -2.65
C ALA D 240 -40.31 -13.16 -2.89
N GLU D 241 -41.01 -12.81 -1.81
CA GLU D 241 -42.42 -12.43 -1.89
C GLU D 241 -42.63 -11.09 -2.57
N GLU D 242 -41.69 -10.17 -2.38
CA GLU D 242 -41.77 -8.83 -2.96
C GLU D 242 -41.70 -8.93 -4.49
N PHE D 243 -40.86 -9.83 -4.99
CA PHE D 243 -40.70 -9.95 -6.43
C PHE D 243 -41.42 -11.15 -7.03
N GLY D 244 -42.01 -12.00 -6.19
CA GLY D 244 -42.81 -13.14 -6.63
C GLY D 244 -42.02 -14.27 -7.25
N PHE D 245 -40.91 -14.63 -6.63
CA PHE D 245 -40.15 -15.80 -7.10
C PHE D 245 -40.15 -16.96 -6.10
N ASN D 246 -39.84 -18.16 -6.60
CA ASN D 246 -39.74 -19.34 -5.74
C ASN D 246 -38.39 -19.39 -5.07
N LEU D 247 -38.35 -19.95 -3.86
CA LEU D 247 -37.10 -20.02 -3.14
C LEU D 247 -36.94 -21.30 -2.34
N VAL D 248 -35.68 -21.62 -2.08
CA VAL D 248 -35.25 -22.67 -1.18
C VAL D 248 -34.24 -21.98 -0.29
N ILE D 249 -34.30 -22.28 1.00
CA ILE D 249 -33.32 -21.80 1.96
C ILE D 249 -32.20 -22.82 2.08
N GLU D 250 -30.97 -22.38 1.85
CA GLU D 250 -29.76 -23.17 2.05
C GLU D 250 -29.23 -22.96 3.46
N HIS D 251 -28.88 -24.07 4.12
CA HIS D 251 -28.37 -24.11 5.50
C HIS D 251 -29.47 -23.93 6.51
N GLY D 252 -30.09 -22.73 6.51
CA GLY D 252 -31.15 -22.41 7.45
C GLY D 252 -30.85 -22.82 8.87
N THR D 253 -29.65 -22.46 9.32
CA THR D 253 -29.14 -22.85 10.65
C THR D 253 -30.18 -22.63 11.75
N GLU D 254 -30.83 -21.47 11.71
CA GLU D 254 -31.82 -21.10 12.71
C GLU D 254 -33.26 -21.23 12.24
N ALA D 255 -33.48 -22.07 11.22
CA ALA D 255 -34.85 -22.31 10.69
C ALA D 255 -35.79 -22.82 11.78
N TYR D 256 -35.23 -23.60 12.72
CA TYR D 256 -36.02 -24.21 13.80
C TYR D 256 -36.71 -23.16 14.66
N LYS D 257 -36.13 -21.94 14.69
CA LYS D 257 -36.66 -20.84 15.48
C LYS D 257 -37.93 -20.28 14.88
N ILE D 258 -38.17 -20.57 13.61
CA ILE D 258 -39.26 -20.00 12.85
C ILE D 258 -39.94 -21.05 11.98
N SER D 259 -39.88 -22.31 12.43
CA SER D 259 -40.31 -23.46 11.65
C SER D 259 -41.77 -23.41 11.17
N LYS D 260 -42.63 -22.81 12.00
CA LYS D 260 -44.06 -22.73 11.74
C LYS D 260 -44.36 -21.90 10.49
N VAL D 261 -43.70 -20.75 10.39
CA VAL D 261 -43.78 -19.88 9.22
C VAL D 261 -43.29 -20.60 7.97
N LEU D 262 -42.14 -21.27 8.08
CA LEU D 262 -41.59 -22.08 6.99
C LEU D 262 -42.53 -23.21 6.51
N ALA D 263 -43.20 -23.88 7.46
CA ALA D 263 -44.11 -24.96 7.09
C ALA D 263 -45.37 -24.39 6.43
N GLU D 264 -45.94 -23.32 6.99
CA GLU D 264 -47.11 -22.67 6.40
C GLU D 264 -46.89 -22.21 4.96
N LYS D 265 -45.74 -21.59 4.70
CA LYS D 265 -45.47 -21.04 3.37
C LYS D 265 -44.93 -22.09 2.40
N LYS D 266 -44.69 -23.29 2.92
CA LYS D 266 -44.08 -24.41 2.17
C LYS D 266 -42.74 -24.04 1.55
N ILE D 267 -41.91 -23.39 2.36
CA ILE D 267 -40.56 -23.10 2.00
C ILE D 267 -39.71 -24.30 2.42
N PRO D 268 -39.02 -24.92 1.46
CA PRO D 268 -38.12 -26.00 1.81
C PRO D 268 -36.75 -25.48 2.29
N VAL D 269 -36.09 -26.26 3.14
CA VAL D 269 -34.79 -25.90 3.68
C VAL D 269 -33.83 -27.04 3.40
N VAL D 270 -32.67 -26.73 2.83
CA VAL D 270 -31.61 -27.73 2.74
C VAL D 270 -30.70 -27.48 3.93
N VAL D 271 -30.89 -28.27 4.98
CA VAL D 271 -30.08 -28.12 6.18
C VAL D 271 -28.70 -28.73 5.99
N GLY D 272 -27.79 -28.36 6.89
CA GLY D 272 -26.39 -28.78 6.75
C GLY D 272 -25.57 -27.61 6.26
N PRO D 273 -24.24 -27.68 6.42
CA PRO D 273 -23.59 -28.81 7.12
C PRO D 273 -23.84 -28.78 8.65
N LEU D 274 -23.98 -29.96 9.25
CA LEU D 274 -24.27 -30.10 10.68
C LEU D 274 -23.15 -30.79 11.46
N LEU D 275 -22.46 -31.74 10.81
CA LEU D 275 -21.33 -32.43 11.45
C LEU D 275 -20.09 -31.58 11.29
N THR D 276 -20.06 -30.44 11.95
CA THR D 276 -19.06 -29.39 11.66
C THR D 276 -18.97 -28.37 12.80
N PHE D 277 -17.85 -27.63 12.85
CA PHE D 277 -17.57 -26.66 13.91
C PHE D 277 -18.34 -25.35 13.65
N ARG D 278 -18.84 -24.73 14.71
CA ARG D 278 -19.49 -23.42 14.56
C ARG D 278 -18.45 -22.32 14.47
N THR D 279 -17.99 -22.07 13.25
CA THR D 279 -16.88 -21.17 12.96
C THR D 279 -17.29 -19.72 13.04
N LYS D 280 -18.58 -19.44 13.04
CA LYS D 280 -19.03 -18.06 12.95
C LYS D 280 -20.10 -17.78 13.97
N LEU D 281 -20.21 -16.52 14.35
CA LEU D 281 -21.29 -16.02 15.22
C LEU D 281 -22.66 -16.46 14.75
N GLU D 282 -22.92 -16.36 13.44
CA GLU D 282 -24.23 -16.77 12.89
C GLU D 282 -24.47 -18.28 12.96
N LEU D 283 -23.44 -19.06 13.28
CA LEU D 283 -23.57 -20.51 13.48
C LEU D 283 -23.68 -20.93 14.93
N LYS D 284 -23.69 -19.95 15.86
CA LYS D 284 -23.63 -20.28 17.30
C LYS D 284 -24.75 -21.24 17.76
N ASP D 285 -25.92 -21.16 17.15
CA ASP D 285 -27.06 -21.99 17.58
C ASP D 285 -27.33 -23.15 16.63
N LEU D 286 -26.35 -23.46 15.78
CA LEU D 286 -26.41 -24.67 15.00
C LEU D 286 -26.60 -25.89 15.94
N THR D 287 -27.51 -26.77 15.54
CA THR D 287 -27.73 -28.02 16.27
C THR D 287 -28.19 -29.13 15.34
N GLU D 289 -30.18 -31.27 16.31
CA GLU D 289 -31.62 -31.39 16.62
C GLU D 289 -32.54 -30.70 15.61
N THR D 290 -31.96 -29.84 14.77
CA THR D 290 -32.68 -29.20 13.69
C THR D 290 -33.48 -30.17 12.81
N ILE D 291 -32.88 -31.31 12.47
CA ILE D 291 -33.52 -32.30 11.62
C ILE D 291 -34.86 -32.79 12.21
N ALA D 292 -34.79 -33.34 13.42
CA ALA D 292 -35.99 -33.79 14.15
C ALA D 292 -36.98 -32.66 14.35
N LYS D 293 -36.48 -31.46 14.65
CA LYS D 293 -37.34 -30.29 14.85
C LYS D 293 -38.10 -29.84 13.60
N LEU D 294 -37.41 -29.73 12.47
CA LEU D 294 -38.06 -29.27 11.25
C LEU D 294 -39.00 -30.34 10.70
N LEU D 295 -38.62 -31.61 10.83
CA LEU D 295 -39.51 -32.70 10.46
C LEU D 295 -40.81 -32.68 11.26
N LYS D 296 -40.69 -32.51 12.58
CA LYS D 296 -41.86 -32.44 13.45
C LYS D 296 -42.84 -31.30 13.07
N ASP D 297 -42.30 -30.16 12.69
CA ASP D 297 -43.14 -29.02 12.29
C ASP D 297 -43.61 -29.07 10.85
N GLY D 298 -43.20 -30.11 10.12
CA GLY D 298 -43.73 -30.36 8.78
C GLY D 298 -43.07 -29.59 7.66
N VAL D 299 -41.83 -29.14 7.89
CA VAL D 299 -41.04 -28.49 6.84
C VAL D 299 -40.43 -29.56 5.96
N LEU D 300 -40.41 -29.31 4.65
CA LEU D 300 -39.70 -30.17 3.70
C LEU D 300 -38.19 -29.87 3.73
N ILE D 301 -37.39 -30.85 4.15
CA ILE D 301 -35.94 -30.65 4.25
C ILE D 301 -35.11 -31.72 3.51
N ALA D 302 -33.92 -31.31 3.06
CA ALA D 302 -32.87 -32.22 2.60
C ALA D 302 -31.64 -31.95 3.45
N LEU D 303 -30.71 -32.91 3.44
CA LEU D 303 -29.46 -32.76 4.18
C LEU D 303 -28.28 -32.62 3.21
N CYS D 305 -23.92 -31.94 2.71
CA CYS D 305 -22.56 -31.90 3.26
C CYS D 305 -21.92 -30.54 3.07
N ASP D 306 -22.47 -29.75 2.15
CA ASP D 306 -21.86 -28.48 1.72
C ASP D 306 -20.41 -28.75 1.34
N HIS D 307 -20.19 -29.89 0.67
CA HIS D 307 -18.87 -30.32 0.27
C HIS D 307 -18.16 -29.12 -0.38
N PRO D 308 -16.91 -28.83 0.03
CA PRO D 308 -15.96 -29.57 0.88
C PRO D 308 -15.99 -29.36 2.42
N VAL D 309 -16.95 -28.60 2.94
CA VAL D 309 -17.01 -28.43 4.40
C VAL D 309 -17.11 -29.81 5.09
N ILE D 310 -17.97 -30.67 4.58
CA ILE D 310 -17.92 -32.08 4.91
C ILE D 310 -17.71 -32.86 3.61
N PRO D 311 -16.72 -33.76 3.57
CA PRO D 311 -16.56 -34.52 2.33
C PRO D 311 -17.81 -35.32 2.00
N LEU D 312 -18.21 -35.26 0.74
CA LEU D 312 -19.40 -35.91 0.26
C LEU D 312 -19.36 -37.42 0.51
N GLU D 313 -18.18 -38.02 0.42
CA GLU D 313 -17.99 -39.44 0.78
C GLU D 313 -18.56 -39.82 2.15
N PHE D 314 -18.68 -38.83 3.03
CA PHE D 314 -19.14 -39.04 4.41
C PHE D 314 -20.55 -38.54 4.64
N ALA D 315 -21.31 -38.38 3.56
CA ALA D 315 -22.73 -38.04 3.68
C ALA D 315 -23.52 -38.98 4.61
N THR D 316 -23.25 -40.29 4.53
CA THR D 316 -23.95 -41.27 5.37
C THR D 316 -23.48 -41.17 6.83
N VAL D 317 -22.22 -40.81 7.03
CA VAL D 317 -21.68 -40.56 8.38
C VAL D 317 -22.42 -39.38 9.07
N GLN D 318 -22.55 -38.27 8.38
CA GLN D 318 -23.29 -37.12 8.94
C GLN D 318 -24.73 -37.51 9.27
N ALA D 319 -25.39 -38.15 8.31
CA ALA D 319 -26.76 -38.54 8.50
C ALA D 319 -26.93 -39.56 9.64
N ALA D 320 -26.06 -40.58 9.69
CA ALA D 320 -26.12 -41.57 10.78
C ALA D 320 -25.99 -40.92 12.15
N THR D 321 -25.10 -39.92 12.25
CA THR D 321 -24.80 -39.27 13.51
C THR D 321 -26.01 -38.53 14.08
N ALA D 322 -26.88 -38.07 13.19
CA ALA D 322 -28.11 -37.39 13.64
C ALA D 322 -29.02 -38.27 14.52
N ARG D 324 -28.14 -39.66 17.05
CA ARG D 324 -27.77 -39.23 18.40
C ARG D 324 -28.52 -37.97 18.85
N TYR D 325 -29.26 -37.35 17.94
CA TYR D 325 -29.98 -36.11 18.26
C TYR D 325 -31.48 -36.24 17.96
N GLY D 326 -31.98 -37.47 18.04
CA GLY D 326 -33.41 -37.71 17.98
C GLY D 326 -33.98 -37.87 16.58
N ALA D 327 -33.13 -37.88 15.56
CA ALA D 327 -33.58 -38.19 14.20
C ALA D 327 -33.74 -39.71 14.02
N LYS D 328 -34.78 -40.11 13.28
CA LYS D 328 -35.03 -41.54 12.98
C LYS D 328 -34.44 -41.97 11.63
N GLU D 329 -33.93 -43.20 11.60
CA GLU D 329 -33.38 -43.81 10.38
C GLU D 329 -34.19 -43.53 9.11
N GLU D 330 -35.51 -43.82 9.16
CA GLU D 330 -36.39 -43.68 7.99
C GLU D 330 -36.41 -42.25 7.44
N ASP D 331 -36.53 -41.28 8.33
CA ASP D 331 -36.48 -39.87 7.92
C ASP D 331 -35.10 -39.48 7.40
N LEU D 332 -34.05 -39.98 8.04
CA LEU D 332 -32.69 -39.63 7.61
C LEU D 332 -32.40 -40.15 6.22
N LEU D 333 -32.95 -41.32 5.87
CA LEU D 333 -32.80 -41.82 4.53
C LEU D 333 -33.57 -40.95 3.53
N LYS D 334 -34.76 -40.48 3.92
CA LYS D 334 -35.56 -39.64 3.04
C LYS D 334 -34.88 -38.31 2.74
N ILE D 335 -34.21 -37.72 3.73
CA ILE D 335 -33.58 -36.39 3.53
C ILE D 335 -32.29 -36.44 2.68
N LEU D 336 -31.88 -37.66 2.35
CA LEU D 336 -30.77 -37.88 1.41
C LEU D 336 -31.25 -38.43 0.06
N THR D 337 -32.56 -38.60 -0.11
CA THR D 337 -33.04 -39.27 -1.33
C THR D 337 -34.27 -38.59 -1.94
N VAL D 338 -35.45 -39.00 -1.49
CA VAL D 338 -36.70 -38.47 -2.01
C VAL D 338 -36.89 -36.96 -1.74
N ASN D 339 -36.49 -36.48 -0.57
CA ASN D 339 -36.63 -35.04 -0.26
C ASN D 339 -35.72 -34.14 -1.12
N PRO D 340 -34.40 -34.40 -1.18
CA PRO D 340 -33.64 -33.54 -2.11
C PRO D 340 -34.14 -33.68 -3.56
N ALA D 341 -34.63 -34.86 -3.94
CA ALA D 341 -35.15 -35.06 -5.30
C ALA D 341 -36.34 -34.15 -5.56
N LYS D 342 -37.26 -34.06 -4.60
CA LYS D 342 -38.38 -33.16 -4.70
C LYS D 342 -37.95 -31.68 -4.73
N ILE D 343 -37.04 -31.29 -3.83
CA ILE D 343 -36.55 -29.91 -3.78
C ILE D 343 -35.89 -29.51 -5.13
N LEU D 344 -35.20 -30.45 -5.78
CA LEU D 344 -34.58 -30.19 -7.07
C LEU D 344 -35.58 -30.28 -8.25
N GLY D 345 -36.83 -30.58 -7.96
CA GLY D 345 -37.85 -30.83 -9.01
C GLY D 345 -37.60 -32.09 -9.84
N LEU D 346 -36.99 -33.10 -9.22
CA LEU D 346 -36.63 -34.34 -9.94
C LEU D 346 -37.15 -35.63 -9.27
N GLU D 347 -38.23 -35.50 -8.51
CA GLU D 347 -38.81 -36.65 -7.77
C GLU D 347 -39.33 -37.75 -8.71
N ASP D 348 -39.60 -37.40 -9.96
CA ASP D 348 -40.05 -38.37 -10.95
C ASP D 348 -38.87 -39.19 -11.50
N ARG D 349 -37.65 -38.74 -11.22
CA ARG D 349 -36.47 -39.37 -11.83
C ARG D 349 -35.50 -40.10 -10.92
N ILE D 350 -35.27 -39.56 -9.72
CA ILE D 350 -34.24 -40.07 -8.80
C ILE D 350 -34.77 -40.06 -7.39
N GLY D 351 -34.02 -40.67 -6.46
CA GLY D 351 -34.34 -40.66 -5.04
C GLY D 351 -35.12 -41.85 -4.48
N SER D 352 -35.65 -42.70 -5.35
CA SER D 352 -36.37 -43.89 -4.86
C SER D 352 -36.26 -45.06 -5.84
N ILE D 353 -36.59 -46.26 -5.37
CA ILE D 353 -36.57 -47.45 -6.22
C ILE D 353 -38.02 -47.77 -6.55
N GLU D 354 -38.56 -47.08 -7.56
CA GLU D 354 -39.90 -47.30 -8.09
C GLU D 354 -39.84 -47.50 -9.59
N PRO D 355 -40.80 -48.26 -10.16
CA PRO D 355 -40.76 -48.46 -11.61
C PRO D 355 -40.80 -47.14 -12.38
N GLY D 356 -40.00 -47.04 -13.44
CA GLY D 356 -39.94 -45.83 -14.27
C GLY D 356 -38.90 -44.79 -13.88
N LYS D 357 -38.45 -44.79 -12.63
CA LYS D 357 -37.39 -43.88 -12.17
C LYS D 357 -36.02 -44.34 -12.67
N ASP D 358 -35.04 -43.43 -12.69
CA ASP D 358 -33.68 -43.71 -13.17
C ASP D 358 -33.04 -44.78 -12.31
N ALA D 359 -32.30 -45.68 -12.95
CA ALA D 359 -31.67 -46.78 -12.21
C ALA D 359 -30.37 -46.30 -11.60
N ASP D 360 -30.48 -45.38 -10.64
CA ASP D 360 -29.34 -44.98 -9.87
C ASP D 360 -29.34 -45.79 -8.59
N LEU D 361 -28.43 -46.75 -8.52
CA LEU D 361 -28.53 -47.80 -7.51
C LEU D 361 -27.16 -48.07 -6.92
N VAL D 362 -27.14 -48.34 -5.61
CA VAL D 362 -25.91 -48.56 -4.88
C VAL D 362 -26.02 -49.85 -4.07
N VAL D 363 -25.00 -50.71 -4.25
CA VAL D 363 -24.91 -51.96 -3.53
C VAL D 363 -24.03 -51.70 -2.32
N TRP D 364 -24.66 -51.80 -1.13
CA TRP D 364 -23.96 -51.69 0.14
C TRP D 364 -23.75 -53.10 0.75
N SER D 365 -22.63 -53.28 1.45
CA SER D 365 -22.35 -54.52 2.21
C SER D 365 -23.22 -54.70 3.45
N GLY D 366 -23.82 -53.62 3.94
CA GLY D 366 -24.69 -53.63 5.12
C GLY D 366 -25.43 -52.30 5.14
N HIS D 367 -26.15 -52.00 6.21
CA HIS D 367 -26.89 -50.74 6.26
C HIS D 367 -25.92 -49.57 6.15
N PRO D 368 -26.26 -48.55 5.34
CA PRO D 368 -25.42 -47.36 5.19
C PRO D 368 -25.14 -46.60 6.49
N PHE D 369 -26.00 -46.74 7.50
CA PHE D 369 -25.81 -46.00 8.73
C PHE D 369 -25.01 -46.81 9.75
N ASP D 370 -24.56 -47.97 9.32
CA ASP D 370 -23.67 -48.81 10.11
C ASP D 370 -22.27 -48.53 9.60
N LYS D 372 -19.54 -50.08 9.65
CA LYS D 372 -18.82 -51.20 9.06
C LYS D 372 -19.16 -51.39 7.59
N SER D 373 -20.27 -50.80 7.14
CA SER D 373 -20.75 -51.00 5.77
C SER D 373 -19.93 -50.26 4.73
N VAL D 374 -19.71 -50.89 3.58
CA VAL D 374 -19.00 -50.24 2.48
C VAL D 374 -19.84 -50.26 1.18
N VAL D 375 -19.51 -49.39 0.24
CA VAL D 375 -20.15 -49.43 -1.07
C VAL D 375 -19.43 -50.46 -1.90
N GLU D 376 -20.19 -51.42 -2.42
CA GLU D 376 -19.61 -52.44 -3.29
C GLU D 376 -19.70 -52.12 -4.78
N ARG D 377 -20.83 -51.55 -5.21
CA ARG D 377 -21.05 -51.19 -6.61
C ARG D 377 -21.96 -50.00 -6.69
N VAL D 378 -21.81 -49.23 -7.78
CA VAL D 378 -22.73 -48.12 -8.02
C VAL D 378 -23.13 -48.11 -9.48
N TYR D 379 -24.42 -47.96 -9.72
CA TYR D 379 -24.96 -47.86 -11.06
C TYR D 379 -25.63 -46.51 -11.21
N ILE D 380 -25.35 -45.82 -12.31
CA ILE D 380 -26.05 -44.59 -12.64
C ILE D 380 -26.69 -44.80 -14.00
N ASP D 381 -27.99 -44.51 -14.09
CA ASP D 381 -28.79 -44.82 -15.29
C ASP D 381 -28.58 -46.27 -15.75
N GLY D 382 -28.54 -47.19 -14.79
CA GLY D 382 -28.33 -48.60 -15.08
C GLY D 382 -26.95 -49.01 -15.56
N VAL D 383 -25.98 -48.11 -15.46
CA VAL D 383 -24.61 -48.41 -15.92
C VAL D 383 -23.65 -48.40 -14.74
N GLU D 384 -22.84 -49.45 -14.60
CA GLU D 384 -21.89 -49.50 -13.49
C GLU D 384 -20.83 -48.40 -13.62
N VAL D 385 -20.71 -47.58 -12.59
CA VAL D 385 -19.75 -46.47 -12.61
C VAL D 385 -18.69 -46.64 -11.53
N PHE D 386 -18.98 -47.50 -10.56
CA PHE D 386 -18.04 -47.79 -9.48
C PHE D 386 -18.14 -49.25 -9.06
N ARG D 387 -16.97 -49.86 -8.86
CA ARG D 387 -16.87 -51.21 -8.30
C ARG D 387 -15.70 -51.26 -7.32
N ARG D 388 -16.02 -51.63 -6.08
CA ARG D 388 -15.04 -51.68 -5.00
C ARG D 388 -13.93 -52.66 -5.34
N GLU D 389 -12.68 -52.25 -5.11
CA GLU D 389 -11.50 -53.07 -5.41
C GLU D 389 -10.97 -53.74 -4.13
N LYS E 6 12.86 51.20 -39.62
CA LYS E 6 13.59 50.63 -40.79
C LYS E 6 15.08 50.45 -40.50
N ILE E 7 15.58 49.24 -40.71
CA ILE E 7 16.95 48.89 -40.30
C ILE E 7 17.76 48.35 -41.48
N LEU E 8 18.96 48.92 -41.68
CA LEU E 8 19.87 48.46 -42.72
C LEU E 8 21.15 47.89 -42.12
N PHE E 9 21.25 46.58 -42.23
CA PHE E 9 22.42 45.84 -41.78
C PHE E 9 23.43 45.86 -42.92
N LYS E 10 24.60 46.42 -42.68
CA LYS E 10 25.60 46.53 -43.74
C LYS E 10 26.83 45.66 -43.53
N ASN E 11 27.26 45.01 -44.61
CA ASN E 11 28.60 44.44 -44.68
C ASN E 11 28.86 43.12 -43.96
N ALA E 12 27.80 42.41 -43.60
CA ALA E 12 27.95 41.11 -42.98
C ALA E 12 28.30 40.08 -44.04
N THR E 13 28.87 38.96 -43.62
CA THR E 13 28.76 37.75 -44.41
C THR E 13 27.33 37.26 -44.16
N VAL E 14 26.52 37.34 -45.21
CA VAL E 14 25.12 36.97 -45.11
C VAL E 14 24.99 35.51 -45.55
N PHE E 15 24.19 34.76 -44.80
CA PHE E 15 23.88 33.37 -45.10
C PHE E 15 22.36 33.27 -45.29
N PRO E 16 21.89 33.46 -46.53
CA PRO E 16 20.45 33.48 -46.81
C PRO E 16 19.85 32.09 -46.73
N ILE E 17 20.72 31.07 -46.77
CA ILE E 17 20.37 29.64 -46.81
C ILE E 17 19.79 29.19 -48.16
N THR E 18 18.84 29.94 -48.69
CA THR E 18 18.21 29.58 -49.97
C THR E 18 19.09 30.01 -51.16
N SER E 19 20.18 30.71 -50.86
CA SER E 19 21.24 30.95 -51.83
C SER E 19 22.58 30.99 -51.11
N ARG E 20 23.68 30.96 -51.87
CA ARG E 20 25.01 30.89 -51.28
C ARG E 20 25.36 32.16 -50.46
N PRO E 21 26.26 32.03 -49.47
CA PRO E 21 26.68 33.15 -48.66
C PRO E 21 27.41 34.22 -49.49
N PHE E 22 27.18 35.49 -49.17
CA PHE E 22 27.84 36.60 -49.87
C PHE E 22 28.09 37.69 -48.85
N LYS E 23 29.09 38.54 -49.11
CA LYS E 23 29.28 39.73 -48.30
C LYS E 23 28.34 40.82 -48.80
N GLY E 24 27.46 41.32 -47.93
CA GLY E 24 26.51 42.34 -48.36
C GLY E 24 25.55 42.84 -47.30
N ASP E 25 24.40 43.33 -47.75
CA ASP E 25 23.47 44.08 -46.92
C ASP E 25 22.09 43.44 -46.81
N VAL E 26 21.42 43.71 -45.70
CA VAL E 26 20.02 43.33 -45.53
C VAL E 26 19.25 44.54 -44.98
N LEU E 27 18.19 44.92 -45.69
CA LEU E 27 17.29 45.99 -45.25
C LEU E 27 16.02 45.37 -44.69
N VAL E 28 15.60 45.88 -43.53
CA VAL E 28 14.42 45.40 -42.83
C VAL E 28 13.43 46.55 -42.62
N SER E 29 12.15 46.28 -42.85
CA SER E 29 11.05 47.20 -42.53
C SER E 29 9.74 46.45 -42.36
N ASN E 30 8.85 47.02 -41.55
CA ASN E 30 7.53 46.44 -41.23
C ASN E 30 7.65 44.97 -40.80
N GLY E 31 8.68 44.69 -39.99
CA GLY E 31 8.91 43.37 -39.44
C GLY E 31 9.36 42.29 -40.41
N LYS E 32 9.72 42.69 -41.64
CA LYS E 32 10.06 41.73 -42.70
C LYS E 32 11.37 42.11 -43.39
N VAL E 33 12.05 41.11 -43.96
CA VAL E 33 13.16 41.38 -44.87
C VAL E 33 12.60 42.11 -46.13
N GLU E 34 13.10 43.31 -46.41
CA GLU E 34 12.64 44.05 -47.59
C GLU E 34 13.60 43.83 -48.76
N LYS E 35 14.89 43.97 -48.52
CA LYS E 35 15.90 43.78 -49.56
C LYS E 35 17.11 43.01 -49.05
N VAL E 36 17.65 42.18 -49.93
CA VAL E 36 18.89 41.45 -49.70
C VAL E 36 19.73 41.71 -50.93
N GLY E 37 21.01 41.98 -50.74
CA GLY E 37 21.84 42.28 -51.89
C GLY E 37 23.17 42.90 -51.55
N GLU E 38 24.04 42.93 -52.55
CA GLU E 38 25.46 43.22 -52.39
C GLU E 38 25.70 44.66 -51.97
N ASN E 39 24.78 45.54 -52.37
CA ASN E 39 24.91 46.94 -52.03
C ASN E 39 23.55 47.61 -51.96
N ILE E 40 23.08 47.81 -50.73
CA ILE E 40 21.83 48.53 -50.49
C ILE E 40 22.10 49.86 -49.78
N GLU E 41 21.31 50.87 -50.10
CA GLU E 41 21.36 52.15 -49.41
C GLU E 41 19.93 52.66 -49.17
N ASP E 42 19.77 53.40 -48.09
CA ASP E 42 18.46 53.90 -47.66
C ASP E 42 18.75 55.05 -46.71
N PRO E 43 18.36 56.28 -47.10
CA PRO E 43 18.75 57.46 -46.33
C PRO E 43 18.06 57.53 -44.96
N ASP E 44 16.86 56.97 -44.86
CA ASP E 44 16.07 57.05 -43.62
C ASP E 44 16.32 55.91 -42.62
N ALA E 45 17.00 54.85 -43.06
CA ALA E 45 17.24 53.67 -42.21
C ALA E 45 18.25 53.90 -41.10
N GLU E 46 18.02 53.27 -39.95
CA GLU E 46 19.05 53.16 -38.93
C GLU E 46 20.07 52.16 -39.47
N ILE E 47 21.32 52.57 -39.59
CA ILE E 47 22.30 51.65 -40.13
C ILE E 47 23.03 50.90 -39.01
N VAL E 48 23.13 49.58 -39.16
CA VAL E 48 23.87 48.72 -38.25
C VAL E 48 25.06 48.13 -39.00
N ASP E 49 26.27 48.44 -38.52
CA ASP E 49 27.49 48.02 -39.18
C ASP E 49 27.92 46.62 -38.75
N LEU E 50 27.83 45.67 -39.67
CA LEU E 50 28.15 44.28 -39.36
C LEU E 50 29.44 43.80 -40.02
N THR E 51 30.34 44.72 -40.32
CA THR E 51 31.69 44.36 -40.77
C THR E 51 32.33 43.29 -39.86
N GLY E 52 32.85 42.23 -40.48
CA GLY E 52 33.49 41.15 -39.74
C GLY E 52 32.52 40.20 -39.04
N LYS E 53 31.21 40.43 -39.20
CA LYS E 53 30.17 39.57 -38.56
C LYS E 53 29.43 38.69 -39.59
N PHE E 54 28.70 37.68 -39.06
CA PHE E 54 27.97 36.69 -39.86
C PHE E 54 26.47 36.85 -39.61
N LEU E 55 25.70 37.03 -40.67
CA LEU E 55 24.26 37.23 -40.51
C LEU E 55 23.48 36.02 -40.98
N PHE E 56 22.80 35.39 -40.02
CA PHE E 56 22.00 34.20 -40.25
C PHE E 56 20.51 34.44 -39.97
N PRO E 57 19.65 33.62 -40.59
CA PRO E 57 18.28 33.53 -40.09
C PRO E 57 18.28 32.88 -38.69
N GLY E 58 17.25 33.16 -37.89
CA GLY E 58 17.12 32.48 -36.62
C GLY E 58 16.92 31.00 -36.87
N PHE E 59 17.52 30.15 -36.02
CA PHE E 59 17.32 28.71 -36.14
C PHE E 59 15.93 28.30 -35.64
N VAL E 60 15.43 27.21 -36.21
CA VAL E 60 14.09 26.73 -35.97
C VAL E 60 14.17 25.28 -35.50
N ASP E 61 13.66 25.02 -34.29
CA ASP E 61 13.65 23.67 -33.74
C ASP E 61 12.23 23.15 -33.83
N ALA E 62 12.05 22.15 -34.68
CA ALA E 62 10.74 21.63 -35.01
C ALA E 62 10.05 20.79 -33.91
N HIS E 63 10.72 20.55 -32.78
CA HIS E 63 10.16 19.72 -31.69
C HIS E 63 10.84 20.03 -30.37
N SER E 64 10.11 20.68 -29.46
CA SER E 64 10.71 21.18 -28.21
C SER E 64 9.76 21.21 -27.02
N HIS E 65 10.35 21.14 -25.84
CA HIS E 65 9.58 21.24 -24.61
C HIS E 65 10.06 22.44 -23.79
N ILE E 66 10.84 23.34 -24.40
CA ILE E 66 11.26 24.55 -23.72
C ILE E 66 9.99 25.31 -23.22
N GLY E 67 10.09 25.93 -22.05
CA GLY E 67 8.98 26.66 -21.44
C GLY E 67 7.99 25.77 -20.71
N LEU E 68 7.96 24.48 -21.06
CA LEU E 68 7.06 23.50 -20.45
C LEU E 68 7.75 22.78 -19.31
N PHE E 69 9.04 22.54 -19.51
CA PHE E 69 9.91 21.92 -18.51
C PHE E 69 10.86 23.03 -18.03
N GLU E 70 10.42 23.82 -17.06
CA GLU E 70 11.18 24.97 -16.59
C GLU E 70 12.61 24.58 -16.18
N GLU E 71 13.60 25.37 -16.61
CA GLU E 71 14.99 25.09 -16.25
C GLU E 71 15.36 25.61 -14.83
N GLY E 72 16.22 24.85 -14.13
CA GLY E 72 16.80 25.28 -12.85
C GLY E 72 15.84 25.15 -11.69
N VAL E 73 14.94 24.17 -11.78
CA VAL E 73 13.74 24.14 -10.94
C VAL E 73 13.37 22.74 -10.42
N GLY E 74 13.67 21.70 -11.20
CA GLY E 74 13.44 20.32 -10.78
C GLY E 74 12.35 19.64 -11.60
N TYR E 75 12.56 18.36 -11.91
CA TYR E 75 11.62 17.51 -12.64
C TYR E 75 10.17 17.62 -12.19
N TYR E 76 9.95 17.74 -10.89
CA TYR E 76 8.61 17.76 -10.33
C TYR E 76 7.69 18.82 -10.95
N TYR E 77 8.29 19.92 -11.39
CA TYR E 77 7.51 21.06 -11.88
C TYR E 77 7.21 21.03 -13.38
N SER E 78 7.64 19.97 -14.06
CA SER E 78 7.41 19.87 -15.49
C SER E 78 5.93 19.85 -15.83
N ASP E 79 5.56 20.61 -16.85
CA ASP E 79 4.20 20.67 -17.38
C ASP E 79 4.01 19.93 -18.73
N GLY E 80 5.02 19.15 -19.12
CA GLY E 80 5.11 18.58 -20.47
C GLY E 80 4.37 17.28 -20.76
N ASN E 81 3.96 16.56 -19.72
CA ASN E 81 3.23 15.28 -19.89
C ASN E 81 2.05 15.15 -18.95
N GLU E 82 0.84 15.14 -19.51
CA GLU E 82 -0.34 14.89 -18.69
C GLU E 82 -0.50 13.35 -18.59
N ALA E 83 0.41 12.74 -17.82
CA ALA E 83 0.52 11.29 -17.74
C ALA E 83 -0.50 10.64 -16.77
N THR E 84 -1.76 11.05 -16.87
CA THR E 84 -2.85 10.52 -16.01
C THR E 84 -4.00 9.91 -16.83
N ASP E 85 -3.77 9.74 -18.12
CA ASP E 85 -4.80 9.34 -19.08
C ASP E 85 -4.08 9.20 -20.42
N PRO E 86 -4.13 7.99 -21.04
CA PRO E 86 -3.31 7.77 -22.24
C PRO E 86 -3.81 8.50 -23.51
N VAL E 87 -4.97 9.13 -23.41
CA VAL E 87 -5.58 9.90 -24.49
C VAL E 87 -5.94 11.33 -24.04
N THR E 88 -5.03 12.28 -24.22
CA THR E 88 -5.29 13.68 -23.85
C THR E 88 -5.09 14.65 -25.05
N PRO E 89 -5.81 14.42 -26.18
CA PRO E 89 -5.62 15.25 -27.37
C PRO E 89 -6.03 16.70 -27.14
N HIS E 90 -6.95 16.89 -26.21
CA HIS E 90 -7.51 18.21 -25.89
C HIS E 90 -6.55 19.16 -25.16
N VAL E 91 -5.46 18.63 -24.57
CA VAL E 91 -4.55 19.53 -23.85
C VAL E 91 -3.56 20.19 -24.81
N LYS E 92 -3.14 21.41 -24.47
CA LYS E 92 -2.30 22.19 -25.36
C LYS E 92 -0.98 22.55 -24.68
N ALA E 93 0.14 22.30 -25.35
CA ALA E 93 1.46 22.79 -24.92
C ALA E 93 1.41 24.30 -24.62
N LEU E 94 0.61 25.01 -25.40
CA LEU E 94 0.46 26.44 -25.20
C LEU E 94 0.05 26.78 -23.77
N ASP E 95 -0.79 25.92 -23.20
CA ASP E 95 -1.31 26.16 -21.84
C ASP E 95 -0.37 25.79 -20.69
N GLY E 96 0.82 25.28 -21.01
CA GLY E 96 1.83 25.05 -20.00
C GLY E 96 3.10 25.83 -20.26
N PHE E 97 3.10 26.66 -21.30
CA PHE E 97 4.35 27.31 -21.74
C PHE E 97 4.64 28.55 -20.89
N ASN E 98 5.82 28.56 -20.27
CA ASN E 98 6.27 29.70 -19.47
C ASN E 98 7.33 30.53 -20.24
N PRO E 99 6.91 31.71 -20.77
CA PRO E 99 7.83 32.56 -21.54
C PRO E 99 8.99 33.16 -20.72
N GLN E 100 8.98 32.98 -19.39
CA GLN E 100 10.05 33.43 -18.52
C GLN E 100 11.00 32.29 -18.13
N ASP E 101 10.78 31.09 -18.65
CA ASP E 101 11.74 29.99 -18.46
C ASP E 101 13.15 30.53 -18.75
N PRO E 102 14.12 30.38 -17.81
CA PRO E 102 15.47 30.92 -18.07
C PRO E 102 16.18 30.26 -19.26
N ALA E 103 15.69 29.10 -19.68
CA ALA E 103 16.22 28.42 -20.87
C ALA E 103 15.99 29.20 -22.18
N ILE E 104 15.01 30.09 -22.17
CA ILE E 104 14.63 30.83 -23.38
C ILE E 104 15.69 31.87 -23.77
N GLU E 105 16.08 32.71 -22.82
CA GLU E 105 17.14 33.68 -23.04
C GLU E 105 18.43 32.98 -23.50
N ARG E 106 18.67 31.78 -22.96
CA ARG E 106 19.82 30.97 -23.33
C ARG E 106 19.71 30.39 -24.75
N ALA E 107 18.49 30.00 -25.14
CA ALA E 107 18.23 29.53 -26.51
C ALA E 107 18.51 30.65 -27.51
N LEU E 108 18.11 31.87 -27.16
CA LEU E 108 18.36 33.04 -27.98
C LEU E 108 19.86 33.25 -28.15
N ALA E 109 20.62 33.07 -27.06
CA ALA E 109 22.08 33.17 -27.10
C ALA E 109 22.72 32.03 -27.91
N GLY E 110 21.93 30.99 -28.21
CA GLY E 110 22.37 29.94 -29.12
C GLY E 110 21.85 30.15 -30.55
N GLY E 111 21.17 31.27 -30.77
CA GLY E 111 20.68 31.66 -32.11
C GLY E 111 19.34 31.08 -32.52
N VAL E 112 18.56 30.55 -31.56
CA VAL E 112 17.27 29.91 -31.84
C VAL E 112 16.15 30.91 -31.64
N THR E 113 15.29 31.05 -32.65
CA THR E 113 14.25 32.07 -32.57
C THR E 113 12.84 31.50 -32.59
N SER E 114 12.66 30.34 -33.24
CA SER E 114 11.35 29.74 -33.38
C SER E 114 11.37 28.27 -33.00
N VAL E 115 10.33 27.81 -32.32
CA VAL E 115 10.26 26.39 -31.98
C VAL E 115 8.83 25.90 -32.05
N ILE E 117 6.47 23.96 -29.68
CA ILE E 117 6.27 23.40 -28.35
C ILE E 117 5.22 22.32 -28.42
N VAL E 118 5.50 21.21 -27.76
CA VAL E 118 4.70 20.00 -27.94
C VAL E 118 4.73 19.22 -26.63
N PRO E 119 3.62 18.51 -26.28
CA PRO E 119 3.71 17.60 -25.14
C PRO E 119 4.78 16.53 -25.37
N GLY E 120 5.15 15.80 -24.32
CA GLY E 120 6.21 14.77 -24.44
C GLY E 120 5.67 13.45 -24.95
N SER E 121 6.31 12.35 -24.54
CA SER E 121 5.98 11.04 -25.10
C SER E 121 5.38 10.02 -24.12
N ALA E 122 4.85 10.49 -22.99
CA ALA E 122 4.22 9.55 -22.03
C ALA E 122 2.91 8.94 -22.55
N ASN E 123 2.16 9.71 -23.34
CA ASN E 123 0.83 9.31 -23.78
C ASN E 123 0.80 8.87 -25.24
N PRO E 124 0.09 7.75 -25.54
CA PRO E 124 -0.21 7.37 -26.92
C PRO E 124 -0.77 8.57 -27.70
N VAL E 125 -1.68 9.32 -27.08
CA VAL E 125 -2.11 10.63 -27.63
C VAL E 125 -1.88 11.72 -26.57
N GLY E 126 -0.96 12.63 -26.85
CA GLY E 126 -0.45 13.55 -25.81
C GLY E 126 -1.00 14.97 -25.77
N GLY E 127 -1.48 15.46 -26.91
CA GLY E 127 -2.01 16.82 -26.99
C GLY E 127 -1.42 17.63 -28.13
N GLN E 128 -1.77 18.91 -28.16
CA GLN E 128 -1.45 19.80 -29.28
C GLN E 128 -0.14 20.56 -29.14
N GLY E 129 0.63 20.61 -30.23
CA GLY E 129 1.76 21.50 -30.37
C GLY E 129 1.34 22.84 -30.99
N SER E 130 2.16 23.87 -30.75
CA SER E 130 2.01 25.20 -31.35
C SER E 130 3.38 25.69 -31.77
N VAL E 131 3.45 26.42 -32.89
CA VAL E 131 4.67 27.15 -33.22
C VAL E 131 4.64 28.55 -32.58
N ILE E 132 5.74 28.88 -31.89
CA ILE E 132 5.91 30.16 -31.22
C ILE E 132 7.28 30.78 -31.52
N LYS E 133 7.39 32.09 -31.34
CA LYS E 133 8.68 32.76 -31.37
C LYS E 133 8.97 33.33 -29.98
N PHE E 134 10.25 33.42 -29.62
CA PHE E 134 10.64 33.98 -28.32
C PHE E 134 10.59 35.49 -28.33
N ARG E 135 9.41 36.06 -28.57
CA ARG E 135 9.32 37.50 -28.81
C ARG E 135 8.81 38.34 -27.64
N SER E 136 8.25 37.68 -26.62
CA SER E 136 7.44 38.38 -25.61
C SER E 136 7.21 37.47 -24.40
N ILE E 137 6.96 38.08 -23.24
CA ILE E 137 6.53 37.36 -22.06
C ILE E 137 5.03 37.02 -22.15
N ILE E 138 4.37 37.56 -23.16
CA ILE E 138 2.94 37.29 -23.41
C ILE E 138 2.76 36.20 -24.47
N VAL E 139 2.32 35.01 -24.05
CA VAL E 139 2.33 33.84 -24.93
C VAL E 139 1.56 34.06 -26.26
N GLU E 140 0.45 34.78 -26.18
CA GLU E 140 -0.41 35.03 -27.33
C GLU E 140 0.36 35.83 -28.38
N GLU E 141 1.23 36.73 -27.93
CA GLU E 141 2.09 37.48 -28.84
C GLU E 141 3.20 36.63 -29.46
N CYS E 142 3.55 35.51 -28.81
CA CYS E 142 4.56 34.57 -29.31
C CYS E 142 4.03 33.62 -30.39
N ILE E 143 2.71 33.46 -30.46
CA ILE E 143 2.09 32.45 -31.31
C ILE E 143 2.35 32.73 -32.79
N VAL E 144 2.86 31.74 -33.51
CA VAL E 144 2.92 31.79 -34.97
C VAL E 144 1.81 30.91 -35.59
N LYS E 145 1.70 29.68 -35.08
CA LYS E 145 0.75 28.73 -35.64
C LYS E 145 0.24 27.86 -34.51
N ASP E 146 -1.06 27.95 -34.31
CA ASP E 146 -1.72 27.24 -33.22
C ASP E 146 -3.13 26.82 -33.66
N PRO E 147 -3.48 25.53 -33.52
CA PRO E 147 -2.57 24.42 -33.20
C PRO E 147 -1.70 24.08 -34.41
N ALA E 148 -0.57 23.40 -34.19
CA ALA E 148 0.34 23.08 -35.29
C ALA E 148 0.44 21.57 -35.54
N GLY E 149 -0.15 20.78 -34.64
CA GLY E 149 -0.01 19.34 -34.70
C GLY E 149 -0.57 18.64 -33.48
N LEU E 150 -0.84 17.35 -33.63
CA LEU E 150 -1.30 16.52 -32.53
C LEU E 150 -0.25 15.48 -32.26
N LYS E 151 0.36 15.57 -31.08
CA LYS E 151 1.44 14.69 -30.67
C LYS E 151 0.95 13.31 -30.23
N ALA E 153 2.56 9.03 -29.44
CA ALA E 153 3.80 8.36 -29.07
C ALA E 153 3.70 6.86 -29.13
N PHE E 154 4.76 6.24 -29.63
CA PHE E 154 4.87 4.78 -29.74
C PHE E 154 6.12 4.29 -29.01
N GLY E 155 6.20 2.99 -28.82
CA GLY E 155 7.41 2.37 -28.26
C GLY E 155 7.41 2.29 -26.75
N GLU E 156 8.60 2.35 -26.16
CA GLU E 156 8.77 2.06 -24.74
C GLU E 156 8.07 3.05 -23.80
N ASN E 157 8.09 4.35 -24.14
CA ASN E 157 7.63 5.37 -23.18
C ASN E 157 6.15 5.23 -22.80
N PRO E 158 5.22 5.22 -23.78
CA PRO E 158 3.83 5.11 -23.30
C PRO E 158 3.51 3.80 -22.58
N LYS E 159 4.06 2.69 -23.05
CA LYS E 159 3.76 1.43 -22.35
C LYS E 159 4.41 1.31 -20.96
N ARG E 160 5.56 1.97 -20.78
CA ARG E 160 6.19 2.02 -19.46
C ARG E 160 5.31 2.84 -18.52
N VAL E 161 4.95 4.04 -18.96
CA VAL E 161 4.07 4.95 -18.19
C VAL E 161 2.75 4.28 -17.73
N TYR E 162 1.99 3.73 -18.67
CA TYR E 162 0.70 3.10 -18.29
C TYR E 162 0.82 1.69 -17.72
N GLY E 163 1.83 0.94 -18.18
CA GLY E 163 2.15 -0.36 -17.55
C GLY E 163 2.42 -0.17 -16.08
N GLU E 164 3.20 0.86 -15.73
CA GLU E 164 3.45 1.16 -14.31
C GLU E 164 2.17 1.52 -13.55
N ARG E 165 1.22 2.16 -14.23
CA ARG E 165 -0.09 2.48 -13.66
C ARG E 165 -1.01 1.25 -13.66
N LYS E 166 -0.52 0.10 -14.14
CA LYS E 166 -1.34 -1.13 -14.26
C LYS E 166 -2.51 -0.87 -15.20
N GLN E 167 -2.29 -0.05 -16.21
CA GLN E 167 -3.36 0.45 -17.06
C GLN E 167 -3.00 0.27 -18.54
N THR E 168 -4.01 0.06 -19.38
CA THR E 168 -3.80 0.02 -20.83
C THR E 168 -3.27 1.39 -21.29
N PRO E 169 -2.18 1.42 -22.06
CA PRO E 169 -1.40 0.28 -22.61
C PRO E 169 -0.20 -0.13 -21.77
N SER E 170 0.03 -1.43 -21.69
CA SER E 170 1.26 -2.00 -21.14
C SER E 170 2.14 -2.69 -22.20
N THR E 171 1.69 -2.68 -23.45
CA THR E 171 2.38 -3.34 -24.59
C THR E 171 2.26 -2.48 -25.85
N ARG E 172 3.12 -2.73 -26.84
CA ARG E 172 3.02 -2.06 -28.14
C ARG E 172 1.67 -2.37 -28.82
N GLY E 174 -1.12 -2.71 -27.29
CA GLY E 174 -2.10 -1.86 -26.59
C GLY E 174 -2.00 -0.41 -27.03
N THR E 175 -0.78 0.07 -27.24
CA THR E 175 -0.55 1.47 -27.62
C THR E 175 -1.21 1.74 -28.98
N ALA E 176 -0.93 0.88 -29.95
CA ALA E 176 -1.60 0.95 -31.25
C ALA E 176 -3.13 0.85 -31.06
N GLY E 177 -3.59 -0.10 -30.24
CA GLY E 177 -5.04 -0.26 -29.94
C GLY E 177 -5.69 1.00 -29.40
N VAL E 178 -5.00 1.69 -28.50
CA VAL E 178 -5.54 2.91 -27.89
C VAL E 178 -5.73 4.02 -28.95
N ILE E 179 -4.73 4.16 -29.83
CA ILE E 179 -4.74 5.18 -30.88
C ILE E 179 -5.81 4.87 -31.93
N ARG E 180 -5.91 3.60 -32.31
CA ARG E 180 -6.93 3.17 -33.26
C ARG E 180 -8.33 3.37 -32.74
N ASP E 181 -8.52 3.03 -31.47
CA ASP E 181 -9.82 3.15 -30.82
C ASP E 181 -10.21 4.63 -30.79
N TYR E 182 -9.23 5.47 -30.47
CA TYR E 182 -9.44 6.92 -30.48
C TYR E 182 -9.92 7.41 -31.86
N PHE E 183 -9.19 7.10 -32.93
CA PHE E 183 -9.63 7.53 -34.24
C PHE E 183 -10.95 6.91 -34.71
N THR E 184 -11.24 5.69 -34.28
CA THR E 184 -12.54 5.09 -34.55
C THR E 184 -13.67 5.96 -33.96
N LYS E 185 -13.44 6.43 -32.74
CA LYS E 185 -14.37 7.33 -32.08
C LYS E 185 -14.46 8.67 -32.80
N VAL E 186 -13.32 9.20 -33.24
CA VAL E 186 -13.29 10.43 -34.03
C VAL E 186 -14.20 10.33 -35.28
N LYS E 187 -14.06 9.25 -36.04
CA LYS E 187 -14.90 9.03 -37.23
C LYS E 187 -16.39 9.04 -36.92
N ASN E 188 -16.79 8.37 -35.83
CA ASN E 188 -18.19 8.35 -35.35
C ASN E 188 -18.72 9.75 -35.07
N TYR E 189 -17.87 10.52 -34.40
CA TYR E 189 -18.17 11.88 -33.98
C TYR E 189 -18.36 12.73 -35.22
N LYS E 191 -19.27 11.67 -38.27
CA LYS E 191 -20.51 11.22 -38.90
C LYS E 191 -21.72 11.85 -38.21
N LYS E 192 -21.72 11.86 -36.88
CA LYS E 192 -22.81 12.49 -36.15
C LYS E 192 -22.90 13.98 -36.46
N LYS E 193 -21.74 14.65 -36.58
CA LYS E 193 -21.74 16.08 -36.91
C LYS E 193 -22.33 16.34 -38.28
N GLU E 194 -21.89 15.55 -39.26
CA GLU E 194 -22.33 15.72 -40.65
C GLU E 194 -23.83 15.43 -40.82
N LEU E 195 -24.32 14.40 -40.10
CA LEU E 195 -25.75 14.11 -40.05
C LEU E 195 -26.55 15.27 -39.46
N ALA E 196 -26.08 15.85 -38.35
CA ALA E 196 -26.75 17.02 -37.74
C ALA E 196 -26.82 18.19 -38.74
N GLN E 197 -25.70 18.47 -39.40
CA GLN E 197 -25.62 19.49 -40.44
C GLN E 197 -26.57 19.19 -41.61
N LYS E 198 -26.60 17.92 -42.05
CA LYS E 198 -27.50 17.52 -43.14
C LYS E 198 -28.98 17.66 -42.75
N GLU E 199 -29.31 17.32 -41.51
CA GLU E 199 -30.65 17.55 -40.97
C GLU E 199 -30.73 19.03 -40.62
N GLY E 200 -31.87 19.51 -40.16
CA GLY E 200 -31.92 20.94 -39.84
C GLY E 200 -31.18 21.46 -38.61
N LYS E 201 -30.24 20.69 -38.06
CA LYS E 201 -30.02 20.67 -36.59
C LYS E 201 -28.70 21.16 -35.96
N GLU E 202 -28.82 21.73 -34.78
CA GLU E 202 -27.67 22.15 -34.02
C GLU E 202 -27.05 20.95 -33.30
N PHE E 203 -25.75 20.76 -33.49
CA PHE E 203 -25.00 19.71 -32.81
C PHE E 203 -24.89 20.02 -31.30
N THR E 204 -25.22 19.04 -30.47
CA THR E 204 -25.20 19.25 -29.01
C THR E 204 -24.21 18.33 -28.30
N GLU E 205 -23.32 17.69 -29.04
CA GLU E 205 -22.40 16.74 -28.43
C GLU E 205 -20.94 17.11 -28.65
N THR E 206 -20.69 18.40 -28.82
CA THR E 206 -19.33 18.90 -29.00
C THR E 206 -18.42 18.32 -27.91
N ASP E 207 -17.27 17.81 -28.33
CA ASP E 207 -16.32 17.14 -27.46
C ASP E 207 -14.93 17.60 -27.88
N LEU E 208 -14.22 18.15 -26.91
CA LEU E 208 -12.91 18.73 -27.11
C LEU E 208 -11.92 17.72 -27.66
N LYS E 209 -11.91 16.52 -27.10
CA LYS E 209 -11.02 15.45 -27.55
C LYS E 209 -11.31 15.07 -29.03
N GLU E 211 -12.93 17.00 -31.37
CA GLU E 211 -12.65 18.17 -32.26
C GLU E 211 -11.22 18.16 -32.74
N VAL E 212 -10.26 17.91 -31.85
CA VAL E 212 -8.85 17.90 -32.27
C VAL E 212 -8.60 16.75 -33.24
N GLY E 213 -9.18 15.60 -32.95
CA GLY E 213 -9.03 14.43 -33.81
C GLY E 213 -9.56 14.67 -35.21
N GLU E 214 -10.71 15.31 -35.28
CA GLU E 214 -11.32 15.72 -36.54
C GLU E 214 -10.38 16.59 -37.40
N VAL E 216 -7.18 16.47 -37.42
CA VAL E 216 -6.17 15.58 -37.97
C VAL E 216 -6.75 14.81 -39.15
N LEU E 217 -7.95 14.23 -38.97
CA LEU E 217 -8.61 13.48 -40.04
C LEU E 217 -8.94 14.32 -41.27
N ARG E 218 -9.25 15.60 -41.08
CA ARG E 218 -9.48 16.50 -42.23
C ARG E 218 -8.20 17.13 -42.75
N LYS E 219 -7.06 16.64 -42.22
CA LYS E 219 -5.72 17.12 -42.61
C LYS E 219 -5.49 18.62 -42.39
N LYS E 220 -6.16 19.20 -41.40
CA LYS E 220 -5.89 20.61 -41.07
C LYS E 220 -4.59 20.74 -40.31
N ILE E 221 -4.25 19.72 -39.53
CA ILE E 221 -2.93 19.64 -38.89
C ILE E 221 -2.41 18.21 -38.98
N PRO E 222 -1.07 18.03 -38.96
CA PRO E 222 -0.54 16.66 -39.07
C PRO E 222 -0.45 16.01 -37.71
N ALA E 223 -0.29 14.68 -37.72
CA ALA E 223 0.06 13.97 -36.51
C ALA E 223 1.55 14.10 -36.37
N ARG E 224 2.01 14.21 -35.14
CA ARG E 224 3.43 14.30 -34.82
C ARG E 224 3.73 13.06 -33.99
N HIS E 226 5.98 10.20 -32.34
CA HIS E 226 7.21 9.78 -31.67
C HIS E 226 7.40 8.28 -31.85
N ALA E 227 8.50 7.87 -32.46
CA ALA E 227 8.81 6.47 -32.69
C ALA E 227 10.30 6.33 -32.89
N HIS E 228 10.89 5.31 -32.27
CA HIS E 228 12.33 5.09 -32.35
C HIS E 228 12.66 3.82 -33.14
N ARG E 229 12.19 2.68 -32.63
CA ARG E 229 12.43 1.40 -33.27
C ARG E 229 11.72 1.37 -34.64
N ALA E 230 12.32 0.70 -35.61
CA ALA E 230 11.81 0.69 -36.99
C ALA E 230 10.35 0.19 -37.06
N ASP E 231 9.99 -0.84 -36.31
CA ASP E 231 8.61 -1.34 -36.30
C ASP E 231 7.59 -0.35 -35.75
N ASP E 232 8.01 0.47 -34.78
CA ASP E 232 7.14 1.54 -34.27
C ASP E 232 6.91 2.63 -35.28
N ILE E 233 7.95 3.02 -36.00
CA ILE E 233 7.82 3.97 -37.09
C ILE E 233 6.84 3.43 -38.13
N LEU E 234 6.95 2.14 -38.43
CA LEU E 234 6.10 1.55 -39.44
C LEU E 234 4.65 1.43 -38.96
N THR E 235 4.48 1.19 -37.65
CA THR E 235 3.13 1.11 -37.09
C THR E 235 2.51 2.49 -37.16
N ALA E 236 3.30 3.53 -36.85
CA ALA E 236 2.78 4.90 -36.93
C ALA E 236 2.28 5.21 -38.36
N ILE E 237 3.06 4.82 -39.36
CA ILE E 237 2.69 4.99 -40.76
C ILE E 237 1.43 4.19 -41.14
N ARG E 238 1.37 2.92 -40.72
CA ARG E 238 0.16 2.09 -40.91
C ARG E 238 -1.11 2.77 -40.40
N ILE E 239 -1.06 3.31 -39.19
CA ILE E 239 -2.23 3.95 -38.60
C ILE E 239 -2.63 5.22 -39.35
N ALA E 240 -1.64 6.04 -39.71
CA ALA E 240 -1.86 7.26 -40.51
C ALA E 240 -2.53 6.93 -41.83
N GLU E 241 -2.11 5.83 -42.45
CA GLU E 241 -2.68 5.43 -43.74
C GLU E 241 -4.09 4.88 -43.55
N GLU E 242 -4.26 4.03 -42.53
CA GLU E 242 -5.58 3.49 -42.20
C GLU E 242 -6.63 4.58 -42.07
N PHE E 243 -6.29 5.67 -41.39
CA PHE E 243 -7.27 6.71 -41.11
C PHE E 243 -7.19 7.92 -42.06
N GLY E 244 -6.15 7.94 -42.90
CA GLY E 244 -6.01 8.99 -43.92
C GLY E 244 -5.56 10.33 -43.36
N PHE E 245 -4.54 10.33 -42.49
CA PHE E 245 -4.03 11.60 -41.97
C PHE E 245 -2.57 11.83 -42.30
N ASN E 246 -2.15 13.09 -42.28
CA ASN E 246 -0.74 13.44 -42.47
C ASN E 246 0.07 13.19 -41.20
N LEU E 247 1.33 12.78 -41.39
CA LEU E 247 2.22 12.56 -40.27
C LEU E 247 3.63 13.11 -40.51
N VAL E 248 4.29 13.36 -39.38
CA VAL E 248 5.71 13.61 -39.27
C VAL E 248 6.16 12.61 -38.22
N ILE E 249 7.36 12.04 -38.41
CA ILE E 249 7.96 11.11 -37.46
C ILE E 249 8.89 11.90 -36.55
N GLU E 250 8.65 11.84 -35.24
CA GLU E 250 9.55 12.49 -34.27
C GLU E 250 10.62 11.52 -33.82
N HIS E 251 11.89 11.98 -33.87
CA HIS E 251 13.10 11.21 -33.54
C HIS E 251 13.52 10.25 -34.64
N GLY E 252 12.65 9.27 -34.91
CA GLY E 252 12.91 8.28 -35.94
C GLY E 252 14.32 7.73 -35.86
N THR E 253 14.70 7.27 -34.67
CA THR E 253 16.05 6.75 -34.43
C THR E 253 16.50 5.71 -35.46
N GLU E 254 15.61 4.79 -35.84
CA GLU E 254 15.94 3.71 -36.77
C GLU E 254 15.36 3.95 -38.17
N ALA E 255 15.00 5.20 -38.45
CA ALA E 255 14.47 5.59 -39.75
C ALA E 255 15.44 5.21 -40.87
N TYR E 256 16.75 5.28 -40.60
CA TYR E 256 17.76 4.94 -41.61
C TYR E 256 17.65 3.46 -42.06
N LYS E 257 17.07 2.60 -41.23
CA LYS E 257 16.90 1.20 -41.61
C LYS E 257 15.80 1.06 -42.66
N ILE E 258 14.93 2.07 -42.78
CA ILE E 258 13.76 1.97 -43.66
C ILE E 258 13.59 3.22 -44.51
N SER E 259 14.73 3.86 -44.78
CA SER E 259 14.74 5.19 -45.41
C SER E 259 14.09 5.26 -46.78
N LYS E 260 14.22 4.20 -47.57
CA LYS E 260 13.64 4.16 -48.91
C LYS E 260 12.11 4.30 -48.86
N VAL E 261 11.49 3.62 -47.90
CA VAL E 261 10.03 3.72 -47.70
C VAL E 261 9.61 5.15 -47.33
N LEU E 262 10.35 5.75 -46.39
CA LEU E 262 10.11 7.13 -45.95
C LEU E 262 10.27 8.12 -47.10
N ALA E 263 11.37 8.01 -47.85
CA ALA E 263 11.58 8.83 -49.05
C ALA E 263 10.42 8.71 -50.05
N GLU E 264 10.08 7.47 -50.43
CA GLU E 264 8.99 7.21 -51.37
C GLU E 264 7.63 7.77 -50.91
N LYS E 265 7.37 7.70 -49.61
CA LYS E 265 6.07 8.17 -49.10
C LYS E 265 6.04 9.65 -48.76
N LYS E 266 7.20 10.31 -48.93
CA LYS E 266 7.38 11.69 -48.52
C LYS E 266 7.02 11.94 -47.06
N ILE E 267 7.37 11.00 -46.18
CA ILE E 267 7.21 11.19 -44.74
C ILE E 267 8.42 11.91 -44.19
N PRO E 268 8.22 13.10 -43.62
CA PRO E 268 9.39 13.80 -43.05
C PRO E 268 9.74 13.28 -41.67
N VAL E 269 11.01 13.45 -41.29
CA VAL E 269 11.50 13.01 -40.00
C VAL E 269 12.19 14.17 -39.30
N VAL E 270 11.76 14.46 -38.08
CA VAL E 270 12.52 15.34 -37.22
C VAL E 270 13.48 14.47 -36.42
N VAL E 271 14.74 14.39 -36.88
CA VAL E 271 15.76 13.60 -36.18
C VAL E 271 16.33 14.33 -34.95
N GLY E 272 16.88 13.54 -34.03
CA GLY E 272 17.33 14.06 -32.73
C GLY E 272 16.42 13.53 -31.63
N PRO E 273 16.89 13.60 -30.36
CA PRO E 273 18.22 14.09 -30.00
C PRO E 273 19.28 13.06 -30.43
N LEU E 274 20.43 13.54 -30.91
CA LEU E 274 21.52 12.65 -31.34
C LEU E 274 22.79 12.79 -30.52
N LEU E 275 23.04 13.99 -30.00
CA LEU E 275 24.22 14.23 -29.18
C LEU E 275 23.84 13.84 -27.74
N THR E 276 23.71 12.56 -27.49
CA THR E 276 23.00 12.08 -26.31
C THR E 276 23.28 10.59 -26.08
N PHE E 277 23.12 10.19 -24.82
CA PHE E 277 23.37 8.84 -24.41
C PHE E 277 22.18 7.96 -24.77
N ARG E 278 22.45 6.73 -25.19
CA ARG E 278 21.38 5.78 -25.49
C ARG E 278 20.88 5.14 -24.20
N THR E 279 19.91 5.82 -23.60
CA THR E 279 19.37 5.49 -22.28
C THR E 279 18.46 4.26 -22.30
N LYS E 280 17.97 3.90 -23.48
CA LYS E 280 16.97 2.82 -23.61
C LYS E 280 17.36 1.81 -24.66
N LEU E 281 16.82 0.61 -24.52
CA LEU E 281 16.90 -0.45 -25.52
C LEU E 281 16.53 0.05 -26.92
N GLU E 282 15.44 0.82 -27.03
CA GLU E 282 14.96 1.27 -28.34
C GLU E 282 15.90 2.32 -28.97
N LEU E 283 16.81 2.87 -28.16
CA LEU E 283 17.83 3.80 -28.63
C LEU E 283 19.18 3.14 -29.00
N LYS E 284 19.29 1.82 -28.91
CA LYS E 284 20.61 1.18 -29.03
C LYS E 284 21.35 1.45 -30.34
N ASP E 285 20.60 1.58 -31.44
CA ASP E 285 21.19 1.77 -32.76
C ASP E 285 21.15 3.24 -33.19
N LEU E 286 20.99 4.14 -32.23
CA LEU E 286 21.05 5.56 -32.51
C LEU E 286 22.42 5.89 -33.11
N THR E 287 22.44 6.70 -34.16
CA THR E 287 23.71 7.11 -34.75
C THR E 287 23.59 8.50 -35.35
N GLU E 289 25.32 9.34 -37.76
CA GLU E 289 25.35 9.05 -39.22
C GLU E 289 23.96 9.13 -39.88
N THR E 290 22.90 9.13 -39.06
CA THR E 290 21.52 9.22 -39.54
C THR E 290 21.24 10.44 -40.43
N ILE E 291 21.83 11.58 -40.09
CA ILE E 291 21.65 12.79 -40.90
C ILE E 291 22.14 12.55 -42.32
N ALA E 292 23.37 12.07 -42.46
CA ALA E 292 23.95 11.82 -43.77
C ALA E 292 23.16 10.75 -44.53
N LYS E 293 22.74 9.70 -43.84
CA LYS E 293 22.04 8.57 -44.45
C LYS E 293 20.67 8.94 -44.98
N LEU E 294 19.91 9.68 -44.18
CA LEU E 294 18.59 10.12 -44.60
C LEU E 294 18.68 11.16 -45.71
N LEU E 295 19.64 12.08 -45.61
CA LEU E 295 19.79 13.10 -46.66
C LEU E 295 20.09 12.39 -47.98
N LYS E 296 20.98 11.41 -47.91
CA LYS E 296 21.40 10.64 -49.07
C LYS E 296 20.23 9.90 -49.72
N ASP E 297 19.30 9.39 -48.91
CA ASP E 297 18.16 8.61 -49.45
C ASP E 297 16.94 9.47 -49.78
N GLY E 298 17.08 10.78 -49.63
CA GLY E 298 16.05 11.70 -50.09
C GLY E 298 14.93 11.95 -49.09
N VAL E 299 15.21 11.78 -47.81
CA VAL E 299 14.22 12.07 -46.77
C VAL E 299 14.33 13.54 -46.38
N LEU E 300 13.18 14.19 -46.30
CA LEU E 300 13.10 15.51 -45.74
C LEU E 300 13.25 15.41 -44.20
N ILE E 301 14.30 16.05 -43.66
CA ILE E 301 14.56 16.01 -42.21
C ILE E 301 14.78 17.40 -41.60
N ALA E 302 14.44 17.52 -40.33
CA ALA E 302 14.91 18.64 -39.51
C ALA E 302 15.68 18.03 -38.35
N LEU E 303 16.50 18.84 -37.70
CA LEU E 303 17.21 18.38 -36.50
C LEU E 303 16.68 19.05 -35.21
N CYS E 305 16.73 19.36 -30.75
CA CYS E 305 17.42 19.17 -29.47
C CYS E 305 16.57 18.37 -28.51
N ASP E 306 15.29 18.21 -28.87
CA ASP E 306 14.31 17.66 -27.93
C ASP E 306 14.49 18.29 -26.53
N HIS E 307 14.80 19.58 -26.49
CA HIS E 307 15.01 20.27 -25.22
C HIS E 307 13.90 19.87 -24.22
N PRO E 308 14.27 19.49 -22.98
CA PRO E 308 15.59 19.64 -22.35
C PRO E 308 16.60 18.46 -22.46
N VAL E 309 16.33 17.45 -23.29
CA VAL E 309 17.28 16.33 -23.42
C VAL E 309 18.67 16.85 -23.83
N ILE E 310 18.68 17.72 -24.84
CA ILE E 310 19.82 18.59 -25.13
C ILE E 310 19.35 20.02 -25.00
N PRO E 311 20.09 20.87 -24.27
CA PRO E 311 19.64 22.25 -24.19
C PRO E 311 19.61 22.92 -25.57
N LEU E 312 18.53 23.64 -25.82
CA LEU E 312 18.34 24.42 -27.04
C LEU E 312 19.50 25.38 -27.35
N GLU E 313 20.07 25.97 -26.31
CA GLU E 313 21.25 26.84 -26.47
C GLU E 313 22.37 26.14 -27.24
N PHE E 314 22.39 24.80 -27.22
CA PHE E 314 23.45 24.01 -27.86
C PHE E 314 23.03 23.37 -29.19
N ALA E 315 21.98 23.93 -29.81
CA ALA E 315 21.52 23.44 -31.12
C ALA E 315 22.65 23.43 -32.15
N THR E 316 23.46 24.49 -32.15
CA THR E 316 24.59 24.56 -33.09
C THR E 316 25.72 23.61 -32.74
N VAL E 317 25.85 23.31 -31.45
CA VAL E 317 26.89 22.37 -31.01
C VAL E 317 26.55 20.94 -31.49
N GLN E 318 25.27 20.58 -31.37
CA GLN E 318 24.81 19.28 -31.88
C GLN E 318 24.99 19.21 -33.38
N ALA E 319 24.53 20.24 -34.08
CA ALA E 319 24.62 20.24 -35.54
C ALA E 319 26.08 20.18 -36.03
N ALA E 320 26.99 20.87 -35.33
CA ALA E 320 28.37 20.99 -35.80
C ALA E 320 29.06 19.64 -35.62
N THR E 321 28.64 18.95 -34.55
CA THR E 321 29.23 17.68 -34.20
C THR E 321 28.99 16.61 -35.27
N ALA E 322 27.84 16.67 -35.96
CA ALA E 322 27.53 15.68 -37.00
C ALA E 322 28.50 15.73 -38.19
N ARG E 324 31.44 15.19 -37.82
CA ARG E 324 32.32 14.06 -37.49
C ARG E 324 31.76 12.76 -38.02
N TYR E 325 30.55 12.83 -38.57
CA TYR E 325 29.78 11.64 -38.95
C TYR E 325 29.20 11.77 -40.36
N GLY E 326 29.91 12.47 -41.23
CA GLY E 326 29.58 12.47 -42.65
C GLY E 326 28.69 13.61 -43.14
N ALA E 327 28.15 14.40 -42.22
CA ALA E 327 27.23 15.47 -42.63
C ALA E 327 28.00 16.72 -43.10
N LYS E 328 27.44 17.44 -44.07
CA LYS E 328 28.05 18.66 -44.58
C LYS E 328 27.43 19.92 -43.96
N GLU E 329 28.26 20.93 -43.81
CA GLU E 329 27.87 22.25 -43.28
C GLU E 329 26.57 22.79 -43.88
N GLU E 330 26.50 22.85 -45.21
CA GLU E 330 25.35 23.39 -45.96
C GLU E 330 24.05 22.65 -45.63
N ASP E 331 24.13 21.33 -45.52
CA ASP E 331 22.96 20.51 -45.13
C ASP E 331 22.59 20.74 -43.68
N LEU E 332 23.61 20.77 -42.83
CA LEU E 332 23.39 21.00 -41.41
C LEU E 332 22.71 22.34 -41.12
N LEU E 333 23.07 23.39 -41.85
CA LEU E 333 22.37 24.66 -41.74
C LEU E 333 20.90 24.54 -42.23
N LYS E 334 20.68 23.78 -43.30
CA LYS E 334 19.32 23.58 -43.83
C LYS E 334 18.39 22.88 -42.85
N ILE E 335 18.91 21.87 -42.14
CA ILE E 335 18.07 21.11 -41.21
C ILE E 335 17.78 21.87 -39.92
N LEU E 336 18.35 23.07 -39.78
CA LEU E 336 18.06 23.97 -38.67
C LEU E 336 17.24 25.18 -39.09
N THR E 337 16.97 25.32 -40.39
CA THR E 337 16.30 26.52 -40.92
C THR E 337 15.15 26.23 -41.88
N VAL E 338 15.49 26.10 -43.18
CA VAL E 338 14.47 25.92 -44.23
C VAL E 338 13.69 24.61 -44.08
N ASN E 339 14.40 23.51 -43.81
CA ASN E 339 13.73 22.23 -43.64
C ASN E 339 12.70 22.23 -42.47
N PRO E 340 13.11 22.64 -41.25
CA PRO E 340 12.07 22.63 -40.23
C PRO E 340 10.94 23.63 -40.50
N ALA E 341 11.25 24.77 -41.13
CA ALA E 341 10.21 25.66 -41.65
C ALA E 341 9.22 24.95 -42.58
N LYS E 342 9.75 24.21 -43.56
CA LYS E 342 8.92 23.43 -44.49
C LYS E 342 8.09 22.39 -43.72
N ILE E 343 8.73 21.68 -42.81
CA ILE E 343 8.04 20.65 -41.99
C ILE E 343 6.91 21.26 -41.19
N LEU E 344 7.10 22.46 -40.67
CA LEU E 344 6.05 23.14 -39.91
C LEU E 344 5.01 23.86 -40.76
N GLY E 345 5.17 23.82 -42.09
CA GLY E 345 4.28 24.52 -43.00
C GLY E 345 4.49 26.02 -42.92
N LEU E 346 5.70 26.44 -42.57
CA LEU E 346 5.97 27.87 -42.40
C LEU E 346 7.08 28.43 -43.29
N GLU E 347 7.34 27.76 -44.43
CA GLU E 347 8.36 28.20 -45.43
C GLU E 347 8.17 29.64 -45.87
N ASP E 348 6.93 30.10 -45.89
CA ASP E 348 6.62 31.45 -46.36
C ASP E 348 6.95 32.51 -45.33
N ARG E 349 7.12 32.10 -44.08
CA ARG E 349 7.33 33.04 -42.99
C ARG E 349 8.79 33.07 -42.50
N ILE E 350 9.37 31.90 -42.28
CA ILE E 350 10.66 31.82 -41.57
C ILE E 350 11.65 30.88 -42.25
N GLY E 351 12.91 30.88 -41.77
CA GLY E 351 13.93 29.93 -42.18
C GLY E 351 14.95 30.39 -43.22
N SER E 352 14.75 31.56 -43.81
CA SER E 352 15.70 32.09 -44.79
C SER E 352 15.74 33.64 -44.83
N ILE E 353 16.80 34.18 -45.40
CA ILE E 353 16.88 35.64 -45.59
C ILE E 353 16.46 35.96 -47.03
N GLU E 354 15.18 36.25 -47.21
CA GLU E 354 14.59 36.50 -48.52
C GLU E 354 13.55 37.60 -48.37
N PRO E 355 13.40 38.46 -49.39
CA PRO E 355 12.39 39.51 -49.35
C PRO E 355 11.01 38.95 -48.98
N GLY E 356 10.31 39.63 -48.08
CA GLY E 356 8.98 39.18 -47.64
C GLY E 356 8.96 38.22 -46.47
N LYS E 357 10.11 37.63 -46.15
CA LYS E 357 10.19 36.75 -44.97
C LYS E 357 10.24 37.57 -43.69
N ASP E 358 9.92 36.92 -42.56
CA ASP E 358 10.02 37.56 -41.26
C ASP E 358 11.48 37.89 -40.99
N ALA E 359 11.71 39.09 -40.48
CA ALA E 359 13.05 39.53 -40.13
C ALA E 359 13.49 38.94 -38.77
N ASP E 360 13.65 37.62 -38.76
CA ASP E 360 14.23 36.89 -37.64
C ASP E 360 15.70 36.65 -37.98
N LEU E 361 16.58 37.35 -37.28
CA LEU E 361 17.94 37.50 -37.75
C LEU E 361 18.90 37.45 -36.59
N VAL E 362 20.00 36.73 -36.78
CA VAL E 362 20.97 36.52 -35.74
C VAL E 362 22.35 36.97 -36.24
N VAL E 363 22.95 37.86 -35.46
CA VAL E 363 24.30 38.36 -35.74
C VAL E 363 25.28 37.50 -34.97
N TRP E 364 26.11 36.79 -35.71
CA TRP E 364 27.11 35.91 -35.12
C TRP E 364 28.50 36.54 -35.29
N SER E 365 29.41 36.29 -34.35
CA SER E 365 30.78 36.82 -34.39
C SER E 365 31.67 36.05 -35.38
N GLY E 366 31.23 34.84 -35.74
CA GLY E 366 31.89 34.00 -36.72
C GLY E 366 30.88 32.93 -37.07
N HIS E 367 31.33 31.91 -37.79
CA HIS E 367 30.45 30.82 -38.18
C HIS E 367 29.87 30.12 -36.94
N PRO E 368 28.54 29.88 -36.93
CA PRO E 368 27.90 29.20 -35.80
C PRO E 368 28.42 27.80 -35.49
N PHE E 369 29.00 27.11 -36.47
CA PHE E 369 29.60 25.78 -36.23
C PHE E 369 31.07 25.85 -35.76
N ASP E 370 31.57 27.06 -35.56
CA ASP E 370 32.87 27.32 -34.94
C ASP E 370 32.57 27.60 -33.47
N LYS E 372 34.12 29.00 -31.21
CA LYS E 372 34.55 30.29 -30.68
C LYS E 372 33.54 31.38 -31.01
N SER E 373 32.67 31.12 -31.98
CA SER E 373 31.67 32.11 -32.38
C SER E 373 30.61 32.34 -31.30
N VAL E 374 30.15 33.57 -31.20
CA VAL E 374 29.11 33.93 -30.23
C VAL E 374 28.00 34.76 -30.90
N VAL E 375 26.79 34.66 -30.33
CA VAL E 375 25.65 35.47 -30.76
C VAL E 375 25.79 36.87 -30.14
N GLU E 376 25.81 37.91 -31.00
CA GLU E 376 25.93 39.28 -30.51
C GLU E 376 24.57 39.97 -30.40
N ARG E 377 23.69 39.67 -31.35
CA ARG E 377 22.34 40.24 -31.41
C ARG E 377 21.39 39.25 -32.04
N VAL E 378 20.13 39.29 -31.59
CA VAL E 378 19.04 38.56 -32.23
C VAL E 378 17.90 39.53 -32.45
N TYR E 379 17.31 39.50 -33.64
CA TYR E 379 16.08 40.19 -33.95
C TYR E 379 15.02 39.16 -34.31
N ILE E 380 13.81 39.39 -33.79
CA ILE E 380 12.62 38.65 -34.19
C ILE E 380 11.61 39.66 -34.69
N ASP E 381 11.06 39.42 -35.89
CA ASP E 381 10.18 40.38 -36.56
C ASP E 381 10.79 41.80 -36.65
N GLY E 382 12.11 41.87 -36.87
CA GLY E 382 12.83 43.15 -36.96
C GLY E 382 12.96 43.91 -35.64
N VAL E 383 12.64 43.25 -34.53
CA VAL E 383 12.77 43.85 -33.20
C VAL E 383 13.90 43.14 -32.47
N GLU E 384 14.82 43.92 -31.93
CA GLU E 384 15.94 43.38 -31.18
C GLU E 384 15.40 42.71 -29.92
N VAL E 385 15.68 41.41 -29.75
CA VAL E 385 15.22 40.68 -28.56
C VAL E 385 16.38 40.21 -27.68
N PHE E 386 17.61 40.39 -28.17
CA PHE E 386 18.80 39.96 -27.45
C PHE E 386 20.03 40.74 -27.92
N ARG E 387 20.81 41.20 -26.94
CA ARG E 387 22.13 41.77 -27.19
C ARG E 387 23.13 41.20 -26.18
N ARG E 388 24.26 40.73 -26.68
CA ARG E 388 25.30 40.10 -25.85
C ARG E 388 25.78 41.01 -24.72
N VAL F 5 40.68 53.20 8.92
CA VAL F 5 39.32 53.06 8.32
C VAL F 5 38.24 52.93 9.42
N LYS F 6 38.26 53.88 10.35
CA LYS F 6 37.16 54.05 11.29
C LYS F 6 35.99 54.68 10.55
N ILE F 7 34.77 54.46 11.04
CA ILE F 7 33.59 55.15 10.54
C ILE F 7 32.96 55.93 11.68
N LEU F 8 32.65 57.19 11.40
CA LEU F 8 32.02 58.05 12.40
C LEU F 8 30.64 58.45 11.91
N PHE F 9 29.62 57.90 12.54
CA PHE F 9 28.24 58.23 12.18
C PHE F 9 27.83 59.47 12.94
N LYS F 10 27.41 60.50 12.22
CA LYS F 10 27.13 61.80 12.86
C LYS F 10 25.65 62.20 12.86
N ASN F 11 25.17 62.64 14.02
CA ASN F 11 23.92 63.37 14.13
C ASN F 11 22.64 62.57 13.82
N ALA F 12 22.73 61.25 13.95
CA ALA F 12 21.55 60.39 13.96
C ALA F 12 20.78 60.57 15.26
N THR F 13 19.51 60.19 15.26
CA THR F 13 18.85 59.85 16.52
C THR F 13 19.30 58.41 16.80
N VAL F 14 20.13 58.28 17.82
CA VAL F 14 20.74 56.99 18.17
C VAL F 14 19.89 56.29 19.22
N PHE F 15 19.56 55.03 18.95
CA PHE F 15 18.82 54.17 19.86
C PHE F 15 19.74 53.07 20.40
N PRO F 16 20.44 53.33 21.53
CA PRO F 16 21.30 52.28 22.10
C PRO F 16 20.53 51.06 22.60
N ILE F 17 19.24 51.24 22.90
CA ILE F 17 18.29 50.24 23.39
C ILE F 17 18.40 50.03 24.88
N THR F 18 19.63 49.91 25.38
CA THR F 18 19.86 49.68 26.80
C THR F 18 19.93 50.99 27.57
N SER F 19 19.76 52.10 26.87
CA SER F 19 19.56 53.41 27.48
C SER F 19 18.77 54.25 26.48
N ARG F 20 18.25 55.38 26.94
CA ARG F 20 17.34 56.20 26.16
C ARG F 20 17.97 56.81 24.91
N PRO F 21 17.17 56.97 23.83
CA PRO F 21 17.70 57.55 22.60
C PRO F 21 18.16 59.00 22.77
N PHE F 22 19.02 59.46 21.87
CA PHE F 22 19.55 60.82 21.92
C PHE F 22 20.02 61.14 20.52
N LYS F 23 20.11 62.43 20.21
CA LYS F 23 20.74 62.89 18.99
C LYS F 23 22.25 62.89 19.22
N GLY F 24 22.98 62.22 18.33
CA GLY F 24 24.42 62.08 18.56
C GLY F 24 25.13 61.16 17.60
N ASP F 25 26.30 60.71 18.02
CA ASP F 25 27.26 60.08 17.14
C ASP F 25 27.68 58.70 17.62
N VAL F 26 28.15 57.90 16.67
CA VAL F 26 28.65 56.57 16.98
C VAL F 26 29.92 56.38 16.17
N LEU F 27 31.00 56.03 16.85
CA LEU F 27 32.30 55.77 16.21
C LEU F 27 32.57 54.29 16.21
N VAL F 28 32.96 53.79 15.04
CA VAL F 28 33.19 52.39 14.82
C VAL F 28 34.63 52.22 14.40
N SER F 29 35.32 51.25 14.99
CA SER F 29 36.65 50.86 14.53
C SER F 29 36.90 49.39 14.85
N ASN F 30 37.71 48.75 14.01
CA ASN F 30 38.00 47.31 14.11
C ASN F 30 36.74 46.44 14.26
N GLY F 31 35.68 46.83 13.55
CA GLY F 31 34.43 46.07 13.52
C GLY F 31 33.58 46.16 14.79
N LYS F 32 33.89 47.13 15.65
CA LYS F 32 33.23 47.28 16.94
C LYS F 32 32.81 48.71 17.21
N VAL F 33 31.80 48.88 18.05
CA VAL F 33 31.43 50.21 18.50
C VAL F 33 32.54 50.66 19.45
N GLU F 34 33.25 51.72 19.08
CA GLU F 34 34.30 52.29 19.93
C GLU F 34 33.75 53.33 20.92
N LYS F 35 32.96 54.27 20.42
CA LYS F 35 32.42 55.36 21.23
C LYS F 35 30.99 55.66 20.87
N VAL F 36 30.19 56.04 21.87
CA VAL F 36 28.79 56.40 21.70
C VAL F 36 28.50 57.68 22.48
N GLY F 37 27.95 58.68 21.82
CA GLY F 37 27.60 59.91 22.52
C GLY F 37 27.36 61.15 21.70
N GLU F 38 27.23 62.26 22.43
CA GLU F 38 26.81 63.56 21.92
C GLU F 38 27.62 64.17 20.77
N ASN F 39 28.93 64.34 20.98
CA ASN F 39 29.78 65.10 20.05
C ASN F 39 31.14 64.46 19.82
N ILE F 40 31.17 63.32 19.13
CA ILE F 40 32.42 62.63 18.86
C ILE F 40 33.14 63.27 17.68
N GLU F 41 34.46 63.45 17.82
CA GLU F 41 35.34 63.88 16.72
C GLU F 41 36.46 62.87 16.54
N ASP F 42 36.77 62.55 15.28
CA ASP F 42 37.91 61.69 14.98
C ASP F 42 38.46 62.05 13.60
N PRO F 43 39.74 62.50 13.59
CA PRO F 43 40.35 63.13 12.41
C PRO F 43 40.54 62.18 11.24
N ASP F 44 40.71 60.90 11.55
CA ASP F 44 41.01 59.89 10.54
C ASP F 44 39.75 59.20 10.01
N ALA F 45 38.73 59.12 10.86
CA ALA F 45 37.46 58.45 10.54
C ALA F 45 36.75 59.02 9.33
N GLU F 46 36.28 58.14 8.44
CA GLU F 46 35.37 58.53 7.37
C GLU F 46 34.07 58.96 8.03
N ILE F 47 33.53 60.11 7.66
CA ILE F 47 32.32 60.53 8.32
C ILE F 47 31.08 60.22 7.47
N VAL F 48 30.08 59.67 8.13
CA VAL F 48 28.79 59.40 7.52
C VAL F 48 27.77 60.26 8.23
N ASP F 49 27.19 61.20 7.50
CA ASP F 49 26.21 62.11 8.04
C ASP F 49 24.85 61.45 8.06
N LEU F 50 24.25 61.34 9.24
CA LEU F 50 22.94 60.71 9.37
C LEU F 50 21.90 61.64 9.93
N THR F 51 22.09 62.94 9.68
CA THR F 51 21.08 63.95 10.03
C THR F 51 19.70 63.53 9.50
N GLY F 52 18.71 63.50 10.38
CA GLY F 52 17.35 63.11 9.97
C GLY F 52 17.08 61.61 9.99
N LYS F 53 18.12 60.80 10.23
CA LYS F 53 18.01 59.34 10.21
C LYS F 53 18.05 58.76 11.63
N PHE F 54 17.78 57.46 11.75
CA PHE F 54 17.76 56.75 13.04
C PHE F 54 18.75 55.60 12.95
N LEU F 55 19.56 55.44 13.99
CA LEU F 55 20.58 54.40 14.02
C LEU F 55 20.24 53.40 15.11
N PHE F 56 20.03 52.15 14.70
CA PHE F 56 19.60 51.09 15.60
C PHE F 56 20.65 49.99 15.61
N PRO F 57 20.70 49.18 16.68
CA PRO F 57 21.45 47.95 16.56
C PRO F 57 20.72 47.03 15.57
N GLY F 58 21.43 46.06 14.99
CA GLY F 58 20.74 45.03 14.19
C GLY F 58 19.82 44.23 15.10
N PHE F 59 18.65 43.85 14.58
CA PHE F 59 17.73 42.96 15.33
C PHE F 59 18.23 41.54 15.35
N VAL F 60 17.82 40.83 16.40
CA VAL F 60 18.35 39.52 16.71
C VAL F 60 17.17 38.60 16.92
N ASP F 61 17.01 37.62 16.04
CA ASP F 61 15.92 36.68 16.20
C ASP F 61 16.43 35.41 16.86
N ALA F 62 15.95 35.17 18.07
CA ALA F 62 16.44 34.04 18.85
C ALA F 62 16.01 32.63 18.37
N HIS F 63 15.16 32.54 17.36
CA HIS F 63 14.68 31.22 16.89
C HIS F 63 14.18 31.33 15.46
N SER F 64 14.94 30.75 14.53
CA SER F 64 14.64 30.94 13.11
C SER F 64 14.96 29.74 12.25
N HIS F 65 14.25 29.62 11.13
CA HIS F 65 14.61 28.63 10.13
C HIS F 65 15.05 29.25 8.81
N ILE F 66 15.35 30.54 8.81
CA ILE F 66 15.88 31.21 7.61
C ILE F 66 17.11 30.46 7.11
N GLY F 67 17.26 30.37 5.79
CA GLY F 67 18.36 29.62 5.20
C GLY F 67 18.14 28.12 5.18
N LEU F 68 17.34 27.60 6.12
CA LEU F 68 17.00 26.16 6.15
C LEU F 68 15.82 25.80 5.25
N PHE F 69 14.84 26.69 5.21
CA PHE F 69 13.64 26.52 4.43
C PHE F 69 13.71 27.62 3.37
N GLU F 70 14.43 27.35 2.29
CA GLU F 70 14.73 28.38 1.26
C GLU F 70 13.45 29.01 0.72
N GLU F 71 13.48 30.31 0.50
CA GLU F 71 12.30 31.01 0.01
C GLU F 71 12.16 30.90 -1.50
N GLY F 72 10.90 30.81 -1.95
CA GLY F 72 10.56 30.83 -3.36
C GLY F 72 10.87 29.55 -4.15
N VAL F 73 10.86 28.40 -3.47
CA VAL F 73 11.15 27.12 -4.15
C VAL F 73 10.21 25.93 -3.86
N GLY F 74 9.47 25.98 -2.75
CA GLY F 74 8.56 24.89 -2.42
C GLY F 74 8.99 24.19 -1.15
N TYR F 75 8.00 23.85 -0.32
CA TYR F 75 8.20 23.11 0.94
C TYR F 75 9.04 21.85 0.79
N TYR F 76 9.00 21.22 -0.39
CA TYR F 76 9.72 19.98 -0.65
C TYR F 76 11.26 20.06 -0.42
N TYR F 77 11.82 21.24 -0.67
CA TYR F 77 13.27 21.48 -0.52
C TYR F 77 13.69 21.90 0.92
N SER F 78 12.75 21.92 1.86
CA SER F 78 13.09 22.37 3.22
C SER F 78 14.09 21.43 3.90
N ASP F 79 15.10 22.01 4.51
CA ASP F 79 16.10 21.25 5.23
C ASP F 79 15.88 21.31 6.74
N GLY F 80 14.74 21.85 7.18
CA GLY F 80 14.52 22.14 8.61
C GLY F 80 14.15 21.03 9.59
N ASN F 81 13.74 19.87 9.09
CA ASN F 81 13.30 18.76 9.95
C ASN F 81 13.77 17.42 9.41
N GLU F 82 14.66 16.75 10.15
CA GLU F 82 15.07 15.40 9.83
C GLU F 82 14.04 14.43 10.44
N ALA F 83 12.86 14.43 9.84
CA ALA F 83 11.68 13.78 10.40
C ALA F 83 11.62 12.29 10.07
N THR F 84 12.76 11.61 10.21
CA THR F 84 12.88 10.18 9.91
C THR F 84 13.33 9.40 11.13
N ASP F 85 13.36 10.07 12.29
CA ASP F 85 13.93 9.52 13.50
C ASP F 85 13.62 10.53 14.62
N PRO F 86 12.96 10.09 15.71
CA PRO F 86 12.53 11.09 16.70
C PRO F 86 13.69 11.63 17.55
N VAL F 87 14.89 11.06 17.42
CA VAL F 87 16.06 11.48 18.20
C VAL F 87 17.25 11.75 17.28
N THR F 88 17.35 12.98 16.80
CA THR F 88 18.48 13.39 15.97
C THR F 88 19.28 14.57 16.55
N PRO F 89 19.80 14.43 17.79
CA PRO F 89 20.60 15.52 18.40
C PRO F 89 21.88 15.84 17.65
N HIS F 90 22.41 14.87 16.91
CA HIS F 90 23.68 14.98 16.20
C HIS F 90 23.63 15.84 14.93
N VAL F 91 22.44 16.05 14.35
CA VAL F 91 22.36 16.87 13.15
C VAL F 91 22.36 18.37 13.51
N LYS F 92 22.93 19.19 12.62
CA LYS F 92 23.10 20.61 12.89
C LYS F 92 22.38 21.46 11.85
N ALA F 93 21.65 22.47 12.30
CA ALA F 93 21.07 23.46 11.40
C ALA F 93 22.15 24.09 10.52
N LEU F 94 23.35 24.26 11.05
CA LEU F 94 24.48 24.80 10.29
C LEU F 94 24.68 24.07 8.97
N ASP F 95 24.48 22.75 8.99
CA ASP F 95 24.74 21.91 7.83
C ASP F 95 23.61 21.93 6.79
N GLY F 96 22.55 22.67 7.08
CA GLY F 96 21.43 22.84 6.14
C GLY F 96 21.25 24.29 5.71
N PHE F 97 22.05 25.18 6.29
CA PHE F 97 21.92 26.62 6.08
C PHE F 97 22.51 27.11 4.73
N ASN F 98 21.68 27.76 3.93
CA ASN F 98 22.04 28.32 2.63
C ASN F 98 22.14 29.86 2.67
N PRO F 99 23.37 30.42 2.70
CA PRO F 99 23.51 31.88 2.82
C PRO F 99 22.97 32.67 1.61
N GLN F 100 22.70 31.99 0.50
CA GLN F 100 22.10 32.65 -0.66
C GLN F 100 20.58 32.63 -0.69
N ASP F 101 19.95 32.08 0.36
CA ASP F 101 18.50 32.11 0.44
C ASP F 101 18.07 33.56 0.22
N PRO F 102 17.18 33.83 -0.75
CA PRO F 102 16.76 35.24 -1.00
C PRO F 102 16.03 35.89 0.16
N ALA F 103 15.56 35.09 1.11
CA ALA F 103 14.95 35.63 2.33
C ALA F 103 15.96 36.47 3.15
N ILE F 104 17.25 36.22 2.94
CA ILE F 104 18.30 36.84 3.74
C ILE F 104 18.53 38.32 3.41
N GLU F 105 18.56 38.66 2.13
CA GLU F 105 18.65 40.06 1.73
C GLU F 105 17.37 40.79 2.18
N ARG F 106 16.27 40.04 2.20
CA ARG F 106 14.99 40.59 2.64
C ARG F 106 14.98 40.84 4.15
N ALA F 107 15.64 39.97 4.91
CA ALA F 107 15.75 40.15 6.38
C ALA F 107 16.62 41.37 6.76
N LEU F 108 17.72 41.56 6.03
CA LEU F 108 18.54 42.76 6.14
C LEU F 108 17.73 44.02 5.81
N ALA F 109 16.93 43.98 4.75
CA ALA F 109 16.02 45.07 4.42
C ALA F 109 14.95 45.34 5.50
N GLY F 110 14.79 44.39 6.44
CA GLY F 110 13.94 44.62 7.60
C GLY F 110 14.73 44.86 8.89
N GLY F 111 16.04 44.95 8.76
CA GLY F 111 16.90 45.36 9.86
C GLY F 111 17.36 44.26 10.78
N VAL F 112 17.22 43.00 10.35
CA VAL F 112 17.67 41.84 11.12
C VAL F 112 19.08 41.42 10.69
N THR F 113 19.98 41.29 11.66
CA THR F 113 21.37 40.99 11.32
C THR F 113 21.87 39.65 11.86
N SER F 114 21.31 39.19 12.97
CA SER F 114 21.73 37.93 13.61
C SER F 114 20.53 37.06 13.95
N VAL F 115 20.69 35.75 13.85
CA VAL F 115 19.64 34.81 14.20
C VAL F 115 20.25 33.52 14.75
N ILE F 117 19.75 29.89 13.92
CA ILE F 117 19.16 28.91 13.04
C ILE F 117 19.07 27.62 13.83
N VAL F 118 17.91 26.97 13.72
CA VAL F 118 17.59 25.81 14.56
C VAL F 118 16.71 24.83 13.74
N PRO F 119 16.82 23.51 13.99
CA PRO F 119 15.82 22.62 13.42
C PRO F 119 14.40 22.97 13.91
N GLY F 120 13.39 22.47 13.20
CA GLY F 120 11.99 22.66 13.55
C GLY F 120 11.54 21.73 14.69
N SER F 121 10.24 21.46 14.72
CA SER F 121 9.62 20.82 15.88
C SER F 121 9.01 19.44 15.55
N ALA F 122 9.50 18.82 14.48
CA ALA F 122 9.06 17.47 14.14
C ALA F 122 9.51 16.45 15.16
N ASN F 123 10.74 16.59 15.67
CA ASN F 123 11.34 15.56 16.51
C ASN F 123 11.34 15.89 17.99
N PRO F 124 11.04 14.88 18.85
CA PRO F 124 11.26 15.05 20.29
C PRO F 124 12.65 15.66 20.55
N VAL F 125 13.69 15.13 19.88
CA VAL F 125 15.04 15.71 19.92
C VAL F 125 15.47 15.97 18.49
N GLY F 126 15.52 17.24 18.11
CA GLY F 126 15.66 17.63 16.70
C GLY F 126 17.06 17.91 16.13
N GLY F 127 17.98 18.36 16.97
CA GLY F 127 19.33 18.73 16.50
C GLY F 127 19.84 20.05 17.04
N GLN F 128 20.98 20.51 16.54
CA GLN F 128 21.67 21.65 17.14
C GLN F 128 21.40 22.96 16.43
N GLY F 129 21.23 24.01 17.24
CA GLY F 129 21.16 25.38 16.76
C GLY F 129 22.53 26.03 16.74
N SER F 130 22.68 27.08 15.92
CA SER F 130 23.88 27.90 15.85
C SER F 130 23.43 29.34 15.70
N VAL F 131 24.18 30.28 16.26
CA VAL F 131 23.91 31.69 16.03
C VAL F 131 24.79 32.16 14.90
N ILE F 132 24.20 32.82 13.91
CA ILE F 132 24.96 33.32 12.79
C ILE F 132 24.60 34.77 12.51
N LYS F 133 25.47 35.42 11.74
CA LYS F 133 25.19 36.77 11.25
C LYS F 133 25.16 36.70 9.74
N PHE F 134 24.39 37.60 9.12
CA PHE F 134 24.25 37.61 7.66
C PHE F 134 25.41 38.38 7.01
N ARG F 135 26.64 37.95 7.28
CA ARG F 135 27.83 38.68 6.86
C ARG F 135 28.51 38.22 5.57
N SER F 136 28.21 37.00 5.11
CA SER F 136 29.00 36.39 4.03
C SER F 136 28.25 35.19 3.43
N ILE F 137 28.62 34.81 2.20
CA ILE F 137 28.08 33.59 1.62
C ILE F 137 28.86 32.38 2.13
N ILE F 138 29.96 32.63 2.82
CA ILE F 138 30.72 31.53 3.41
C ILE F 138 30.27 31.35 4.85
N VAL F 139 29.63 30.20 5.10
CA VAL F 139 28.95 29.93 6.38
C VAL F 139 29.89 30.03 7.60
N GLU F 140 31.07 29.40 7.50
CA GLU F 140 32.15 29.54 8.50
C GLU F 140 32.27 30.97 9.02
N GLU F 141 32.25 31.93 8.09
CA GLU F 141 32.43 33.35 8.38
C GLU F 141 31.19 33.97 9.01
N CYS F 142 30.03 33.31 8.86
CA CYS F 142 28.79 33.79 9.45
C CYS F 142 28.66 33.39 10.92
N ILE F 143 29.37 32.35 11.32
CA ILE F 143 29.22 31.76 12.65
C ILE F 143 29.59 32.72 13.77
N VAL F 144 28.67 32.85 14.73
CA VAL F 144 28.95 33.56 15.98
C VAL F 144 29.11 32.58 17.14
N LYS F 145 28.26 31.56 17.19
CA LYS F 145 28.28 30.61 18.29
C LYS F 145 27.73 29.30 17.79
N ASP F 146 28.56 28.28 17.80
CA ASP F 146 28.16 26.96 17.32
C ASP F 146 28.86 25.90 18.13
N PRO F 147 28.08 24.96 18.72
CA PRO F 147 26.61 24.90 18.80
C PRO F 147 26.08 25.90 19.83
N ALA F 148 24.82 26.31 19.69
CA ALA F 148 24.25 27.28 20.61
C ALA F 148 23.14 26.71 21.49
N GLY F 149 22.64 25.53 21.13
CA GLY F 149 21.51 24.92 21.81
C GLY F 149 21.12 23.58 21.19
N LEU F 150 20.40 22.76 21.96
CA LEU F 150 19.85 21.51 21.45
C LEU F 150 18.34 21.64 21.42
N LYS F 151 17.77 21.62 20.22
CA LYS F 151 16.33 21.78 19.98
C LYS F 151 15.56 20.52 20.36
N ALA F 153 11.21 19.15 21.20
CA ALA F 153 9.81 19.51 20.91
C ALA F 153 8.80 18.65 21.65
N PHE F 154 7.74 19.30 22.11
CA PHE F 154 6.64 18.72 22.87
C PHE F 154 5.36 19.08 22.17
N GLY F 155 4.26 18.49 22.62
CA GLY F 155 2.94 18.86 22.11
C GLY F 155 2.59 18.15 20.82
N GLU F 156 1.75 18.78 20.00
CA GLU F 156 1.11 18.11 18.86
C GLU F 156 2.06 17.68 17.76
N ASN F 157 3.07 18.52 17.46
CA ASN F 157 3.94 18.28 16.29
C ASN F 157 4.67 16.94 16.34
N PRO F 158 5.48 16.68 17.40
CA PRO F 158 6.19 15.38 17.40
C PRO F 158 5.29 14.13 17.41
N LYS F 159 4.19 14.15 18.14
CA LYS F 159 3.29 13.00 18.15
C LYS F 159 2.48 12.82 16.84
N ARG F 160 2.20 13.92 16.12
CA ARG F 160 1.56 13.83 14.80
C ARG F 160 2.54 13.22 13.79
N VAL F 161 3.77 13.77 13.72
CA VAL F 161 4.80 13.23 12.81
C VAL F 161 5.10 11.74 13.03
N TYR F 162 5.34 11.34 14.27
CA TYR F 162 5.66 9.93 14.49
C TYR F 162 4.42 9.02 14.53
N GLY F 163 3.30 9.57 15.01
CA GLY F 163 2.03 8.85 14.97
C GLY F 163 1.64 8.51 13.54
N GLU F 164 1.80 9.46 12.61
CA GLU F 164 1.58 9.17 11.17
C GLU F 164 2.55 8.09 10.63
N ARG F 165 3.77 8.04 11.15
CA ARG F 165 4.73 6.96 10.83
C ARG F 165 4.43 5.65 11.59
N LYS F 166 3.38 5.64 12.43
CA LYS F 166 3.03 4.47 13.24
C LYS F 166 4.16 4.10 14.18
N GLN F 167 4.87 5.11 14.68
CA GLN F 167 6.09 4.93 15.45
C GLN F 167 6.02 5.74 16.76
N THR F 168 6.69 5.28 17.82
CA THR F 168 6.80 6.02 19.09
C THR F 168 7.56 7.33 18.79
N PRO F 169 7.03 8.50 19.19
CA PRO F 169 5.82 8.75 19.97
C PRO F 169 4.56 9.09 19.17
N SER F 170 3.43 8.60 19.66
CA SER F 170 2.13 8.95 19.12
C SER F 170 1.31 9.69 20.17
N THR F 171 1.89 9.89 21.36
CA THR F 171 1.19 10.56 22.47
C THR F 171 2.17 11.49 23.18
N ARG F 172 1.65 12.44 23.95
CA ARG F 172 2.48 13.24 24.86
C ARG F 172 3.27 12.37 25.85
N GLY F 174 4.47 9.42 25.35
CA GLY F 174 5.54 8.87 24.55
C GLY F 174 6.64 9.87 24.21
N THR F 175 6.28 11.10 23.87
CA THR F 175 7.28 12.16 23.59
C THR F 175 8.22 12.41 24.78
N ALA F 176 7.64 12.57 25.97
CA ALA F 176 8.39 12.68 27.20
C ALA F 176 9.23 11.41 27.46
N GLY F 177 8.64 10.24 27.26
CA GLY F 177 9.41 9.00 27.40
C GLY F 177 10.64 8.94 26.50
N VAL F 178 10.49 9.39 25.25
CA VAL F 178 11.60 9.39 24.28
C VAL F 178 12.75 10.29 24.76
N ILE F 179 12.41 11.48 25.23
CA ILE F 179 13.40 12.42 25.72
C ILE F 179 14.07 11.90 27.02
N ARG F 180 13.25 11.39 27.94
CA ARG F 180 13.80 10.79 29.17
C ARG F 180 14.76 9.65 28.87
N ASP F 181 14.35 8.80 27.92
CA ASP F 181 15.14 7.66 27.55
C ASP F 181 16.49 8.17 27.01
N TYR F 182 16.44 9.19 26.15
CA TYR F 182 17.64 9.74 25.55
C TYR F 182 18.64 10.17 26.61
N PHE F 183 18.20 11.01 27.55
CA PHE F 183 19.12 11.50 28.57
C PHE F 183 19.57 10.39 29.54
N THR F 184 18.73 9.37 29.77
CA THR F 184 19.15 8.24 30.60
C THR F 184 20.39 7.58 29.94
N LYS F 185 20.33 7.43 28.62
CA LYS F 185 21.47 6.88 27.88
C LYS F 185 22.70 7.78 27.89
N VAL F 186 22.47 9.10 27.80
CA VAL F 186 23.54 10.10 27.94
C VAL F 186 24.28 9.94 29.29
N LYS F 187 23.52 9.80 30.38
CA LYS F 187 24.10 9.50 31.68
C LYS F 187 24.92 8.21 31.72
N ASN F 188 24.41 7.13 31.13
CA ASN F 188 25.19 5.88 31.05
C ASN F 188 26.52 6.10 30.34
N TYR F 189 26.46 6.83 29.23
CA TYR F 189 27.60 7.15 28.38
C TYR F 189 28.70 7.91 29.13
N LYS F 191 29.07 7.86 32.43
CA LYS F 191 29.60 6.96 33.44
C LYS F 191 30.58 5.97 32.82
N LYS F 192 30.31 5.53 31.59
CA LYS F 192 31.27 4.68 30.87
C LYS F 192 32.59 5.41 30.62
N LYS F 193 32.49 6.70 30.25
CA LYS F 193 33.68 7.53 30.03
C LYS F 193 34.48 7.74 31.29
N GLU F 194 33.80 7.93 32.41
CA GLU F 194 34.47 8.12 33.68
C GLU F 194 35.09 6.79 34.15
N LEU F 195 34.41 5.68 33.91
CA LEU F 195 34.95 4.35 34.22
C LEU F 195 36.18 4.02 33.36
N ALA F 196 36.27 4.62 32.18
CA ALA F 196 37.45 4.48 31.31
C ALA F 196 38.57 5.44 31.74
N GLN F 197 38.19 6.68 32.02
CA GLN F 197 39.10 7.73 32.51
C GLN F 197 39.88 7.26 33.75
N LYS F 198 39.17 6.64 34.69
CA LYS F 198 39.79 6.22 35.95
C LYS F 198 40.69 4.99 35.75
N GLU F 199 40.27 4.05 34.89
CA GLU F 199 41.15 2.96 34.46
C GLU F 199 42.21 3.57 33.53
N GLY F 200 43.06 2.73 32.95
CA GLY F 200 44.13 3.24 32.10
C GLY F 200 43.76 3.37 30.63
N LYS F 201 42.49 3.18 30.31
CA LYS F 201 42.06 2.85 28.95
C LYS F 201 41.43 3.99 28.15
N GLU F 202 41.80 4.06 26.87
CA GLU F 202 41.19 5.00 25.94
C GLU F 202 39.71 4.63 25.71
N PHE F 203 38.84 5.64 25.72
CA PHE F 203 37.41 5.44 25.41
C PHE F 203 37.23 5.11 23.93
N THR F 204 36.57 4.00 23.63
CA THR F 204 36.43 3.54 22.24
C THR F 204 34.97 3.46 21.78
N GLU F 205 34.08 4.16 22.49
CA GLU F 205 32.63 4.11 22.22
C GLU F 205 32.03 5.51 22.04
N THR F 206 32.80 6.41 21.43
CA THR F 206 32.38 7.76 21.17
C THR F 206 31.15 7.75 20.24
N ASP F 207 30.13 8.51 20.62
CA ASP F 207 28.87 8.51 19.91
C ASP F 207 28.42 9.94 19.77
N LEU F 208 28.29 10.34 18.50
CA LEU F 208 27.95 11.70 18.14
C LEU F 208 26.67 12.19 18.83
N LYS F 209 25.66 11.32 18.88
CA LYS F 209 24.38 11.66 19.53
C LYS F 209 24.53 11.83 21.05
N GLU F 211 27.41 12.62 22.58
CA GLU F 211 28.30 13.76 22.81
C GLU F 211 27.54 15.09 23.00
N VAL F 212 26.54 15.35 22.17
CA VAL F 212 25.73 16.58 22.31
C VAL F 212 24.90 16.56 23.57
N GLY F 213 24.36 15.38 23.91
CA GLY F 213 23.56 15.23 25.14
C GLY F 213 24.42 15.56 26.35
N GLU F 214 25.66 15.10 26.32
CA GLU F 214 26.62 15.36 27.39
C GLU F 214 26.87 16.87 27.52
N VAL F 216 24.80 19.26 26.86
CA VAL F 216 23.60 19.74 27.54
C VAL F 216 23.64 19.41 29.04
N LEU F 217 23.98 18.17 29.39
CA LEU F 217 24.03 17.79 30.81
C LEU F 217 25.14 18.48 31.60
N ARG F 218 26.23 18.83 30.91
CA ARG F 218 27.32 19.59 31.52
C ARG F 218 27.04 21.07 31.45
N LYS F 219 25.84 21.43 30.98
CA LYS F 219 25.41 22.83 30.87
C LYS F 219 26.27 23.73 29.98
N LYS F 220 26.97 23.13 29.01
CA LYS F 220 27.72 23.92 28.05
C LYS F 220 26.77 24.67 27.12
N ILE F 221 25.63 24.05 26.81
CA ILE F 221 24.62 24.71 25.98
C ILE F 221 23.23 24.40 26.55
N PRO F 222 22.26 25.30 26.31
CA PRO F 222 20.91 25.03 26.80
C PRO F 222 20.11 24.09 25.89
N ALA F 223 19.11 23.44 26.48
CA ALA F 223 18.00 22.86 25.74
C ALA F 223 17.11 24.01 25.25
N ARG F 224 16.69 23.90 23.99
CA ARG F 224 15.74 24.83 23.43
C ARG F 224 14.46 24.05 23.21
N HIS F 226 10.59 23.44 22.53
CA HIS F 226 9.37 23.88 21.81
C HIS F 226 8.15 23.37 22.59
N ALA F 227 7.31 24.29 23.05
CA ALA F 227 6.08 23.94 23.77
C ALA F 227 5.05 25.05 23.73
N HIS F 228 3.79 24.68 23.49
CA HIS F 228 2.70 25.65 23.38
C HIS F 228 1.77 25.56 24.57
N ARG F 229 1.14 24.40 24.74
CA ARG F 229 0.16 24.21 25.81
C ARG F 229 0.84 24.25 27.19
N ALA F 230 0.16 24.79 28.19
CA ALA F 230 0.79 25.03 29.51
C ALA F 230 1.41 23.76 30.11
N ASP F 231 0.69 22.64 29.98
CA ASP F 231 1.18 21.36 30.50
C ASP F 231 2.47 20.87 29.82
N ASP F 232 2.60 21.10 28.51
CA ASP F 232 3.83 20.73 27.78
C ASP F 232 5.01 21.58 28.22
N ILE F 233 4.79 22.88 28.46
CA ILE F 233 5.83 23.75 29.03
C ILE F 233 6.31 23.21 30.38
N LEU F 234 5.37 22.82 31.23
CA LEU F 234 5.71 22.31 32.57
C LEU F 234 6.42 20.96 32.48
N THR F 235 6.03 20.13 31.53
CA THR F 235 6.71 18.84 31.28
C THR F 235 8.16 19.10 30.87
N ALA F 236 8.35 20.04 29.94
CA ALA F 236 9.70 20.42 29.52
C ALA F 236 10.56 20.82 30.74
N ILE F 237 9.99 21.63 31.63
CA ILE F 237 10.69 22.03 32.87
C ILE F 237 10.97 20.83 33.79
N ARG F 238 9.99 19.94 33.95
CA ARG F 238 10.17 18.76 34.80
C ARG F 238 11.35 17.93 34.33
N ILE F 239 11.45 17.75 33.02
CA ILE F 239 12.57 16.97 32.47
C ILE F 239 13.90 17.69 32.66
N ALA F 240 13.92 18.99 32.39
CA ALA F 240 15.14 19.79 32.57
C ALA F 240 15.64 19.67 34.01
N GLU F 241 14.72 19.73 34.97
CA GLU F 241 15.10 19.64 36.37
C GLU F 241 15.50 18.20 36.75
N GLU F 242 14.81 17.21 36.18
CA GLU F 242 15.14 15.83 36.46
C GLU F 242 16.61 15.56 36.14
N PHE F 243 17.09 16.11 35.03
CA PHE F 243 18.41 15.81 34.54
C PHE F 243 19.41 16.92 34.80
N GLY F 244 18.96 18.02 35.39
CA GLY F 244 19.79 19.17 35.73
C GLY F 244 20.40 19.89 34.53
N PHE F 245 19.61 20.21 33.52
CA PHE F 245 20.11 21.05 32.43
C PHE F 245 19.41 22.40 32.31
N ASN F 246 20.05 23.33 31.61
CA ASN F 246 19.47 24.65 31.32
C ASN F 246 18.49 24.59 30.18
N LEU F 247 17.42 25.37 30.28
CA LEU F 247 16.43 25.40 29.21
C LEU F 247 15.98 26.79 28.83
N VAL F 248 15.50 26.88 27.61
CA VAL F 248 14.74 28.00 27.12
C VAL F 248 13.44 27.39 26.57
N ILE F 249 12.32 28.05 26.82
CA ILE F 249 11.06 27.63 26.23
C ILE F 249 10.85 28.37 24.91
N GLU F 250 10.59 27.62 23.83
CA GLU F 250 10.30 28.21 22.53
C GLU F 250 8.80 28.30 22.31
N HIS F 251 8.37 29.44 21.77
CA HIS F 251 6.94 29.80 21.56
C HIS F 251 6.22 30.10 22.89
N GLY F 252 6.10 29.08 23.74
CA GLY F 252 5.49 29.25 25.08
C GLY F 252 4.13 29.92 25.00
N THR F 253 3.33 29.48 24.04
CA THR F 253 2.04 30.08 23.73
C THR F 253 1.18 30.33 24.98
N GLU F 254 1.14 29.35 25.90
CA GLU F 254 0.36 29.48 27.14
C GLU F 254 1.20 29.79 28.37
N ALA F 255 2.44 30.27 28.17
CA ALA F 255 3.34 30.64 29.27
C ALA F 255 2.69 31.65 30.22
N TYR F 256 1.82 32.50 29.67
CA TYR F 256 1.15 33.51 30.46
C TYR F 256 0.26 32.91 31.56
N LYS F 257 -0.20 31.69 31.36
CA LYS F 257 -1.01 31.02 32.37
C LYS F 257 -0.15 30.56 33.55
N ILE F 258 1.15 30.44 33.36
CA ILE F 258 2.02 29.96 34.43
C ILE F 258 3.22 30.86 34.61
N SER F 259 3.01 32.14 34.35
CA SER F 259 4.11 33.11 34.32
C SER F 259 4.84 33.25 35.67
N LYS F 260 4.12 33.12 36.78
CA LYS F 260 4.73 33.23 38.11
C LYS F 260 5.80 32.18 38.27
N VAL F 261 5.50 30.95 37.86
CA VAL F 261 6.47 29.87 37.92
C VAL F 261 7.69 30.14 37.06
N LEU F 262 7.47 30.60 35.82
CA LEU F 262 8.57 30.89 34.90
C LEU F 262 9.49 31.98 35.45
N ALA F 263 8.87 33.04 35.98
CA ALA F 263 9.61 34.13 36.63
C ALA F 263 10.45 33.66 37.83
N GLU F 264 9.82 32.96 38.78
CA GLU F 264 10.52 32.45 39.95
C GLU F 264 11.73 31.60 39.56
N LYS F 265 11.52 30.69 38.61
CA LYS F 265 12.57 29.77 38.17
C LYS F 265 13.54 30.37 37.16
N LYS F 266 13.34 31.63 36.79
CA LYS F 266 14.25 32.31 35.85
C LYS F 266 14.36 31.60 34.49
N ILE F 267 13.23 31.10 33.99
CA ILE F 267 13.21 30.41 32.70
C ILE F 267 12.81 31.40 31.60
N PRO F 268 13.68 31.55 30.59
CA PRO F 268 13.31 32.52 29.59
C PRO F 268 12.39 31.90 28.56
N VAL F 269 11.68 32.75 27.83
CA VAL F 269 10.73 32.35 26.82
C VAL F 269 10.92 33.18 25.56
N VAL F 270 11.18 32.49 24.45
CA VAL F 270 11.17 33.12 23.13
C VAL F 270 9.74 33.02 22.60
N VAL F 271 8.99 34.10 22.77
CA VAL F 271 7.58 34.15 22.36
C VAL F 271 7.47 34.37 20.84
N GLY F 272 6.31 34.03 20.28
CA GLY F 272 6.11 34.10 18.85
C GLY F 272 6.23 32.73 18.22
N PRO F 273 5.76 32.58 16.96
CA PRO F 273 5.14 33.67 16.19
C PRO F 273 3.78 34.09 16.78
N LEU F 274 3.45 35.37 16.71
CA LEU F 274 2.20 35.91 17.27
C LEU F 274 1.27 36.57 16.24
N LEU F 275 1.87 37.24 15.27
CA LEU F 275 1.12 37.79 14.13
C LEU F 275 0.85 36.67 13.11
N THR F 276 -0.02 35.73 13.48
CA THR F 276 -0.21 34.50 12.71
C THR F 276 -1.52 33.80 13.10
N PHE F 277 -2.03 32.96 12.21
CA PHE F 277 -3.25 32.20 12.44
C PHE F 277 -3.05 31.05 13.43
N ARG F 278 -4.03 30.83 14.29
CA ARG F 278 -4.00 29.73 15.26
C ARG F 278 -4.39 28.45 14.51
N THR F 279 -3.40 27.83 13.88
CA THR F 279 -3.62 26.69 13.00
C THR F 279 -3.93 25.40 13.76
N LYS F 280 -3.62 25.36 15.04
CA LYS F 280 -3.73 24.12 15.84
C LYS F 280 -4.49 24.36 17.12
N LEU F 281 -5.07 23.28 17.61
CA LEU F 281 -5.73 23.26 18.91
C LEU F 281 -4.85 23.84 20.01
N GLU F 282 -3.56 23.46 20.01
CA GLU F 282 -2.61 23.90 21.02
C GLU F 282 -2.31 25.40 20.90
N LEU F 283 -2.69 25.99 19.78
CA LEU F 283 -2.56 27.44 19.57
C LEU F 283 -3.85 28.22 19.87
N LYS F 284 -4.90 27.54 20.33
CA LYS F 284 -6.21 28.20 20.50
C LYS F 284 -6.22 29.45 21.41
N ASP F 285 -5.35 29.47 22.43
CA ASP F 285 -5.28 30.61 23.37
C ASP F 285 -4.08 31.55 23.11
N LEU F 286 -3.49 31.46 21.93
CA LEU F 286 -2.44 32.41 21.54
C LEU F 286 -2.99 33.84 21.59
N THR F 287 -2.23 34.74 22.17
CA THR F 287 -2.60 36.16 22.24
C THR F 287 -1.36 37.03 22.22
N GLU F 289 -1.23 39.74 23.66
CA GLU F 289 -1.18 40.23 25.03
C GLU F 289 -0.14 39.55 25.91
N THR F 290 0.35 38.39 25.46
CA THR F 290 1.34 37.63 26.19
C THR F 290 2.65 38.44 26.41
N ILE F 291 3.01 39.28 25.45
CA ILE F 291 4.19 40.11 25.59
C ILE F 291 4.08 40.93 26.89
N ALA F 292 3.03 41.74 26.98
CA ALA F 292 2.73 42.55 28.16
C ALA F 292 2.70 41.70 29.42
N LYS F 293 1.98 40.58 29.35
CA LYS F 293 1.73 39.78 30.53
C LYS F 293 3.04 39.22 31.09
N LEU F 294 3.88 38.70 30.22
CA LEU F 294 5.12 38.09 30.67
C LEU F 294 6.07 39.17 31.17
N LEU F 295 6.19 40.27 30.42
CA LEU F 295 6.97 41.42 30.91
C LEU F 295 6.57 41.84 32.34
N LYS F 296 5.27 41.99 32.55
CA LYS F 296 4.71 42.38 33.84
C LYS F 296 5.06 41.41 34.99
N ASP F 297 5.00 40.11 34.71
CA ASP F 297 5.31 39.07 35.70
C ASP F 297 6.81 38.76 35.80
N GLY F 298 7.65 39.49 35.06
CA GLY F 298 9.09 39.43 35.26
C GLY F 298 9.79 38.27 34.58
N VAL F 299 9.21 37.78 33.48
CA VAL F 299 9.86 36.76 32.66
C VAL F 299 10.74 37.44 31.63
N LEU F 300 11.95 36.90 31.47
CA LEU F 300 12.82 37.30 30.39
C LEU F 300 12.37 36.68 29.05
N ILE F 301 11.99 37.54 28.10
CA ILE F 301 11.45 37.08 26.83
C ILE F 301 12.14 37.75 25.64
N ALA F 302 12.13 37.02 24.52
CA ALA F 302 12.49 37.57 23.22
C ALA F 302 11.33 37.28 22.28
N LEU F 303 11.30 38.03 21.18
CA LEU F 303 10.27 37.84 20.17
C LEU F 303 10.85 37.25 18.88
N CYS F 305 10.00 35.60 14.83
CA CYS F 305 9.09 35.44 13.71
C CYS F 305 8.79 33.97 13.45
N ASP F 306 9.62 33.09 14.02
CA ASP F 306 9.66 31.66 13.63
C ASP F 306 9.72 31.52 12.12
N HIS F 307 10.52 32.37 11.47
CA HIS F 307 10.62 32.37 10.01
C HIS F 307 10.80 30.93 9.50
N PRO F 308 10.00 30.49 8.50
CA PRO F 308 9.09 31.19 7.57
C PRO F 308 7.63 31.44 7.98
N VAL F 309 7.24 31.09 9.20
CA VAL F 309 5.85 31.28 9.62
C VAL F 309 5.46 32.76 9.45
N ILE F 310 6.34 33.64 9.90
CA ILE F 310 6.30 35.08 9.58
C ILE F 310 7.64 35.42 8.95
N PRO F 311 7.63 36.09 7.78
CA PRO F 311 8.93 36.36 7.19
C PRO F 311 9.75 37.26 8.12
N LEU F 312 11.04 36.98 8.22
CA LEU F 312 11.93 37.70 9.07
C LEU F 312 11.96 39.18 8.70
N GLU F 313 11.84 39.47 7.41
CA GLU F 313 11.79 40.85 6.91
C GLU F 313 10.75 41.66 7.65
N PHE F 314 9.77 40.98 8.23
CA PHE F 314 8.65 41.66 8.88
C PHE F 314 8.69 41.65 10.42
N ALA F 315 9.87 41.36 10.98
CA ALA F 315 10.04 41.38 12.44
C ALA F 315 9.52 42.67 13.08
N THR F 316 9.79 43.83 12.46
CA THR F 316 9.34 45.11 13.02
C THR F 316 7.84 45.29 12.90
N VAL F 317 7.25 44.64 11.91
CA VAL F 317 5.81 44.69 11.69
C VAL F 317 5.10 43.94 12.82
N GLN F 318 5.59 42.74 13.14
CA GLN F 318 5.05 41.96 14.24
C GLN F 318 5.23 42.69 15.60
N ALA F 319 6.43 43.19 15.86
CA ALA F 319 6.67 43.92 17.13
C ALA F 319 5.74 45.12 17.24
N ALA F 320 5.77 46.00 16.23
CA ALA F 320 4.90 47.20 16.22
C ALA F 320 3.45 46.89 16.51
N THR F 321 2.92 45.84 15.89
CA THR F 321 1.52 45.42 16.05
C THR F 321 1.20 45.10 17.52
N ALA F 322 2.21 44.66 18.26
CA ALA F 322 1.96 44.34 19.66
C ALA F 322 1.55 45.56 20.47
N ARG F 324 -0.81 47.33 19.80
CA ARG F 324 -2.28 47.22 19.89
C ARG F 324 -2.74 46.32 21.01
N TYR F 325 -1.80 45.66 21.70
CA TYR F 325 -2.14 44.68 22.75
C TYR F 325 -1.41 44.94 24.06
N GLY F 326 -1.20 46.23 24.36
CA GLY F 326 -0.69 46.68 25.67
C GLY F 326 0.81 46.73 25.82
N ALA F 327 1.54 46.43 24.74
CA ALA F 327 3.00 46.40 24.78
C ALA F 327 3.59 47.78 24.44
N LYS F 328 4.66 48.15 25.11
CA LYS F 328 5.26 49.47 24.95
C LYS F 328 6.54 49.41 24.13
N GLU F 329 6.76 50.47 23.35
CA GLU F 329 7.85 50.55 22.39
C GLU F 329 9.23 50.15 22.95
N GLU F 330 9.61 50.72 24.10
CA GLU F 330 10.91 50.50 24.73
C GLU F 330 11.14 49.00 24.95
N ASP F 331 10.12 48.33 25.47
CA ASP F 331 10.15 46.87 25.72
C ASP F 331 10.23 46.05 24.43
N LEU F 332 9.40 46.43 23.46
CA LEU F 332 9.34 45.74 22.18
C LEU F 332 10.67 45.86 21.44
N LEU F 333 11.37 46.97 21.61
CA LEU F 333 12.71 47.09 21.04
C LEU F 333 13.70 46.15 21.71
N LYS F 334 13.65 46.08 23.05
CA LYS F 334 14.53 45.20 23.84
C LYS F 334 14.33 43.71 23.49
N ILE F 335 13.08 43.29 23.31
CA ILE F 335 12.81 41.88 22.98
C ILE F 335 13.22 41.51 21.55
N LEU F 336 13.61 42.52 20.79
CA LEU F 336 14.15 42.31 19.46
C LEU F 336 15.68 42.40 19.40
N THR F 337 16.29 42.81 20.51
CA THR F 337 17.71 43.17 20.54
C THR F 337 18.47 42.55 21.73
N VAL F 338 18.55 43.25 22.87
CA VAL F 338 19.34 42.83 24.02
C VAL F 338 18.82 41.55 24.70
N ASN F 339 17.51 41.42 24.85
CA ASN F 339 16.92 40.19 25.42
C ASN F 339 17.25 38.90 24.62
N PRO F 340 16.94 38.85 23.30
CA PRO F 340 17.41 37.69 22.53
C PRO F 340 18.93 37.50 22.64
N ALA F 341 19.70 38.59 22.52
CA ALA F 341 21.15 38.49 22.75
C ALA F 341 21.48 37.77 24.07
N LYS F 342 20.78 38.14 25.12
CA LYS F 342 21.05 37.64 26.46
C LYS F 342 20.64 36.15 26.54
N ILE F 343 19.47 35.81 26.00
CA ILE F 343 19.01 34.40 25.93
C ILE F 343 20.01 33.52 25.18
N LEU F 344 20.69 34.11 24.19
CA LEU F 344 21.69 33.40 23.41
C LEU F 344 23.10 33.37 24.04
N GLY F 345 23.27 34.02 25.18
CA GLY F 345 24.59 34.12 25.84
C GLY F 345 25.56 35.06 25.13
N LEU F 346 25.02 36.07 24.44
CA LEU F 346 25.81 36.90 23.54
C LEU F 346 25.58 38.42 23.71
N GLU F 347 25.01 38.83 24.84
CA GLU F 347 24.77 40.25 25.10
C GLU F 347 26.06 41.08 25.29
N ASP F 348 27.21 40.41 25.39
CA ASP F 348 28.50 41.11 25.38
C ASP F 348 28.88 41.49 23.94
N ARG F 349 28.19 40.92 22.96
CA ARG F 349 28.58 41.09 21.56
C ARG F 349 27.56 41.83 20.67
N ILE F 350 26.29 41.51 20.83
CA ILE F 350 25.26 42.01 19.93
C ILE F 350 24.02 42.49 20.69
N GLY F 351 23.13 43.15 19.96
CA GLY F 351 21.83 43.56 20.51
C GLY F 351 21.74 44.90 21.22
N SER F 352 22.80 45.72 21.16
CA SER F 352 22.80 47.08 21.72
C SER F 352 23.88 47.96 21.10
N ILE F 353 23.70 49.27 21.21
CA ILE F 353 24.75 50.18 20.79
C ILE F 353 25.53 50.64 22.01
N GLU F 354 26.47 49.80 22.42
CA GLU F 354 27.36 50.10 23.51
C GLU F 354 28.80 49.93 23.06
N PRO F 355 29.71 50.74 23.60
CA PRO F 355 31.13 50.52 23.35
C PRO F 355 31.55 49.09 23.63
N GLY F 356 32.34 48.54 22.73
CA GLY F 356 32.82 47.19 22.89
C GLY F 356 31.98 46.15 22.18
N LYS F 357 30.73 46.47 21.84
CA LYS F 357 29.87 45.51 21.11
C LYS F 357 30.24 45.48 19.62
N ASP F 358 29.88 44.39 18.94
CA ASP F 358 29.98 44.30 17.48
C ASP F 358 29.21 45.44 16.80
N ALA F 359 29.79 46.01 15.74
CA ALA F 359 29.18 47.15 15.04
C ALA F 359 28.17 46.64 14.00
N ASP F 360 27.10 46.07 14.52
CA ASP F 360 25.97 45.63 13.71
C ASP F 360 24.95 46.71 13.86
N LEU F 361 24.85 47.55 12.83
CA LEU F 361 24.10 48.80 12.91
C LEU F 361 23.19 48.98 11.70
N VAL F 362 22.01 49.52 11.94
CA VAL F 362 21.07 49.72 10.85
C VAL F 362 20.65 51.18 10.82
N VAL F 363 20.79 51.80 9.64
CA VAL F 363 20.32 53.15 9.39
C VAL F 363 18.90 53.08 8.85
N TRP F 364 17.96 53.58 9.65
CA TRP F 364 16.56 53.64 9.28
C TRP F 364 16.21 55.09 8.90
N SER F 365 15.28 55.21 7.97
CA SER F 365 14.81 56.51 7.47
C SER F 365 13.94 57.20 8.52
N GLY F 366 13.37 56.41 9.42
CA GLY F 366 12.47 56.88 10.48
C GLY F 366 12.37 55.76 11.49
N HIS F 367 11.47 55.89 12.45
CA HIS F 367 11.34 54.87 13.49
C HIS F 367 10.92 53.51 12.88
N PRO F 368 11.57 52.40 13.29
CA PRO F 368 11.27 51.08 12.71
C PRO F 368 9.84 50.59 12.90
N PHE F 369 9.14 51.12 13.89
CA PHE F 369 7.75 50.73 14.14
C PHE F 369 6.80 51.67 13.40
N ASP F 370 7.36 52.58 12.62
CA ASP F 370 6.56 53.44 11.77
C ASP F 370 6.58 52.77 10.42
N LYS F 372 6.01 53.73 7.61
CA LYS F 372 6.57 54.50 6.51
C LYS F 372 8.08 54.35 6.43
N SER F 373 8.71 53.90 7.52
CA SER F 373 10.16 53.90 7.60
C SER F 373 10.80 52.77 6.79
N VAL F 374 12.00 53.03 6.26
CA VAL F 374 12.72 52.03 5.47
C VAL F 374 14.18 51.93 5.92
N VAL F 375 14.77 50.76 5.71
CA VAL F 375 16.17 50.55 5.96
C VAL F 375 17.01 51.15 4.83
N GLU F 376 17.89 52.09 5.18
CA GLU F 376 18.76 52.69 4.18
C GLU F 376 20.08 51.96 4.04
N ARG F 377 20.61 51.46 5.15
CA ARG F 377 21.92 50.78 5.16
C ARG F 377 22.01 49.85 6.32
N VAL F 378 22.83 48.80 6.16
CA VAL F 378 23.09 47.85 7.26
C VAL F 378 24.58 47.55 7.27
N TYR F 379 25.17 47.63 8.46
CA TYR F 379 26.54 47.24 8.67
C TYR F 379 26.52 46.06 9.61
N ILE F 380 27.43 45.13 9.40
CA ILE F 380 27.64 43.97 10.28
C ILE F 380 29.14 43.91 10.50
N ASP F 381 29.59 43.86 11.75
CA ASP F 381 31.03 43.98 12.06
C ASP F 381 31.65 45.20 11.36
N GLY F 382 30.89 46.28 11.31
CA GLY F 382 31.38 47.55 10.78
C GLY F 382 31.55 47.58 9.26
N VAL F 383 31.01 46.57 8.59
CA VAL F 383 31.11 46.43 7.14
C VAL F 383 29.70 46.56 6.56
N GLU F 384 29.54 47.44 5.58
CA GLU F 384 28.26 47.60 4.90
C GLU F 384 27.91 46.32 4.13
N VAL F 385 26.73 45.77 4.41
CA VAL F 385 26.25 44.53 3.75
C VAL F 385 24.92 44.77 3.02
N PHE F 386 24.35 45.96 3.21
CA PHE F 386 23.13 46.34 2.51
C PHE F 386 23.05 47.86 2.31
N ARG F 387 22.54 48.28 1.15
CA ARG F 387 22.22 49.67 0.85
C ARG F 387 20.98 49.71 -0.02
N ARG F 388 19.99 50.49 0.40
CA ARG F 388 18.83 50.80 -0.43
C ARG F 388 19.23 51.68 -1.64
N GLU F 389 19.13 51.12 -2.84
CA GLU F 389 19.42 51.83 -4.12
C GLU F 389 20.90 51.85 -4.58
N LYS G 6 -31.92 55.39 15.52
CA LYS G 6 -31.27 56.56 14.85
C LYS G 6 -30.06 57.09 15.63
N ILE G 7 -28.87 57.09 15.01
CA ILE G 7 -27.62 57.38 15.72
C ILE G 7 -26.79 58.52 15.10
N LEU G 8 -26.32 59.44 15.94
CA LEU G 8 -25.53 60.59 15.48
C LEU G 8 -24.13 60.62 16.08
N PHE G 9 -23.14 60.29 15.26
CA PHE G 9 -21.76 60.30 15.68
C PHE G 9 -21.20 61.72 15.50
N LYS G 10 -20.54 62.24 16.54
CA LYS G 10 -20.12 63.63 16.53
C LYS G 10 -18.61 63.86 16.71
N ASN G 11 -18.05 64.72 15.86
CA ASN G 11 -16.66 65.21 15.99
C ASN G 11 -15.55 64.14 15.89
N ALA G 12 -15.78 63.10 15.08
CA ALA G 12 -14.69 62.20 14.69
C ALA G 12 -13.91 62.82 13.55
N THR G 13 -12.68 62.38 13.35
CA THR G 13 -12.06 62.54 12.05
C THR G 13 -12.68 61.48 11.17
N VAL G 14 -13.60 61.93 10.32
CA VAL G 14 -14.37 61.07 9.44
C VAL G 14 -13.57 60.82 8.17
N PHE G 15 -13.53 59.54 7.76
CA PHE G 15 -12.85 59.11 6.55
C PHE G 15 -13.87 58.48 5.60
N PRO G 16 -14.49 59.28 4.71
CA PRO G 16 -15.52 58.66 3.86
C PRO G 16 -14.96 57.93 2.64
N ILE G 17 -13.64 57.97 2.47
CA ILE G 17 -12.93 57.35 1.34
C ILE G 17 -13.21 58.04 -0.01
N THR G 18 -14.48 58.24 -0.34
CA THR G 18 -14.85 58.91 -1.59
C THR G 18 -14.56 60.43 -1.59
N SER G 19 -14.26 60.97 -0.41
CA SER G 19 -13.71 62.32 -0.28
C SER G 19 -12.72 62.40 0.88
N ARG G 20 -11.99 63.51 0.95
CA ARG G 20 -10.92 63.70 1.95
C ARG G 20 -11.39 63.57 3.41
N PRO G 21 -10.49 63.12 4.32
CA PRO G 21 -10.89 63.02 5.72
C PRO G 21 -11.11 64.41 6.30
N PHE G 22 -12.07 64.53 7.22
CA PHE G 22 -12.42 65.82 7.80
C PHE G 22 -13.05 65.62 9.18
N LYS G 23 -12.87 66.62 10.05
CA LYS G 23 -13.54 66.64 11.35
C LYS G 23 -15.01 66.95 11.15
N GLY G 24 -15.88 66.12 11.72
CA GLY G 24 -17.32 66.34 11.59
C GLY G 24 -18.17 65.15 11.99
N ASP G 25 -19.40 65.13 11.49
CA ASP G 25 -20.44 64.23 11.98
C ASP G 25 -20.96 63.24 10.93
N VAL G 26 -21.53 62.13 11.42
CA VAL G 26 -22.30 61.17 10.59
C VAL G 26 -23.61 60.77 11.29
N LEU G 27 -24.72 60.87 10.57
CA LEU G 27 -26.04 60.49 11.06
C LEU G 27 -26.52 59.21 10.40
N VAL G 28 -27.01 58.29 11.22
CA VAL G 28 -27.44 56.97 10.77
C VAL G 28 -28.91 56.77 11.08
N SER G 29 -29.68 56.31 10.10
CA SER G 29 -31.06 55.87 10.33
C SER G 29 -31.46 54.78 9.35
N ASN G 30 -32.33 53.88 9.81
CA ASN G 30 -32.79 52.70 9.05
C ASN G 30 -31.66 51.89 8.41
N GLY G 31 -30.57 51.72 9.17
CA GLY G 31 -29.44 50.89 8.79
C GLY G 31 -28.52 51.52 7.76
N LYS G 32 -28.72 52.82 7.51
CA LYS G 32 -27.99 53.51 6.45
C LYS G 32 -27.43 54.86 6.87
N VAL G 33 -26.39 55.31 6.18
CA VAL G 33 -25.87 56.65 6.33
C VAL G 33 -26.92 57.64 5.77
N GLU G 34 -27.52 58.43 6.66
CA GLU G 34 -28.49 59.43 6.22
C GLU G 34 -27.76 60.71 5.85
N LYS G 35 -26.89 61.19 6.75
CA LYS G 35 -26.13 62.42 6.49
C LYS G 35 -24.68 62.31 6.93
N VAL G 36 -23.80 62.97 6.17
CA VAL G 36 -22.36 63.06 6.44
C VAL G 36 -21.91 64.50 6.18
N GLY G 37 -21.23 65.09 7.16
CA GLY G 37 -20.81 66.49 7.00
C GLY G 37 -20.42 67.18 8.28
N GLU G 38 -20.13 68.47 8.15
CA GLU G 38 -19.39 69.24 9.17
C GLU G 38 -20.13 69.48 10.48
N ASN G 39 -21.41 69.84 10.41
CA ASN G 39 -22.21 70.01 11.61
C ASN G 39 -23.60 69.45 11.39
N ILE G 40 -23.98 68.49 12.23
CA ILE G 40 -25.28 67.85 12.10
C ILE G 40 -25.97 67.83 13.46
N GLU G 41 -27.25 68.20 13.45
CA GLU G 41 -28.07 68.15 14.65
C GLU G 41 -29.37 67.38 14.36
N ASP G 42 -29.84 66.66 15.37
CA ASP G 42 -31.09 65.88 15.29
C ASP G 42 -31.59 65.71 16.72
N PRO G 43 -32.90 65.93 16.94
CA PRO G 43 -33.48 65.84 18.30
C PRO G 43 -33.72 64.41 18.82
N ASP G 44 -34.12 63.51 17.94
CA ASP G 44 -34.44 62.12 18.31
C ASP G 44 -33.20 61.23 18.41
N ALA G 45 -32.17 61.56 17.63
CA ALA G 45 -30.97 60.73 17.48
C ALA G 45 -30.12 60.60 18.74
N GLU G 46 -29.75 59.37 19.06
CA GLU G 46 -28.82 59.08 20.14
C GLU G 46 -27.46 59.61 19.71
N ILE G 47 -26.78 60.32 20.61
CA ILE G 47 -25.50 60.92 20.23
C ILE G 47 -24.30 60.07 20.72
N VAL G 48 -23.24 60.04 19.92
CA VAL G 48 -22.02 59.31 20.26
C VAL G 48 -20.85 60.25 20.05
N ASP G 49 -20.23 60.68 21.15
CA ASP G 49 -19.12 61.64 21.08
C ASP G 49 -17.84 60.93 20.66
N LEU G 50 -17.42 61.21 19.43
CA LEU G 50 -16.25 60.58 18.88
C LEU G 50 -15.03 61.50 18.89
N THR G 51 -15.05 62.53 19.75
CA THR G 51 -13.91 63.41 19.93
C THR G 51 -12.63 62.59 20.07
N GLY G 52 -11.64 62.89 19.24
CA GLY G 52 -10.35 62.21 19.29
C GLY G 52 -10.33 60.83 18.63
N LYS G 53 -11.47 60.42 18.08
CA LYS G 53 -11.61 59.13 17.39
C LYS G 53 -11.60 59.30 15.88
N PHE G 54 -11.47 58.18 15.17
CA PHE G 54 -11.48 58.19 13.72
C PHE G 54 -12.61 57.27 13.28
N LEU G 55 -13.42 57.75 12.34
CA LEU G 55 -14.56 56.95 11.89
C LEU G 55 -14.36 56.50 10.44
N PHE G 56 -14.29 55.18 10.24
CA PHE G 56 -14.07 54.58 8.91
C PHE G 56 -15.25 53.72 8.46
N PRO G 57 -15.40 53.52 7.13
CA PRO G 57 -16.31 52.43 6.76
C PRO G 57 -15.69 51.13 7.20
N GLY G 58 -16.49 50.11 7.44
CA GLY G 58 -15.97 48.75 7.61
C GLY G 58 -15.13 48.32 6.42
N PHE G 59 -14.02 47.65 6.68
CA PHE G 59 -13.18 47.11 5.62
C PHE G 59 -13.82 45.89 4.97
N VAL G 60 -13.44 45.64 3.72
CA VAL G 60 -14.13 44.68 2.86
C VAL G 60 -13.05 43.80 2.21
N ASP G 61 -13.03 42.51 2.56
CA ASP G 61 -12.03 41.63 1.99
C ASP G 61 -12.67 40.79 0.89
N ALA G 62 -12.26 41.06 -0.35
CA ALA G 62 -12.87 40.46 -1.54
C ALA G 62 -12.57 38.96 -1.78
N HIS G 63 -11.77 38.33 -0.93
CA HIS G 63 -11.47 36.89 -1.06
C HIS G 63 -10.98 36.29 0.25
N SER G 64 -11.77 35.40 0.84
CA SER G 64 -11.47 34.87 2.17
C SER G 64 -12.00 33.47 2.43
N HIS G 65 -11.36 32.80 3.38
CA HIS G 65 -11.82 31.47 3.85
C HIS G 65 -12.18 31.50 5.34
N ILE G 66 -12.37 32.69 5.89
CA ILE G 66 -12.81 32.78 7.28
C ILE G 66 -14.14 32.03 7.43
N GLY G 67 -14.33 31.36 8.57
CA GLY G 67 -15.53 30.54 8.77
C GLY G 67 -15.45 29.16 8.11
N LEU G 68 -14.58 29.00 7.11
CA LEU G 68 -14.37 27.69 6.43
C LEU G 68 -13.22 26.87 7.01
N PHE G 69 -12.14 27.55 7.39
CA PHE G 69 -11.01 26.93 8.09
C PHE G 69 -11.13 27.47 9.50
N GLU G 70 -11.88 26.77 10.35
CA GLU G 70 -12.10 27.21 11.74
C GLU G 70 -10.79 27.44 12.48
N GLU G 71 -10.71 28.53 13.27
CA GLU G 71 -9.49 28.84 13.99
C GLU G 71 -9.37 28.10 15.33
N GLY G 72 -8.16 27.61 15.64
CA GLY G 72 -7.86 27.07 16.97
C GLY G 72 -8.30 25.62 17.12
N VAL G 73 -8.26 24.89 16.00
CA VAL G 73 -8.92 23.60 15.91
C VAL G 73 -8.08 22.53 15.18
N GLY G 74 -7.35 22.94 14.14
CA GLY G 74 -6.48 22.03 13.38
C GLY G 74 -6.92 21.92 11.92
N TYR G 75 -5.93 21.80 11.03
CA TYR G 75 -6.17 21.76 9.57
C TYR G 75 -7.09 20.60 9.12
N TYR G 76 -7.15 19.53 9.91
CA TYR G 76 -7.99 18.39 9.58
C TYR G 76 -9.46 18.79 9.42
N TYR G 77 -9.91 19.78 10.20
CA TYR G 77 -11.31 20.18 10.19
C TYR G 77 -11.70 21.25 9.18
N SER G 78 -10.75 21.62 8.31
CA SER G 78 -11.03 22.60 7.29
C SER G 78 -12.10 22.16 6.27
N ASP G 79 -13.00 23.07 5.95
CA ASP G 79 -14.06 22.80 4.98
C ASP G 79 -13.92 23.62 3.70
N GLY G 80 -12.72 24.13 3.43
CA GLY G 80 -12.55 25.05 2.28
C GLY G 80 -12.18 24.47 0.92
N ASN G 81 -11.80 23.19 0.87
CA ASN G 81 -11.44 22.52 -0.39
C ASN G 81 -12.03 21.12 -0.49
N GLU G 82 -13.01 20.96 -1.38
CA GLU G 82 -13.53 19.63 -1.72
C GLU G 82 -12.56 18.90 -2.67
N ALA G 83 -11.41 18.51 -2.15
CA ALA G 83 -10.27 18.07 -2.98
C ALA G 83 -10.34 16.59 -3.37
N THR G 84 -11.52 16.16 -3.76
CA THR G 84 -11.77 14.76 -4.11
C THR G 84 -12.31 14.62 -5.55
N ASP G 85 -12.26 15.74 -6.30
CA ASP G 85 -12.81 15.85 -7.66
C ASP G 85 -12.41 17.23 -8.21
N PRO G 86 -11.68 17.28 -9.34
CA PRO G 86 -11.21 18.57 -9.85
C PRO G 86 -12.32 19.54 -10.30
N VAL G 87 -13.56 19.05 -10.42
CA VAL G 87 -14.65 19.89 -10.90
C VAL G 87 -15.84 19.84 -9.94
N THR G 88 -15.84 20.77 -8.98
CA THR G 88 -16.91 20.84 -7.98
C THR G 88 -17.64 22.22 -7.95
N PRO G 89 -18.12 22.71 -9.11
CA PRO G 89 -18.81 24.01 -9.19
C PRO G 89 -20.11 24.07 -8.40
N HIS G 90 -20.71 22.92 -8.12
CA HIS G 90 -21.97 22.83 -7.40
C HIS G 90 -21.89 23.06 -5.89
N VAL G 91 -20.70 22.89 -5.30
CA VAL G 91 -20.54 23.09 -3.85
C VAL G 91 -20.41 24.57 -3.51
N LYS G 92 -20.89 24.94 -2.33
CA LYS G 92 -21.02 26.34 -1.96
C LYS G 92 -20.25 26.59 -0.67
N ALA G 93 -19.44 27.64 -0.68
CA ALA G 93 -18.72 28.07 0.51
C ALA G 93 -19.70 28.38 1.63
N LEU G 94 -20.88 28.86 1.24
CA LEU G 94 -21.97 29.13 2.18
C LEU G 94 -22.25 27.92 3.07
N ASP G 95 -22.15 26.72 2.50
CA ASP G 95 -22.52 25.46 3.15
C ASP G 95 -21.43 24.89 4.04
N GLY G 96 -20.28 25.56 4.08
CA GLY G 96 -19.23 25.17 4.98
C GLY G 96 -18.87 26.27 5.98
N PHE G 97 -19.62 27.37 5.93
CA PHE G 97 -19.31 28.57 6.71
C PHE G 97 -19.89 28.48 8.13
N ASN G 98 -18.99 28.57 9.11
CA ASN G 98 -19.36 28.56 10.52
C ASN G 98 -19.32 29.97 11.12
N PRO G 99 -20.48 30.57 11.37
CA PRO G 99 -20.52 31.94 11.89
C PRO G 99 -19.99 32.13 13.32
N GLN G 100 -19.75 31.03 14.04
CA GLN G 100 -19.14 31.04 15.38
C GLN G 100 -17.62 30.80 15.38
N ASP G 101 -17.02 30.60 14.21
CA ASP G 101 -15.56 30.59 14.10
C ASP G 101 -14.98 31.75 14.97
N PRO G 102 -14.02 31.44 15.88
CA PRO G 102 -13.54 32.58 16.72
C PRO G 102 -12.72 33.63 15.95
N ALA G 103 -12.25 33.29 14.75
CA ALA G 103 -11.64 34.28 13.86
C ALA G 103 -12.53 35.51 13.56
N ILE G 104 -13.85 35.34 13.64
CA ILE G 104 -14.78 36.37 13.17
C ILE G 104 -14.82 37.56 14.13
N GLU G 105 -14.91 37.27 15.42
CA GLU G 105 -14.84 38.30 16.43
C GLU G 105 -13.50 39.06 16.28
N ARG G 106 -12.44 38.34 15.91
CA ARG G 106 -11.15 38.97 15.78
C ARG G 106 -11.08 39.85 14.52
N ALA G 107 -11.80 39.47 13.47
CA ALA G 107 -11.87 40.27 12.24
C ALA G 107 -12.59 41.60 12.53
N LEU G 108 -13.69 41.50 13.27
CA LEU G 108 -14.39 42.71 13.71
C LEU G 108 -13.44 43.61 14.49
N ALA G 109 -12.66 43.01 15.39
CA ALA G 109 -11.66 43.76 16.19
C ALA G 109 -10.59 44.40 15.30
N GLY G 110 -10.50 43.93 14.05
CA GLY G 110 -9.63 44.55 13.07
C GLY G 110 -10.33 45.44 12.05
N GLY G 111 -11.62 45.72 12.30
CA GLY G 111 -12.40 46.64 11.48
C GLY G 111 -12.88 46.12 10.14
N VAL G 112 -12.95 44.81 10.00
CA VAL G 112 -13.45 44.21 8.78
C VAL G 112 -14.91 43.76 9.00
N THR G 113 -15.81 44.24 8.17
CA THR G 113 -17.23 43.95 8.32
C THR G 113 -17.85 43.06 7.22
N SER G 114 -17.29 43.10 6.01
CA SER G 114 -17.80 42.27 4.91
C SER G 114 -16.68 41.51 4.24
N VAL G 115 -16.98 40.29 3.76
CA VAL G 115 -16.03 39.44 3.04
C VAL G 115 -16.73 38.63 1.95
N ILE G 117 -16.72 34.94 1.00
CA ILE G 117 -16.30 33.59 1.35
C ILE G 117 -16.28 32.76 0.06
N VAL G 118 -15.24 31.95 -0.06
CA VAL G 118 -14.94 31.28 -1.32
C VAL G 118 -14.17 29.98 -1.02
N PRO G 119 -14.38 28.92 -1.83
CA PRO G 119 -13.53 27.73 -1.71
C PRO G 119 -12.06 28.10 -1.98
N GLY G 120 -11.14 27.23 -1.58
CA GLY G 120 -9.71 27.44 -1.80
C GLY G 120 -9.30 27.14 -3.23
N SER G 121 -8.05 26.71 -3.40
CA SER G 121 -7.49 26.63 -4.74
C SER G 121 -7.03 25.23 -5.11
N ALA G 122 -7.54 24.23 -4.39
CA ALA G 122 -7.24 22.84 -4.71
C ALA G 122 -7.80 22.44 -6.09
N ASN G 123 -8.98 22.93 -6.45
CA ASN G 123 -9.66 22.44 -7.64
C ASN G 123 -9.60 23.41 -8.81
N PRO G 124 -9.30 22.87 -10.04
CA PRO G 124 -9.47 23.68 -11.26
C PRO G 124 -10.81 24.42 -11.24
N VAL G 125 -11.88 23.75 -10.83
CA VAL G 125 -13.17 24.39 -10.58
C VAL G 125 -13.63 24.05 -9.14
N GLY G 126 -13.57 25.03 -8.25
CA GLY G 126 -13.69 24.79 -6.81
C GLY G 126 -15.08 24.92 -6.20
N GLY G 127 -15.96 25.70 -6.83
CA GLY G 127 -17.26 25.93 -6.21
C GLY G 127 -17.59 27.41 -6.11
N GLN G 128 -18.71 27.70 -5.45
CA GLN G 128 -19.30 29.04 -5.42
C GLN G 128 -18.90 29.86 -4.21
N GLY G 129 -18.69 31.16 -4.43
CA GLY G 129 -18.44 32.09 -3.35
C GLY G 129 -19.71 32.85 -2.99
N SER G 130 -19.71 33.46 -1.81
CA SER G 130 -20.79 34.33 -1.35
C SER G 130 -20.21 35.55 -0.67
N VAL G 131 -20.93 36.67 -0.76
CA VAL G 131 -20.57 37.84 0.03
C VAL G 131 -21.48 37.87 1.24
N ILE G 132 -20.84 38.06 2.40
CA ILE G 132 -21.53 38.06 3.68
C ILE G 132 -21.01 39.21 4.55
N LYS G 133 -21.77 39.54 5.59
CA LYS G 133 -21.37 40.51 6.61
C LYS G 133 -21.39 39.73 7.92
N PHE G 134 -20.55 40.12 8.89
CA PHE G 134 -20.45 39.40 10.14
C PHE G 134 -21.51 39.88 11.11
N ARG G 135 -22.78 39.64 10.77
CA ARG G 135 -23.89 40.31 11.47
C ARG G 135 -24.76 39.41 12.35
N SER G 136 -24.58 38.09 12.27
CA SER G 136 -25.45 37.16 12.99
C SER G 136 -24.79 35.76 13.00
N ILE G 137 -25.25 34.88 13.91
CA ILE G 137 -24.76 33.49 13.90
C ILE G 137 -25.54 32.60 12.92
N ILE G 138 -26.57 33.16 12.30
CA ILE G 138 -27.37 32.51 11.28
C ILE G 138 -26.84 32.97 9.92
N VAL G 139 -26.23 32.07 9.15
CA VAL G 139 -25.55 32.45 7.90
C VAL G 139 -26.49 33.09 6.88
N GLU G 140 -27.74 32.63 6.83
CA GLU G 140 -28.75 33.17 5.93
C GLU G 140 -28.93 34.67 6.17
N GLU G 141 -28.83 35.08 7.43
CA GLU G 141 -28.93 36.48 7.81
C GLU G 141 -27.67 37.27 7.45
N CYS G 142 -26.56 36.55 7.24
CA CYS G 142 -25.28 37.18 6.91
C CYS G 142 -25.15 37.49 5.43
N ILE G 143 -25.96 36.81 4.61
CA ILE G 143 -25.88 36.87 3.16
C ILE G 143 -26.15 38.25 2.60
N VAL G 144 -25.20 38.76 1.82
CA VAL G 144 -25.42 39.99 1.06
C VAL G 144 -25.65 39.65 -0.41
N LYS G 145 -24.84 38.74 -0.96
CA LYS G 145 -24.94 38.33 -2.37
C LYS G 145 -24.55 36.87 -2.53
N ASP G 146 -25.49 36.06 -3.02
CA ASP G 146 -25.28 34.63 -3.14
C ASP G 146 -26.08 34.03 -4.29
N PRO G 147 -25.40 33.33 -5.22
CA PRO G 147 -23.94 33.17 -5.27
C PRO G 147 -23.27 34.46 -5.77
N ALA G 148 -22.00 34.66 -5.45
CA ALA G 148 -21.29 35.88 -5.83
C ALA G 148 -20.26 35.66 -6.93
N GLY G 149 -19.92 34.39 -7.17
CA GLY G 149 -18.86 34.04 -8.11
C GLY G 149 -18.57 32.54 -8.15
N LEU G 150 -17.83 32.12 -9.17
CA LEU G 150 -17.42 30.73 -9.30
C LEU G 150 -15.92 30.72 -9.25
N LYS G 151 -15.42 30.07 -8.20
CA LYS G 151 -13.99 29.95 -7.95
C LYS G 151 -13.34 28.92 -8.87
N ALA G 153 -9.15 27.67 -10.35
CA ALA G 153 -7.76 27.72 -9.96
C ALA G 153 -6.75 27.23 -11.01
N PHE G 154 -5.63 27.96 -11.09
CA PHE G 154 -4.53 27.61 -11.99
C PHE G 154 -3.23 27.44 -11.22
N GLY G 155 -2.19 27.02 -11.93
CA GLY G 155 -0.85 26.98 -11.37
C GLY G 155 -0.60 25.76 -10.53
N GLU G 156 0.27 25.93 -9.55
CA GLU G 156 0.80 24.78 -8.83
C GLU G 156 -0.23 23.99 -8.01
N ASN G 157 -1.17 24.68 -7.38
CA ASN G 157 -2.00 24.03 -6.37
C ASN G 157 -2.84 22.92 -6.98
N PRO G 158 -3.62 23.22 -8.05
CA PRO G 158 -4.45 22.12 -8.59
C PRO G 158 -3.66 20.97 -9.20
N LYS G 159 -2.53 21.25 -9.86
CA LYS G 159 -1.76 20.13 -10.41
C LYS G 159 -1.04 19.32 -9.34
N ARG G 160 -0.73 19.95 -8.21
CA ARG G 160 -0.15 19.19 -7.09
C ARG G 160 -1.23 18.30 -6.50
N VAL G 161 -2.39 18.87 -6.23
CA VAL G 161 -3.46 18.13 -5.57
C VAL G 161 -3.85 16.88 -6.37
N TYR G 162 -4.08 17.03 -7.67
CA TYR G 162 -4.50 15.90 -8.47
C TYR G 162 -3.36 15.04 -8.99
N GLY G 163 -2.19 15.64 -9.23
CA GLY G 163 -0.98 14.86 -9.52
C GLY G 163 -0.71 13.87 -8.38
N GLU G 164 -0.90 14.32 -7.14
CA GLU G 164 -0.73 13.46 -5.95
C GLU G 164 -1.76 12.32 -5.94
N ARG G 165 -2.99 12.60 -6.40
CA ARG G 165 -4.01 11.55 -6.54
C ARG G 165 -3.81 10.74 -7.83
N LYS G 166 -2.77 11.03 -8.62
CA LYS G 166 -2.50 10.38 -9.92
C LYS G 166 -3.69 10.53 -10.87
N GLN G 167 -4.25 11.73 -10.88
CA GLN G 167 -5.48 12.01 -11.59
C GLN G 167 -5.30 13.30 -12.35
N THR G 168 -6.01 13.46 -13.47
CA THR G 168 -5.97 14.68 -14.24
C THR G 168 -6.60 15.82 -13.39
N PRO G 169 -5.97 17.01 -13.31
CA PRO G 169 -4.70 17.45 -13.94
C PRO G 169 -3.46 17.25 -13.07
N SER G 170 -2.39 16.83 -13.74
CA SER G 170 -1.09 16.76 -13.11
C SER G 170 -0.15 17.81 -13.75
N THR G 171 -0.65 18.58 -14.74
CA THR G 171 0.13 19.64 -15.42
C THR G 171 -0.73 20.88 -15.61
N ARG G 172 -0.10 22.04 -15.89
CA ARG G 172 -0.87 23.23 -16.32
C ARG G 172 -1.71 22.98 -17.59
N GLY G 174 -3.15 20.21 -18.37
CA GLY G 174 -4.28 19.43 -17.92
C GLY G 174 -5.28 20.30 -17.22
N THR G 175 -4.78 21.26 -16.44
CA THR G 175 -5.66 22.12 -15.65
C THR G 175 -6.52 22.97 -16.59
N ALA G 176 -5.91 23.57 -17.61
CA ALA G 176 -6.68 24.33 -18.62
C ALA G 176 -7.64 23.40 -19.36
N GLY G 177 -7.15 22.21 -19.71
CA GLY G 177 -7.99 21.16 -20.30
C GLY G 177 -9.27 20.88 -19.54
N VAL G 178 -9.15 20.67 -18.24
CA VAL G 178 -10.30 20.36 -17.38
C VAL G 178 -11.34 21.48 -17.42
N ILE G 179 -10.86 22.71 -17.33
CA ILE G 179 -11.75 23.87 -17.31
C ILE G 179 -12.43 24.08 -18.65
N ARG G 180 -11.66 23.95 -19.73
CA ARG G 180 -12.20 24.03 -21.07
C ARG G 180 -13.24 22.96 -21.35
N ASP G 181 -12.97 21.75 -20.86
CA ASP G 181 -13.85 20.62 -21.06
C ASP G 181 -15.16 20.86 -20.32
N TYR G 182 -15.04 21.35 -19.09
CA TYR G 182 -16.21 21.74 -18.33
C TYR G 182 -17.09 22.75 -19.07
N PHE G 183 -16.51 23.84 -19.57
CA PHE G 183 -17.33 24.86 -20.19
C PHE G 183 -17.88 24.43 -21.57
N THR G 184 -17.24 23.45 -22.21
CA THR G 184 -17.77 22.86 -23.45
C THR G 184 -19.07 22.10 -23.11
N LYS G 185 -19.03 21.37 -22.00
CA LYS G 185 -20.23 20.68 -21.48
C LYS G 185 -21.36 21.64 -21.12
N VAL G 186 -21.00 22.75 -20.48
CA VAL G 186 -21.99 23.74 -20.14
C VAL G 186 -22.69 24.22 -21.40
N LYS G 187 -21.91 24.46 -22.47
CA LYS G 187 -22.48 24.92 -23.74
C LYS G 187 -23.46 23.90 -24.35
N ASN G 188 -23.04 22.64 -24.43
CA ASN G 188 -23.92 21.53 -24.84
C ASN G 188 -25.23 21.49 -24.05
N TYR G 189 -25.10 21.65 -22.75
CA TYR G 189 -26.22 21.69 -21.81
C TYR G 189 -27.24 22.78 -22.18
N LYS G 191 -27.53 24.30 -25.07
CA LYS G 191 -28.12 23.94 -26.36
C LYS G 191 -29.23 22.89 -26.17
N LYS G 192 -29.03 21.94 -25.28
CA LYS G 192 -30.06 20.93 -25.03
C LYS G 192 -31.30 21.54 -24.41
N LYS G 193 -31.11 22.49 -23.50
CA LYS G 193 -32.24 23.20 -22.91
C LYS G 193 -33.02 23.97 -23.96
N GLU G 194 -32.32 24.72 -24.81
CA GLU G 194 -32.97 25.54 -25.85
C GLU G 194 -33.71 24.68 -26.90
N LEU G 195 -33.17 23.51 -27.22
CA LEU G 195 -33.83 22.52 -28.07
C LEU G 195 -35.09 21.96 -27.41
N ALA G 196 -35.01 21.66 -26.11
CA ALA G 196 -36.18 21.21 -25.36
C ALA G 196 -37.26 22.28 -25.32
N GLN G 197 -36.85 23.53 -25.09
CA GLN G 197 -37.77 24.66 -25.09
C GLN G 197 -38.51 24.80 -26.43
N LYS G 198 -37.80 24.58 -27.53
CA LYS G 198 -38.38 24.79 -28.86
C LYS G 198 -39.39 23.71 -29.28
N GLU G 199 -39.29 22.50 -28.72
CA GLU G 199 -40.40 21.55 -28.78
C GLU G 199 -41.29 21.82 -27.56
N GLY G 200 -42.25 20.95 -27.29
CA GLY G 200 -43.12 21.15 -26.13
C GLY G 200 -42.52 20.62 -24.84
N LYS G 201 -41.27 20.16 -24.93
CA LYS G 201 -40.69 19.23 -23.96
C LYS G 201 -40.14 19.87 -22.69
N GLU G 202 -40.59 19.34 -21.56
CA GLU G 202 -39.97 19.67 -20.29
C GLU G 202 -38.55 19.12 -20.26
N PHE G 203 -37.62 19.94 -19.81
CA PHE G 203 -36.23 19.51 -19.66
C PHE G 203 -36.11 18.57 -18.48
N THR G 204 -35.58 17.38 -18.73
CA THR G 204 -35.47 16.38 -17.66
C THR G 204 -34.04 16.01 -17.31
N GLU G 205 -33.07 16.84 -17.72
CA GLU G 205 -31.66 16.54 -17.49
C GLU G 205 -30.95 17.59 -16.66
N THR G 206 -31.71 18.31 -15.84
CA THR G 206 -31.16 19.30 -14.93
C THR G 206 -29.96 18.72 -14.16
N ASP G 207 -28.88 19.51 -14.09
CA ASP G 207 -27.63 19.11 -13.48
C ASP G 207 -27.06 20.33 -12.75
N LEU G 208 -26.82 20.13 -11.46
CA LEU G 208 -26.33 21.17 -10.57
C LEU G 208 -25.02 21.78 -11.03
N LYS G 209 -24.06 20.94 -11.41
CA LYS G 209 -22.78 21.44 -11.88
C LYS G 209 -22.93 22.27 -13.15
N GLU G 211 -25.70 23.96 -14.22
CA GLU G 211 -26.47 25.19 -13.94
C GLU G 211 -25.59 26.36 -13.47
N VAL G 212 -24.66 26.08 -12.55
CA VAL G 212 -23.67 27.04 -12.11
C VAL G 212 -22.83 27.55 -13.28
N GLY G 213 -22.34 26.64 -14.11
CA GLY G 213 -21.57 27.04 -15.30
C GLY G 213 -22.37 27.95 -16.20
N GLU G 214 -23.66 27.63 -16.33
CA GLU G 214 -24.56 28.41 -17.18
C GLU G 214 -24.72 29.84 -16.71
N VAL G 216 -22.42 31.47 -15.18
CA VAL G 216 -21.16 32.10 -15.60
C VAL G 216 -21.21 32.51 -17.08
N LEU G 217 -21.67 31.62 -17.95
CA LEU G 217 -21.71 31.88 -19.37
C LEU G 217 -22.69 33.01 -19.72
N ARG G 218 -23.75 33.14 -18.93
CA ARG G 218 -24.72 34.22 -19.09
C ARG G 218 -24.32 35.49 -18.35
N LYS G 219 -23.15 35.46 -17.71
CA LYS G 219 -22.58 36.62 -17.02
C LYS G 219 -23.41 37.09 -15.84
N LYS G 220 -24.18 36.17 -15.25
CA LYS G 220 -24.87 36.41 -14.01
C LYS G 220 -23.89 36.62 -12.86
N ILE G 221 -22.79 35.87 -12.87
CA ILE G 221 -21.75 36.02 -11.86
C ILE G 221 -20.41 35.88 -12.54
N PRO G 222 -19.34 36.48 -11.94
CA PRO G 222 -18.05 36.30 -12.58
C PRO G 222 -17.35 34.99 -12.18
N ALA G 223 -16.37 34.60 -12.99
CA ALA G 223 -15.35 33.65 -12.59
C ALA G 223 -14.39 34.35 -11.61
N ARG G 224 -14.02 33.63 -10.56
CA ARG G 224 -13.02 34.13 -9.62
C ARG G 224 -11.78 33.22 -9.76
N HIS G 226 -8.04 32.09 -9.50
CA HIS G 226 -6.76 32.02 -8.77
C HIS G 226 -5.60 31.77 -9.75
N ALA G 227 -4.67 32.72 -9.80
CA ALA G 227 -3.46 32.59 -10.62
C ALA G 227 -2.31 33.45 -10.08
N HIS G 228 -1.11 32.90 -10.09
CA HIS G 228 0.06 33.59 -9.58
C HIS G 228 1.04 33.94 -10.70
N ARG G 229 1.55 32.93 -11.41
CA ARG G 229 2.56 33.15 -12.43
C ARG G 229 1.89 33.85 -13.61
N ALA G 230 2.63 34.75 -14.27
CA ALA G 230 2.02 35.56 -15.34
C ALA G 230 1.34 34.75 -16.43
N ASP G 231 1.90 33.61 -16.80
CA ASP G 231 1.30 32.80 -17.86
C ASP G 231 -0.04 32.18 -17.43
N ASP G 232 -0.14 31.87 -16.14
CA ASP G 232 -1.38 31.35 -15.58
C ASP G 232 -2.46 32.39 -15.60
N ILE G 233 -2.06 33.64 -15.33
CA ILE G 233 -3.00 34.74 -15.40
C ILE G 233 -3.49 34.90 -16.84
N LEU G 234 -2.58 34.81 -17.81
CA LEU G 234 -2.93 35.02 -19.22
C LEU G 234 -3.83 33.89 -19.70
N THR G 235 -3.57 32.69 -19.19
CA THR G 235 -4.35 31.49 -19.59
C THR G 235 -5.78 31.60 -19.10
N ALA G 236 -5.95 32.02 -17.86
CA ALA G 236 -7.27 32.33 -17.28
C ALA G 236 -8.09 33.31 -18.13
N ILE G 237 -7.47 34.42 -18.50
CA ILE G 237 -8.08 35.40 -19.42
C ILE G 237 -8.39 34.82 -20.79
N ARG G 238 -7.46 34.01 -21.34
CA ARG G 238 -7.72 33.34 -22.62
C ARG G 238 -9.01 32.50 -22.59
N ILE G 239 -9.17 31.72 -21.52
CA ILE G 239 -10.36 30.87 -21.35
C ILE G 239 -11.64 31.71 -21.17
N ALA G 240 -11.58 32.77 -20.36
CA ALA G 240 -12.73 33.64 -20.19
C ALA G 240 -13.16 34.28 -21.51
N GLU G 241 -12.18 34.69 -22.32
CA GLU G 241 -12.46 35.24 -23.65
C GLU G 241 -13.05 34.21 -24.62
N GLU G 242 -12.45 33.01 -24.63
CA GLU G 242 -12.94 31.90 -25.46
C GLU G 242 -14.41 31.58 -25.17
N PHE G 243 -14.80 31.52 -23.90
CA PHE G 243 -16.20 31.22 -23.56
C PHE G 243 -17.07 32.45 -23.28
N GLY G 244 -16.46 33.64 -23.36
CA GLY G 244 -17.15 34.92 -23.15
C GLY G 244 -17.73 35.15 -21.77
N PHE G 245 -16.99 34.86 -20.70
CA PHE G 245 -17.47 35.17 -19.34
C PHE G 245 -16.62 36.21 -18.62
N ASN G 246 -17.21 36.86 -17.62
CA ASN G 246 -16.51 37.88 -16.83
C ASN G 246 -15.63 37.21 -15.79
N LEU G 247 -14.49 37.84 -15.50
CA LEU G 247 -13.56 37.25 -14.55
C LEU G 247 -12.93 38.29 -13.63
N VAL G 248 -12.48 37.82 -12.47
CA VAL G 248 -11.59 38.56 -11.60
C VAL G 248 -10.35 37.67 -11.44
N ILE G 249 -9.18 38.28 -11.32
CA ILE G 249 -7.99 37.53 -10.98
C ILE G 249 -7.74 37.58 -9.48
N GLU G 250 -7.59 36.39 -8.88
CA GLU G 250 -7.28 36.27 -7.45
C GLU G 250 -5.77 36.10 -7.28
N HIS G 251 -5.20 36.87 -6.36
CA HIS G 251 -3.76 36.92 -6.05
C HIS G 251 -2.99 37.64 -7.11
N GLY G 252 -2.97 37.10 -8.33
CA GLY G 252 -2.28 37.75 -9.43
C GLY G 252 -0.88 38.22 -9.04
N THR G 253 -0.16 37.36 -8.33
CA THR G 253 1.19 37.65 -7.83
C THR G 253 2.07 38.35 -8.86
N GLU G 254 2.07 37.86 -10.11
CA GLU G 254 2.91 38.43 -11.16
C GLU G 254 2.16 39.36 -12.12
N ALA G 255 0.99 39.85 -11.70
CA ALA G 255 0.18 40.76 -12.53
C ALA G 255 0.95 42.03 -12.94
N TYR G 256 1.92 42.43 -12.13
CA TYR G 256 2.68 43.64 -12.39
C TYR G 256 3.55 43.49 -13.63
N LYS G 257 3.90 42.26 -13.98
CA LYS G 257 4.68 41.97 -15.18
C LYS G 257 3.90 42.13 -16.47
N ILE G 258 2.57 42.17 -16.37
CA ILE G 258 1.65 42.21 -17.52
C ILE G 258 0.53 43.22 -17.26
N SER G 259 0.85 44.26 -16.51
CA SER G 259 -0.14 45.21 -16.02
C SER G 259 -0.79 46.00 -17.15
N LYS G 260 -0.06 46.19 -18.25
CA LYS G 260 -0.62 46.91 -19.41
C LYS G 260 -1.82 46.19 -20.02
N VAL G 261 -1.65 44.90 -20.26
CA VAL G 261 -2.74 44.05 -20.75
C VAL G 261 -3.98 44.10 -19.82
N LEU G 262 -3.75 43.93 -18.52
CA LEU G 262 -4.83 43.93 -17.53
C LEU G 262 -5.58 45.27 -17.45
N ALA G 263 -4.84 46.38 -17.51
CA ALA G 263 -5.49 47.69 -17.58
C ALA G 263 -6.32 47.80 -18.87
N GLU G 264 -5.71 47.50 -20.02
CA GLU G 264 -6.39 47.65 -21.32
C GLU G 264 -7.70 46.87 -21.37
N LYS G 265 -7.67 45.66 -20.79
CA LYS G 265 -8.83 44.78 -20.84
C LYS G 265 -9.77 44.99 -19.66
N LYS G 266 -9.38 45.88 -18.74
CA LYS G 266 -10.17 46.18 -17.56
C LYS G 266 -10.42 44.94 -16.66
N ILE G 267 -9.38 44.11 -16.49
CA ILE G 267 -9.44 42.95 -15.60
C ILE G 267 -9.10 43.43 -14.20
N PRO G 268 -10.03 43.28 -13.24
CA PRO G 268 -9.65 43.58 -11.84
C PRO G 268 -8.79 42.47 -11.20
N VAL G 269 -7.90 42.87 -10.28
CA VAL G 269 -7.07 41.90 -9.55
C VAL G 269 -7.28 42.06 -8.05
N VAL G 270 -7.60 40.97 -7.37
CA VAL G 270 -7.59 41.00 -5.92
C VAL G 270 -6.21 40.52 -5.47
N VAL G 271 -5.35 41.48 -5.14
CA VAL G 271 -3.97 41.17 -4.77
C VAL G 271 -3.88 40.72 -3.31
N GLY G 272 -2.76 40.08 -2.98
CA GLY G 272 -2.62 39.45 -1.68
C GLY G 272 -2.73 37.95 -1.83
N PRO G 273 -2.21 37.19 -0.84
CA PRO G 273 -1.59 37.72 0.36
C PRO G 273 -0.19 38.25 0.06
N LEU G 274 0.18 39.38 0.67
CA LEU G 274 1.47 40.00 0.40
C LEU G 274 2.42 39.97 1.58
N LEU G 275 1.88 40.10 2.78
CA LEU G 275 2.65 40.06 4.01
C LEU G 275 2.76 38.60 4.45
N THR G 276 3.59 37.87 3.73
CA THR G 276 3.62 36.43 3.85
C THR G 276 4.83 35.88 3.12
N PHE G 277 5.22 34.67 3.52
CA PHE G 277 6.38 34.01 2.97
C PHE G 277 6.09 33.44 1.58
N ARG G 278 7.09 33.48 0.71
CA ARG G 278 6.98 32.88 -0.63
C ARG G 278 7.20 31.35 -0.58
N THR G 279 6.13 30.63 -0.27
CA THR G 279 6.20 29.19 0.00
C THR G 279 6.44 28.37 -1.29
N LYS G 280 6.20 28.99 -2.43
CA LYS G 280 6.25 28.27 -3.69
C LYS G 280 7.05 29.00 -4.72
N LEU G 281 7.54 28.20 -5.65
CA LEU G 281 8.19 28.67 -6.84
C LEU G 281 7.38 29.76 -7.56
N GLU G 282 6.08 29.51 -7.71
CA GLU G 282 5.22 30.47 -8.41
C GLU G 282 5.07 31.79 -7.63
N LEU G 283 5.51 31.81 -6.36
CA LEU G 283 5.46 33.01 -5.52
C LEU G 283 6.79 33.76 -5.47
N LYS G 284 7.80 33.26 -6.18
CA LYS G 284 9.16 33.74 -6.00
C LYS G 284 9.34 35.23 -6.25
N ASP G 285 8.56 35.80 -7.18
CA ASP G 285 8.64 37.23 -7.46
C ASP G 285 7.50 38.05 -6.86
N LEU G 286 6.81 37.49 -5.87
CA LEU G 286 5.86 38.27 -5.10
C LEU G 286 6.56 39.50 -4.50
N THR G 287 5.88 40.65 -4.56
CA THR G 287 6.43 41.86 -3.96
C THR G 287 5.31 42.77 -3.52
N GLU G 289 5.50 45.72 -3.70
CA GLU G 289 5.53 46.82 -4.67
C GLU G 289 4.44 46.70 -5.73
N THR G 290 3.76 45.55 -5.80
CA THR G 290 2.72 45.33 -6.79
CA THR G 290 2.72 45.34 -6.81
C THR G 290 1.57 46.31 -6.65
N ILE G 291 1.29 46.74 -5.41
CA ILE G 291 0.21 47.69 -5.19
C ILE G 291 0.47 49.01 -5.92
N ALA G 292 1.63 49.62 -5.67
CA ALA G 292 2.02 50.87 -6.34
C ALA G 292 2.06 50.70 -7.86
N LYS G 293 2.69 49.61 -8.29
CA LYS G 293 2.85 49.31 -9.72
C LYS G 293 1.52 49.18 -10.44
N LEU G 294 0.59 48.40 -9.89
CA LEU G 294 -0.67 48.15 -10.58
C LEU G 294 -1.49 49.41 -10.59
N LEU G 295 -1.48 50.15 -9.48
CA LEU G 295 -2.21 51.40 -9.43
C LEU G 295 -1.69 52.39 -10.46
N LYS G 296 -0.37 52.47 -10.61
CA LYS G 296 0.27 53.39 -11.55
C LYS G 296 -0.17 53.07 -12.98
N ASP G 297 -0.37 51.78 -13.25
CA ASP G 297 -0.78 51.32 -14.58
C ASP G 297 -2.29 51.25 -14.80
N GLY G 298 -3.06 51.71 -13.81
CA GLY G 298 -4.50 51.87 -13.98
C GLY G 298 -5.31 50.59 -13.89
N VAL G 299 -4.77 49.58 -13.20
CA VAL G 299 -5.52 48.36 -12.91
C VAL G 299 -6.38 48.58 -11.67
N LEU G 300 -7.62 48.13 -11.71
CA LEU G 300 -8.47 48.14 -10.53
C LEU G 300 -8.10 46.97 -9.61
N ILE G 301 -7.69 47.28 -8.37
CA ILE G 301 -7.27 46.26 -7.41
C ILE G 301 -7.97 46.36 -6.06
N ALA G 302 -8.05 45.23 -5.37
CA ALA G 302 -8.40 45.18 -3.97
C ALA G 302 -7.30 44.38 -3.27
N LEU G 303 -7.23 44.48 -1.94
CA LEU G 303 -6.21 43.76 -1.19
C LEU G 303 -6.85 42.73 -0.25
N CYS G 305 -6.38 39.39 2.65
CA CYS G 305 -5.57 38.62 3.58
C CYS G 305 -5.46 37.15 3.16
N ASP G 306 -6.39 36.72 2.29
CA ASP G 306 -6.50 35.30 1.94
C ASP G 306 -6.55 34.48 3.21
N HIS G 307 -7.32 34.98 4.17
CA HIS G 307 -7.43 34.38 5.48
C HIS G 307 -7.82 32.92 5.33
N PRO G 308 -7.13 32.02 6.04
CA PRO G 308 -6.20 32.25 7.17
C PRO G 308 -4.71 32.45 6.89
N VAL G 309 -4.29 32.61 5.63
CA VAL G 309 -2.85 32.80 5.34
C VAL G 309 -2.32 34.03 6.12
N ILE G 310 -3.12 35.09 6.13
CA ILE G 310 -2.91 36.20 7.05
C ILE G 310 -4.21 36.34 7.80
N PRO G 311 -4.15 36.42 9.14
CA PRO G 311 -5.41 36.57 9.84
C PRO G 311 -6.09 37.89 9.45
N LEU G 312 -7.41 37.82 9.24
CA LEU G 312 -8.21 38.97 8.83
C LEU G 312 -8.16 40.11 9.85
N GLU G 313 -8.02 39.78 11.14
CA GLU G 313 -7.81 40.81 12.17
C GLU G 313 -6.61 41.73 11.88
N PHE G 314 -5.68 41.26 11.05
CA PHE G 314 -4.47 42.00 10.73
C PHE G 314 -4.53 42.63 9.32
N ALA G 315 -5.74 42.90 8.83
CA ALA G 315 -5.88 43.49 7.49
C ALA G 315 -5.18 44.85 7.41
N THR G 316 -5.34 45.65 8.46
CA THR G 316 -4.75 46.99 8.51
C THR G 316 -3.22 46.89 8.62
N VAL G 317 -2.75 45.80 9.22
CA VAL G 317 -1.31 45.59 9.41
C VAL G 317 -0.62 45.36 8.05
N GLN G 318 -1.20 44.47 7.24
CA GLN G 318 -0.69 44.25 5.90
C GLN G 318 -0.76 45.53 5.05
N ALA G 319 -1.92 46.17 5.00
CA ALA G 319 -2.05 47.41 4.24
C ALA G 319 -1.01 48.44 4.69
N ALA G 320 -0.86 48.66 5.99
CA ALA G 320 0.04 49.70 6.47
C ALA G 320 1.47 49.45 6.05
N THR G 321 1.87 48.18 6.08
CA THR G 321 3.22 47.76 5.72
C THR G 321 3.58 48.12 4.29
N ALA G 322 2.58 48.11 3.41
CA ALA G 322 2.77 48.50 2.02
C ALA G 322 3.34 49.92 1.87
N ARG G 324 5.84 50.98 3.20
CA ARG G 324 7.30 50.75 3.08
C ARG G 324 7.77 50.45 1.68
N TYR G 325 6.81 50.15 0.81
CA TYR G 325 7.09 49.67 -0.54
C TYR G 325 6.44 50.57 -1.58
N GLY G 326 6.40 51.86 -1.28
CA GLY G 326 5.96 52.88 -2.23
C GLY G 326 4.46 53.10 -2.35
N ALA G 327 3.65 52.39 -1.58
CA ALA G 327 2.20 52.61 -1.63
C ALA G 327 1.76 53.75 -0.71
N LYS G 328 0.79 54.52 -1.17
CA LYS G 328 0.33 55.71 -0.43
C LYS G 328 -0.93 55.46 0.38
N GLU G 329 -1.02 56.11 1.54
CA GLU G 329 -2.14 55.94 2.48
C GLU G 329 -3.51 55.94 1.84
N GLU G 330 -3.79 56.97 1.05
CA GLU G 330 -5.07 57.16 0.39
C GLU G 330 -5.48 55.93 -0.46
N ASP G 331 -4.54 55.42 -1.25
CA ASP G 331 -4.82 54.27 -2.09
C ASP G 331 -4.96 52.98 -1.29
N LEU G 332 -4.22 52.88 -0.19
CA LEU G 332 -4.26 51.69 0.65
C LEU G 332 -5.61 51.54 1.33
N LEU G 333 -6.21 52.67 1.68
CA LEU G 333 -7.57 52.69 2.20
C LEU G 333 -8.61 52.30 1.14
N LYS G 334 -8.39 52.74 -0.10
CA LYS G 334 -9.28 52.46 -1.23
C LYS G 334 -9.34 50.96 -1.55
N ILE G 335 -8.18 50.30 -1.45
CA ILE G 335 -8.11 48.90 -1.82
C ILE G 335 -8.63 47.98 -0.72
N LEU G 336 -9.08 48.58 0.40
CA LEU G 336 -9.71 47.87 1.52
C LEU G 336 -11.18 48.22 1.69
N THR G 337 -11.67 49.13 0.84
CA THR G 337 -13.04 49.62 0.97
C THR G 337 -13.75 49.71 -0.36
N VAL G 338 -13.59 50.85 -1.04
CA VAL G 338 -14.32 51.17 -2.24
C VAL G 338 -13.95 50.27 -3.43
N ASN G 339 -12.67 49.95 -3.62
CA ASN G 339 -12.28 49.04 -4.69
C ASN G 339 -12.83 47.61 -4.54
N PRO G 340 -12.70 47.00 -3.33
CA PRO G 340 -13.30 45.65 -3.24
C PRO G 340 -14.82 45.70 -3.40
N ALA G 341 -15.46 46.75 -2.87
CA ALA G 341 -16.90 46.94 -3.03
C ALA G 341 -17.29 46.94 -4.51
N LYS G 342 -16.52 47.65 -5.34
CA LYS G 342 -16.74 47.68 -6.79
C LYS G 342 -16.49 46.31 -7.46
N ILE G 343 -15.39 45.68 -7.10
CA ILE G 343 -15.08 44.33 -7.64
C ILE G 343 -16.20 43.32 -7.32
N LEU G 344 -16.82 43.47 -6.15
CA LEU G 344 -17.89 42.57 -5.73
C LEU G 344 -19.26 42.99 -6.24
N GLY G 345 -19.31 44.08 -7.01
CA GLY G 345 -20.56 44.64 -7.52
C GLY G 345 -21.49 45.21 -6.43
N LEU G 346 -20.92 45.77 -5.37
CA LEU G 346 -21.70 46.24 -4.20
C LEU G 346 -21.34 47.68 -3.84
N GLU G 347 -20.87 48.41 -4.85
CA GLU G 347 -20.39 49.79 -4.74
C GLU G 347 -21.47 50.75 -4.24
N ASP G 348 -22.72 50.44 -4.57
CA ASP G 348 -23.86 51.22 -4.12
C ASP G 348 -24.20 50.95 -2.65
N ARG G 349 -23.67 49.85 -2.11
CA ARG G 349 -24.06 49.36 -0.77
C ARG G 349 -23.02 49.64 0.32
N ILE G 350 -21.75 49.35 0.04
CA ILE G 350 -20.71 49.32 1.07
C ILE G 350 -19.42 50.02 0.62
N GLY G 351 -18.47 50.19 1.54
CA GLY G 351 -17.14 50.66 1.17
C GLY G 351 -16.88 52.15 1.34
N SER G 352 -17.91 52.94 1.56
CA SER G 352 -17.70 54.37 1.80
C SER G 352 -18.75 55.00 2.72
N ILE G 353 -18.45 56.18 3.26
CA ILE G 353 -19.43 56.89 4.08
C ILE G 353 -20.09 58.00 3.26
N GLU G 354 -21.23 57.67 2.69
CA GLU G 354 -22.00 58.57 1.83
C GLU G 354 -23.47 58.29 2.12
N PRO G 355 -24.35 59.32 1.99
CA PRO G 355 -25.78 59.06 2.20
C PRO G 355 -26.28 57.91 1.32
N GLY G 356 -27.15 57.07 1.87
CA GLY G 356 -27.74 55.96 1.10
C GLY G 356 -27.07 54.60 1.33
N LYS G 357 -25.77 54.61 1.59
CA LYS G 357 -25.00 53.38 1.73
C LYS G 357 -25.26 52.73 3.09
N ASP G 358 -24.98 51.43 3.20
CA ASP G 358 -25.13 50.70 4.47
C ASP G 358 -24.23 51.30 5.55
N ALA G 359 -24.77 51.39 6.77
CA ALA G 359 -24.06 51.95 7.90
C ALA G 359 -23.14 50.93 8.55
N ASP G 360 -22.13 50.50 7.80
CA ASP G 360 -21.08 49.64 8.29
C ASP G 360 -19.93 50.57 8.63
N LEU G 361 -19.79 50.85 9.93
CA LEU G 361 -18.91 51.87 10.45
C LEU G 361 -18.04 51.35 11.60
N VAL G 362 -16.79 51.80 11.62
CA VAL G 362 -15.84 51.34 12.62
C VAL G 362 -15.20 52.56 13.30
N VAL G 363 -15.37 52.64 14.61
CA VAL G 363 -14.73 53.65 15.42
C VAL G 363 -13.34 53.18 15.85
N TRP G 364 -12.30 53.84 15.31
CA TRP G 364 -10.91 53.62 15.71
C TRP G 364 -10.38 54.70 16.68
N SER G 365 -9.45 54.32 17.55
CA SER G 365 -8.84 55.23 18.53
C SER G 365 -7.82 56.16 17.88
N GLY G 366 -7.40 55.80 16.67
CA GLY G 366 -6.42 56.56 15.89
C GLY G 366 -6.46 56.08 14.44
N HIS G 367 -5.52 56.54 13.63
CA HIS G 367 -5.46 56.08 12.25
C HIS G 367 -5.23 54.55 12.22
N PRO G 368 -6.07 53.82 11.46
CA PRO G 368 -5.95 52.35 11.38
C PRO G 368 -4.56 51.87 10.95
N PHE G 369 -3.81 52.71 10.24
CA PHE G 369 -2.47 52.36 9.82
C PHE G 369 -1.38 52.71 10.86
N ASP G 370 -1.81 53.28 11.98
CA ASP G 370 -0.92 53.53 13.13
C ASP G 370 -1.03 52.29 14.02
N LYS G 372 -0.40 51.72 16.90
CA LYS G 372 -0.93 51.94 18.25
C LYS G 372 -2.45 51.95 18.29
N SER G 373 -3.11 52.16 17.15
CA SER G 373 -4.57 52.36 17.14
C SER G 373 -5.36 51.04 17.32
N VAL G 374 -6.48 51.12 18.04
CA VAL G 374 -7.34 49.94 18.24
C VAL G 374 -8.76 50.22 17.75
N VAL G 375 -9.52 49.17 17.48
CA VAL G 375 -10.96 49.33 17.16
C VAL G 375 -11.73 49.44 18.46
N GLU G 376 -12.55 50.47 18.57
CA GLU G 376 -13.33 50.64 19.78
C GLU G 376 -14.75 50.12 19.61
N ARG G 377 -15.32 50.29 18.42
CA ARG G 377 -16.70 49.91 18.15
C ARG G 377 -16.86 49.57 16.68
N VAL G 378 -17.67 48.54 16.41
CA VAL G 378 -18.07 48.26 15.03
C VAL G 378 -19.59 48.23 14.90
N TYR G 379 -20.11 48.92 13.90
CA TYR G 379 -21.52 48.80 13.50
C TYR G 379 -21.61 48.13 12.14
N ILE G 380 -22.62 47.26 12.00
CA ILE G 380 -23.02 46.72 10.69
C ILE G 380 -24.51 46.98 10.49
N ASP G 381 -24.86 47.55 9.32
CA ASP G 381 -26.22 48.05 9.06
C ASP G 381 -26.76 48.88 10.22
N GLY G 382 -25.91 49.73 10.79
CA GLY G 382 -26.29 50.59 11.92
C GLY G 382 -26.45 49.93 13.28
N VAL G 383 -26.18 48.62 13.36
CA VAL G 383 -26.30 47.86 14.60
C VAL G 383 -24.90 47.55 15.12
N GLU G 384 -24.68 47.84 16.40
CA GLU G 384 -23.42 47.52 17.04
C GLU G 384 -23.23 46.01 17.12
N VAL G 385 -22.05 45.56 16.73
CA VAL G 385 -21.77 44.13 16.70
C VAL G 385 -20.50 43.81 17.47
N PHE G 386 -19.77 44.85 17.81
CA PHE G 386 -18.51 44.72 18.55
C PHE G 386 -18.30 45.97 19.42
N ARG G 387 -17.87 45.76 20.65
CA ARG G 387 -17.38 46.88 21.48
C ARG G 387 -16.15 46.46 22.29
N ARG G 388 -15.05 47.19 22.11
CA ARG G 388 -13.77 46.86 22.74
C ARG G 388 -13.87 46.47 24.23
N LYS H 6 14.62 -17.75 -62.24
CA LYS H 6 14.38 -19.22 -62.21
C LYS H 6 15.50 -19.99 -61.50
N ILE H 7 15.14 -20.85 -60.55
CA ILE H 7 16.11 -21.71 -59.87
C ILE H 7 15.69 -23.17 -59.95
N LEU H 8 16.67 -24.03 -60.28
CA LEU H 8 16.46 -25.47 -60.34
C LEU H 8 17.42 -26.22 -59.40
N PHE H 9 16.84 -26.85 -58.38
CA PHE H 9 17.59 -27.64 -57.40
C PHE H 9 17.72 -29.07 -57.89
N LYS H 10 18.96 -29.55 -58.00
CA LYS H 10 19.21 -30.85 -58.61
C LYS H 10 19.67 -31.87 -57.58
N ASN H 11 19.09 -33.07 -57.67
CA ASN H 11 19.64 -34.28 -57.03
C ASN H 11 19.79 -34.24 -55.50
N ALA H 12 18.81 -33.61 -54.84
CA ALA H 12 18.69 -33.73 -53.40
C ALA H 12 17.78 -34.91 -53.13
N THR H 13 17.83 -35.45 -51.92
CA THR H 13 16.73 -36.27 -51.43
C THR H 13 15.63 -35.27 -51.10
N VAL H 14 14.55 -35.33 -51.86
CA VAL H 14 13.43 -34.39 -51.76
C VAL H 14 12.34 -35.00 -50.88
N PHE H 15 11.83 -34.22 -49.93
CA PHE H 15 10.72 -34.59 -49.07
C PHE H 15 9.51 -33.70 -49.35
N PRO H 16 8.63 -34.12 -50.28
CA PRO H 16 7.46 -33.29 -50.60
C PRO H 16 6.36 -33.34 -49.53
N ILE H 17 6.45 -34.31 -48.62
CA ILE H 17 5.48 -34.52 -47.51
C ILE H 17 4.15 -35.10 -47.96
N THR H 18 3.52 -34.48 -48.95
CA THR H 18 2.24 -35.00 -49.46
C THR H 18 2.44 -36.29 -50.26
N SER H 19 3.65 -36.49 -50.76
CA SER H 19 4.07 -37.76 -51.35
C SER H 19 5.37 -38.23 -50.67
N ARG H 20 5.76 -39.48 -50.92
CA ARG H 20 6.95 -40.06 -50.28
C ARG H 20 8.26 -39.43 -50.81
N PRO H 21 9.33 -39.45 -49.97
CA PRO H 21 10.59 -38.85 -50.41
C PRO H 21 11.27 -39.65 -51.53
N PHE H 22 11.98 -38.93 -52.40
CA PHE H 22 12.67 -39.50 -53.55
C PHE H 22 13.93 -38.67 -53.87
N LYS H 23 14.85 -39.24 -54.63
CA LYS H 23 15.99 -38.48 -55.16
C LYS H 23 15.61 -37.83 -56.48
N GLY H 24 15.62 -36.50 -56.49
CA GLY H 24 15.13 -35.74 -57.63
C GLY H 24 15.40 -34.25 -57.56
N ASP H 25 14.62 -33.50 -58.33
CA ASP H 25 14.87 -32.09 -58.50
C ASP H 25 13.62 -31.27 -58.26
N VAL H 26 13.82 -29.97 -58.11
CA VAL H 26 12.73 -29.04 -57.89
C VAL H 26 13.00 -27.79 -58.70
N LEU H 27 11.97 -27.34 -59.40
CA LEU H 27 12.06 -26.14 -60.22
C LEU H 27 11.26 -24.99 -59.63
N VAL H 28 11.91 -23.85 -59.49
CA VAL H 28 11.28 -22.65 -58.93
C VAL H 28 11.24 -21.51 -59.94
N SER H 29 10.06 -20.93 -60.11
CA SER H 29 9.87 -19.74 -60.93
C SER H 29 8.72 -18.91 -60.38
N ASN H 30 8.86 -17.59 -60.47
CA ASN H 30 7.86 -16.64 -59.96
C ASN H 30 7.48 -16.91 -58.49
N GLY H 31 8.51 -17.15 -57.67
CA GLY H 31 8.35 -17.36 -56.23
C GLY H 31 7.66 -18.65 -55.83
N LYS H 32 7.45 -19.54 -56.82
CA LYS H 32 6.64 -20.73 -56.61
C LYS H 32 7.31 -22.02 -57.09
N VAL H 33 6.82 -23.15 -56.60
CA VAL H 33 7.25 -24.45 -57.09
C VAL H 33 6.57 -24.71 -58.46
N GLU H 34 7.39 -24.80 -59.50
CA GLU H 34 6.97 -25.08 -60.87
C GLU H 34 6.79 -26.57 -61.06
N LYS H 35 7.92 -27.28 -61.04
CA LYS H 35 7.93 -28.72 -61.25
C LYS H 35 8.68 -29.38 -60.11
N VAL H 36 8.17 -30.55 -59.73
CA VAL H 36 8.89 -31.42 -58.82
C VAL H 36 8.81 -32.85 -59.34
N GLY H 37 9.97 -33.46 -59.54
CA GLY H 37 10.04 -34.84 -60.03
C GLY H 37 11.45 -35.41 -60.22
N GLU H 38 11.47 -36.62 -60.78
CA GLU H 38 12.66 -37.47 -60.93
C GLU H 38 13.85 -36.86 -61.68
N ASN H 39 13.56 -36.06 -62.71
CA ASN H 39 14.58 -35.54 -63.59
C ASN H 39 14.05 -34.30 -64.30
N ILE H 40 14.62 -33.14 -63.98
CA ILE H 40 14.13 -31.88 -64.57
C ILE H 40 15.27 -31.15 -65.29
N GLU H 41 14.96 -30.65 -66.49
CA GLU H 41 15.91 -29.88 -67.29
C GLU H 41 15.32 -28.52 -67.64
N ASP H 42 16.15 -27.48 -67.55
CA ASP H 42 15.74 -26.12 -67.90
C ASP H 42 16.99 -25.27 -68.16
N PRO H 43 17.21 -24.88 -69.44
CA PRO H 43 18.45 -24.20 -69.84
C PRO H 43 18.62 -22.79 -69.25
N ASP H 44 17.53 -22.14 -68.89
CA ASP H 44 17.56 -20.75 -68.41
C ASP H 44 17.46 -20.68 -66.88
N ALA H 45 17.69 -21.81 -66.22
CA ALA H 45 17.59 -21.87 -64.76
C ALA H 45 18.97 -21.90 -64.12
N GLU H 46 19.14 -21.08 -63.09
CA GLU H 46 20.33 -21.13 -62.26
C GLU H 46 20.38 -22.46 -61.53
N ILE H 47 21.52 -23.15 -61.64
CA ILE H 47 21.69 -24.50 -61.11
C ILE H 47 22.24 -24.48 -59.69
N VAL H 48 21.45 -24.99 -58.75
CA VAL H 48 21.92 -25.27 -57.40
C VAL H 48 21.96 -26.77 -57.25
N ASP H 49 23.17 -27.31 -57.09
CA ASP H 49 23.35 -28.74 -56.99
C ASP H 49 23.27 -29.22 -55.55
N LEU H 50 22.30 -30.10 -55.29
CA LEU H 50 22.03 -30.55 -53.94
C LEU H 50 22.31 -32.03 -53.70
N THR H 51 23.27 -32.57 -54.46
CA THR H 51 23.76 -33.92 -54.23
C THR H 51 24.21 -34.06 -52.77
N GLY H 52 23.66 -35.06 -52.07
CA GLY H 52 24.02 -35.32 -50.67
C GLY H 52 23.28 -34.48 -49.64
N LYS H 53 22.44 -33.56 -50.11
CA LYS H 53 21.66 -32.70 -49.22
C LYS H 53 20.18 -33.14 -49.19
N PHE H 54 19.38 -32.54 -48.30
CA PHE H 54 17.98 -32.92 -48.12
C PHE H 54 17.12 -31.69 -48.28
N LEU H 55 16.05 -31.81 -49.08
CA LEU H 55 15.23 -30.65 -49.40
C LEU H 55 13.81 -30.78 -48.85
N PHE H 56 13.46 -29.84 -47.98
CA PHE H 56 12.21 -29.87 -47.24
C PHE H 56 11.44 -28.57 -47.46
N PRO H 57 10.10 -28.62 -47.30
CA PRO H 57 9.40 -27.35 -47.22
C PRO H 57 9.81 -26.65 -45.91
N GLY H 58 9.66 -25.33 -45.84
CA GLY H 58 9.89 -24.64 -44.55
C GLY H 58 8.89 -25.16 -43.51
N PHE H 59 9.31 -25.23 -42.25
CA PHE H 59 8.35 -25.58 -41.19
C PHE H 59 7.46 -24.39 -40.83
N VAL H 60 6.29 -24.74 -40.30
CA VAL H 60 5.21 -23.80 -40.06
C VAL H 60 4.77 -24.02 -38.63
N ASP H 61 4.89 -22.99 -37.79
CA ASP H 61 4.40 -23.05 -36.39
C ASP H 61 3.09 -22.30 -36.23
N ALA H 62 2.03 -23.04 -35.96
CA ALA H 62 0.68 -22.49 -35.94
C ALA H 62 0.36 -21.64 -34.67
N HIS H 63 1.33 -21.47 -33.78
CA HIS H 63 1.13 -20.66 -32.58
C HIS H 63 2.47 -20.21 -32.00
N SER H 64 2.76 -18.91 -32.11
CA SER H 64 4.05 -18.37 -31.72
C SER H 64 3.99 -16.96 -31.13
N HIS H 65 4.98 -16.63 -30.30
CA HIS H 65 5.12 -15.28 -29.76
C HIS H 65 6.49 -14.70 -30.11
N ILE H 66 7.14 -15.31 -31.11
CA ILE H 66 8.36 -14.76 -31.67
C ILE H 66 8.11 -13.32 -32.16
N GLY H 67 9.09 -12.44 -31.99
CA GLY H 67 8.92 -11.04 -32.36
C GLY H 67 8.15 -10.21 -31.33
N LEU H 68 7.31 -10.87 -30.52
CA LEU H 68 6.54 -10.20 -29.46
C LEU H 68 7.29 -10.13 -28.15
N PHE H 69 8.05 -11.17 -27.88
CA PHE H 69 8.87 -11.27 -26.69
C PHE H 69 10.32 -11.29 -27.19
N GLU H 70 10.89 -10.11 -27.40
CA GLU H 70 12.24 -10.00 -27.99
C GLU H 70 13.24 -10.85 -27.20
N GLU H 71 14.15 -11.51 -27.91
CA GLU H 71 15.17 -12.36 -27.25
C GLU H 71 16.40 -11.56 -26.78
N GLY H 72 16.90 -11.94 -25.61
CA GLY H 72 18.16 -11.43 -25.07
C GLY H 72 18.03 -10.04 -24.46
N VAL H 73 16.87 -9.79 -23.85
CA VAL H 73 16.48 -8.44 -23.51
C VAL H 73 15.78 -8.32 -22.12
N GLY H 74 15.02 -9.33 -21.72
CA GLY H 74 14.27 -9.28 -20.44
C GLY H 74 12.76 -9.35 -20.60
N TYR H 75 12.13 -10.14 -19.70
CA TYR H 75 10.66 -10.28 -19.61
C TYR H 75 9.95 -8.93 -19.61
N TYR H 76 10.56 -7.91 -19.02
CA TYR H 76 9.92 -6.62 -18.89
C TYR H 76 9.57 -5.99 -20.25
N TYR H 77 10.36 -6.29 -21.27
CA TYR H 77 10.14 -5.76 -22.62
C TYR H 77 9.14 -6.52 -23.48
N SER H 78 8.56 -7.60 -22.96
CA SER H 78 7.60 -8.38 -23.74
C SER H 78 6.35 -7.60 -24.13
N ASP H 79 5.96 -7.71 -25.39
CA ASP H 79 4.73 -7.08 -25.89
C ASP H 79 3.58 -8.06 -26.13
N GLY H 80 3.67 -9.28 -25.60
CA GLY H 80 2.71 -10.36 -25.93
C GLY H 80 1.43 -10.48 -25.12
N ASN H 81 1.33 -9.80 -23.98
CA ASN H 81 0.07 -9.80 -23.21
C ASN H 81 -0.36 -8.39 -22.78
N GLU H 82 -1.49 -7.92 -23.32
CA GLU H 82 -2.07 -6.69 -22.81
C GLU H 82 -2.86 -7.02 -21.53
N ALA H 83 -2.13 -7.30 -20.45
CA ALA H 83 -2.74 -7.83 -19.23
C ALA H 83 -3.34 -6.76 -18.29
N THR H 84 -4.06 -5.80 -18.86
CA THR H 84 -4.65 -4.68 -18.11
C THR H 84 -6.16 -4.60 -18.29
N ASP H 85 -6.73 -5.63 -18.91
CA ASP H 85 -8.13 -5.63 -19.31
C ASP H 85 -8.38 -7.04 -19.81
N PRO H 86 -9.34 -7.77 -19.21
CA PRO H 86 -9.48 -9.17 -19.63
C PRO H 86 -10.09 -9.30 -21.03
N VAL H 87 -10.55 -8.21 -21.63
CA VAL H 87 -11.17 -8.25 -22.95
C VAL H 87 -10.48 -7.25 -23.89
N THR H 88 -9.47 -7.70 -24.61
CA THR H 88 -8.74 -6.83 -25.53
C THR H 88 -8.74 -7.40 -26.96
N PRO H 89 -9.93 -7.64 -27.57
CA PRO H 89 -9.94 -8.26 -28.89
C PRO H 89 -9.39 -7.31 -29.96
N HIS H 90 -9.40 -6.01 -29.66
CA HIS H 90 -8.97 -4.99 -30.63
C HIS H 90 -7.47 -4.93 -30.89
N VAL H 91 -6.65 -5.43 -29.95
CA VAL H 91 -5.20 -5.38 -30.14
C VAL H 91 -4.67 -6.46 -31.08
N LYS H 92 -3.53 -6.19 -31.71
CA LYS H 92 -3.02 -7.06 -32.75
C LYS H 92 -1.59 -7.46 -32.44
N ALA H 93 -1.31 -8.76 -32.52
CA ALA H 93 0.05 -9.24 -32.36
C ALA H 93 0.96 -8.53 -33.35
N LEU H 94 0.41 -8.24 -34.52
CA LEU H 94 1.12 -7.55 -35.60
C LEU H 94 1.73 -6.22 -35.19
N ASP H 95 1.03 -5.50 -34.29
CA ASP H 95 1.49 -4.19 -33.81
C ASP H 95 2.50 -4.30 -32.70
N GLY H 96 2.87 -5.51 -32.30
CA GLY H 96 3.92 -5.67 -31.30
C GLY H 96 5.08 -6.47 -31.87
N PHE H 97 5.02 -6.75 -33.16
CA PHE H 97 5.95 -7.71 -33.76
C PHE H 97 7.25 -7.01 -34.24
N ASN H 98 8.38 -7.43 -33.69
CA ASN H 98 9.68 -6.86 -34.06
C ASN H 98 10.41 -7.81 -35.02
N PRO H 99 10.39 -7.50 -36.33
CA PRO H 99 11.06 -8.38 -37.30
C PRO H 99 12.59 -8.42 -37.15
N GLN H 100 13.16 -7.60 -36.27
CA GLN H 100 14.61 -7.57 -36.02
CA GLN H 100 14.60 -7.66 -36.06
C GLN H 100 14.99 -8.42 -34.79
N ASP H 101 13.99 -9.00 -34.13
CA ASP H 101 14.21 -9.86 -32.98
C ASP H 101 15.22 -10.94 -33.37
N PRO H 102 16.33 -11.07 -32.60
CA PRO H 102 17.39 -12.03 -33.00
C PRO H 102 16.97 -13.51 -32.99
N ALA H 103 15.83 -13.81 -32.37
CA ALA H 103 15.24 -15.16 -32.42
C ALA H 103 14.88 -15.60 -33.87
N ILE H 104 14.56 -14.62 -34.71
CA ILE H 104 14.09 -14.89 -36.07
C ILE H 104 15.17 -15.53 -36.96
N GLU H 105 16.37 -14.96 -36.97
CA GLU H 105 17.49 -15.57 -37.68
C GLU H 105 17.75 -16.98 -37.14
N ARG H 106 17.60 -17.12 -35.83
CA ARG H 106 17.74 -18.43 -35.20
C ARG H 106 16.68 -19.42 -35.67
N ALA H 107 15.45 -18.93 -35.87
CA ALA H 107 14.36 -19.77 -36.33
C ALA H 107 14.60 -20.29 -37.75
N LEU H 108 15.06 -19.41 -38.63
CA LEU H 108 15.42 -19.77 -40.00
C LEU H 108 16.50 -20.85 -39.96
N ALA H 109 17.48 -20.65 -39.08
CA ALA H 109 18.54 -21.64 -38.85
C ALA H 109 17.99 -22.96 -38.34
N GLY H 110 16.78 -22.94 -37.80
CA GLY H 110 16.07 -24.16 -37.42
C GLY H 110 15.10 -24.67 -38.48
N GLY H 111 15.11 -24.05 -39.66
CA GLY H 111 14.26 -24.46 -40.78
C GLY H 111 12.78 -24.05 -40.71
N VAL H 112 12.47 -23.04 -39.91
CA VAL H 112 11.10 -22.55 -39.76
C VAL H 112 10.91 -21.28 -40.59
N THR H 113 9.82 -21.23 -41.36
CA THR H 113 9.66 -20.14 -42.31
C THR H 113 8.38 -19.31 -42.13
N SER H 114 7.32 -19.95 -41.66
CA SER H 114 6.02 -19.28 -41.42
C SER H 114 5.56 -19.57 -40.00
N VAL H 115 4.95 -18.58 -39.36
CA VAL H 115 4.34 -18.74 -38.05
C VAL H 115 3.03 -17.95 -37.99
N ILE H 117 1.71 -15.50 -35.45
CA ILE H 117 2.05 -14.73 -34.25
C ILE H 117 0.76 -14.31 -33.54
N VAL H 118 0.76 -14.43 -32.22
CA VAL H 118 -0.49 -14.33 -31.49
C VAL H 118 -0.25 -13.80 -30.06
N PRO H 119 -1.25 -13.13 -29.46
CA PRO H 119 -1.08 -12.78 -28.04
C PRO H 119 -0.98 -14.03 -27.16
N GLY H 120 -0.46 -13.86 -25.94
CA GLY H 120 -0.34 -14.96 -24.98
C GLY H 120 -1.68 -15.32 -24.35
N SER H 121 -1.64 -15.82 -23.13
CA SER H 121 -2.85 -16.37 -22.52
C SER H 121 -3.27 -15.68 -21.23
N ALA H 122 -2.78 -14.47 -21.01
CA ALA H 122 -3.17 -13.72 -19.82
C ALA H 122 -4.68 -13.37 -19.81
N ASN H 123 -5.24 -13.08 -20.99
CA ASN H 123 -6.62 -12.58 -21.07
C ASN H 123 -7.65 -13.59 -21.58
N PRO H 124 -8.85 -13.59 -21.00
CA PRO H 124 -9.97 -14.35 -21.56
C PRO H 124 -10.15 -14.08 -23.05
N VAL H 125 -10.07 -12.80 -23.46
CA VAL H 125 -10.07 -12.40 -24.87
C VAL H 125 -8.83 -11.52 -25.08
N GLY H 126 -7.83 -12.09 -25.74
CA GLY H 126 -6.48 -11.54 -25.78
C GLY H 126 -6.11 -10.67 -26.96
N GLY H 127 -6.72 -10.89 -28.13
CA GLY H 127 -6.37 -10.09 -29.31
C GLY H 127 -6.13 -10.93 -30.55
N GLN H 128 -5.75 -10.26 -31.64
CA GLN H 128 -5.69 -10.86 -32.97
C GLN H 128 -4.31 -11.40 -33.32
N GLY H 129 -4.31 -12.60 -33.90
CA GLY H 129 -3.12 -13.21 -34.47
C GLY H 129 -3.01 -12.98 -35.97
N SER H 130 -1.80 -13.05 -36.50
CA SER H 130 -1.60 -12.98 -37.95
C SER H 130 -0.62 -14.05 -38.35
N VAL H 131 -0.79 -14.59 -39.55
CA VAL H 131 0.23 -15.44 -40.17
C VAL H 131 1.23 -14.60 -40.96
N ILE H 132 2.52 -14.82 -40.65
CA ILE H 132 3.62 -14.13 -41.32
C ILE H 132 4.69 -15.11 -41.80
N LYS H 133 5.55 -14.66 -42.71
CA LYS H 133 6.78 -15.38 -43.06
C LYS H 133 7.96 -14.49 -42.75
N PHE H 134 9.09 -15.10 -42.40
CA PHE H 134 10.30 -14.35 -42.01
C PHE H 134 11.05 -13.84 -43.24
N ARG H 135 10.47 -12.89 -43.97
CA ARG H 135 11.00 -12.52 -45.29
C ARG H 135 11.59 -11.09 -45.40
N SER H 136 11.40 -10.26 -44.39
CA SER H 136 11.71 -8.83 -44.52
C SER H 136 11.72 -8.18 -43.12
N ILE H 137 12.41 -7.06 -43.00
CA ILE H 137 12.38 -6.32 -41.74
C ILE H 137 11.14 -5.43 -41.63
N ILE H 138 10.31 -5.45 -42.66
CA ILE H 138 9.09 -4.65 -42.73
C ILE H 138 7.92 -5.57 -42.52
N VAL H 139 7.20 -5.42 -41.40
CA VAL H 139 6.17 -6.39 -41.01
C VAL H 139 5.06 -6.52 -42.05
N GLU H 140 4.66 -5.39 -42.63
CA GLU H 140 3.61 -5.38 -43.67
C GLU H 140 3.97 -6.34 -44.80
N GLU H 141 5.26 -6.37 -45.18
CA GLU H 141 5.75 -7.28 -46.21
C GLU H 141 5.83 -8.75 -45.77
N CYS H 142 5.84 -8.99 -44.45
CA CYS H 142 5.86 -10.35 -43.93
C CYS H 142 4.47 -11.00 -43.91
N ILE H 143 3.43 -10.17 -43.97
CA ILE H 143 2.06 -10.63 -43.77
C ILE H 143 1.64 -11.63 -44.84
N VAL H 144 1.14 -12.77 -44.38
CA VAL H 144 0.49 -13.76 -45.23
C VAL H 144 -1.02 -13.69 -45.04
N LYS H 145 -1.47 -13.65 -43.78
CA LYS H 145 -2.90 -13.62 -43.49
C LYS H 145 -3.15 -12.80 -42.25
N ASP H 146 -3.96 -11.75 -42.41
CA ASP H 146 -4.21 -10.84 -41.31
C ASP H 146 -5.57 -10.16 -41.44
N PRO H 147 -6.39 -10.22 -40.38
CA PRO H 147 -6.21 -11.02 -39.15
C PRO H 147 -6.42 -12.52 -39.43
N ALA H 148 -5.86 -13.40 -38.59
CA ALA H 148 -5.91 -14.83 -38.84
C ALA H 148 -6.67 -15.61 -37.76
N GLY H 149 -6.97 -14.94 -36.65
CA GLY H 149 -7.73 -15.56 -35.56
C GLY H 149 -7.88 -14.60 -34.39
N LEU H 150 -8.79 -14.92 -33.47
CA LEU H 150 -8.93 -14.15 -32.23
C LEU H 150 -8.55 -15.01 -31.05
N LYS H 151 -7.50 -14.62 -30.33
CA LYS H 151 -6.96 -15.44 -29.24
C LYS H 151 -7.84 -15.32 -28.00
N ALA H 153 -8.47 -17.38 -23.92
CA ALA H 153 -7.78 -18.21 -22.96
C ALA H 153 -8.68 -18.67 -21.83
N PHE H 154 -8.48 -19.91 -21.40
CA PHE H 154 -9.23 -20.53 -20.31
C PHE H 154 -8.21 -21.09 -19.31
N GLY H 155 -8.72 -21.61 -18.19
CA GLY H 155 -7.85 -22.28 -17.22
C GLY H 155 -7.15 -21.37 -16.24
N GLU H 156 -5.97 -21.79 -15.79
CA GLU H 156 -5.24 -21.11 -14.73
C GLU H 156 -4.76 -19.69 -15.04
N ASN H 157 -4.31 -19.47 -16.28
CA ASN H 157 -3.65 -18.20 -16.61
C ASN H 157 -4.55 -16.99 -16.45
N PRO H 158 -5.73 -16.97 -17.13
CA PRO H 158 -6.52 -15.76 -16.98
C PRO H 158 -7.05 -15.50 -15.56
N LYS H 159 -7.45 -16.55 -14.84
CA LYS H 159 -7.95 -16.33 -13.47
C LYS H 159 -6.85 -15.93 -12.47
N ARG H 160 -5.61 -16.36 -12.73
CA ARG H 160 -4.46 -15.90 -11.94
C ARG H 160 -4.22 -14.42 -12.21
N VAL H 161 -4.16 -14.06 -13.50
CA VAL H 161 -3.82 -12.68 -13.86
C VAL H 161 -4.84 -11.70 -13.27
N TYR H 162 -6.13 -11.96 -13.49
CA TYR H 162 -7.15 -11.06 -13.01
C TYR H 162 -7.49 -11.22 -11.52
N GLY H 163 -7.35 -12.44 -11.00
CA GLY H 163 -7.46 -12.66 -9.56
C GLY H 163 -6.44 -11.83 -8.77
N GLU H 164 -5.21 -11.72 -9.28
CA GLU H 164 -4.13 -10.93 -8.63
C GLU H 164 -4.47 -9.44 -8.67
N ARG H 165 -5.16 -9.02 -9.74
CA ARG H 165 -5.68 -7.67 -9.87
C ARG H 165 -7.00 -7.45 -9.10
N LYS H 166 -7.43 -8.45 -8.31
CA LYS H 166 -8.74 -8.48 -7.63
C LYS H 166 -9.93 -8.15 -8.54
N GLN H 167 -9.90 -8.68 -9.75
CA GLN H 167 -10.89 -8.30 -10.73
C GLN H 167 -11.44 -9.54 -11.45
N THR H 168 -12.69 -9.47 -11.91
CA THR H 168 -13.28 -10.52 -12.73
C THR H 168 -12.43 -10.68 -14.01
N PRO H 169 -12.02 -11.94 -14.32
CA PRO H 169 -12.31 -13.18 -13.61
C PRO H 169 -11.24 -13.70 -12.63
N SER H 170 -11.70 -14.30 -11.54
CA SER H 170 -10.81 -14.95 -10.59
C SER H 170 -11.13 -16.45 -10.48
N THR H 171 -12.08 -16.92 -11.27
CA THR H 171 -12.46 -18.34 -11.31
C THR H 171 -12.70 -18.79 -12.74
N ARG H 172 -12.76 -20.09 -12.96
CA ARG H 172 -13.11 -20.59 -14.29
C ARG H 172 -14.54 -20.16 -14.63
N GLY H 174 -16.00 -17.35 -13.86
CA GLY H 174 -15.90 -15.96 -14.31
C GLY H 174 -15.25 -15.84 -15.67
N THR H 175 -14.23 -16.68 -15.92
CA THR H 175 -13.59 -16.66 -17.23
C THR H 175 -14.61 -16.92 -18.34
N ALA H 176 -15.36 -18.02 -18.22
CA ALA H 176 -16.43 -18.32 -19.18
C ALA H 176 -17.40 -17.16 -19.23
N GLY H 177 -17.77 -16.64 -18.05
CA GLY H 177 -18.71 -15.52 -17.97
C GLY H 177 -18.28 -14.28 -18.76
N VAL H 178 -17.00 -13.96 -18.72
CA VAL H 178 -16.47 -12.80 -19.41
C VAL H 178 -16.57 -12.94 -20.92
N ILE H 179 -16.22 -14.11 -21.43
CA ILE H 179 -16.31 -14.38 -22.85
C ILE H 179 -17.78 -14.41 -23.32
N ARG H 180 -18.63 -15.11 -22.59
CA ARG H 180 -20.07 -15.14 -22.92
C ARG H 180 -20.65 -13.74 -22.98
N ASP H 181 -20.24 -12.90 -22.04
CA ASP H 181 -20.75 -11.54 -21.93
C ASP H 181 -20.31 -10.71 -23.14
N TYR H 182 -19.05 -10.85 -23.52
CA TYR H 182 -18.49 -10.17 -24.67
C TYR H 182 -19.25 -10.54 -25.95
N PHE H 183 -19.50 -11.84 -26.15
CA PHE H 183 -20.19 -12.22 -27.36
C PHE H 183 -21.68 -11.86 -27.36
N THR H 184 -22.28 -11.84 -26.17
CA THR H 184 -23.63 -11.32 -26.03
C THR H 184 -23.66 -9.89 -26.57
N LYS H 185 -22.69 -9.07 -26.17
CA LYS H 185 -22.59 -7.69 -26.66
C LYS H 185 -22.31 -7.57 -28.16
N VAL H 186 -21.42 -8.42 -28.67
CA VAL H 186 -21.20 -8.51 -30.10
C VAL H 186 -22.52 -8.71 -30.85
N LYS H 187 -23.37 -9.62 -30.40
CA LYS H 187 -24.65 -9.88 -31.07
C LYS H 187 -25.57 -8.67 -31.03
N ASN H 188 -25.63 -7.98 -29.89
CA ASN H 188 -26.38 -6.72 -29.75
C ASN H 188 -25.94 -5.65 -30.76
N TYR H 189 -24.62 -5.51 -30.87
CA TYR H 189 -23.96 -4.57 -31.78
C TYR H 189 -24.42 -4.87 -33.23
N LYS H 191 -27.06 -6.57 -34.10
CA LYS H 191 -28.49 -6.26 -34.20
C LYS H 191 -28.73 -4.76 -34.42
N LYS H 192 -27.96 -3.94 -33.73
CA LYS H 192 -28.08 -2.49 -33.89
C LYS H 192 -27.69 -2.08 -35.31
N LYS H 193 -26.59 -2.64 -35.82
CA LYS H 193 -26.23 -2.43 -37.22
C LYS H 193 -27.32 -2.85 -38.21
N GLU H 194 -27.95 -4.02 -38.01
CA GLU H 194 -29.07 -4.42 -38.91
C GLU H 194 -30.29 -3.51 -38.76
N LEU H 195 -30.57 -3.09 -37.53
CA LEU H 195 -31.66 -2.15 -37.31
C LEU H 195 -31.40 -0.81 -37.99
N ALA H 196 -30.14 -0.35 -37.94
CA ALA H 196 -29.76 0.86 -38.66
C ALA H 196 -29.96 0.68 -40.16
N GLN H 197 -29.49 -0.45 -40.70
CA GLN H 197 -29.66 -0.78 -42.12
C GLN H 197 -31.16 -0.83 -42.54
N LYS H 198 -32.02 -1.35 -41.67
CA LYS H 198 -33.48 -1.37 -41.90
C LYS H 198 -34.10 0.00 -42.24
N GLU H 199 -33.58 1.08 -41.67
CA GLU H 199 -33.89 2.44 -42.15
C GLU H 199 -32.76 2.91 -43.05
N GLY H 200 -32.80 4.15 -43.50
CA GLY H 200 -31.74 4.66 -44.38
C GLY H 200 -30.44 4.87 -43.63
N LYS H 201 -30.55 4.84 -42.30
CA LYS H 201 -29.61 5.47 -41.37
C LYS H 201 -28.20 4.90 -41.36
N GLU H 202 -27.22 5.80 -41.40
CA GLU H 202 -25.81 5.45 -41.30
C GLU H 202 -25.49 5.09 -39.85
N PHE H 203 -24.72 4.03 -39.66
CA PHE H 203 -24.34 3.56 -38.33
C PHE H 203 -23.26 4.48 -37.78
N THR H 204 -23.49 5.02 -36.59
CA THR H 204 -22.49 5.91 -35.98
C THR H 204 -21.91 5.41 -34.64
N GLU H 205 -22.12 4.14 -34.32
CA GLU H 205 -21.59 3.58 -33.07
C GLU H 205 -20.51 2.53 -33.34
N THR H 206 -19.72 2.70 -34.40
CA THR H 206 -18.63 1.73 -34.67
C THR H 206 -17.72 1.58 -33.45
N ASP H 207 -17.55 0.34 -33.03
CA ASP H 207 -16.70 0.03 -31.89
C ASP H 207 -15.69 -1.02 -32.31
N LEU H 208 -14.42 -0.67 -32.16
CA LEU H 208 -13.30 -1.53 -32.55
C LEU H 208 -13.34 -2.92 -31.95
N LYS H 209 -13.64 -3.01 -30.65
CA LYS H 209 -13.74 -4.32 -29.98
C LYS H 209 -14.89 -5.15 -30.54
N GLU H 211 -16.28 -4.94 -33.59
CA GLU H 211 -15.97 -5.29 -34.97
C GLU H 211 -15.21 -6.61 -35.08
N VAL H 212 -14.21 -6.81 -34.22
CA VAL H 212 -13.42 -8.04 -34.22
C VAL H 212 -14.29 -9.23 -33.83
N GLY H 213 -15.15 -9.02 -32.83
CA GLY H 213 -16.13 -10.03 -32.41
C GLY H 213 -17.03 -10.44 -33.56
N GLU H 214 -17.55 -9.46 -34.28
CA GLU H 214 -18.38 -9.73 -35.45
C GLU H 214 -17.65 -10.58 -36.51
N VAL H 216 -15.54 -12.86 -35.93
CA VAL H 216 -15.57 -14.21 -35.38
C VAL H 216 -16.94 -14.85 -35.56
N LEU H 217 -17.98 -14.10 -35.18
CA LEU H 217 -19.35 -14.57 -35.29
C LEU H 217 -19.80 -14.79 -36.74
N ARG H 218 -19.29 -13.97 -37.65
CA ARG H 218 -19.56 -14.18 -39.09
C ARG H 218 -18.62 -15.25 -39.67
N LYS H 219 -17.77 -15.80 -38.82
CA LYS H 219 -16.80 -16.84 -39.21
C LYS H 219 -15.84 -16.40 -40.32
N LYS H 220 -15.39 -15.15 -40.25
CA LYS H 220 -14.34 -14.68 -41.12
C LYS H 220 -13.00 -15.17 -40.58
N ILE H 221 -12.93 -15.33 -39.25
CA ILE H 221 -11.74 -15.88 -38.59
C ILE H 221 -12.16 -16.83 -37.47
N PRO H 222 -11.34 -17.84 -37.16
CA PRO H 222 -11.62 -18.70 -36.01
C PRO H 222 -11.19 -18.07 -34.68
N ALA H 223 -11.78 -18.57 -33.60
CA ALA H 223 -11.25 -18.37 -32.27
C ALA H 223 -10.07 -19.32 -32.09
N ARG H 224 -9.02 -18.83 -31.45
CA ARG H 224 -7.86 -19.63 -31.12
C ARG H 224 -7.86 -19.74 -29.60
N HIS H 226 -6.89 -21.18 -26.05
CA HIS H 226 -5.91 -21.73 -25.13
C HIS H 226 -6.64 -22.50 -24.01
N ALA H 227 -6.36 -23.79 -23.88
CA ALA H 227 -6.99 -24.63 -22.84
C ALA H 227 -6.16 -25.88 -22.61
N HIS H 228 -5.92 -26.18 -21.32
CA HIS H 228 -5.13 -27.33 -20.93
C HIS H 228 -5.94 -28.51 -20.42
N ARG H 229 -6.59 -28.31 -19.28
CA ARG H 229 -7.37 -29.35 -18.62
C ARG H 229 -8.58 -29.73 -19.50
N ALA H 230 -8.98 -30.99 -19.46
CA ALA H 230 -10.08 -31.47 -20.29
C ALA H 230 -11.37 -30.64 -20.18
N ASP H 231 -11.75 -30.26 -18.97
CA ASP H 231 -12.97 -29.48 -18.77
C ASP H 231 -12.89 -28.08 -19.40
N ASP H 232 -11.72 -27.46 -19.36
CA ASP H 232 -11.54 -26.16 -20.02
C ASP H 232 -11.65 -26.28 -21.56
N ILE H 233 -11.10 -27.36 -22.13
CA ILE H 233 -11.24 -27.62 -23.56
C ILE H 233 -12.72 -27.74 -23.90
N LEU H 234 -13.45 -28.52 -23.13
CA LEU H 234 -14.89 -28.67 -23.33
C LEU H 234 -15.71 -27.40 -23.15
N THR H 235 -15.33 -26.57 -22.18
CA THR H 235 -15.94 -25.27 -22.00
C THR H 235 -15.77 -24.35 -23.25
N ALA H 236 -14.54 -24.26 -23.76
CA ALA H 236 -14.26 -23.50 -24.97
C ALA H 236 -15.20 -23.95 -26.09
N ILE H 237 -15.32 -25.27 -26.27
CA ILE H 237 -16.17 -25.84 -27.32
C ILE H 237 -17.64 -25.48 -27.08
N ARG H 238 -18.11 -25.59 -25.84
CA ARG H 238 -19.50 -25.20 -25.53
C ARG H 238 -19.77 -23.77 -25.91
N ILE H 239 -18.80 -22.89 -25.63
CA ILE H 239 -18.99 -21.46 -25.94
C ILE H 239 -19.04 -21.26 -27.44
N ALA H 240 -18.14 -21.93 -28.16
CA ALA H 240 -18.06 -21.81 -29.60
C ALA H 240 -19.38 -22.26 -30.24
N GLU H 241 -19.95 -23.35 -29.72
CA GLU H 241 -21.21 -23.87 -30.24
C GLU H 241 -22.40 -22.99 -29.90
N GLU H 242 -22.40 -22.42 -28.70
CA GLU H 242 -23.46 -21.52 -28.28
C GLU H 242 -23.52 -20.30 -29.21
N PHE H 243 -22.36 -19.77 -29.59
CA PHE H 243 -22.35 -18.58 -30.42
C PHE H 243 -22.16 -18.84 -31.92
N GLY H 244 -21.90 -20.08 -32.31
CA GLY H 244 -21.79 -20.44 -33.71
C GLY H 244 -20.51 -19.94 -34.35
N PHE H 245 -19.39 -20.03 -33.64
CA PHE H 245 -18.11 -19.66 -34.27
C PHE H 245 -17.14 -20.82 -34.33
N ASN H 246 -16.20 -20.74 -35.27
CA ASN H 246 -15.22 -21.81 -35.44
C ASN H 246 -14.06 -21.67 -34.44
N LEU H 247 -13.33 -22.75 -34.21
CA LEU H 247 -12.30 -22.73 -33.19
C LEU H 247 -11.15 -23.69 -33.48
N VAL H 248 -10.03 -23.40 -32.86
CA VAL H 248 -8.89 -24.28 -32.77
C VAL H 248 -8.57 -24.27 -31.29
N ILE H 249 -8.13 -25.41 -30.77
CA ILE H 249 -7.67 -25.52 -29.40
C ILE H 249 -6.16 -25.34 -29.41
N GLU H 250 -5.68 -24.44 -28.55
CA GLU H 250 -4.25 -24.25 -28.37
C GLU H 250 -3.79 -25.04 -27.16
N HIS H 251 -2.65 -25.71 -27.33
CA HIS H 251 -2.07 -26.64 -26.36
C HIS H 251 -2.86 -27.94 -26.19
N GLY H 252 -4.13 -27.84 -25.81
CA GLY H 252 -4.95 -29.02 -25.60
C GLY H 252 -4.25 -30.14 -24.81
N THR H 253 -3.58 -29.78 -23.72
CA THR H 253 -2.75 -30.74 -22.96
C THR H 253 -3.46 -32.06 -22.64
N GLU H 254 -4.73 -31.98 -22.27
CA GLU H 254 -5.51 -33.16 -21.91
C GLU H 254 -6.50 -33.56 -23.02
N ALA H 255 -6.26 -33.07 -24.23
CA ALA H 255 -7.03 -33.48 -25.42
C ALA H 255 -7.19 -35.00 -25.56
N TYR H 256 -6.13 -35.75 -25.26
CA TYR H 256 -6.16 -37.21 -25.34
C TYR H 256 -7.20 -37.87 -24.45
N LYS H 257 -7.58 -37.20 -23.36
CA LYS H 257 -8.61 -37.73 -22.48
C LYS H 257 -9.98 -37.67 -23.15
N ILE H 258 -10.10 -36.85 -24.20
CA ILE H 258 -11.40 -36.64 -24.87
C ILE H 258 -11.27 -36.70 -26.40
N SER H 259 -10.32 -37.50 -26.88
CA SER H 259 -9.94 -37.50 -28.29
C SER H 259 -11.08 -37.88 -29.23
N LYS H 260 -11.99 -38.76 -28.79
CA LYS H 260 -13.07 -39.22 -29.66
C LYS H 260 -14.04 -38.07 -30.00
N VAL H 261 -14.34 -37.23 -29.02
CA VAL H 261 -15.19 -36.06 -29.21
C VAL H 261 -14.56 -34.98 -30.12
N LEU H 262 -13.26 -34.74 -29.98
CA LEU H 262 -12.57 -33.78 -30.86
C LEU H 262 -12.51 -34.31 -32.29
N ALA H 263 -12.15 -35.59 -32.42
CA ALA H 263 -12.17 -36.28 -33.73
C ALA H 263 -13.52 -36.18 -34.43
N GLU H 264 -14.58 -36.49 -33.69
CA GLU H 264 -15.94 -36.50 -34.21
C GLU H 264 -16.42 -35.11 -34.59
N LYS H 265 -16.06 -34.13 -33.77
CA LYS H 265 -16.47 -32.76 -34.02
C LYS H 265 -15.56 -32.07 -35.02
N LYS H 266 -14.43 -32.72 -35.34
CA LYS H 266 -13.41 -32.17 -36.25
C LYS H 266 -12.81 -30.89 -35.69
N ILE H 267 -12.50 -30.90 -34.39
CA ILE H 267 -11.84 -29.77 -33.77
C ILE H 267 -10.34 -30.00 -33.88
N PRO H 268 -9.64 -29.08 -34.57
CA PRO H 268 -8.19 -29.30 -34.60
C PRO H 268 -7.50 -28.79 -33.31
N VAL H 269 -6.33 -29.37 -33.00
CA VAL H 269 -5.57 -29.04 -31.81
C VAL H 269 -4.13 -28.76 -32.21
N VAL H 270 -3.62 -27.59 -31.80
CA VAL H 270 -2.21 -27.29 -31.92
C VAL H 270 -1.55 -27.76 -30.62
N VAL H 271 -0.93 -28.93 -30.64
CA VAL H 271 -0.32 -29.48 -29.43
C VAL H 271 1.05 -28.85 -29.19
N GLY H 272 1.54 -28.98 -27.96
CA GLY H 272 2.75 -28.31 -27.57
C GLY H 272 2.40 -27.10 -26.72
N PRO H 273 3.39 -26.54 -26.01
CA PRO H 273 4.74 -27.09 -26.01
C PRO H 273 4.79 -28.42 -25.22
N LEU H 274 5.62 -29.37 -25.67
CA LEU H 274 5.68 -30.68 -25.01
C LEU H 274 7.05 -31.00 -24.42
N LEU H 275 8.11 -30.45 -25.03
CA LEU H 275 9.48 -30.66 -24.54
C LEU H 275 9.78 -29.60 -23.47
N THR H 276 9.10 -29.74 -22.33
CA THR H 276 9.06 -28.66 -21.38
C THR H 276 8.64 -29.16 -20.00
N PHE H 277 8.98 -28.42 -18.97
CA PHE H 277 8.59 -28.78 -17.61
C PHE H 277 7.09 -28.54 -17.39
N ARG H 278 6.44 -29.41 -16.62
CA ARG H 278 5.05 -29.22 -16.20
C ARG H 278 4.99 -28.26 -15.01
N THR H 279 4.99 -26.97 -15.36
CA THR H 279 5.09 -25.87 -14.42
C THR H 279 3.83 -25.64 -13.58
N LYS H 280 2.70 -26.11 -14.09
CA LYS H 280 1.41 -25.85 -13.45
C LYS H 280 0.62 -27.14 -13.21
N LEU H 281 -0.29 -27.05 -12.24
CA LEU H 281 -1.23 -28.12 -11.94
C LEU H 281 -2.00 -28.61 -13.19
N GLU H 282 -2.48 -27.67 -14.01
CA GLU H 282 -3.20 -28.03 -15.24
C GLU H 282 -2.28 -28.67 -16.32
N LEU H 283 -0.97 -28.68 -16.07
CA LEU H 283 -0.03 -29.36 -16.98
C LEU H 283 0.41 -30.72 -16.46
N LYS H 284 -0.15 -31.13 -15.32
CA LYS H 284 0.32 -32.35 -14.66
C LYS H 284 0.31 -33.62 -15.53
N ASP H 285 -0.68 -33.74 -16.41
CA ASP H 285 -0.79 -34.94 -17.25
C ASP H 285 -0.31 -34.73 -18.70
N LEU H 286 0.45 -33.66 -18.92
CA LEU H 286 1.14 -33.46 -20.19
C LEU H 286 1.98 -34.70 -20.50
N THR H 287 1.96 -35.13 -21.76
CA THR H 287 2.75 -36.28 -22.22
C THR H 287 3.03 -36.17 -23.72
N GLU H 289 3.28 -38.57 -25.49
CA GLU H 289 2.43 -39.62 -26.06
C GLU H 289 1.14 -39.08 -26.69
N THR H 290 0.80 -37.84 -26.36
CA THR H 290 -0.38 -37.19 -26.94
C THR H 290 -0.37 -37.17 -28.48
N ILE H 291 0.81 -37.02 -29.07
CA ILE H 291 0.93 -37.00 -30.52
C ILE H 291 0.41 -38.31 -31.10
N ALA H 292 0.99 -39.43 -30.66
CA ALA H 292 0.54 -40.75 -31.12
C ALA H 292 -0.94 -40.99 -30.84
N LYS H 293 -1.39 -40.64 -29.64
CA LYS H 293 -2.76 -40.89 -29.19
C LYS H 293 -3.78 -40.12 -30.03
N LEU H 294 -3.52 -38.84 -30.24
CA LEU H 294 -4.44 -38.01 -31.01
C LEU H 294 -4.49 -38.40 -32.50
N LEU H 295 -3.33 -38.72 -33.08
CA LEU H 295 -3.24 -39.19 -34.46
C LEU H 295 -3.96 -40.52 -34.60
N LYS H 296 -3.68 -41.44 -33.68
CA LYS H 296 -4.41 -42.70 -33.62
C LYS H 296 -5.93 -42.48 -33.68
N ASP H 297 -6.42 -41.48 -32.95
CA ASP H 297 -7.86 -41.24 -32.91
C ASP H 297 -8.38 -40.33 -34.04
N GLY H 298 -7.50 -39.93 -34.95
CA GLY H 298 -7.93 -39.18 -36.11
C GLY H 298 -8.22 -37.71 -35.84
N VAL H 299 -7.60 -37.14 -34.81
CA VAL H 299 -7.65 -35.68 -34.58
C VAL H 299 -6.62 -35.03 -35.50
N LEU H 300 -6.99 -33.93 -36.15
CA LEU H 300 -6.04 -33.11 -36.89
C LEU H 300 -5.21 -32.23 -35.93
N ILE H 301 -3.90 -32.43 -35.93
CA ILE H 301 -2.99 -31.72 -35.01
C ILE H 301 -1.81 -31.05 -35.71
N ALA H 302 -1.25 -30.05 -35.04
CA ALA H 302 0.01 -29.44 -35.42
C ALA H 302 0.81 -29.34 -34.12
N LEU H 303 2.12 -29.18 -34.24
CA LEU H 303 2.99 -29.10 -33.08
C LEU H 303 3.57 -27.69 -33.00
N CYS H 305 6.09 -24.88 -30.75
CA CYS H 305 7.07 -24.64 -29.70
C CYS H 305 6.49 -23.72 -28.62
N ASP H 306 5.41 -23.01 -28.96
CA ASP H 306 4.90 -21.92 -28.12
C ASP H 306 6.04 -20.94 -27.77
N HIS H 307 6.93 -20.70 -28.74
CA HIS H 307 8.07 -19.80 -28.59
C HIS H 307 7.61 -18.51 -27.90
N PRO H 308 8.31 -18.07 -26.84
CA PRO H 308 9.63 -18.50 -26.33
C PRO H 308 9.70 -19.66 -25.31
N VAL H 309 8.60 -20.35 -25.05
CA VAL H 309 8.63 -21.45 -24.08
C VAL H 309 9.68 -22.48 -24.50
N ILE H 310 9.62 -22.87 -25.78
CA ILE H 310 10.71 -23.60 -26.40
C ILE H 310 11.15 -22.73 -27.58
N PRO H 311 12.46 -22.45 -27.69
CA PRO H 311 12.90 -21.62 -28.82
C PRO H 311 12.55 -22.26 -30.16
N LEU H 312 12.13 -21.41 -31.10
CA LEU H 312 11.63 -21.86 -32.39
C LEU H 312 12.71 -22.59 -33.19
N GLU H 313 13.96 -22.16 -33.04
CA GLU H 313 15.11 -22.87 -33.61
C GLU H 313 15.16 -24.37 -33.30
N PHE H 314 14.57 -24.77 -32.18
CA PHE H 314 14.59 -26.17 -31.77
C PHE H 314 13.27 -26.91 -32.08
N ALA H 315 12.48 -26.36 -33.00
CA ALA H 315 11.26 -27.02 -33.45
C ALA H 315 11.50 -28.49 -33.87
N THR H 316 12.58 -28.75 -34.61
CA THR H 316 12.93 -30.13 -35.02
C THR H 316 13.40 -31.02 -33.87
N VAL H 317 14.03 -30.41 -32.88
CA VAL H 317 14.51 -31.14 -31.70
C VAL H 317 13.30 -31.71 -30.96
N GLN H 318 12.31 -30.85 -30.70
CA GLN H 318 11.08 -31.28 -30.02
C GLN H 318 10.35 -32.37 -30.78
N ALA H 319 10.20 -32.16 -32.09
CA ALA H 319 9.53 -33.12 -32.94
C ALA H 319 10.25 -34.49 -32.93
N ALA H 320 11.56 -34.47 -33.17
CA ALA H 320 12.37 -35.69 -33.14
C ALA H 320 12.25 -36.45 -31.81
N THR H 321 12.20 -35.70 -30.72
CA THR H 321 12.17 -36.31 -29.41
C THR H 321 10.91 -37.13 -29.20
N ALA H 322 9.83 -36.73 -29.85
CA ALA H 322 8.58 -37.48 -29.80
C ALA H 322 8.68 -38.93 -30.31
N ARG H 324 10.63 -40.96 -29.11
CA ARG H 324 10.79 -41.73 -27.86
C ARG H 324 9.45 -42.09 -27.24
N TYR H 325 8.37 -41.56 -27.81
CA TYR H 325 7.05 -41.75 -27.26
C TYR H 325 6.04 -42.23 -28.30
N GLY H 326 6.52 -43.07 -29.22
CA GLY H 326 5.64 -43.80 -30.12
C GLY H 326 5.15 -43.08 -31.35
N ALA H 327 5.61 -41.85 -31.57
CA ALA H 327 5.27 -41.12 -32.78
C ALA H 327 6.20 -41.51 -33.92
N LYS H 328 5.68 -41.54 -35.15
CA LYS H 328 6.46 -41.93 -36.33
C LYS H 328 6.97 -40.73 -37.12
N GLU H 329 8.16 -40.89 -37.70
CA GLU H 329 8.82 -39.85 -38.50
C GLU H 329 7.90 -39.11 -39.47
N GLU H 330 7.15 -39.87 -40.27
CA GLU H 330 6.27 -39.32 -41.30
C GLU H 330 5.19 -38.39 -40.73
N ASP H 331 4.58 -38.83 -39.63
CA ASP H 331 3.57 -38.03 -38.92
C ASP H 331 4.19 -36.75 -38.35
N LEU H 332 5.34 -36.91 -37.70
CA LEU H 332 6.07 -35.81 -37.06
C LEU H 332 6.41 -34.67 -38.04
N LEU H 333 6.84 -35.04 -39.24
CA LEU H 333 7.02 -34.09 -40.34
C LEU H 333 5.71 -33.39 -40.73
N LYS H 334 4.63 -34.17 -40.83
CA LYS H 334 3.31 -33.63 -41.21
C LYS H 334 2.81 -32.56 -40.24
N ILE H 335 3.06 -32.78 -38.95
CA ILE H 335 2.56 -31.86 -37.92
C ILE H 335 3.40 -30.58 -37.82
N LEU H 336 4.51 -30.54 -38.56
CA LEU H 336 5.30 -29.32 -38.74
C LEU H 336 5.12 -28.65 -40.11
N THR H 337 4.36 -29.30 -40.98
CA THR H 337 4.25 -28.86 -42.38
C THR H 337 2.78 -28.74 -42.85
N VAL H 338 2.25 -29.79 -43.46
CA VAL H 338 0.92 -29.70 -44.08
C VAL H 338 -0.23 -29.45 -43.08
N ASN H 339 -0.14 -30.10 -41.92
CA ASN H 339 -1.16 -29.98 -40.87
C ASN H 339 -1.30 -28.56 -40.32
N PRO H 340 -0.19 -27.96 -39.84
CA PRO H 340 -0.30 -26.55 -39.44
C PRO H 340 -0.81 -25.67 -40.60
N ALA H 341 -0.33 -25.94 -41.83
CA ALA H 341 -0.83 -25.20 -43.01
C ALA H 341 -2.34 -25.33 -43.16
N LYS H 342 -2.83 -26.55 -43.03
CA LYS H 342 -4.27 -26.82 -43.12
C LYS H 342 -5.00 -26.09 -42.00
N ILE H 343 -4.47 -26.21 -40.77
CA ILE H 343 -5.10 -25.60 -39.62
C ILE H 343 -5.18 -24.07 -39.81
N LEU H 344 -4.15 -23.51 -40.42
CA LEU H 344 -4.15 -22.09 -40.71
C LEU H 344 -4.97 -21.68 -41.93
N GLY H 345 -5.53 -22.65 -42.65
CA GLY H 345 -6.21 -22.40 -43.93
C GLY H 345 -5.27 -21.99 -45.05
N LEU H 346 -4.02 -22.44 -45.00
CA LEU H 346 -3.03 -22.07 -46.01
C LEU H 346 -2.38 -23.26 -46.75
N GLU H 347 -3.06 -24.41 -46.78
CA GLU H 347 -2.45 -25.61 -47.39
C GLU H 347 -2.31 -25.48 -48.90
N ASP H 348 -2.98 -24.48 -49.46
CA ASP H 348 -2.86 -24.14 -50.88
C ASP H 348 -1.56 -23.38 -51.13
N ARG H 349 -0.93 -22.87 -50.07
CA ARG H 349 0.25 -22.02 -50.27
C ARG H 349 1.54 -22.53 -49.70
N ILE H 350 1.49 -23.08 -48.49
CA ILE H 350 2.70 -23.49 -47.79
C ILE H 350 2.58 -24.93 -47.28
N GLY H 351 3.66 -25.47 -46.75
CA GLY H 351 3.65 -26.75 -46.03
C GLY H 351 3.89 -28.02 -46.84
N SER H 352 4.23 -27.88 -48.11
CA SER H 352 4.56 -29.05 -48.96
C SER H 352 5.24 -28.61 -50.24
N ILE H 353 5.91 -29.56 -50.92
CA ILE H 353 6.56 -29.27 -52.19
C ILE H 353 5.72 -29.87 -53.32
N GLU H 354 4.79 -29.07 -53.83
CA GLU H 354 3.92 -29.43 -54.94
C GLU H 354 3.89 -28.25 -55.92
N PRO H 355 3.56 -28.51 -57.19
CA PRO H 355 3.41 -27.41 -58.16
C PRO H 355 2.36 -26.41 -57.72
N GLY H 356 2.68 -25.12 -57.83
CA GLY H 356 1.75 -24.07 -57.47
C GLY H 356 1.84 -23.58 -56.03
N LYS H 357 2.55 -24.31 -55.16
CA LYS H 357 2.73 -23.91 -53.76
C LYS H 357 3.88 -22.92 -53.68
N ASP H 358 3.84 -22.01 -52.70
CA ASP H 358 4.94 -21.06 -52.45
C ASP H 358 6.28 -21.79 -52.34
N ALA H 359 7.33 -21.20 -52.90
CA ALA H 359 8.67 -21.81 -52.84
C ALA H 359 9.40 -21.49 -51.52
N ASP H 360 8.89 -22.07 -50.43
CA ASP H 360 9.52 -21.97 -49.13
C ASP H 360 10.24 -23.30 -48.88
N LEU H 361 11.57 -23.25 -48.97
CA LEU H 361 12.37 -24.45 -49.08
C LEU H 361 13.60 -24.36 -48.22
N VAL H 362 13.93 -25.48 -47.59
CA VAL H 362 15.06 -25.52 -46.69
C VAL H 362 16.01 -26.65 -47.12
N VAL H 363 17.28 -26.28 -47.27
CA VAL H 363 18.34 -27.23 -47.55
C VAL H 363 18.98 -27.70 -46.25
N TRP H 364 18.80 -28.98 -45.95
CA TRP H 364 19.38 -29.61 -44.77
C TRP H 364 20.56 -30.49 -45.21
N SER H 365 21.56 -30.64 -44.33
CA SER H 365 22.76 -31.44 -44.60
C SER H 365 22.53 -32.93 -44.38
N GLY H 366 21.43 -33.26 -43.71
CA GLY H 366 21.01 -34.64 -43.45
C GLY H 366 19.56 -34.57 -43.04
N HIS H 367 19.01 -35.64 -42.50
CA HIS H 367 17.62 -35.62 -42.04
C HIS H 367 17.45 -34.64 -40.88
N PRO H 368 16.39 -33.80 -40.92
CA PRO H 368 16.18 -32.82 -39.86
C PRO H 368 15.95 -33.41 -38.47
N PHE H 369 15.54 -34.68 -38.37
CA PHE H 369 15.38 -35.34 -37.06
C PHE H 369 16.67 -36.02 -36.56
N ASP H 370 17.75 -35.87 -37.33
CA ASP H 370 19.09 -36.35 -36.99
C ASP H 370 19.79 -35.14 -36.41
N LYS H 372 22.73 -34.38 -35.93
CA LYS H 372 23.96 -33.97 -36.62
C LYS H 372 23.67 -33.03 -37.79
N SER H 373 22.43 -33.07 -38.30
CA SER H 373 22.05 -32.28 -39.48
C SER H 373 21.94 -30.79 -39.18
N VAL H 374 22.42 -29.97 -40.12
CA VAL H 374 22.26 -28.51 -40.01
C VAL H 374 21.47 -27.95 -41.21
N VAL H 375 20.94 -26.73 -41.06
CA VAL H 375 20.32 -26.02 -42.15
C VAL H 375 21.41 -25.30 -42.91
N GLU H 376 21.44 -25.49 -44.24
CA GLU H 376 22.45 -24.84 -45.05
C GLU H 376 21.93 -23.58 -45.73
N ARG H 377 20.69 -23.65 -46.21
CA ARG H 377 20.06 -22.57 -46.96
C ARG H 377 18.57 -22.62 -46.72
N VAL H 378 17.96 -21.44 -46.72
CA VAL H 378 16.51 -21.29 -46.62
C VAL H 378 16.06 -20.30 -47.69
N TYR H 379 15.03 -20.71 -48.44
CA TYR H 379 14.36 -19.84 -49.38
C TYR H 379 12.92 -19.64 -48.94
N ILE H 380 12.46 -18.40 -49.06
CA ILE H 380 11.06 -18.04 -48.85
C ILE H 380 10.64 -17.33 -50.12
N ASP H 381 9.54 -17.80 -50.71
CA ASP H 381 9.06 -17.32 -52.00
C ASP H 381 10.17 -17.36 -53.05
N GLY H 382 10.98 -18.41 -53.00
CA GLY H 382 12.07 -18.62 -53.97
C GLY H 382 13.24 -17.67 -53.85
N VAL H 383 13.29 -16.92 -52.74
CA VAL H 383 14.37 -15.95 -52.49
C VAL H 383 15.16 -16.39 -51.26
N GLU H 384 16.49 -16.41 -51.39
CA GLU H 384 17.38 -16.84 -50.32
C GLU H 384 17.36 -15.87 -49.13
N VAL H 385 16.95 -16.37 -47.96
CA VAL H 385 16.84 -15.51 -46.78
C VAL H 385 17.86 -15.86 -45.70
N PHE H 386 18.44 -17.04 -45.81
CA PHE H 386 19.43 -17.52 -44.85
C PHE H 386 20.43 -18.40 -45.59
N ARG H 387 21.70 -18.23 -45.24
CA ARG H 387 22.79 -19.11 -45.71
C ARG H 387 23.79 -19.32 -44.58
N ARG H 388 24.15 -20.57 -44.33
CA ARG H 388 25.03 -20.97 -43.23
C ARG H 388 26.42 -20.31 -43.28
N LYS I 6 58.40 -2.38 -31.18
CA LYS I 6 58.79 -0.94 -31.16
C LYS I 6 58.08 -0.19 -32.27
N ILE I 7 57.55 1.01 -31.96
CA ILE I 7 56.74 1.78 -32.90
C ILE I 7 57.14 3.26 -32.99
N LEU I 8 57.33 3.74 -34.21
CA LEU I 8 57.75 5.13 -34.45
C LEU I 8 56.72 5.94 -35.24
N PHE I 9 56.16 6.96 -34.58
CA PHE I 9 55.18 7.85 -35.18
C PHE I 9 55.88 9.03 -35.83
N LYS I 10 55.74 9.15 -37.15
CA LYS I 10 56.49 10.17 -37.89
C LYS I 10 55.67 11.33 -38.43
N ASN I 11 56.23 12.53 -38.22
CA ASN I 11 55.80 13.77 -38.88
C ASN I 11 54.40 14.30 -38.50
N ALA I 12 53.96 13.96 -37.28
CA ALA I 12 52.70 14.47 -36.74
C ALA I 12 52.89 15.88 -36.23
N THR I 13 51.81 16.64 -36.09
CA THR I 13 51.82 17.76 -35.14
C THR I 13 51.57 17.17 -33.74
N VAL I 14 52.63 17.16 -32.94
CA VAL I 14 52.60 16.51 -31.62
C VAL I 14 52.21 17.51 -30.54
N PHE I 15 51.24 17.11 -29.71
CA PHE I 15 50.80 17.92 -28.59
C PHE I 15 51.19 17.26 -27.25
N PRO I 16 52.38 17.62 -26.71
CA PRO I 16 52.85 17.05 -25.45
C PRO I 16 52.05 17.49 -24.23
N ILE I 17 51.36 18.63 -24.36
CA ILE I 17 50.65 19.34 -23.27
C ILE I 17 51.60 20.02 -22.29
N THR I 18 52.61 19.29 -21.82
CA THR I 18 53.60 19.87 -20.90
C THR I 18 54.54 20.84 -21.63
N SER I 19 54.47 20.83 -22.96
CA SER I 19 55.23 21.76 -23.80
C SER I 19 54.32 22.23 -24.92
N ARG I 20 54.78 23.23 -25.67
CA ARG I 20 54.03 23.73 -26.82
C ARG I 20 54.03 22.71 -27.98
N PRO I 21 53.00 22.74 -28.84
CA PRO I 21 52.93 21.80 -29.96
C PRO I 21 54.08 22.02 -30.94
N PHE I 22 54.51 20.95 -31.62
CA PHE I 22 55.59 21.01 -32.58
C PHE I 22 55.41 19.92 -33.63
N LYS I 23 56.00 20.12 -34.81
CA LYS I 23 56.03 19.09 -35.83
C LYS I 23 57.15 18.11 -35.51
N GLY I 24 56.83 16.83 -35.42
CA GLY I 24 57.84 15.83 -35.06
C GLY I 24 57.41 14.39 -34.88
N ASP I 25 58.20 13.66 -34.09
CA ASP I 25 58.09 12.21 -34.00
C ASP I 25 58.01 11.71 -32.56
N VAL I 26 57.43 10.51 -32.40
CA VAL I 26 57.35 9.83 -31.10
C VAL I 26 57.71 8.34 -31.23
N LEU I 27 58.67 7.91 -30.41
CA LEU I 27 59.07 6.50 -30.38
C LEU I 27 58.49 5.83 -29.17
N VAL I 28 57.94 4.63 -29.38
CA VAL I 28 57.36 3.84 -28.33
C VAL I 28 58.01 2.46 -28.26
N SER I 29 58.40 2.06 -27.05
CA SER I 29 58.79 0.69 -26.77
C SER I 29 58.40 0.34 -25.33
N ASN I 30 58.17 -0.95 -25.10
CA ASN I 30 57.84 -1.49 -23.77
C ASN I 30 56.71 -0.75 -23.07
N GLY I 31 55.67 -0.42 -23.85
CA GLY I 31 54.45 0.21 -23.35
C GLY I 31 54.54 1.70 -23.05
N LYS I 32 55.74 2.26 -23.25
CA LYS I 32 56.05 3.61 -22.81
C LYS I 32 56.55 4.50 -23.92
N VAL I 33 56.39 5.80 -23.74
CA VAL I 33 57.00 6.79 -24.60
C VAL I 33 58.52 6.75 -24.36
N GLU I 34 59.26 6.23 -25.33
CA GLU I 34 60.72 6.17 -25.21
C GLU I 34 61.39 7.49 -25.62
N LYS I 35 60.97 8.05 -26.77
CA LYS I 35 61.56 9.29 -27.30
C LYS I 35 60.54 10.25 -27.91
N VAL I 36 60.73 11.55 -27.68
CA VAL I 36 59.94 12.61 -28.31
C VAL I 36 60.83 13.79 -28.69
N GLY I 37 60.80 14.19 -29.95
CA GLY I 37 61.59 15.33 -30.41
C GLY I 37 61.44 15.66 -31.88
N GLU I 38 62.41 16.41 -32.41
CA GLU I 38 62.32 17.00 -33.74
C GLU I 38 62.39 16.02 -34.90
N ASN I 39 63.31 15.05 -34.82
CA ASN I 39 63.65 14.21 -35.97
C ASN I 39 64.22 12.87 -35.54
N ILE I 40 63.37 11.98 -35.03
CA ILE I 40 63.82 10.69 -34.51
C ILE I 40 63.94 9.67 -35.64
N GLU I 41 64.98 8.85 -35.56
CA GLU I 41 65.18 7.75 -36.50
C GLU I 41 65.51 6.47 -35.74
N ASP I 42 64.99 5.35 -36.24
CA ASP I 42 65.25 4.03 -35.67
C ASP I 42 65.07 3.01 -36.80
N PRO I 43 66.03 2.07 -36.95
CA PRO I 43 65.90 1.08 -38.01
C PRO I 43 64.85 0.00 -37.68
N ASP I 44 64.95 -0.59 -36.48
CA ASP I 44 64.17 -1.77 -36.11
C ASP I 44 62.73 -1.49 -35.63
N ALA I 45 62.28 -0.25 -35.78
CA ALA I 45 60.92 0.12 -35.37
C ALA I 45 59.95 0.11 -36.55
N GLU I 46 58.77 -0.45 -36.32
CA GLU I 46 57.67 -0.35 -37.28
C GLU I 46 57.23 1.11 -37.34
N ILE I 47 57.18 1.70 -38.53
CA ILE I 47 56.87 3.12 -38.64
C ILE I 47 55.40 3.38 -38.99
N VAL I 48 54.88 4.48 -38.44
CA VAL I 48 53.52 4.92 -38.69
C VAL I 48 53.59 6.39 -39.11
N ASP I 49 53.14 6.67 -40.33
CA ASP I 49 53.29 7.99 -40.92
C ASP I 49 52.10 8.87 -40.56
N LEU I 50 52.37 9.97 -39.85
CA LEU I 50 51.31 10.85 -39.37
C LEU I 50 51.33 12.21 -40.04
N THR I 51 51.84 12.25 -41.28
CA THR I 51 51.72 13.43 -42.14
C THR I 51 50.29 13.90 -42.23
N GLY I 52 50.07 15.16 -41.88
CA GLY I 52 48.74 15.77 -41.90
C GLY I 52 47.93 15.55 -40.61
N LYS I 53 48.44 14.70 -39.72
CA LYS I 53 47.70 14.24 -38.53
C LYS I 53 48.19 14.87 -37.22
N PHE I 54 47.42 14.67 -36.16
CA PHE I 54 47.68 15.27 -34.87
C PHE I 54 47.85 14.16 -33.84
N LEU I 55 48.90 14.25 -33.03
CA LEU I 55 49.14 13.21 -32.04
C LEU I 55 48.97 13.78 -30.65
N PHE I 56 48.01 13.20 -29.91
CA PHE I 56 47.66 13.66 -28.56
C PHE I 56 47.79 12.55 -27.54
N PRO I 57 48.04 12.91 -26.27
CA PRO I 57 47.87 11.88 -25.27
C PRO I 57 46.38 11.50 -25.20
N GLY I 58 46.08 10.31 -24.70
CA GLY I 58 44.69 9.94 -24.43
C GLY I 58 44.08 10.89 -23.40
N PHE I 59 42.78 11.15 -23.55
CA PHE I 59 42.08 12.02 -22.63
C PHE I 59 41.71 11.25 -21.36
N VAL I 60 41.65 11.97 -20.25
CA VAL I 60 41.48 11.33 -18.95
C VAL I 60 40.29 11.95 -18.26
N ASP I 61 39.27 11.15 -18.02
CA ASP I 61 38.08 11.64 -17.36
C ASP I 61 38.13 11.21 -15.89
N ALA I 62 38.23 12.22 -15.02
CA ALA I 62 38.45 11.99 -13.58
C ALA I 62 37.22 11.48 -12.79
N HIS I 63 36.05 11.41 -13.42
CA HIS I 63 34.82 10.96 -12.75
C HIS I 63 33.81 10.41 -13.75
N SER I 64 33.61 9.10 -13.77
CA SER I 64 32.75 8.48 -14.79
C SER I 64 31.93 7.30 -14.25
N HIS I 65 30.81 7.01 -14.91
CA HIS I 65 30.01 5.81 -14.60
C HIS I 65 29.90 4.91 -15.84
N ILE I 66 30.73 5.17 -16.85
CA ILE I 66 30.81 4.27 -18.00
C ILE I 66 31.10 2.84 -17.50
N GLY I 67 30.53 1.83 -18.17
CA GLY I 67 30.69 0.45 -17.74
C GLY I 67 29.75 0.04 -16.61
N LEU I 68 29.29 1.02 -15.82
CA LEU I 68 28.32 0.80 -14.73
C LEU I 68 26.86 1.02 -15.13
N PHE I 69 26.60 2.04 -15.96
CA PHE I 69 25.29 2.28 -16.58
C PHE I 69 25.44 1.82 -18.02
N GLU I 70 25.23 0.52 -18.29
CA GLU I 70 25.41 -0.02 -19.64
C GLU I 70 24.59 0.77 -20.66
N GLU I 71 25.17 1.05 -21.84
CA GLU I 71 24.47 1.81 -22.88
C GLU I 71 23.52 0.93 -23.71
N GLY I 72 22.38 1.52 -24.11
CA GLY I 72 21.45 0.87 -25.02
C GLY I 72 20.62 -0.25 -24.39
N VAL I 73 20.34 -0.13 -23.11
CA VAL I 73 19.86 -1.26 -22.32
C VAL I 73 18.70 -0.91 -21.38
N GLY I 74 18.67 0.34 -20.91
CA GLY I 74 17.63 0.82 -20.03
C GLY I 74 18.11 1.09 -18.62
N TYR I 75 17.50 2.10 -17.98
CA TYR I 75 17.85 2.51 -16.61
C TYR I 75 17.79 1.37 -15.58
N TYR I 76 16.86 0.44 -15.78
CA TYR I 76 16.69 -0.68 -14.86
C TYR I 76 17.97 -1.51 -14.59
N TYR I 77 18.87 -1.56 -15.56
CA TYR I 77 20.05 -2.43 -15.48
C TYR I 77 21.31 -1.75 -14.92
N SER I 78 21.19 -0.48 -14.54
CA SER I 78 22.31 0.24 -13.98
C SER I 78 22.78 -0.29 -12.63
N ASP I 79 24.09 -0.42 -12.52
CA ASP I 79 24.74 -0.89 -11.30
C ASP I 79 25.45 0.22 -10.57
N GLY I 80 25.13 1.47 -10.90
CA GLY I 80 25.89 2.62 -10.42
C GLY I 80 25.62 3.18 -9.04
N ASN I 81 24.47 2.83 -8.45
CA ASN I 81 24.05 3.33 -7.13
C ASN I 81 23.39 2.26 -6.30
N GLU I 82 24.05 1.86 -5.21
CA GLU I 82 23.47 0.90 -4.28
C GLU I 82 22.51 1.64 -3.31
N ALA I 83 21.40 2.12 -3.87
CA ALA I 83 20.50 3.05 -3.18
C ALA I 83 19.55 2.35 -2.19
N THR I 84 20.10 1.44 -1.38
CA THR I 84 19.34 0.68 -0.40
C THR I 84 19.90 0.86 1.02
N ASP I 85 20.81 1.81 1.19
CA ASP I 85 21.54 2.00 2.44
C ASP I 85 22.39 3.23 2.21
N PRO I 86 22.26 4.26 3.07
CA PRO I 86 22.96 5.50 2.74
C PRO I 86 24.48 5.46 2.96
N VAL I 87 24.96 4.38 3.59
CA VAL I 87 26.38 4.21 3.89
C VAL I 87 26.85 2.87 3.32
N THR I 88 27.33 2.91 2.09
CA THR I 88 27.89 1.72 1.45
C THR I 88 29.37 1.87 0.99
N PRO I 89 30.28 2.27 1.90
CA PRO I 89 31.70 2.45 1.54
C PRO I 89 32.35 1.16 1.06
N HIS I 90 31.78 0.04 1.47
CA HIS I 90 32.40 -1.25 1.18
C HIS I 90 32.18 -1.73 -0.27
N VAL I 91 31.22 -1.13 -0.97
CA VAL I 91 30.99 -1.54 -2.36
C VAL I 91 32.00 -0.90 -3.32
N LYS I 92 32.30 -1.60 -4.41
CA LYS I 92 33.28 -1.14 -5.39
C LYS I 92 32.70 -0.99 -6.79
N ALA I 93 32.90 0.18 -7.39
CA ALA I 93 32.60 0.40 -8.81
C ALA I 93 33.21 -0.69 -9.69
N LEU I 94 34.43 -1.10 -9.36
CA LEU I 94 35.09 -2.20 -10.07
C LEU I 94 34.18 -3.43 -10.23
N ASP I 95 33.46 -3.76 -9.17
CA ASP I 95 32.58 -4.93 -9.13
C ASP I 95 31.28 -4.81 -9.92
N GLY I 96 30.99 -3.63 -10.46
CA GLY I 96 29.84 -3.44 -11.34
C GLY I 96 30.24 -3.04 -12.77
N PHE I 97 31.53 -3.04 -13.06
CA PHE I 97 32.05 -2.51 -14.32
C PHE I 97 31.99 -3.55 -15.43
N ASN I 98 31.27 -3.22 -16.50
CA ASN I 98 31.16 -4.08 -17.69
C ASN I 98 32.08 -3.61 -18.82
N PRO I 99 33.22 -4.28 -18.99
CA PRO I 99 34.17 -3.84 -20.03
C PRO I 99 33.63 -4.04 -21.46
N GLN I 100 32.49 -4.72 -21.63
CA GLN I 100 31.87 -4.86 -22.94
C GLN I 100 30.80 -3.82 -23.23
N ASP I 101 30.57 -2.91 -22.28
CA ASP I 101 29.65 -1.80 -22.49
C ASP I 101 29.96 -1.12 -23.83
N PRO I 102 28.98 -1.12 -24.77
CA PRO I 102 29.30 -0.56 -26.09
C PRO I 102 29.68 0.93 -26.04
N ALA I 103 29.45 1.59 -24.91
CA ALA I 103 29.88 2.99 -24.72
C ALA I 103 31.42 3.17 -24.71
N ILE I 104 32.13 2.09 -24.39
CA ILE I 104 33.58 2.10 -24.26
C ILE I 104 34.27 2.29 -25.61
N GLU I 105 33.84 1.52 -26.62
CA GLU I 105 34.37 1.69 -27.99
C GLU I 105 34.11 3.11 -28.48
N ARG I 106 32.95 3.66 -28.08
CA ARG I 106 32.57 5.04 -28.42
C ARG I 106 33.45 6.06 -27.70
N ALA I 107 33.83 5.77 -26.46
CA ALA I 107 34.73 6.64 -25.71
C ALA I 107 36.15 6.70 -26.34
N LEU I 108 36.63 5.56 -26.81
CA LEU I 108 37.89 5.51 -27.55
C LEU I 108 37.81 6.41 -28.79
N ALA I 109 36.71 6.29 -29.53
CA ALA I 109 36.46 7.12 -30.71
C ALA I 109 36.34 8.62 -30.38
N GLY I 110 36.17 8.92 -29.10
CA GLY I 110 36.16 10.30 -28.62
C GLY I 110 37.51 10.71 -28.05
N GLY I 111 38.47 9.78 -28.08
CA GLY I 111 39.86 10.07 -27.70
C GLY I 111 40.20 9.88 -26.22
N VAL I 112 39.27 9.24 -25.49
CA VAL I 112 39.39 9.00 -24.04
C VAL I 112 39.95 7.60 -23.76
N THR I 113 41.03 7.54 -22.97
CA THR I 113 41.71 6.27 -22.73
C THR I 113 41.68 5.80 -21.28
N SER I 114 41.66 6.74 -20.34
CA SER I 114 41.65 6.45 -18.91
C SER I 114 40.50 7.16 -18.21
N VAL I 115 39.84 6.48 -17.28
CA VAL I 115 38.78 7.09 -16.47
C VAL I 115 38.84 6.67 -15.00
N ILE I 117 36.31 5.21 -12.61
CA ILE I 117 34.94 4.70 -12.40
C ILE I 117 34.56 4.79 -10.91
N VAL I 118 33.33 5.23 -10.67
CA VAL I 118 32.90 5.60 -9.34
C VAL I 118 31.39 5.36 -9.20
N PRO I 119 30.90 5.10 -7.97
CA PRO I 119 29.46 5.11 -7.76
C PRO I 119 28.88 6.51 -7.96
N GLY I 120 27.57 6.58 -8.20
CA GLY I 120 26.84 7.83 -8.42
C GLY I 120 26.61 8.58 -7.13
N SER I 121 25.56 9.40 -7.06
CA SER I 121 25.37 10.28 -5.91
C SER I 121 24.14 9.96 -5.07
N ALA I 122 23.62 8.75 -5.20
CA ALA I 122 22.44 8.40 -4.39
C ALA I 122 22.77 8.42 -2.88
N ASN I 123 23.97 7.98 -2.50
CA ASN I 123 24.30 7.72 -1.11
C ASN I 123 25.20 8.78 -0.52
N PRO I 124 24.92 9.21 0.73
CA PRO I 124 25.90 10.03 1.43
C PRO I 124 27.31 9.39 1.37
N VAL I 125 27.40 8.07 1.61
CA VAL I 125 28.65 7.33 1.44
C VAL I 125 28.42 6.22 0.42
N GLY I 126 28.96 6.42 -0.79
CA GLY I 126 28.58 5.64 -1.95
C GLY I 126 29.40 4.41 -2.27
N GLY I 127 30.69 4.40 -1.92
CA GLY I 127 31.56 3.30 -2.30
C GLY I 127 32.84 3.71 -3.00
N GLN I 128 33.56 2.72 -3.52
CA GLN I 128 34.92 2.96 -3.97
C GLN I 128 35.04 3.19 -5.46
N GLY I 129 35.88 4.13 -5.81
CA GLY I 129 36.26 4.38 -7.19
C GLY I 129 37.57 3.69 -7.55
N SER I 130 37.81 3.52 -8.84
CA SER I 130 39.05 2.92 -9.33
C SER I 130 39.42 3.59 -10.64
N VAL I 131 40.73 3.78 -10.86
CA VAL I 131 41.18 4.27 -12.18
C VAL I 131 41.49 3.08 -13.07
N ILE I 132 40.95 3.11 -14.28
CA ILE I 132 41.14 2.05 -15.27
C ILE I 132 41.47 2.62 -16.64
N LYS I 133 42.01 1.77 -17.51
CA LYS I 133 42.11 2.12 -18.92
C LYS I 133 41.34 1.10 -19.72
N PHE I 134 40.95 1.46 -20.95
CA PHE I 134 40.10 0.59 -21.74
C PHE I 134 40.98 -0.36 -22.56
N ARG I 135 41.69 -1.24 -21.87
CA ARG I 135 42.68 -2.05 -22.54
C ARG I 135 42.29 -3.51 -22.75
N SER I 136 41.19 -3.97 -22.16
CA SER I 136 40.92 -5.40 -22.06
C SER I 136 39.47 -5.66 -21.68
N ILE I 137 38.94 -6.82 -22.05
CA ILE I 137 37.61 -7.23 -21.60
C ILE I 137 37.66 -7.89 -20.19
N ILE I 138 38.87 -8.07 -19.68
CA ILE I 138 39.10 -8.53 -18.32
C ILE I 138 39.36 -7.28 -17.47
N VAL I 139 38.46 -6.99 -16.52
CA VAL I 139 38.57 -5.77 -15.70
C VAL I 139 39.89 -5.69 -14.92
N GLU I 140 40.36 -6.84 -14.42
CA GLU I 140 41.59 -6.93 -13.66
C GLU I 140 42.75 -6.29 -14.43
N GLU I 141 42.77 -6.51 -15.74
CA GLU I 141 43.82 -6.00 -16.60
C GLU I 141 43.66 -4.54 -16.96
N CYS I 142 42.49 -3.98 -16.66
CA CYS I 142 42.21 -2.58 -16.96
C CYS I 142 42.67 -1.67 -15.83
N ILE I 143 42.82 -2.25 -14.63
CA ILE I 143 43.12 -1.47 -13.42
C ILE I 143 44.46 -0.75 -13.44
N VAL I 144 44.44 0.55 -13.20
CA VAL I 144 45.65 1.33 -12.96
C VAL I 144 45.80 1.60 -11.47
N LYS I 145 44.71 2.00 -10.82
CA LYS I 145 44.75 2.36 -9.39
C LYS I 145 43.44 1.93 -8.71
N ASP I 146 43.57 0.97 -7.79
CA ASP I 146 42.43 0.41 -7.07
C ASP I 146 42.77 0.10 -5.61
N PRO I 147 42.01 0.68 -4.65
CA PRO I 147 40.97 1.68 -4.85
C PRO I 147 41.58 3.06 -5.09
N ALA I 148 40.83 3.99 -5.65
CA ALA I 148 41.39 5.34 -5.94
C ALA I 148 40.72 6.46 -5.16
N GLY I 149 39.63 6.15 -4.46
CA GLY I 149 38.87 7.17 -3.73
C GLY I 149 37.59 6.63 -3.10
N LEU I 150 36.99 7.39 -2.20
CA LEU I 150 35.72 7.00 -1.58
C LEU I 150 34.71 8.06 -1.92
N LYS I 151 33.71 7.67 -2.71
CA LYS I 151 32.66 8.57 -3.17
C LYS I 151 31.69 8.94 -2.06
N ALA I 153 28.35 11.94 -1.18
CA ALA I 153 27.44 12.83 -1.88
C ALA I 153 26.69 13.74 -0.94
N PHE I 154 26.56 14.98 -1.36
CA PHE I 154 25.85 16.01 -0.63
C PHE I 154 24.73 16.58 -1.51
N GLY I 155 23.85 17.40 -0.90
CA GLY I 155 22.85 18.13 -1.66
C GLY I 155 21.56 17.37 -1.93
N GLU I 156 20.89 17.77 -3.00
CA GLU I 156 19.57 17.23 -3.29
C GLU I 156 19.49 15.70 -3.46
N ASN I 157 20.51 15.11 -4.07
CA ASN I 157 20.38 13.70 -4.51
C ASN I 157 20.22 12.72 -3.32
N PRO I 158 21.17 12.72 -2.35
CA PRO I 158 21.02 11.77 -1.24
C PRO I 158 19.75 11.97 -0.41
N LYS I 159 19.37 13.22 -0.16
CA LYS I 159 18.17 13.48 0.63
C LYS I 159 16.87 13.13 -0.12
N ARG I 160 16.89 13.17 -1.46
CA ARG I 160 15.69 12.76 -2.21
C ARG I 160 15.53 11.25 -2.12
N VAL I 161 16.62 10.55 -2.42
CA VAL I 161 16.63 9.09 -2.43
C VAL I 161 16.18 8.55 -1.07
N TYR I 162 16.78 9.02 0.02
CA TYR I 162 16.41 8.47 1.33
C TYR I 162 15.13 9.05 1.91
N GLY I 163 14.88 10.32 1.61
CA GLY I 163 13.58 10.94 1.91
C GLY I 163 12.43 10.14 1.28
N GLU I 164 12.57 9.73 0.01
CA GLU I 164 11.54 8.91 -0.68
CA GLU I 164 11.52 8.95 -0.63
C GLU I 164 11.33 7.58 0.05
N ARG I 165 12.39 7.06 0.65
CA ARG I 165 12.34 5.82 1.41
C ARG I 165 11.90 6.07 2.87
N LYS I 166 11.61 7.32 3.21
CA LYS I 166 11.21 7.67 4.60
C LYS I 166 12.31 7.36 5.61
N GLN I 167 13.54 7.67 5.25
CA GLN I 167 14.69 7.17 6.01
C GLN I 167 15.75 8.26 6.07
N THR I 168 16.53 8.30 7.15
CA THR I 168 17.64 9.24 7.27
C THR I 168 18.64 8.94 6.15
N PRO I 169 19.08 9.98 5.39
CA PRO I 169 18.76 11.42 5.46
C PRO I 169 17.61 11.89 4.55
N SER I 170 16.77 12.78 5.07
CA SER I 170 15.76 13.47 4.27
C SER I 170 16.04 14.99 4.19
N THR I 171 17.16 15.42 4.78
CA THR I 171 17.57 16.84 4.75
C THR I 171 19.09 16.95 4.64
N ARG I 172 19.58 18.14 4.32
CA ARG I 172 21.03 18.36 4.25
C ARG I 172 21.69 18.16 5.61
N GLY I 174 20.75 15.96 7.91
CA GLY I 174 20.87 14.51 8.04
C GLY I 174 22.00 13.92 7.20
N THR I 175 22.19 14.44 5.99
CA THR I 175 23.28 13.96 5.14
C THR I 175 24.64 14.16 5.79
N ALA I 176 24.89 15.36 6.29
CA ALA I 176 26.14 15.62 7.03
C ALA I 176 26.23 14.73 8.28
N GLY I 177 25.11 14.63 9.01
CA GLY I 177 24.98 13.76 10.20
C GLY I 177 25.41 12.33 9.89
N VAL I 178 24.95 11.80 8.75
CA VAL I 178 25.22 10.41 8.40
C VAL I 178 26.75 10.21 8.18
N ILE I 179 27.37 11.15 7.48
CA ILE I 179 28.79 11.06 7.16
C ILE I 179 29.67 11.24 8.41
N ARG I 180 29.39 12.27 9.21
CA ARG I 180 30.08 12.47 10.51
C ARG I 180 29.97 11.23 11.39
N ASP I 181 28.76 10.68 11.46
CA ASP I 181 28.51 9.50 12.28
C ASP I 181 29.37 8.34 11.80
N TYR I 182 29.47 8.18 10.47
CA TYR I 182 30.29 7.12 9.89
C TYR I 182 31.77 7.25 10.31
N PHE I 183 32.33 8.44 10.13
CA PHE I 183 33.74 8.64 10.46
C PHE I 183 34.04 8.61 11.96
N THR I 184 33.06 8.95 12.77
CA THR I 184 33.18 8.78 14.23
C THR I 184 33.35 7.30 14.57
N LYS I 185 32.52 6.47 13.96
CA LYS I 185 32.63 5.03 14.13
C LYS I 185 33.98 4.52 13.58
N VAL I 186 34.41 5.04 12.42
CA VAL I 186 35.74 4.71 11.88
C VAL I 186 36.89 4.98 12.89
N LYS I 187 36.86 6.15 13.54
CA LYS I 187 37.83 6.46 14.60
C LYS I 187 37.79 5.48 15.78
N ASN I 188 36.59 5.07 16.20
CA ASN I 188 36.45 4.08 17.29
C ASN I 188 37.11 2.77 16.90
N TYR I 189 36.85 2.35 15.66
CA TYR I 189 37.34 1.09 15.12
C TYR I 189 38.87 1.08 15.13
N LYS I 191 40.92 2.93 17.02
CA LYS I 191 41.32 2.86 18.44
C LYS I 191 41.26 1.43 18.97
N LYS I 192 40.22 0.69 18.57
CA LYS I 192 40.10 -0.70 18.99
C LYS I 192 41.22 -1.56 18.41
N LYS I 193 41.56 -1.33 17.14
CA LYS I 193 42.63 -2.06 16.47
C LYS I 193 43.97 -1.84 17.17
N GLU I 194 44.23 -0.61 17.58
CA GLU I 194 45.52 -0.29 18.21
C GLU I 194 45.58 -0.62 19.69
N LEU I 195 44.43 -0.64 20.37
CA LEU I 195 44.37 -1.21 21.72
C LEU I 195 44.69 -2.71 21.68
N ALA I 196 44.29 -3.38 20.60
CA ALA I 196 44.62 -4.78 20.38
C ALA I 196 46.11 -5.00 20.04
N GLN I 197 46.72 -4.01 19.39
CA GLN I 197 48.14 -4.05 19.05
C GLN I 197 48.98 -4.01 20.30
N LYS I 198 48.64 -3.11 21.23
CA LYS I 198 49.39 -2.96 22.48
C LYS I 198 49.04 -4.04 23.53
N GLU I 199 47.89 -4.69 23.38
CA GLU I 199 47.66 -5.96 24.09
C GLU I 199 48.37 -7.03 23.27
N GLY I 200 48.29 -8.27 23.73
CA GLY I 200 48.78 -9.40 22.94
C GLY I 200 47.60 -10.09 22.27
N LYS I 201 46.88 -9.34 21.44
CA LYS I 201 45.59 -9.81 20.95
C LYS I 201 45.36 -9.62 19.45
N GLU I 202 44.93 -10.70 18.78
CA GLU I 202 44.48 -10.62 17.39
C GLU I 202 43.12 -9.93 17.34
N PHE I 203 43.02 -8.90 16.50
CA PHE I 203 41.77 -8.17 16.32
C PHE I 203 40.72 -9.07 15.68
N THR I 204 39.57 -9.19 16.33
CA THR I 204 38.53 -10.12 15.86
C THR I 204 37.25 -9.42 15.34
N GLU I 205 37.35 -8.13 15.04
CA GLU I 205 36.17 -7.33 14.65
C GLU I 205 36.36 -6.59 13.33
N THR I 206 37.19 -7.16 12.47
CA THR I 206 37.43 -6.59 11.14
C THR I 206 36.09 -6.35 10.45
N ASP I 207 35.94 -5.15 9.88
CA ASP I 207 34.71 -4.74 9.20
C ASP I 207 35.07 -4.03 7.90
N LEU I 208 34.53 -4.51 6.78
CA LEU I 208 34.84 -3.97 5.45
C LEU I 208 34.55 -2.48 5.36
N LYS I 209 33.42 -2.06 5.92
CA LYS I 209 32.99 -0.66 5.83
C LYS I 209 33.92 0.26 6.62
N GLU I 211 37.18 -0.54 7.41
CA GLU I 211 38.50 -0.62 6.75
C GLU I 211 38.69 0.47 5.71
N VAL I 212 37.70 0.66 4.84
CA VAL I 212 37.79 1.69 3.80
C VAL I 212 37.83 3.09 4.41
N GLY I 213 37.02 3.33 5.44
CA GLY I 213 37.02 4.60 6.11
C GLY I 213 38.38 4.88 6.73
N GLU I 214 39.01 3.83 7.25
CA GLU I 214 40.34 3.95 7.81
C GLU I 214 41.36 4.35 6.73
N VAL I 216 40.82 6.20 4.18
CA VAL I 216 40.57 7.63 4.00
C VAL I 216 41.19 8.44 5.13
N LEU I 217 40.99 8.00 6.37
CA LEU I 217 41.48 8.75 7.51
C LEU I 217 43.01 8.75 7.59
N ARG I 218 43.63 7.68 7.08
CA ARG I 218 45.08 7.58 6.99
C ARG I 218 45.62 8.26 5.74
N LYS I 219 44.73 8.80 4.90
CA LYS I 219 45.08 9.52 3.67
C LYS I 219 45.73 8.63 2.61
N LYS I 220 45.42 7.34 2.63
CA LYS I 220 45.79 6.43 1.57
C LYS I 220 45.03 6.75 0.27
N ILE I 221 43.77 7.16 0.41
CA ILE I 221 42.95 7.58 -0.73
C ILE I 221 42.16 8.84 -0.36
N PRO I 222 41.78 9.65 -1.36
CA PRO I 222 40.97 10.84 -1.04
C PRO I 222 39.47 10.53 -0.95
N ALA I 223 38.73 11.39 -0.25
CA ALA I 223 37.29 11.47 -0.38
C ALA I 223 36.99 12.13 -1.72
N ARG I 224 36.02 11.59 -2.44
CA ARG I 224 35.60 12.21 -3.68
C ARG I 224 34.16 12.70 -3.47
N HIS I 226 30.79 14.72 -4.00
CA HIS I 226 29.77 15.29 -4.91
C HIS I 226 29.09 16.46 -4.22
N ALA I 227 29.16 17.64 -4.80
CA ALA I 227 28.47 18.82 -4.27
C ALA I 227 28.27 19.85 -5.36
N HIS I 228 27.09 20.44 -5.39
CA HIS I 228 26.76 21.43 -6.40
C HIS I 228 26.65 22.82 -5.81
N ARG I 229 25.72 22.99 -4.87
CA ARG I 229 25.46 24.31 -4.26
C ARG I 229 26.63 24.72 -3.36
N ALA I 230 26.92 26.03 -3.27
CA ALA I 230 28.12 26.50 -2.56
C ALA I 230 28.22 26.02 -1.12
N ASP I 231 27.10 26.07 -0.40
CA ASP I 231 27.08 25.59 0.99
C ASP I 231 27.40 24.10 1.14
N ASP I 232 26.94 23.30 0.18
CA ASP I 232 27.26 21.88 0.17
C ASP I 232 28.75 21.61 -0.03
N ILE I 233 29.38 22.40 -0.90
CA ILE I 233 30.82 22.34 -1.11
C ILE I 233 31.53 22.67 0.20
N LEU I 234 31.08 23.72 0.87
CA LEU I 234 31.67 24.16 2.14
C LEU I 234 31.52 23.13 3.28
N THR I 235 30.33 22.57 3.40
CA THR I 235 30.10 21.43 4.30
C THR I 235 31.05 20.23 4.03
N ALA I 236 31.23 19.86 2.74
CA ALA I 236 32.18 18.79 2.40
C ALA I 236 33.58 19.09 2.97
N ILE I 237 34.05 20.32 2.75
CA ILE I 237 35.37 20.74 3.21
C ILE I 237 35.42 20.76 4.74
N ARG I 238 34.38 21.30 5.38
CA ARG I 238 34.26 21.24 6.84
C ARG I 238 34.48 19.83 7.41
N ILE I 239 33.81 18.84 6.84
CA ILE I 239 33.92 17.46 7.32
C ILE I 239 35.33 16.90 7.09
N ALA I 240 35.89 17.15 5.90
CA ALA I 240 37.25 16.72 5.58
C ALA I 240 38.24 17.23 6.62
N GLU I 241 38.10 18.50 6.96
CA GLU I 241 38.99 19.17 7.91
C GLU I 241 38.73 18.69 9.34
N GLU I 242 37.45 18.45 9.69
CA GLU I 242 37.12 17.92 11.02
C GLU I 242 37.78 16.56 11.30
N PHE I 243 37.86 15.72 10.27
CA PHE I 243 38.43 14.40 10.44
C PHE I 243 39.85 14.22 9.84
N GLY I 244 40.38 15.28 9.23
CA GLY I 244 41.72 15.25 8.65
C GLY I 244 41.89 14.32 7.46
N PHE I 245 40.99 14.37 6.49
CA PHE I 245 41.23 13.62 5.25
C PHE I 245 41.35 14.49 4.00
N ASN I 246 41.90 13.92 2.93
CA ASN I 246 42.03 14.66 1.67
C ASN I 246 40.75 14.57 0.87
N LEU I 247 40.46 15.60 0.09
CA LEU I 247 39.24 15.60 -0.71
C LEU I 247 39.44 16.19 -2.10
N VAL I 248 38.55 15.79 -2.98
CA VAL I 248 38.38 16.38 -4.30
C VAL I 248 36.90 16.70 -4.33
N ILE I 249 36.55 17.85 -4.91
CA ILE I 249 35.15 18.22 -5.06
C ILE I 249 34.64 17.76 -6.44
N GLU I 250 33.56 16.97 -6.46
CA GLU I 250 32.97 16.52 -7.72
C GLU I 250 31.89 17.49 -8.15
N HIS I 251 31.94 17.88 -9.43
CA HIS I 251 30.97 18.79 -10.05
C HIS I 251 31.24 20.22 -9.62
N GLY I 252 30.99 20.50 -8.33
CA GLY I 252 31.28 21.80 -7.75
C GLY I 252 30.68 22.90 -8.60
N THR I 253 29.41 22.74 -8.95
CA THR I 253 28.71 23.68 -9.81
C THR I 253 28.86 25.13 -9.38
N GLU I 254 28.81 25.40 -8.08
CA GLU I 254 28.90 26.78 -7.61
C GLU I 254 30.28 27.10 -7.05
N ALA I 255 31.26 26.29 -7.43
CA ALA I 255 32.61 26.48 -6.92
C ALA I 255 33.12 27.88 -7.26
N TYR I 256 32.64 28.43 -8.38
CA TYR I 256 33.05 29.76 -8.80
C TYR I 256 32.61 30.89 -7.85
N LYS I 257 31.60 30.63 -7.01
CA LYS I 257 31.13 31.63 -6.03
C LYS I 257 32.04 31.71 -4.79
N ILE I 258 32.87 30.69 -4.61
CA ILE I 258 33.75 30.55 -3.45
C ILE I 258 35.17 30.14 -3.85
N SER I 259 35.58 30.54 -5.06
CA SER I 259 36.83 30.08 -5.66
C SER I 259 38.10 30.53 -4.91
N LYS I 260 38.03 31.67 -4.23
CA LYS I 260 39.17 32.14 -3.43
C LYS I 260 39.51 31.14 -2.33
N VAL I 261 38.47 30.69 -1.60
CA VAL I 261 38.66 29.73 -0.52
C VAL I 261 39.26 28.42 -1.04
N LEU I 262 38.72 27.90 -2.15
CA LEU I 262 39.19 26.66 -2.76
C LEU I 262 40.65 26.74 -3.23
N ALA I 263 41.00 27.86 -3.84
CA ALA I 263 42.37 28.15 -4.27
C ALA I 263 43.33 28.21 -3.09
N GLU I 264 42.95 28.95 -2.05
CA GLU I 264 43.74 29.07 -0.83
C GLU I 264 43.99 27.71 -0.14
N LYS I 265 42.95 26.87 -0.09
CA LYS I 265 43.06 25.56 0.56
C LYS I 265 43.59 24.50 -0.38
N LYS I 266 43.79 24.87 -1.65
CA LYS I 266 44.31 23.94 -2.67
C LYS I 266 43.40 22.72 -2.83
N ILE I 267 42.10 22.97 -2.81
CA ILE I 267 41.12 21.91 -3.03
C ILE I 267 40.85 21.80 -4.52
N PRO I 268 41.12 20.63 -5.12
CA PRO I 268 40.84 20.49 -6.55
C PRO I 268 39.36 20.24 -6.81
N VAL I 269 38.90 20.59 -8.00
CA VAL I 269 37.51 20.40 -8.37
C VAL I 269 37.44 19.70 -9.70
N VAL I 270 36.68 18.62 -9.79
CA VAL I 270 36.38 18.07 -11.12
C VAL I 270 35.08 18.68 -11.61
N VAL I 271 35.19 19.70 -12.47
CA VAL I 271 34.01 20.39 -12.98
C VAL I 271 33.33 19.55 -14.08
N GLY I 272 32.08 19.88 -14.36
CA GLY I 272 31.24 19.08 -15.25
C GLY I 272 30.17 18.31 -14.46
N PRO I 273 29.12 17.83 -15.15
CA PRO I 273 28.86 18.11 -16.57
C PRO I 273 28.46 19.58 -16.74
N LEU I 274 28.92 20.19 -17.85
CA LEU I 274 28.58 21.60 -18.13
C LEU I 274 27.71 21.74 -19.38
N LEU I 275 27.96 20.90 -20.39
CA LEU I 275 27.17 20.89 -21.61
C LEU I 275 25.87 20.10 -21.37
N THR I 276 25.01 20.62 -20.50
CA THR I 276 23.87 19.86 -19.95
C THR I 276 22.76 20.77 -19.40
N PHE I 277 21.56 20.22 -19.29
CA PHE I 277 20.40 20.99 -18.85
C PHE I 277 20.44 21.10 -17.34
N ARG I 278 20.07 22.26 -16.83
CA ARG I 278 20.00 22.44 -15.38
C ARG I 278 18.70 21.81 -14.84
N THR I 279 18.75 20.51 -14.57
CA THR I 279 17.55 19.71 -14.20
C THR I 279 17.07 19.93 -12.79
N LYS I 280 17.91 20.55 -11.95
CA LYS I 280 17.61 20.71 -10.55
C LYS I 280 17.83 22.13 -10.12
N LEU I 281 17.14 22.50 -9.06
CA LEU I 281 17.33 23.76 -8.38
C LEU I 281 18.81 24.02 -8.05
N GLU I 282 19.52 23.00 -7.58
CA GLU I 282 20.90 23.20 -7.15
C GLU I 282 21.82 23.42 -8.35
N LEU I 283 21.32 23.17 -9.56
CA LEU I 283 22.08 23.40 -10.79
C LEU I 283 21.72 24.72 -11.44
N LYS I 284 20.82 25.51 -10.84
CA LYS I 284 20.26 26.66 -11.54
C LYS I 284 21.31 27.69 -12.02
N ASP I 285 22.41 27.80 -11.26
CA ASP I 285 23.47 28.77 -11.53
C ASP I 285 24.68 28.14 -12.23
N LEU I 286 24.51 26.91 -12.72
CA LEU I 286 25.52 26.28 -13.57
C LEU I 286 25.89 27.20 -14.75
N THR I 287 27.18 27.26 -15.07
CA THR I 287 27.66 28.06 -16.19
C THR I 287 28.97 27.54 -16.74
N GLU I 289 31.09 29.33 -17.95
CA GLU I 289 32.08 30.32 -17.50
C GLU I 289 32.91 29.84 -16.31
N THR I 290 32.42 28.80 -15.61
CA THR I 290 33.11 28.21 -14.44
C THR I 290 34.58 27.89 -14.71
N ILE I 291 34.85 27.35 -15.90
CA ILE I 291 36.21 26.99 -16.29
C ILE I 291 37.13 28.21 -16.29
N ALA I 292 36.77 29.26 -17.03
CA ALA I 292 37.56 30.50 -17.07
C ALA I 292 37.73 31.10 -15.68
N LYS I 293 36.64 31.11 -14.91
CA LYS I 293 36.65 31.73 -13.59
C LYS I 293 37.57 31.00 -12.62
N LEU I 294 37.47 29.67 -12.57
CA LEU I 294 38.27 28.89 -11.64
C LEU I 294 39.75 28.90 -12.01
N LEU I 295 40.03 28.81 -13.31
CA LEU I 295 41.41 28.96 -13.79
C LEU I 295 42.00 30.30 -13.39
N LYS I 296 41.23 31.37 -13.58
CA LYS I 296 41.68 32.73 -13.26
C LYS I 296 42.01 32.86 -11.76
N ASP I 297 41.24 32.18 -10.93
CA ASP I 297 41.44 32.23 -9.49
C ASP I 297 42.45 31.21 -8.94
N GLY I 298 43.05 30.42 -9.82
CA GLY I 298 44.13 29.50 -9.43
C GLY I 298 43.70 28.17 -8.82
N VAL I 299 42.52 27.69 -9.20
CA VAL I 299 42.02 26.40 -8.70
C VAL I 299 42.45 25.32 -9.69
N LEU I 300 42.96 24.21 -9.16
CA LEU I 300 43.24 23.04 -9.98
C LEU I 300 41.92 22.35 -10.33
N ILE I 301 41.62 22.28 -11.62
CA ILE I 301 40.38 21.66 -12.12
C ILE I 301 40.63 20.62 -13.22
N ALA I 302 39.73 19.64 -13.29
CA ALA I 302 39.61 18.76 -14.43
C ALA I 302 38.17 18.83 -14.93
N LEU I 303 37.95 18.45 -16.18
CA LEU I 303 36.60 18.44 -16.75
C LEU I 303 36.12 17.01 -16.95
N CYS I 305 32.62 14.50 -18.10
CA CYS I 305 31.35 14.38 -18.78
C CYS I 305 30.28 13.89 -17.82
N ASP I 306 30.71 13.36 -16.67
CA ASP I 306 29.84 12.61 -15.76
C ASP I 306 29.04 11.56 -16.53
N HIS I 307 29.71 10.88 -17.46
CA HIS I 307 29.06 9.87 -18.29
C HIS I 307 28.26 8.90 -17.41
N PRO I 308 27.01 8.58 -17.80
CA PRO I 308 26.31 8.86 -19.06
C PRO I 308 25.58 10.22 -19.18
N VAL I 309 25.80 11.13 -18.25
CA VAL I 309 25.07 12.42 -18.32
C VAL I 309 25.41 13.13 -19.64
N ILE I 310 26.70 13.13 -19.99
CA ILE I 310 27.15 13.41 -21.36
C ILE I 310 27.96 12.19 -21.79
N PRO I 311 27.70 11.66 -23.00
CA PRO I 311 28.54 10.53 -23.42
C PRO I 311 30.02 10.89 -23.52
N LEU I 312 30.84 9.99 -22.98
CA LEU I 312 32.28 10.15 -22.99
C LEU I 312 32.83 10.39 -24.39
N GLU I 313 32.17 9.79 -25.38
CA GLU I 313 32.55 10.03 -26.78
C GLU I 313 32.59 11.52 -27.11
N PHE I 314 31.74 12.29 -26.44
CA PHE I 314 31.64 13.73 -26.73
C PHE I 314 32.44 14.62 -25.79
N ALA I 315 33.44 14.06 -25.10
CA ALA I 315 34.29 14.88 -24.20
C ALA I 315 34.90 16.10 -24.89
N THR I 316 35.35 15.93 -26.14
CA THR I 316 35.95 17.05 -26.87
C THR I 316 34.92 18.11 -27.25
N VAL I 317 33.68 17.67 -27.51
CA VAL I 317 32.59 18.57 -27.86
C VAL I 317 32.29 19.55 -26.71
N GLN I 318 32.14 18.99 -25.51
CA GLN I 318 31.90 19.81 -24.31
C GLN I 318 33.05 20.78 -24.08
N ALA I 319 34.27 20.28 -24.14
CA ALA I 319 35.45 21.12 -23.95
C ALA I 319 35.53 22.23 -25.00
N ALA I 320 35.35 21.89 -26.27
CA ALA I 320 35.39 22.87 -27.37
C ALA I 320 34.33 23.95 -27.19
N THR I 321 33.17 23.56 -26.67
CA THR I 321 32.07 24.49 -26.48
C THR I 321 32.37 25.57 -25.46
N ALA I 322 33.22 25.26 -24.49
CA ALA I 322 33.60 26.25 -23.46
C ALA I 322 34.35 27.47 -24.04
N ARG I 324 33.15 29.28 -26.24
CA ARG I 324 32.08 30.29 -26.36
C ARG I 324 31.89 31.06 -25.06
N TYR I 325 32.53 30.59 -23.98
CA TYR I 325 32.31 31.13 -22.64
C TYR I 325 33.64 31.46 -21.95
N GLY I 326 34.56 32.01 -22.72
CA GLY I 326 35.81 32.57 -22.19
C GLY I 326 36.99 31.63 -21.98
N ALA I 327 36.79 30.33 -22.18
CA ALA I 327 37.89 29.38 -21.97
C ALA I 327 38.84 29.31 -23.16
N LYS I 328 40.12 29.08 -22.88
CA LYS I 328 41.13 29.05 -23.92
C LYS I 328 41.49 27.60 -24.26
N GLU I 329 41.76 27.37 -25.54
CA GLU I 329 42.16 26.06 -26.07
C GLU I 329 43.23 25.32 -25.25
N GLU I 330 44.31 26.01 -24.89
CA GLU I 330 45.44 25.42 -24.17
C GLU I 330 45.04 24.88 -22.80
N ASP I 331 44.31 25.69 -22.04
CA ASP I 331 43.76 25.30 -20.75
C ASP I 331 42.80 24.14 -20.88
N LEU I 332 41.89 24.22 -21.86
CA LEU I 332 40.88 23.16 -22.09
C LEU I 332 41.51 21.79 -22.33
N LEU I 333 42.57 21.75 -23.12
CA LEU I 333 43.36 20.51 -23.29
C LEU I 333 43.99 20.02 -21.98
N LYS I 334 44.40 20.96 -21.13
CA LYS I 334 45.06 20.63 -19.86
C LYS I 334 44.09 19.94 -18.89
N ILE I 335 42.84 20.42 -18.89
CA ILE I 335 41.81 19.92 -17.97
C ILE I 335 41.22 18.59 -18.43
N LEU I 336 41.66 18.11 -19.58
CA LEU I 336 41.32 16.79 -20.08
C LEU I 336 42.49 15.83 -20.01
N THR I 337 43.67 16.34 -19.65
CA THR I 337 44.91 15.56 -19.70
C THR I 337 45.74 15.60 -18.41
N VAL I 338 46.62 16.60 -18.27
CA VAL I 338 47.55 16.65 -17.13
C VAL I 338 46.88 16.94 -15.79
N ASN I 339 45.90 17.85 -15.80
CA ASN I 339 45.11 18.15 -14.59
C ASN I 339 44.34 16.94 -14.05
N PRO I 340 43.49 16.29 -14.88
CA PRO I 340 42.90 15.07 -14.32
C PRO I 340 43.95 14.07 -13.82
N ALA I 341 45.08 13.97 -14.52
CA ALA I 341 46.12 13.00 -14.15
C ALA I 341 46.74 13.32 -12.80
N LYS I 342 46.99 14.60 -12.55
CA LYS I 342 47.44 15.07 -11.23
C LYS I 342 46.39 14.83 -10.12
N ILE I 343 45.13 15.22 -10.37
CA ILE I 343 44.05 15.03 -9.40
C ILE I 343 43.92 13.55 -9.00
N LEU I 344 44.13 12.63 -9.96
CA LEU I 344 44.09 11.19 -9.71
C LEU I 344 45.39 10.63 -9.15
N GLY I 345 46.40 11.48 -9.01
CA GLY I 345 47.71 11.08 -8.52
C GLY I 345 48.43 10.20 -9.53
N LEU I 346 48.22 10.48 -10.82
CA LEU I 346 48.84 9.68 -11.88
C LEU I 346 49.67 10.48 -12.91
N GLU I 347 50.09 11.69 -12.52
CA GLU I 347 50.90 12.60 -13.36
C GLU I 347 52.19 12.00 -13.93
N ASP I 348 52.73 10.96 -13.29
CA ASP I 348 53.97 10.36 -13.75
C ASP I 348 53.72 9.19 -14.71
N ARG I 349 52.45 8.88 -14.97
CA ARG I 349 52.11 7.81 -15.90
C ARG I 349 51.31 8.25 -17.13
N ILE I 350 50.37 9.16 -16.94
CA ILE I 350 49.45 9.53 -18.01
C ILE I 350 49.25 11.05 -18.13
N GLY I 351 48.62 11.47 -19.22
CA GLY I 351 48.19 12.87 -19.38
C GLY I 351 49.10 13.75 -20.21
N SER I 352 50.24 13.21 -20.65
CA SER I 352 51.17 14.01 -21.46
C SER I 352 52.11 13.12 -22.25
N ILE I 353 52.69 13.67 -23.31
CA ILE I 353 53.63 12.93 -24.12
C ILE I 353 55.04 13.32 -23.69
N GLU I 354 55.58 12.50 -22.80
CA GLU I 354 56.89 12.69 -22.22
C GLU I 354 57.56 11.33 -22.09
N PRO I 355 58.91 11.27 -22.23
CA PRO I 355 59.65 10.02 -22.05
C PRO I 355 59.41 9.41 -20.67
N GLY I 356 59.23 8.09 -20.62
CA GLY I 356 58.94 7.40 -19.37
C GLY I 356 57.46 7.18 -19.09
N LYS I 357 56.61 8.04 -19.65
CA LYS I 357 55.17 7.96 -19.44
C LYS I 357 54.53 6.89 -20.32
N ASP I 358 53.37 6.40 -19.88
CA ASP I 358 52.62 5.35 -20.59
C ASP I 358 52.32 5.83 -21.99
N ALA I 359 52.44 4.95 -22.96
CA ALA I 359 52.15 5.28 -24.35
C ALA I 359 50.64 5.16 -24.67
N ASP I 360 49.87 6.09 -24.12
CA ASP I 360 48.44 6.23 -24.43
C ASP I 360 48.30 7.42 -25.36
N LEU I 361 48.11 7.13 -26.64
CA LEU I 361 48.20 8.17 -27.66
C LEU I 361 47.03 8.07 -28.63
N VAL I 362 46.57 9.22 -29.12
CA VAL I 362 45.44 9.27 -30.03
C VAL I 362 45.85 10.03 -31.28
N VAL I 363 45.70 9.39 -32.43
CA VAL I 363 45.87 10.02 -33.73
C VAL I 363 44.57 10.67 -34.17
N TRP I 364 44.56 12.00 -34.22
CA TRP I 364 43.44 12.78 -34.71
C TRP I 364 43.71 13.24 -36.14
N SER I 365 42.65 13.40 -36.93
CA SER I 365 42.78 13.89 -38.30
C SER I 365 42.95 15.41 -38.35
N GLY I 366 42.68 16.07 -37.23
CA GLY I 366 42.86 17.51 -37.08
C GLY I 366 42.74 17.82 -35.61
N HIS I 367 42.61 19.10 -35.27
CA HIS I 367 42.47 19.50 -33.88
C HIS I 367 41.20 18.90 -33.23
N PRO I 368 41.35 18.32 -32.02
CA PRO I 368 40.19 17.74 -31.31
C PRO I 368 39.02 18.72 -31.10
N PHE I 369 39.31 20.02 -31.04
CA PHE I 369 38.26 21.03 -30.82
C PHE I 369 37.61 21.59 -32.11
N ASP I 370 38.03 21.06 -33.25
CA ASP I 370 37.41 21.39 -34.52
C ASP I 370 36.43 20.26 -34.76
N LYS I 372 35.13 19.15 -37.23
CA LYS I 372 35.42 18.33 -38.40
C LYS I 372 36.42 17.17 -38.11
N SER I 373 37.20 17.30 -37.04
CA SER I 373 38.23 16.29 -36.71
C SER I 373 37.64 14.99 -36.18
N VAL I 374 38.27 13.87 -36.54
CA VAL I 374 37.88 12.56 -36.00
C VAL I 374 39.10 11.80 -35.47
N VAL I 375 38.85 10.77 -34.66
CA VAL I 375 39.91 9.88 -34.16
C VAL I 375 40.17 8.79 -35.19
N GLU I 376 41.44 8.63 -35.58
CA GLU I 376 41.85 7.60 -36.54
C GLU I 376 42.42 6.37 -35.86
N ARG I 377 43.17 6.58 -34.78
CA ARG I 377 43.79 5.48 -34.01
C ARG I 377 43.94 5.85 -32.55
N VAL I 378 43.91 4.83 -31.70
CA VAL I 378 44.12 5.00 -30.25
C VAL I 378 45.05 3.89 -29.81
N TYR I 379 46.10 4.29 -29.09
CA TYR I 379 47.01 3.34 -28.46
C TYR I 379 46.91 3.51 -26.96
N ILE I 380 46.89 2.37 -26.27
CA ILE I 380 47.00 2.36 -24.82
C ILE I 380 48.15 1.43 -24.45
N ASP I 381 49.09 1.94 -23.65
CA ASP I 381 50.34 1.23 -23.34
C ASP I 381 51.02 0.69 -24.61
N GLY I 382 51.05 1.53 -25.65
CA GLY I 382 51.68 1.18 -26.93
C GLY I 382 51.03 0.06 -27.75
N VAL I 383 49.79 -0.30 -27.39
CA VAL I 383 49.01 -1.29 -28.14
C VAL I 383 47.76 -0.63 -28.72
N GLU I 384 47.57 -0.79 -30.03
CA GLU I 384 46.41 -0.28 -30.73
C GLU I 384 45.13 -0.91 -30.14
N VAL I 385 44.21 -0.05 -29.74
CA VAL I 385 42.95 -0.52 -29.19
C VAL I 385 41.79 -0.09 -30.08
N PHE I 386 42.06 0.82 -31.02
CA PHE I 386 41.01 1.39 -31.89
C PHE I 386 41.55 1.90 -33.22
N ARG I 387 40.77 1.68 -34.28
CA ARG I 387 41.11 2.11 -35.63
C ARG I 387 39.82 2.49 -36.36
N ARG I 388 39.80 3.71 -36.93
CA ARG I 388 38.60 4.24 -37.60
C ARG I 388 38.12 3.38 -38.78
N LYS J 6 24.55 -61.27 -7.55
CA LYS J 6 25.52 -61.19 -8.69
C LYS J 6 24.80 -61.12 -10.06
N ILE J 7 25.11 -60.07 -10.83
CA ILE J 7 24.44 -59.84 -12.11
C ILE J 7 25.47 -59.77 -13.25
N LEU J 8 25.26 -60.58 -14.28
CA LEU J 8 26.15 -60.58 -15.46
C LEU J 8 25.39 -60.14 -16.71
N PHE J 9 25.67 -58.92 -17.16
CA PHE J 9 25.13 -58.38 -18.40
C PHE J 9 25.95 -58.88 -19.58
N LYS J 10 25.28 -59.45 -20.58
CA LYS J 10 25.96 -60.12 -21.70
C LYS J 10 25.67 -59.49 -23.04
N ASN J 11 26.73 -59.34 -23.84
CA ASN J 11 26.65 -59.00 -25.27
C ASN J 11 26.03 -57.63 -25.66
N ALA J 12 26.05 -56.68 -24.73
CA ALA J 12 25.66 -55.31 -25.08
C ALA J 12 26.79 -54.61 -25.83
N THR J 13 26.48 -53.52 -26.53
CA THR J 13 27.51 -52.55 -26.89
C THR J 13 27.78 -51.72 -25.61
N VAL J 14 28.95 -51.93 -25.01
CA VAL J 14 29.30 -51.30 -23.75
C VAL J 14 30.05 -50.01 -24.01
N PHE J 15 29.61 -48.95 -23.34
CA PHE J 15 30.26 -47.63 -23.39
C PHE J 15 30.83 -47.27 -22.01
N PRO J 16 32.10 -47.63 -21.75
CA PRO J 16 32.71 -47.36 -20.45
C PRO J 16 33.10 -45.90 -20.26
N ILE J 17 33.08 -45.13 -21.35
CA ILE J 17 33.47 -43.70 -21.40
C ILE J 17 34.97 -43.46 -21.27
N THR J 18 35.61 -44.04 -20.24
CA THR J 18 37.05 -43.88 -20.02
C THR J 18 37.90 -44.55 -21.12
N SER J 19 37.28 -45.48 -21.84
CA SER J 19 37.86 -46.09 -23.04
C SER J 19 36.77 -46.23 -24.09
N ARG J 20 37.15 -46.66 -25.30
CA ARG J 20 36.22 -46.70 -26.44
C ARG J 20 35.18 -47.84 -26.31
N PRO J 21 34.00 -47.70 -26.97
CA PRO J 21 32.95 -48.73 -26.94
C PRO J 21 33.33 -50.04 -27.61
N PHE J 22 32.89 -51.15 -27.02
CA PHE J 22 33.19 -52.49 -27.50
C PHE J 22 31.95 -53.37 -27.27
N LYS J 23 31.83 -54.43 -28.05
CA LYS J 23 30.83 -55.46 -27.82
C LYS J 23 31.38 -56.40 -26.76
N GLY J 24 30.65 -56.56 -25.65
CA GLY J 24 31.17 -57.30 -24.51
C GLY J 24 30.27 -57.32 -23.29
N ASP J 25 30.84 -57.69 -22.15
CA ASP J 25 30.04 -57.99 -20.96
C ASP J 25 30.43 -57.14 -19.76
N VAL J 26 29.51 -57.08 -18.78
CA VAL J 26 29.79 -56.42 -17.50
C VAL J 26 29.26 -57.28 -16.34
N LEU J 27 30.12 -57.48 -15.34
CA LEU J 27 29.78 -58.25 -14.13
C LEU J 27 29.60 -57.34 -12.92
N VAL J 28 28.50 -57.52 -12.20
CA VAL J 28 28.16 -56.68 -11.05
C VAL J 28 28.08 -57.51 -9.77
N SER J 29 28.70 -57.02 -8.71
CA SER J 29 28.62 -57.64 -7.39
C SER J 29 28.84 -56.61 -6.29
N ASN J 30 28.13 -56.79 -5.17
CA ASN J 30 28.22 -55.87 -4.04
C ASN J 30 28.09 -54.41 -4.48
N GLY J 31 27.04 -54.11 -5.23
CA GLY J 31 26.75 -52.76 -5.68
C GLY J 31 27.77 -52.11 -6.61
N LYS J 32 28.78 -52.89 -7.02
CA LYS J 32 29.88 -52.37 -7.84
C LYS J 32 30.10 -53.13 -9.15
N VAL J 33 30.75 -52.47 -10.10
CA VAL J 33 31.27 -53.11 -11.29
C VAL J 33 32.49 -53.97 -10.91
N GLU J 34 32.33 -55.30 -10.97
CA GLU J 34 33.45 -56.22 -10.71
C GLU J 34 34.33 -56.39 -11.94
N LYS J 35 33.72 -56.75 -13.07
CA LYS J 35 34.48 -56.99 -14.29
C LYS J 35 33.87 -56.34 -15.52
N VAL J 36 34.76 -55.84 -16.37
CA VAL J 36 34.42 -55.23 -17.65
C VAL J 36 35.38 -55.78 -18.66
N GLY J 37 34.87 -56.56 -19.62
CA GLY J 37 35.72 -57.16 -20.65
C GLY J 37 34.98 -57.81 -21.79
N GLU J 38 35.73 -58.33 -22.74
CA GLU J 38 35.19 -58.88 -23.98
C GLU J 38 34.30 -60.11 -23.76
N ASN J 39 34.72 -61.01 -22.89
CA ASN J 39 33.96 -62.22 -22.59
C ASN J 39 34.08 -62.56 -21.11
N ILE J 40 32.96 -62.59 -20.41
CA ILE J 40 32.95 -62.87 -18.98
C ILE J 40 32.03 -64.05 -18.65
N GLU J 41 32.56 -64.98 -17.85
CA GLU J 41 31.83 -66.17 -17.42
C GLU J 41 31.73 -66.21 -15.89
N ASP J 42 30.52 -66.52 -15.40
CA ASP J 42 30.29 -66.70 -13.96
C ASP J 42 29.10 -67.65 -13.75
N PRO J 43 29.35 -68.80 -13.09
CA PRO J 43 28.36 -69.87 -12.93
C PRO J 43 27.13 -69.47 -12.12
N ASP J 44 27.31 -68.56 -11.16
CA ASP J 44 26.26 -68.19 -10.19
C ASP J 44 25.63 -66.83 -10.42
N ALA J 45 26.11 -66.10 -11.43
CA ALA J 45 25.57 -64.79 -11.79
C ALA J 45 24.25 -64.94 -12.53
N GLU J 46 23.30 -64.08 -12.18
CA GLU J 46 22.05 -64.01 -12.94
C GLU J 46 22.38 -63.38 -14.29
N ILE J 47 21.93 -64.04 -15.35
CA ILE J 47 22.24 -63.62 -16.71
C ILE J 47 21.18 -62.67 -17.24
N VAL J 48 21.62 -61.52 -17.75
CA VAL J 48 20.75 -60.56 -18.42
C VAL J 48 21.22 -60.42 -19.86
N ASP J 49 20.40 -60.89 -20.79
CA ASP J 49 20.73 -60.88 -22.21
C ASP J 49 20.60 -59.48 -22.81
N LEU J 50 21.72 -58.81 -23.04
CA LEU J 50 21.70 -57.44 -23.58
C LEU J 50 22.04 -57.35 -25.07
N THR J 51 21.85 -58.46 -25.79
CA THR J 51 22.07 -58.50 -27.23
C THR J 51 21.30 -57.40 -27.96
N GLY J 52 22.02 -56.58 -28.72
CA GLY J 52 21.40 -55.51 -29.50
C GLY J 52 21.09 -54.28 -28.67
N LYS J 53 21.54 -54.27 -27.42
CA LYS J 53 21.30 -53.12 -26.52
C LYS J 53 22.57 -52.32 -26.26
N PHE J 54 22.40 -51.19 -25.57
CA PHE J 54 23.51 -50.28 -25.28
C PHE J 54 23.61 -50.06 -23.79
N LEU J 55 24.77 -50.34 -23.23
CA LEU J 55 24.99 -50.26 -21.78
C LEU J 55 25.86 -49.06 -21.44
N PHE J 56 25.27 -48.10 -20.72
CA PHE J 56 25.95 -46.85 -20.36
C PHE J 56 26.03 -46.68 -18.86
N PRO J 57 27.00 -45.86 -18.38
CA PRO J 57 26.87 -45.41 -17.00
C PRO J 57 25.63 -44.52 -16.87
N GLY J 58 25.08 -44.42 -15.66
CA GLY J 58 24.02 -43.44 -15.39
C GLY J 58 24.58 -42.06 -15.63
N PHE J 59 23.78 -41.16 -16.22
CA PHE J 59 24.20 -39.77 -16.40
C PHE J 59 24.18 -38.97 -15.07
N VAL J 60 24.98 -37.92 -15.03
CA VAL J 60 25.23 -37.17 -13.80
C VAL J 60 25.08 -35.69 -14.08
N ASP J 61 24.08 -35.07 -13.45
CA ASP J 61 23.87 -33.64 -13.60
C ASP J 61 24.44 -32.88 -12.40
N ALA J 62 25.44 -32.05 -12.67
CA ALA J 62 26.23 -31.41 -11.64
C ALA J 62 25.54 -30.19 -10.97
N HIS J 63 24.32 -29.88 -11.39
CA HIS J 63 23.57 -28.74 -10.84
C HIS J 63 22.06 -28.85 -11.16
N SER J 64 21.25 -29.17 -10.15
CA SER J 64 19.82 -29.40 -10.39
C SER J 64 18.91 -28.91 -9.27
N HIS J 65 17.66 -28.60 -9.61
CA HIS J 65 16.65 -28.21 -8.61
C HIS J 65 15.52 -29.22 -8.59
N ILE J 66 15.74 -30.37 -9.23
CA ILE J 66 14.77 -31.45 -9.17
C ILE J 66 14.49 -31.83 -7.70
N GLY J 67 13.23 -32.20 -7.40
CA GLY J 67 12.84 -32.48 -6.02
C GLY J 67 12.55 -31.23 -5.21
N LEU J 68 13.15 -30.10 -5.57
CA LEU J 68 12.93 -28.84 -4.83
C LEU J 68 11.78 -28.03 -5.40
N PHE J 69 11.62 -28.11 -6.71
CA PHE J 69 10.54 -27.48 -7.45
C PHE J 69 9.67 -28.63 -7.96
N GLU J 70 8.67 -29.04 -7.18
CA GLU J 70 7.88 -30.22 -7.54
C GLU J 70 7.24 -30.01 -8.91
N GLU J 71 7.18 -31.06 -9.73
CA GLU J 71 6.56 -30.98 -11.04
C GLU J 71 5.05 -31.21 -10.97
N GLY J 72 4.30 -30.47 -11.78
CA GLY J 72 2.87 -30.70 -11.95
C GLY J 72 2.02 -30.06 -10.87
N VAL J 73 2.51 -28.96 -10.30
CA VAL J 73 1.99 -28.46 -9.05
C VAL J 73 1.85 -26.93 -8.95
N GLY J 74 2.79 -26.18 -9.53
CA GLY J 74 2.73 -24.71 -9.52
C GLY J 74 3.94 -24.06 -8.87
N TYR J 75 4.41 -22.96 -9.47
CA TYR J 75 5.59 -22.20 -9.00
C TYR J 75 5.52 -21.85 -7.52
N TYR J 76 4.31 -21.61 -7.02
CA TYR J 76 4.09 -21.18 -5.66
C TYR J 76 4.58 -22.20 -4.63
N TYR J 77 4.64 -23.47 -5.03
CA TYR J 77 5.05 -24.52 -4.10
C TYR J 77 6.57 -24.82 -4.12
N SER J 78 7.30 -24.07 -4.94
CA SER J 78 8.76 -24.27 -5.06
C SER J 78 9.49 -24.01 -3.73
N ASP J 79 10.44 -24.89 -3.44
CA ASP J 79 11.24 -24.80 -2.22
C ASP J 79 12.69 -24.42 -2.52
N GLY J 80 12.96 -23.99 -3.75
CA GLY J 80 14.34 -23.82 -4.25
C GLY J 80 15.04 -22.52 -3.92
N ASN J 81 14.28 -21.50 -3.51
CA ASN J 81 14.88 -20.22 -3.18
C ASN J 81 14.31 -19.59 -1.92
N GLU J 82 15.14 -19.47 -0.89
CA GLU J 82 14.74 -18.82 0.34
C GLU J 82 14.98 -17.31 0.16
N ALA J 83 14.11 -16.67 -0.64
CA ALA J 83 14.33 -15.31 -1.13
C ALA J 83 13.82 -14.21 -0.15
N THR J 84 14.16 -14.39 1.11
CA THR J 84 13.76 -13.47 2.18
C THR J 84 14.95 -12.94 2.96
N ASP J 85 16.16 -13.20 2.47
CA ASP J 85 17.41 -12.87 3.15
C ASP J 85 18.52 -13.12 2.12
N PRO J 86 19.29 -12.08 1.75
CA PRO J 86 20.31 -12.31 0.70
C PRO J 86 21.45 -13.27 1.09
N VAL J 87 21.53 -13.61 2.38
CA VAL J 87 22.58 -14.51 2.87
C VAL J 87 21.96 -15.67 3.65
N THR J 88 21.71 -16.79 2.97
CA THR J 88 21.19 -17.97 3.66
C THR J 88 22.08 -19.22 3.44
N PRO J 89 23.37 -19.18 3.82
CA PRO J 89 24.23 -20.37 3.66
C PRO J 89 23.84 -21.56 4.53
N HIS J 90 23.11 -21.29 5.62
CA HIS J 90 22.72 -22.33 6.58
C HIS J 90 21.62 -23.27 6.07
N VAL J 91 20.87 -22.85 5.05
CA VAL J 91 19.80 -23.73 4.55
C VAL J 91 20.37 -24.80 3.61
N LYS J 92 19.67 -25.94 3.56
CA LYS J 92 20.11 -27.11 2.82
C LYS J 92 19.06 -27.46 1.78
N ALA J 93 19.51 -27.60 0.53
CA ALA J 93 18.65 -28.17 -0.51
C ALA J 93 18.08 -29.51 -0.10
N LEU J 94 18.83 -30.24 0.70
CA LEU J 94 18.37 -31.55 1.19
C LEU J 94 17.08 -31.45 2.00
N ASP J 95 16.90 -30.29 2.64
CA ASP J 95 15.75 -30.08 3.52
C ASP J 95 14.51 -29.64 2.78
N GLY J 96 14.63 -29.40 1.48
CA GLY J 96 13.45 -29.10 0.67
C GLY J 96 13.23 -30.14 -0.42
N PHE J 97 13.98 -31.25 -0.35
CA PHE J 97 13.98 -32.25 -1.43
C PHE J 97 12.87 -33.28 -1.24
N ASN J 98 12.03 -33.39 -2.26
CA ASN J 98 10.94 -34.33 -2.26
C ASN J 98 11.27 -35.55 -3.16
N PRO J 99 11.71 -36.66 -2.56
CA PRO J 99 12.06 -37.84 -3.35
C PRO J 99 10.88 -38.43 -4.13
N GLN J 100 9.65 -37.98 -3.86
CA GLN J 100 8.45 -38.44 -4.59
C GLN J 100 8.05 -37.53 -5.75
N ASP J 101 8.82 -36.46 -5.98
CA ASP J 101 8.59 -35.59 -7.14
C ASP J 101 8.44 -36.49 -8.39
N PRO J 102 7.33 -36.34 -9.14
CA PRO J 102 7.18 -37.18 -10.33
C PRO J 102 8.26 -36.92 -11.40
N ALA J 103 9.01 -35.81 -11.28
CA ALA J 103 10.10 -35.54 -12.24
C ALA J 103 11.23 -36.55 -12.12
N ILE J 104 11.31 -37.20 -10.97
CA ILE J 104 12.43 -38.11 -10.69
C ILE J 104 12.35 -39.40 -11.52
N GLU J 105 11.18 -40.04 -11.50
CA GLU J 105 10.92 -41.21 -12.33
C GLU J 105 11.15 -40.90 -13.81
N ARG J 106 10.81 -39.67 -14.21
CA ARG J 106 11.05 -39.18 -15.57
C ARG J 106 12.54 -38.99 -15.88
N ALA J 107 13.31 -38.53 -14.90
CA ALA J 107 14.77 -38.40 -15.01
C ALA J 107 15.44 -39.77 -15.16
N LEU J 108 14.94 -40.75 -14.42
CA LEU J 108 15.44 -42.13 -14.54
C LEU J 108 15.20 -42.66 -15.96
N ALA J 109 13.98 -42.42 -16.46
CA ALA J 109 13.61 -42.75 -17.85
C ALA J 109 14.49 -42.02 -18.88
N GLY J 110 15.20 -40.99 -18.43
CA GLY J 110 16.13 -40.25 -19.31
C GLY J 110 17.58 -40.66 -19.11
N GLY J 111 17.79 -41.64 -18.24
CA GLY J 111 19.11 -42.23 -18.04
C GLY J 111 19.95 -41.51 -17.00
N VAL J 112 19.33 -40.63 -16.23
CA VAL J 112 20.04 -39.84 -15.20
C VAL J 112 19.91 -40.50 -13.83
N THR J 113 21.05 -40.74 -13.17
CA THR J 113 21.05 -41.50 -11.92
C THR J 113 21.53 -40.69 -10.72
N SER J 114 22.43 -39.73 -10.94
CA SER J 114 23.02 -38.92 -9.86
C SER J 114 22.95 -37.45 -10.20
N VAL J 115 22.65 -36.64 -9.20
CA VAL J 115 22.58 -35.19 -9.36
C VAL J 115 23.09 -34.43 -8.12
N ILE J 117 21.71 -31.62 -6.05
CA ILE J 117 20.58 -30.72 -5.76
C ILE J 117 21.10 -29.51 -5.02
N VAL J 118 20.59 -28.35 -5.38
CA VAL J 118 21.17 -27.10 -4.93
C VAL J 118 20.11 -26.01 -4.94
N PRO J 119 20.24 -24.99 -4.07
CA PRO J 119 19.35 -23.81 -4.12
C PRO J 119 19.53 -23.09 -5.45
N GLY J 120 18.53 -22.28 -5.83
CA GLY J 120 18.59 -21.50 -7.07
C GLY J 120 19.49 -20.28 -6.97
N SER J 121 19.16 -19.24 -7.72
CA SER J 121 20.07 -18.08 -7.81
C SER J 121 19.46 -16.76 -7.29
N ALA J 122 18.40 -16.85 -6.50
CA ALA J 122 17.79 -15.65 -5.88
C ALA J 122 18.77 -14.92 -4.94
N ASN J 123 19.59 -15.67 -4.22
CA ASN J 123 20.42 -15.10 -3.15
C ASN J 123 21.91 -14.99 -3.51
N PRO J 124 22.54 -13.85 -3.16
CA PRO J 124 23.98 -13.79 -3.25
C PRO J 124 24.64 -15.01 -2.60
N VAL J 125 24.15 -15.40 -1.41
CA VAL J 125 24.59 -16.63 -0.76
C VAL J 125 23.37 -17.49 -0.50
N GLY J 126 23.25 -18.61 -1.23
CA GLY J 126 21.98 -19.30 -1.34
C GLY J 126 21.73 -20.47 -0.41
N GLY J 127 22.80 -21.18 -0.05
CA GLY J 127 22.63 -22.39 0.73
C GLY J 127 23.41 -23.57 0.20
N GLN J 128 23.22 -24.71 0.85
CA GLN J 128 24.07 -25.87 0.62
C GLN J 128 23.48 -26.82 -0.39
N GLY J 129 24.34 -27.37 -1.22
CA GLY J 129 23.97 -28.43 -2.17
C GLY J 129 24.39 -29.81 -1.68
N SER J 130 23.75 -30.84 -2.22
CA SER J 130 24.10 -32.22 -1.87
C SER J 130 24.08 -33.08 -3.13
N VAL J 131 24.98 -34.05 -3.21
CA VAL J 131 24.95 -35.05 -4.27
C VAL J 131 24.11 -36.24 -3.79
N ILE J 132 23.11 -36.59 -4.60
CA ILE J 132 22.22 -37.69 -4.29
C ILE J 132 22.05 -38.58 -5.51
N LYS J 133 21.69 -39.85 -5.29
CA LYS J 133 21.24 -40.74 -6.35
C LYS J 133 19.74 -40.97 -6.15
N PHE J 134 19.03 -41.26 -7.24
CA PHE J 134 17.59 -41.45 -7.14
C PHE J 134 17.28 -42.89 -6.72
N ARG J 135 17.75 -43.30 -5.54
CA ARG J 135 17.66 -44.71 -5.16
C ARG J 135 16.60 -45.09 -4.13
N SER J 136 16.00 -44.10 -3.48
CA SER J 136 15.08 -44.34 -2.38
C SER J 136 14.10 -43.19 -2.26
N ILE J 137 12.96 -43.45 -1.62
CA ILE J 137 12.02 -42.38 -1.30
C ILE J 137 12.39 -41.67 0.01
N ILE J 138 13.44 -42.14 0.67
CA ILE J 138 13.97 -41.52 1.88
C ILE J 138 15.24 -40.77 1.53
N VAL J 139 15.25 -39.47 1.77
CA VAL J 139 16.36 -38.64 1.27
C VAL J 139 17.73 -39.07 1.85
N GLU J 140 17.74 -39.41 3.14
CA GLU J 140 18.96 -39.81 3.86
C GLU J 140 19.68 -40.96 3.14
N GLU J 141 18.89 -41.86 2.58
CA GLU J 141 19.40 -43.00 1.84
C GLU J 141 19.87 -42.65 0.44
N CYS J 142 19.40 -41.53 -0.10
CA CYS J 142 19.84 -41.02 -1.40
C CYS J 142 21.21 -40.34 -1.38
N ILE J 143 21.65 -39.90 -0.20
CA ILE J 143 22.90 -39.09 -0.06
C ILE J 143 24.15 -39.80 -0.53
N VAL J 144 24.90 -39.14 -1.42
CA VAL J 144 26.26 -39.56 -1.74
C VAL J 144 27.23 -38.64 -0.99
N LYS J 145 26.99 -37.33 -1.05
CA LYS J 145 27.92 -36.37 -0.45
C LYS J 145 27.16 -35.14 0.06
N ASP J 146 27.21 -34.94 1.38
CA ASP J 146 26.46 -33.88 2.02
C ASP J 146 27.21 -33.32 3.22
N PRO J 147 27.49 -32.00 3.20
CA PRO J 147 27.23 -31.08 2.09
C PRO J 147 28.23 -31.22 0.94
N ALA J 148 27.87 -30.73 -0.25
CA ALA J 148 28.72 -30.86 -1.42
C ALA J 148 29.24 -29.50 -1.90
N GLY J 149 28.61 -28.42 -1.46
CA GLY J 149 29.04 -27.09 -1.87
C GLY J 149 28.14 -26.00 -1.35
N LEU J 150 28.60 -24.75 -1.48
CA LEU J 150 27.84 -23.60 -1.05
C LEU J 150 27.48 -22.77 -2.27
N LYS J 151 26.18 -22.64 -2.53
CA LYS J 151 25.70 -21.94 -3.72
C LYS J 151 25.73 -20.44 -3.51
N ALA J 153 25.40 -16.54 -5.94
CA ALA J 153 24.91 -16.02 -7.22
C ALA J 153 25.30 -14.58 -7.50
N PHE J 154 25.71 -14.34 -8.74
CA PHE J 154 26.00 -13.03 -9.28
C PHE J 154 25.08 -12.70 -10.45
N GLY J 155 25.17 -11.46 -10.88
CA GLY J 155 24.45 -10.98 -12.05
C GLY J 155 23.05 -10.51 -11.75
N GLU J 156 22.20 -10.55 -12.76
CA GLU J 156 20.85 -9.97 -12.69
C GLU J 156 19.95 -10.55 -11.58
N ASN J 157 19.99 -11.85 -11.34
CA ASN J 157 19.02 -12.49 -10.42
C ASN J 157 19.05 -11.97 -8.97
N PRO J 158 20.23 -11.98 -8.31
CA PRO J 158 20.20 -11.50 -6.92
C PRO J 158 19.82 -10.03 -6.82
N LYS J 159 20.31 -9.18 -7.73
CA LYS J 159 19.99 -7.75 -7.66
C LYS J 159 18.53 -7.46 -8.03
N ARG J 160 17.91 -8.31 -8.86
CA ARG J 160 16.48 -8.14 -9.18
C ARG J 160 15.62 -8.48 -7.95
N VAL J 161 15.87 -9.65 -7.36
CA VAL J 161 15.14 -10.11 -6.16
C VAL J 161 15.17 -9.10 -5.00
N TYR J 162 16.38 -8.67 -4.63
CA TYR J 162 16.54 -7.74 -3.50
C TYR J 162 16.21 -6.29 -3.83
N GLY J 163 16.56 -5.84 -5.04
CA GLY J 163 16.07 -4.56 -5.57
C GLY J 163 14.54 -4.43 -5.47
N GLU J 164 13.83 -5.46 -5.93
CA GLU J 164 12.37 -5.54 -5.80
C GLU J 164 11.93 -5.36 -4.34
N ARG J 165 12.69 -5.92 -3.40
CA ARG J 165 12.41 -5.80 -1.97
C ARG J 165 12.93 -4.48 -1.37
N LYS J 166 13.55 -3.64 -2.21
CA LYS J 166 14.14 -2.36 -1.79
C LYS J 166 15.22 -2.57 -0.72
N GLN J 167 16.03 -3.60 -0.94
CA GLN J 167 16.99 -4.09 0.05
C GLN J 167 18.33 -4.36 -0.65
N THR J 168 19.44 -4.25 0.07
CA THR J 168 20.74 -4.62 -0.46
C THR J 168 20.77 -6.14 -0.76
N PRO J 169 21.25 -6.58 -1.96
CA PRO J 169 21.82 -5.81 -3.08
C PRO J 169 20.82 -5.44 -4.17
N SER J 170 20.91 -4.22 -4.68
CA SER J 170 20.15 -3.81 -5.86
C SER J 170 21.07 -3.59 -7.09
N THR J 171 22.37 -3.78 -6.90
CA THR J 171 23.36 -3.60 -7.97
C THR J 171 24.40 -4.72 -7.87
N ARG J 172 25.13 -4.95 -8.95
CA ARG J 172 26.30 -5.85 -8.95
C ARG J 172 27.34 -5.44 -7.90
N GLY J 174 26.76 -4.09 -5.03
CA GLY J 174 26.16 -4.56 -3.78
C GLY J 174 26.28 -6.06 -3.61
N THR J 175 26.11 -6.82 -4.71
CA THR J 175 26.07 -8.28 -4.62
C THR J 175 27.45 -8.78 -4.17
N ALA J 176 28.50 -8.24 -4.79
CA ALA J 176 29.85 -8.60 -4.42
C ALA J 176 30.10 -8.13 -2.98
N GLY J 177 29.62 -6.93 -2.64
CA GLY J 177 29.74 -6.37 -1.28
C GLY J 177 29.14 -7.29 -0.23
N VAL J 178 27.94 -7.79 -0.52
CA VAL J 178 27.27 -8.74 0.36
C VAL J 178 28.12 -9.98 0.64
N ILE J 179 28.72 -10.52 -0.42
CA ILE J 179 29.47 -11.75 -0.30
C ILE J 179 30.80 -11.50 0.41
N ARG J 180 31.48 -10.42 0.05
CA ARG J 180 32.73 -10.04 0.72
C ARG J 180 32.53 -9.87 2.22
N ASP J 181 31.46 -9.17 2.58
CA ASP J 181 31.13 -8.88 3.97
C ASP J 181 30.90 -10.19 4.75
N TYR J 182 30.17 -11.11 4.13
CA TYR J 182 29.91 -12.42 4.72
C TYR J 182 31.20 -13.16 5.07
N PHE J 183 32.11 -13.25 4.12
CA PHE J 183 33.35 -13.99 4.37
C PHE J 183 34.30 -13.24 5.32
N THR J 184 34.21 -11.92 5.35
CA THR J 184 34.92 -11.18 6.39
C THR J 184 34.45 -11.65 7.78
N LYS J 185 33.13 -11.79 7.93
CA LYS J 185 32.53 -12.30 9.17
C LYS J 185 32.97 -13.72 9.49
N VAL J 186 33.05 -14.56 8.47
CA VAL J 186 33.51 -15.93 8.64
C VAL J 186 34.94 -15.99 9.18
N LYS J 187 35.80 -15.10 8.69
CA LYS J 187 37.17 -15.00 9.19
C LYS J 187 37.23 -14.56 10.65
N ASN J 188 36.47 -13.51 10.99
CA ASN J 188 36.33 -13.09 12.39
C ASN J 188 35.91 -14.26 13.28
N TYR J 189 34.88 -14.97 12.84
CA TYR J 189 34.33 -16.10 13.57
C TYR J 189 35.40 -17.17 13.85
N LYS J 191 38.67 -16.80 13.98
CA LYS J 191 39.60 -16.25 14.94
C LYS J 191 39.05 -16.38 16.37
N LYS J 192 37.76 -16.08 16.54
CA LYS J 192 37.12 -16.21 17.85
C LYS J 192 37.18 -17.65 18.37
N LYS J 193 36.91 -18.61 17.49
CA LYS J 193 37.10 -20.02 17.80
C LYS J 193 38.52 -20.31 18.27
N GLU J 194 39.52 -19.72 17.60
CA GLU J 194 40.91 -19.97 17.97
C GLU J 194 41.28 -19.35 19.32
N LEU J 195 40.87 -18.10 19.55
CA LEU J 195 40.99 -17.48 20.86
C LEU J 195 40.42 -18.39 21.96
N ALA J 196 39.20 -18.88 21.79
CA ALA J 196 38.54 -19.70 22.81
C ALA J 196 39.29 -21.01 23.08
N GLN J 197 39.78 -21.63 22.02
CA GLN J 197 40.52 -22.88 22.07
C GLN J 197 41.89 -22.71 22.73
N LYS J 198 42.55 -21.59 22.45
CA LYS J 198 43.82 -21.28 23.09
C LYS J 198 43.63 -20.87 24.56
N GLU J 199 42.50 -20.24 24.87
CA GLU J 199 42.17 -19.83 26.25
C GLU J 199 41.66 -21.00 27.08
N GLY J 200 41.47 -22.17 26.44
CA GLY J 200 40.92 -23.35 27.11
C GLY J 200 39.48 -23.17 27.60
N LYS J 201 38.68 -22.41 26.84
CA LYS J 201 37.26 -22.23 27.12
C LYS J 201 36.43 -22.79 25.99
N GLU J 202 35.24 -23.30 26.30
CA GLU J 202 34.33 -23.72 25.25
C GLU J 202 33.83 -22.49 24.48
N PHE J 203 33.74 -22.65 23.16
CA PHE J 203 33.16 -21.64 22.28
C PHE J 203 31.65 -21.58 22.48
N THR J 204 31.12 -20.39 22.76
CA THR J 204 29.68 -20.27 23.08
C THR J 204 28.91 -19.53 21.99
N GLU J 205 29.55 -19.29 20.85
CA GLU J 205 28.93 -18.48 19.79
C GLU J 205 28.79 -19.19 18.43
N THR J 206 28.59 -20.50 18.47
CA THR J 206 28.38 -21.28 17.25
C THR J 206 27.23 -20.65 16.45
N ASP J 207 27.45 -20.54 15.16
CA ASP J 207 26.50 -19.91 14.25
C ASP J 207 26.48 -20.76 13.00
N LEU J 208 25.29 -21.24 12.62
CA LEU J 208 25.16 -22.12 11.45
C LEU J 208 25.66 -21.48 10.18
N LYS J 209 25.34 -20.20 10.00
CA LYS J 209 25.74 -19.49 8.79
C LYS J 209 27.27 -19.38 8.73
N GLU J 211 29.46 -21.44 10.28
CA GLU J 211 30.05 -22.78 10.17
C GLU J 211 30.24 -23.21 8.73
N VAL J 212 29.22 -22.98 7.90
CA VAL J 212 29.29 -23.34 6.46
C VAL J 212 30.35 -22.51 5.76
N GLY J 213 30.42 -21.22 6.07
CA GLY J 213 31.47 -20.36 5.51
C GLY J 213 32.87 -20.87 5.84
N GLU J 214 33.00 -21.46 7.01
CA GLU J 214 34.29 -21.96 7.47
C GLU J 214 34.68 -23.21 6.67
N VAL J 216 33.94 -23.69 3.62
CA VAL J 216 34.37 -23.17 2.34
C VAL J 216 35.81 -22.60 2.44
N LEU J 217 36.06 -21.76 3.44
CA LEU J 217 37.40 -21.21 3.65
C LEU J 217 38.47 -22.26 3.95
N ARG J 218 38.06 -23.37 4.56
CA ARG J 218 38.97 -24.48 4.86
C ARG J 218 39.08 -25.46 3.69
N LYS J 219 38.42 -25.13 2.56
CA LYS J 219 38.46 -25.94 1.33
C LYS J 219 37.88 -27.34 1.52
N LYS J 220 36.93 -27.46 2.45
CA LYS J 220 36.24 -28.74 2.65
C LYS J 220 35.23 -28.94 1.53
N ILE J 221 34.62 -27.84 1.10
CA ILE J 221 33.64 -27.84 0.04
C ILE J 221 33.88 -26.63 -0.85
N PRO J 222 33.53 -26.75 -2.15
CA PRO J 222 33.69 -25.63 -3.05
C PRO J 222 32.51 -24.64 -2.99
N ALA J 223 32.79 -23.39 -3.35
CA ALA J 223 31.77 -22.43 -3.70
C ALA J 223 31.22 -22.80 -5.08
N ARG J 224 29.89 -22.80 -5.22
CA ARG J 224 29.28 -23.10 -6.51
C ARG J 224 28.63 -21.79 -6.97
N HIS J 226 27.03 -19.03 -9.40
CA HIS J 226 26.15 -18.76 -10.55
C HIS J 226 26.57 -17.43 -11.18
N ALA J 227 26.95 -17.48 -12.45
CA ALA J 227 27.38 -16.29 -13.19
C ALA J 227 27.25 -16.47 -14.70
N HIS J 228 26.76 -15.41 -15.37
CA HIS J 228 26.53 -15.46 -16.80
C HIS J 228 27.46 -14.54 -17.60
N ARG J 229 27.36 -13.25 -17.33
CA ARG J 229 28.14 -12.24 -18.05
C ARG J 229 29.61 -12.38 -17.66
N ALA J 230 30.54 -12.13 -18.59
CA ALA J 230 31.97 -12.36 -18.31
C ALA J 230 32.48 -11.63 -17.07
N ASP J 231 32.07 -10.37 -16.89
CA ASP J 231 32.52 -9.60 -15.73
C ASP J 231 32.07 -10.27 -14.42
N ASP J 232 30.86 -10.85 -14.41
CA ASP J 232 30.37 -11.60 -13.26
C ASP J 232 31.16 -12.86 -12.93
N ILE J 233 31.52 -13.62 -13.96
CA ILE J 233 32.37 -14.81 -13.78
C ILE J 233 33.73 -14.41 -13.21
N LEU J 234 34.30 -13.30 -13.71
CA LEU J 234 35.58 -12.82 -13.20
C LEU J 234 35.48 -12.25 -11.78
N THR J 235 34.35 -11.62 -11.47
CA THR J 235 34.13 -11.11 -10.11
C THR J 235 34.08 -12.25 -9.11
N ALA J 236 33.32 -13.29 -9.44
CA ALA J 236 33.31 -14.53 -8.65
C ALA J 236 34.73 -15.03 -8.40
N ILE J 237 35.54 -15.05 -9.47
CA ILE J 237 36.91 -15.55 -9.39
C ILE J 237 37.75 -14.67 -8.47
N ARG J 238 37.63 -13.35 -8.62
CA ARG J 238 38.32 -12.41 -7.71
C ARG J 238 38.04 -12.66 -6.23
N ILE J 239 36.76 -12.87 -5.89
CA ILE J 239 36.34 -13.14 -4.50
C ILE J 239 36.93 -14.46 -3.97
N ALA J 240 36.88 -15.51 -4.80
CA ALA J 240 37.44 -16.81 -4.43
C ALA J 240 38.94 -16.71 -4.11
N GLU J 241 39.67 -15.99 -4.95
CA GLU J 241 41.11 -15.82 -4.76
C GLU J 241 41.45 -14.93 -3.57
N GLU J 242 40.62 -13.91 -3.35
CA GLU J 242 40.79 -12.99 -2.24
C GLU J 242 40.65 -13.73 -0.91
N PHE J 243 39.70 -14.67 -0.82
CA PHE J 243 39.50 -15.41 0.42
C PHE J 243 40.14 -16.79 0.46
N GLY J 244 40.75 -17.21 -0.64
CA GLY J 244 41.41 -18.51 -0.76
C GLY J 244 40.48 -19.72 -0.68
N PHE J 245 39.40 -19.71 -1.47
CA PHE J 245 38.55 -20.89 -1.55
C PHE J 245 38.41 -21.46 -2.98
N ASN J 246 38.01 -22.72 -3.06
CA ASN J 246 37.78 -23.41 -4.33
C ASN J 246 36.39 -23.04 -4.87
N LEU J 247 36.27 -22.98 -6.18
CA LEU J 247 35.01 -22.59 -6.81
C LEU J 247 34.76 -23.39 -8.09
N VAL J 248 33.48 -23.47 -8.44
CA VAL J 248 33.00 -23.95 -9.73
C VAL J 248 32.13 -22.82 -10.26
N ILE J 249 32.15 -22.59 -11.57
CA ILE J 249 31.26 -21.62 -12.20
C ILE J 249 30.01 -22.34 -12.71
N GLU J 250 28.84 -21.90 -12.26
CA GLU J 250 27.54 -22.40 -12.74
C GLU J 250 27.05 -21.57 -13.91
N HIS J 251 26.64 -22.25 -14.97
CA HIS J 251 26.20 -21.68 -16.27
C HIS J 251 27.35 -21.18 -17.13
N GLY J 252 28.10 -20.22 -16.60
CA GLY J 252 29.24 -19.65 -17.32
C GLY J 252 28.91 -19.29 -18.76
N THR J 253 27.77 -18.64 -18.95
CA THR J 253 27.25 -18.32 -20.28
C THR J 253 28.27 -17.65 -21.20
N GLU J 254 29.07 -16.72 -20.65
CA GLU J 254 30.09 -16.06 -21.45
C GLU J 254 31.50 -16.55 -21.13
N ALA J 255 31.60 -17.75 -20.57
CA ALA J 255 32.91 -18.32 -20.22
C ALA J 255 33.83 -18.39 -21.44
N TYR J 256 33.23 -18.58 -22.60
CA TYR J 256 34.00 -18.73 -23.82
C TYR J 256 34.77 -17.46 -24.18
N LYS J 257 34.33 -16.33 -23.64
CA LYS J 257 34.96 -15.04 -23.92
C LYS J 257 36.26 -14.93 -23.15
N ILE J 258 36.39 -15.76 -22.11
CA ILE J 258 37.53 -15.70 -21.19
C ILE J 258 38.07 -17.11 -20.89
N SER J 259 37.93 -18.00 -21.87
CA SER J 259 38.33 -19.41 -21.71
C SER J 259 39.82 -19.58 -21.44
N LYS J 260 40.63 -18.63 -21.92
CA LYS J 260 42.08 -18.59 -21.66
C LYS J 260 42.38 -18.58 -20.15
N VAL J 261 41.77 -17.64 -19.45
CA VAL J 261 41.97 -17.46 -18.01
C VAL J 261 41.49 -18.68 -17.19
N LEU J 262 40.33 -19.20 -17.56
CA LEU J 262 39.70 -20.31 -16.87
C LEU J 262 40.52 -21.61 -17.01
N ALA J 263 41.08 -21.81 -18.20
CA ALA J 263 41.96 -22.96 -18.44
C ALA J 263 43.23 -22.87 -17.60
N GLU J 264 43.86 -21.69 -17.61
CA GLU J 264 45.09 -21.43 -16.83
C GLU J 264 44.89 -21.62 -15.34
N LYS J 265 43.75 -21.14 -14.84
CA LYS J 265 43.44 -21.22 -13.40
C LYS J 265 42.73 -22.52 -13.02
N LYS J 266 42.50 -23.38 -14.01
CA LYS J 266 41.84 -24.68 -13.79
C LYS J 266 40.48 -24.53 -13.13
N ILE J 267 39.74 -23.49 -13.47
CA ILE J 267 38.38 -23.33 -12.98
C ILE J 267 37.43 -24.17 -13.83
N PRO J 268 36.76 -25.15 -13.20
CA PRO J 268 35.75 -25.88 -13.95
C PRO J 268 34.46 -25.06 -14.15
N VAL J 269 33.75 -25.36 -15.24
CA VAL J 269 32.47 -24.72 -15.53
C VAL J 269 31.38 -25.75 -15.79
N VAL J 270 30.24 -25.60 -15.12
CA VAL J 270 29.07 -26.40 -15.46
C VAL J 270 28.20 -25.59 -16.39
N VAL J 271 28.34 -25.87 -17.69
CA VAL J 271 27.59 -25.16 -18.72
C VAL J 271 26.13 -25.66 -18.78
N GLY J 272 25.27 -24.84 -19.37
CA GLY J 272 23.83 -25.12 -19.37
C GLY J 272 23.14 -24.14 -18.43
N PRO J 273 21.81 -23.96 -18.60
CA PRO J 273 21.06 -24.60 -19.68
C PRO J 273 21.37 -23.90 -21.01
N LEU J 274 21.49 -24.70 -22.08
CA LEU J 274 21.79 -24.21 -23.42
C LEU J 274 20.60 -24.39 -24.38
N LEU J 275 19.85 -25.49 -24.25
CA LEU J 275 18.64 -25.69 -25.05
C LEU J 275 17.47 -24.89 -24.48
N THR J 276 17.55 -23.56 -24.60
CA THR J 276 16.64 -22.67 -23.87
C THR J 276 16.65 -21.25 -24.44
N PHE J 277 15.55 -20.55 -24.24
CA PHE J 277 15.39 -19.18 -24.69
C PHE J 277 16.26 -18.22 -23.86
N ARG J 278 16.84 -17.22 -24.53
CA ARG J 278 17.63 -16.19 -23.83
C ARG J 278 16.69 -15.14 -23.22
N THR J 279 16.18 -15.46 -22.04
CA THR J 279 15.15 -14.68 -21.31
C THR J 279 15.65 -13.34 -20.75
N LYS J 280 16.97 -13.21 -20.66
CA LYS J 280 17.59 -12.07 -20.01
C LYS J 280 18.68 -11.48 -20.88
N LEU J 281 18.94 -10.20 -20.63
CA LEU J 281 20.02 -9.48 -21.25
C LEU J 281 21.37 -10.20 -21.04
N GLU J 282 21.64 -10.62 -19.81
CA GLU J 282 22.90 -11.31 -19.49
C GLU J 282 23.01 -12.67 -20.19
N LEU J 283 21.92 -13.10 -20.83
CA LEU J 283 21.93 -14.34 -21.61
C LEU J 283 22.03 -14.10 -23.13
N LYS J 284 22.24 -12.84 -23.55
CA LYS J 284 22.15 -12.50 -24.98
C LYS J 284 23.16 -13.23 -25.89
N ASP J 285 24.33 -13.57 -25.37
CA ASP J 285 25.35 -14.28 -26.15
C ASP J 285 25.49 -15.75 -25.76
N LEU J 286 24.50 -16.29 -25.06
CA LEU J 286 24.38 -17.73 -24.91
C LEU J 286 24.52 -18.40 -26.28
N THR J 287 25.30 -19.48 -26.34
CA THR J 287 25.48 -20.25 -27.58
C THR J 287 25.91 -21.67 -27.29
N GLU J 289 27.64 -23.34 -29.06
CA GLU J 289 29.04 -23.43 -29.46
C GLU J 289 29.98 -23.38 -28.26
N THR J 290 29.45 -22.98 -27.10
CA THR J 290 30.27 -22.87 -25.91
C THR J 290 30.92 -24.21 -25.51
N ILE J 291 30.19 -25.31 -25.69
CA ILE J 291 30.76 -26.63 -25.44
C ILE J 291 32.07 -26.86 -26.21
N ALA J 292 32.02 -26.78 -27.55
CA ALA J 292 33.23 -26.99 -28.36
C ALA J 292 34.31 -25.96 -28.08
N LYS J 293 33.92 -24.70 -27.86
CA LYS J 293 34.88 -23.63 -27.63
C LYS J 293 35.65 -23.81 -26.31
N LEU J 294 34.95 -24.26 -25.28
CA LEU J 294 35.56 -24.46 -23.99
C LEU J 294 36.42 -25.73 -23.98
N LEU J 295 35.98 -26.76 -24.71
CA LEU J 295 36.76 -28.00 -24.80
C LEU J 295 38.04 -27.80 -25.60
N LYS J 296 37.93 -27.05 -26.69
CA LYS J 296 39.12 -26.69 -27.47
C LYS J 296 40.13 -25.96 -26.60
N ASP J 297 39.64 -25.08 -25.73
CA ASP J 297 40.55 -24.26 -24.90
C ASP J 297 41.05 -24.92 -23.62
N GLY J 298 40.66 -26.17 -23.38
CA GLY J 298 41.14 -26.94 -22.22
C GLY J 298 40.40 -26.77 -20.90
N VAL J 299 39.24 -26.09 -20.93
CA VAL J 299 38.43 -25.91 -19.72
C VAL J 299 37.72 -27.23 -19.40
N LEU J 300 37.79 -27.65 -18.13
CA LEU J 300 37.02 -28.82 -17.71
C LEU J 300 35.57 -28.38 -17.54
N ILE J 301 34.67 -28.97 -18.34
CA ILE J 301 33.25 -28.62 -18.26
C ILE J 301 32.35 -29.83 -18.01
N ALA J 302 31.18 -29.57 -17.45
CA ALA J 302 30.09 -30.53 -17.43
C ALA J 302 28.83 -29.85 -17.98
N LEU J 303 27.83 -30.63 -18.34
CA LEU J 303 26.59 -30.08 -18.89
C LEU J 303 25.40 -30.30 -17.94
N CYS J 305 21.08 -29.50 -17.18
CA CYS J 305 19.77 -29.06 -17.63
C CYS J 305 19.25 -27.85 -16.84
N ASP J 306 19.85 -27.62 -15.66
CA ASP J 306 19.34 -26.66 -14.68
C ASP J 306 17.86 -26.90 -14.41
N HIS J 307 17.48 -28.18 -14.29
CA HIS J 307 16.11 -28.60 -14.07
C HIS J 307 15.52 -27.77 -12.93
N PRO J 308 14.30 -27.19 -13.13
CA PRO J 308 13.36 -27.47 -14.21
C PRO J 308 13.43 -26.62 -15.50
N VAL J 309 14.46 -25.80 -15.70
CA VAL J 309 14.54 -24.95 -16.90
C VAL J 309 14.48 -25.83 -18.17
N ILE J 310 15.24 -26.92 -18.15
CA ILE J 310 15.10 -28.00 -19.10
C ILE J 310 14.83 -29.23 -18.25
N PRO J 311 13.76 -29.99 -18.55
CA PRO J 311 13.53 -31.20 -17.75
C PRO J 311 14.67 -32.20 -17.79
N LEU J 312 15.03 -32.72 -16.62
CA LEU J 312 16.13 -33.66 -16.53
C LEU J 312 15.95 -34.87 -17.44
N GLU J 313 14.70 -35.30 -17.64
CA GLU J 313 14.41 -36.40 -18.59
C GLU J 313 15.05 -36.19 -19.97
N PHE J 314 15.23 -34.93 -20.37
CA PHE J 314 15.71 -34.59 -21.70
C PHE J 314 17.18 -34.17 -21.73
N ALA J 315 17.95 -34.65 -20.75
CA ALA J 315 19.40 -34.41 -20.70
C ALA J 315 20.15 -34.86 -21.97
N THR J 316 19.82 -36.04 -22.49
CA THR J 316 20.44 -36.54 -23.73
C THR J 316 19.99 -35.74 -24.95
N VAL J 317 18.74 -35.25 -24.90
CA VAL J 317 18.20 -34.41 -25.96
C VAL J 317 18.99 -33.12 -26.13
N GLN J 318 19.30 -32.44 -25.03
CA GLN J 318 20.10 -31.22 -25.07
C GLN J 318 21.50 -31.53 -25.57
N ALA J 319 22.12 -32.54 -24.96
CA ALA J 319 23.47 -32.95 -25.33
C ALA J 319 23.55 -33.30 -26.82
N ALA J 320 22.65 -34.16 -27.30
CA ALA J 320 22.63 -34.51 -28.73
C ALA J 320 22.59 -33.27 -29.65
N THR J 321 21.72 -32.31 -29.31
CA THR J 321 21.52 -31.09 -30.10
C THR J 321 22.80 -30.29 -30.34
N ALA J 322 23.70 -30.32 -29.37
CA ALA J 322 24.97 -29.62 -29.51
C ALA J 322 25.83 -30.18 -30.67
N ARG J 324 24.77 -30.22 -33.56
CA ARG J 324 24.51 -29.20 -34.60
C ARG J 324 25.40 -27.96 -34.48
N TYR J 325 26.16 -27.88 -33.39
CA TYR J 325 26.93 -26.67 -33.07
C TYR J 325 28.39 -27.02 -32.82
N GLY J 326 28.88 -28.02 -33.55
CA GLY J 326 30.30 -28.35 -33.57
C GLY J 326 30.83 -29.24 -32.45
N ALA J 327 29.97 -29.67 -31.52
CA ALA J 327 30.41 -30.61 -30.48
C ALA J 327 30.33 -32.06 -30.96
N LYS J 328 31.27 -32.89 -30.51
CA LYS J 328 31.36 -34.31 -30.92
C LYS J 328 30.81 -35.25 -29.87
N GLU J 329 30.28 -36.39 -30.33
CA GLU J 329 29.70 -37.46 -29.51
C GLU J 329 30.54 -37.89 -28.29
N GLU J 330 31.84 -38.15 -28.50
CA GLU J 330 32.76 -38.57 -27.41
C GLU J 330 32.83 -37.55 -26.29
N ASP J 331 32.98 -36.28 -26.67
CA ASP J 331 33.05 -35.19 -25.69
C ASP J 331 31.74 -34.99 -24.94
N LEU J 332 30.63 -35.13 -25.67
CA LEU J 332 29.28 -34.93 -25.12
C LEU J 332 28.90 -35.99 -24.09
N LEU J 333 29.32 -37.23 -24.32
CA LEU J 333 29.08 -38.27 -23.33
C LEU J 333 29.93 -38.03 -22.07
N LYS J 334 31.14 -37.49 -22.27
CA LYS J 334 32.04 -37.16 -21.17
C LYS J 334 31.46 -36.08 -20.25
N ILE J 335 30.87 -35.05 -20.84
CA ILE J 335 30.33 -33.94 -20.06
C ILE J 335 29.02 -34.29 -19.34
N LEU J 336 28.49 -35.49 -19.63
CA LEU J 336 27.34 -36.04 -18.89
C LEU J 336 27.72 -37.14 -17.88
N THR J 337 28.97 -37.57 -17.87
CA THR J 337 29.34 -38.72 -17.04
C THR J 337 30.59 -38.46 -16.20
N VAL J 338 31.75 -38.61 -16.83
CA VAL J 338 33.02 -38.56 -16.12
C VAL J 338 33.41 -37.14 -15.65
N ASN J 339 33.07 -36.14 -16.45
CA ASN J 339 33.39 -34.75 -16.10
C ASN J 339 32.57 -34.22 -14.94
N PRO J 340 31.24 -34.37 -15.00
CA PRO J 340 30.51 -33.99 -13.78
C PRO J 340 30.97 -34.78 -12.55
N ALA J 341 31.28 -36.06 -12.71
CA ALA J 341 31.75 -36.87 -11.56
C ALA J 341 32.99 -36.24 -10.94
N LYS J 342 33.90 -35.84 -11.80
CA LYS J 342 35.16 -35.21 -11.42
C LYS J 342 34.94 -33.85 -10.75
N ILE J 343 34.16 -32.98 -11.36
CA ILE J 343 33.83 -31.68 -10.78
C ILE J 343 33.24 -31.85 -9.37
N LEU J 344 32.42 -32.89 -9.21
CA LEU J 344 31.77 -33.21 -7.96
C LEU J 344 32.65 -33.96 -6.95
N GLY J 345 33.88 -34.28 -7.34
CA GLY J 345 34.80 -34.97 -6.44
C GLY J 345 34.43 -36.43 -6.22
N LEU J 346 33.82 -37.04 -7.23
CA LEU J 346 33.38 -38.43 -7.14
C LEU J 346 33.77 -39.28 -8.35
N GLU J 347 34.85 -38.89 -9.05
CA GLU J 347 35.31 -39.65 -10.23
C GLU J 347 35.69 -41.09 -9.87
N ASP J 348 35.95 -41.33 -8.60
CA ASP J 348 36.32 -42.67 -8.17
C ASP J 348 35.08 -43.54 -7.90
N ARG J 349 33.88 -42.97 -8.03
CA ARG J 349 32.66 -43.71 -7.75
C ARG J 349 31.64 -43.81 -8.87
N ILE J 350 31.43 -42.72 -9.59
CA ILE J 350 30.39 -42.70 -10.63
C ILE J 350 30.93 -42.17 -11.96
N GLY J 351 30.16 -42.38 -13.03
CA GLY J 351 30.47 -41.77 -14.33
C GLY J 351 31.16 -42.65 -15.36
N SER J 352 31.63 -43.83 -14.98
CA SER J 352 32.23 -44.73 -15.97
C SER J 352 32.01 -46.21 -15.62
N ILE J 353 32.25 -47.08 -16.60
CA ILE J 353 32.12 -48.51 -16.36
C ILE J 353 33.51 -49.13 -16.21
N GLU J 354 34.05 -49.06 -15.00
CA GLU J 354 35.35 -49.64 -14.67
C GLU J 354 35.22 -50.43 -13.38
N PRO J 355 36.13 -51.41 -13.16
CA PRO J 355 36.15 -52.16 -11.91
C PRO J 355 36.30 -51.27 -10.67
N GLY J 356 35.47 -51.52 -9.67
CA GLY J 356 35.52 -50.76 -8.43
C GLY J 356 34.54 -49.61 -8.36
N LYS J 357 34.10 -49.12 -9.52
CA LYS J 357 33.10 -48.05 -9.59
C LYS J 357 31.70 -48.57 -9.23
N ASP J 358 30.82 -47.65 -8.80
CA ASP J 358 29.46 -48.03 -8.42
C ASP J 358 28.72 -48.55 -9.63
N ALA J 359 27.83 -49.52 -9.42
CA ALA J 359 27.11 -50.13 -10.53
C ALA J 359 25.90 -49.28 -10.92
N ASP J 360 26.19 -48.07 -11.40
CA ASP J 360 25.16 -47.19 -11.92
C ASP J 360 25.14 -47.31 -13.44
N LEU J 361 24.16 -48.06 -13.93
CA LEU J 361 24.14 -48.50 -15.32
C LEU J 361 22.76 -48.38 -15.94
N VAL J 362 22.75 -47.96 -17.19
CA VAL J 362 21.50 -47.78 -17.92
C VAL J 362 21.52 -48.63 -19.16
N VAL J 363 20.46 -49.42 -19.36
CA VAL J 363 20.28 -50.20 -20.57
C VAL J 363 19.46 -49.38 -21.59
N TRP J 364 20.09 -49.00 -22.70
CA TRP J 364 19.43 -48.23 -23.76
C TRP J 364 19.10 -49.13 -24.96
N SER J 365 17.97 -48.85 -25.61
CA SER J 365 17.58 -49.57 -26.82
C SER J 365 18.47 -49.25 -28.06
N GLY J 366 19.05 -48.06 -28.09
CA GLY J 366 20.00 -47.63 -29.14
C GLY J 366 20.94 -46.62 -28.51
N HIS J 367 21.70 -45.88 -29.33
CA HIS J 367 22.56 -44.82 -28.79
C HIS J 367 21.71 -43.69 -28.18
N PRO J 368 22.09 -43.17 -27.00
CA PRO J 368 21.35 -42.10 -26.32
C PRO J 368 21.11 -40.84 -27.15
N PHE J 369 22.01 -40.54 -28.08
CA PHE J 369 21.87 -39.33 -28.90
C PHE J 369 21.08 -39.56 -30.17
N ASP J 370 20.54 -40.77 -30.31
CA ASP J 370 19.59 -41.11 -31.34
C ASP J 370 18.23 -40.96 -30.68
N LYS J 372 15.44 -42.00 -31.40
CA LYS J 372 14.67 -43.24 -31.41
C LYS J 372 14.88 -44.08 -30.15
N SER J 373 16.00 -43.88 -29.48
CA SER J 373 16.41 -44.76 -28.38
C SER J 373 15.60 -44.48 -27.11
N VAL J 374 15.27 -45.55 -26.39
CA VAL J 374 14.61 -45.43 -25.09
C VAL J 374 15.47 -46.11 -24.02
N VAL J 375 15.24 -45.73 -22.77
CA VAL J 375 15.83 -46.43 -21.64
C VAL J 375 14.97 -47.68 -21.39
N GLU J 376 15.61 -48.84 -21.26
CA GLU J 376 14.85 -50.02 -20.87
C GLU J 376 15.00 -50.38 -19.39
N ARG J 377 16.21 -50.20 -18.86
CA ARG J 377 16.49 -50.48 -17.45
C ARG J 377 17.48 -49.50 -16.86
N VAL J 378 17.30 -49.17 -15.59
CA VAL J 378 18.30 -48.42 -14.87
C VAL J 378 18.69 -49.17 -13.59
N TYR J 379 19.98 -49.31 -13.37
CA TYR J 379 20.50 -49.84 -12.12
C TYR J 379 21.27 -48.75 -11.36
N ILE J 380 20.95 -48.61 -10.08
CA ILE J 380 21.74 -47.80 -9.17
C ILE J 380 22.29 -48.70 -8.06
N ASP J 381 23.61 -48.67 -7.87
CA ASP J 381 24.32 -49.56 -6.94
C ASP J 381 23.87 -51.02 -7.13
N GLY J 382 23.81 -51.44 -8.40
CA GLY J 382 23.45 -52.83 -8.74
C GLY J 382 21.99 -53.21 -8.49
N VAL J 383 21.18 -52.27 -7.99
CA VAL J 383 19.76 -52.51 -7.77
C VAL J 383 18.98 -51.87 -8.91
N GLU J 384 18.08 -52.64 -9.51
CA GLU J 384 17.21 -52.14 -10.56
C GLU J 384 16.21 -51.19 -9.94
N VAL J 385 16.17 -49.96 -10.46
CA VAL J 385 15.31 -48.92 -9.91
C VAL J 385 14.26 -48.50 -10.94
N PHE J 386 14.42 -48.97 -12.17
CA PHE J 386 13.54 -48.58 -13.27
C PHE J 386 13.50 -49.68 -14.33
N ARG J 387 12.29 -49.97 -14.83
CA ARG J 387 12.09 -50.86 -15.97
C ARG J 387 10.97 -50.33 -16.85
N ARG J 388 11.23 -50.26 -18.16
CA ARG J 388 10.32 -49.62 -19.12
C ARG J 388 8.85 -50.07 -19.02
#